data_6UZA
#
_entry.id   6UZA
#
_cell.length_a   1.00
_cell.length_b   1.00
_cell.length_c   1.00
_cell.angle_alpha   90.00
_cell.angle_beta   90.00
_cell.angle_gamma   90.00
#
_symmetry.space_group_name_H-M   'P 1'
#
loop_
_entity.id
_entity.type
_entity.pdbx_description
1 polymer 'Short transient receptor potential channel 6'
2 non-polymer 4-({(1R,2R)-2-[(3R)-3-aminopiperidin-1-yl]-2,3-dihydro-1H-inden-1-yl}oxy)benzonitrile
3 non-polymer 2-[[(2~{S})-2-decanoyloxypropoxy]-oxidanyl-phosphoryl]oxyethyl-trimethyl-azanium
4 non-polymer '[(2~{S})-1-[2-azanylethoxy(oxidanyl)phosphoryl]oxy-3-octanoyloxy-propan-2-yl] octadecanoate'
5 non-polymer 'CHOLESTEROL HEMISUCCINATE'
#
_entity_poly.entity_id   1
_entity_poly.type   'polypeptide(L)'
_entity_poly.pdbx_seq_one_letter_code
;AYMFSDRSTSLSIEEERFLDAAEYGNIPVVRKMLEECHSLNVNCVDYMGQNALQLAVANEHLEITELLLKKENLSRVGDA
LLLAISKGYVRIVEAILSHPAFAEGKRLATSPSQSELQQDDFYAYDEDGTRFSHDVTPIILAAHCQEYEIVHTLLRKGAR
IERPHDYFCKCNDCNQKQKHDSFSHSRSRINAYKGLASPAYLSLSSEDPVMTALELSNELAVLANIEKEFKNDYKKLSMQ
CKDFVVGLLDLCRNTEEVEAILNGDVETLQSGDHGRPNLSRLKLAIKYEVKKFVAHPNCQQQLLSIWYENLSGLRQQTMA
VKFLVVLAVAIGLPFLALIYWFAPCSKMGKIMRGPFMKFVAHAASFTIFLGLLVMNAADRFEGTKLLPNETSTDNAKQLF
RMKTSCFSWMEMLIISWVIGMIWAECKEIWTQGPKEYLFELWNMLDFGMLAIFAASFIARFMAFWHASKAQSIIDANDTL
KDLTKVTLGDNVKYYNLARIKWDPSDPQIISEGLYAIAVVLSFSRIAYILPANESFGPLQISLGRTVKDIFKFMVIFIMV
FVAFMIGMFNLYSYYIGAKQNEAFTTVEESFKTLFWAIFGLSEVKSVVINYNHKFIENIGYVLYGVYNVTMVIVLLNMLI
AMINSSFQEIEDDADVEWKFARAKLWFSYFEEGRTLPVPFNLVPSPKSLFYLLLKLKKWISELFQGHKKGFQEDAEMNKI
NEEKKLGILGSHEDLSKLSLDKKQVGHNKQPSIRSSEDFHLNSFNNPPRQYQKIMKRLIKRYVLQAQIDKESDEVNEGEL
KEIKQDISSLRYELLEEKSQNTEDLAELIRELGEKLSMEPNQEETNR
;
_entity_poly.pdbx_strand_id   A,B,C,D
#
# COMPACT_ATOMS: atom_id res chain seq x y z
N ALA A 1 -2.26 -33.88 36.62
CA ALA A 1 -1.00 -33.36 37.13
C ALA A 1 0.17 -33.86 36.29
N TYR A 2 0.06 -33.69 34.97
CA TYR A 2 1.13 -34.07 34.06
C TYR A 2 2.07 -32.90 33.83
N MET A 3 3.34 -33.24 33.58
CA MET A 3 4.34 -32.26 33.19
C MET A 3 5.21 -32.86 32.10
N PHE A 4 5.76 -32.00 31.25
CA PHE A 4 6.82 -32.42 30.34
C PHE A 4 8.12 -32.45 31.13
N SER A 5 8.57 -33.64 31.50
CA SER A 5 9.85 -33.83 32.16
C SER A 5 10.74 -34.66 31.25
N ASP A 6 11.87 -34.08 30.84
CA ASP A 6 12.76 -34.76 29.91
C ASP A 6 13.76 -35.68 30.60
N ARG A 7 13.71 -35.79 31.92
CA ARG A 7 14.54 -36.78 32.62
C ARG A 7 13.71 -37.59 33.61
N SER A 8 12.66 -36.97 34.15
CA SER A 8 11.68 -37.60 35.05
C SER A 8 12.34 -38.20 36.30
N THR A 9 13.18 -37.39 36.93
CA THR A 9 13.91 -37.77 38.14
C THR A 9 14.29 -36.48 38.86
N SER A 10 15.18 -36.60 39.86
CA SER A 10 15.69 -35.46 40.60
C SER A 10 17.20 -35.43 40.52
N LEU A 11 17.75 -34.23 40.35
CA LEU A 11 19.19 -34.06 40.26
C LEU A 11 19.82 -34.13 41.65
N SER A 12 21.08 -34.56 41.68
CA SER A 12 21.85 -34.54 42.91
C SER A 12 22.22 -33.12 43.28
N ILE A 13 22.71 -32.93 44.51
CA ILE A 13 23.11 -31.61 44.94
C ILE A 13 24.54 -31.31 44.48
N GLU A 14 25.27 -32.35 44.06
CA GLU A 14 26.59 -32.19 43.48
C GLU A 14 26.57 -32.34 41.96
N GLU A 15 25.39 -32.41 41.35
CA GLU A 15 25.26 -32.37 39.90
C GLU A 15 24.57 -31.11 39.40
N GLU A 16 23.67 -30.53 40.18
CA GLU A 16 23.13 -29.22 39.86
C GLU A 16 24.20 -28.14 39.93
N ARG A 17 25.18 -28.30 40.83
CA ARG A 17 26.32 -27.39 40.87
C ARG A 17 27.17 -27.50 39.62
N PHE A 18 27.40 -28.73 39.14
CA PHE A 18 28.20 -28.93 37.94
C PHE A 18 27.49 -28.40 36.71
N LEU A 19 26.18 -28.58 36.63
CA LEU A 19 25.42 -28.05 35.50
C LEU A 19 25.32 -26.54 35.52
N ASP A 20 25.18 -25.93 36.71
CA ASP A 20 25.18 -24.47 36.80
C ASP A 20 26.54 -23.88 36.47
N ALA A 21 27.61 -24.57 36.88
CA ALA A 21 28.96 -24.10 36.58
C ALA A 21 29.27 -24.24 35.09
N ALA A 22 28.79 -25.30 34.46
CA ALA A 22 29.01 -25.48 33.04
C ALA A 22 28.18 -24.51 32.22
N GLU A 23 26.97 -24.18 32.69
CA GLU A 23 26.11 -23.28 31.93
C GLU A 23 26.53 -21.82 32.07
N TYR A 24 26.82 -21.38 33.30
CA TYR A 24 27.02 -19.96 33.56
C TYR A 24 28.48 -19.55 33.57
N GLY A 25 29.40 -20.44 33.24
CA GLY A 25 30.76 -20.05 32.95
C GLY A 25 31.75 -20.18 34.08
N ASN A 26 31.42 -20.90 35.15
CA ASN A 26 32.28 -21.01 36.32
C ASN A 26 33.39 -22.01 36.04
N ILE A 27 34.46 -21.54 35.41
CA ILE A 27 35.60 -22.37 35.00
C ILE A 27 36.37 -22.97 36.19
N PRO A 28 36.67 -22.27 37.30
CA PRO A 28 37.39 -22.95 38.39
C PRO A 28 36.59 -24.03 39.10
N VAL A 29 35.28 -23.86 39.22
CA VAL A 29 34.44 -24.90 39.82
C VAL A 29 34.40 -26.13 38.92
N VAL A 30 34.43 -25.94 37.60
CA VAL A 30 34.47 -27.08 36.69
C VAL A 30 35.83 -27.77 36.77
N ARG A 31 36.92 -26.99 36.86
CA ARG A 31 38.26 -27.57 37.06
C ARG A 31 38.36 -28.35 38.36
N LYS A 32 37.69 -27.88 39.41
CA LYS A 32 37.77 -28.56 40.70
C LYS A 32 36.91 -29.83 40.71
N MET A 33 35.68 -29.74 40.20
CA MET A 33 34.78 -30.89 40.20
C MET A 33 35.14 -31.92 39.15
N LEU A 34 35.95 -31.55 38.15
CA LEU A 34 36.32 -32.48 37.10
C LEU A 34 37.59 -33.25 37.42
N GLU A 35 38.22 -32.95 38.54
CA GLU A 35 39.43 -33.64 39.00
C GLU A 35 39.30 -34.19 40.41
N GLU A 36 38.63 -33.47 41.31
CA GLU A 36 38.51 -33.86 42.71
C GLU A 36 37.15 -34.45 43.04
N CYS A 37 36.47 -35.04 42.05
CA CYS A 37 35.19 -35.71 42.28
C CYS A 37 35.16 -36.94 41.40
N HIS A 38 35.34 -38.12 42.01
CA HIS A 38 35.37 -39.37 41.27
C HIS A 38 34.00 -40.03 41.18
N SER A 39 33.05 -39.62 42.01
CA SER A 39 31.69 -40.12 41.95
C SER A 39 30.77 -39.26 41.09
N LEU A 40 31.34 -38.42 40.24
CA LEU A 40 30.54 -37.57 39.39
C LEU A 40 30.31 -38.17 38.04
N ASN A 41 29.11 -37.95 37.51
CA ASN A 41 28.71 -38.42 36.21
C ASN A 41 28.82 -37.21 35.33
N VAL A 42 29.63 -37.20 34.30
CA VAL A 42 29.73 -36.02 33.50
C VAL A 42 28.62 -35.93 32.47
N ASN A 43 27.82 -36.98 32.35
CA ASN A 43 26.73 -37.04 31.40
C ASN A 43 25.38 -36.83 32.05
N CYS A 44 25.32 -36.17 33.20
CA CYS A 44 24.05 -35.84 33.82
C CYS A 44 23.34 -34.76 33.03
N VAL A 45 22.01 -34.81 33.01
CA VAL A 45 21.21 -33.91 32.20
C VAL A 45 20.33 -33.05 33.09
N ASP A 46 19.94 -31.91 32.56
CA ASP A 46 19.06 -30.97 33.24
C ASP A 46 17.61 -31.27 32.87
N TYR A 47 16.69 -30.33 33.16
CA TYR A 47 15.26 -30.50 32.92
C TYR A 47 14.89 -30.64 31.46
N MET A 48 15.76 -30.23 30.53
CA MET A 48 15.49 -30.33 29.11
C MET A 48 16.30 -31.44 28.44
N GLY A 49 17.27 -32.02 29.14
CA GLY A 49 18.03 -33.13 28.61
C GLY A 49 19.41 -32.80 28.08
N GLN A 50 19.98 -31.66 28.45
CA GLN A 50 21.27 -31.22 27.95
C GLN A 50 22.33 -31.45 29.02
N ASN A 51 23.42 -32.12 28.65
CA ASN A 51 24.51 -32.33 29.58
C ASN A 51 25.43 -31.11 29.57
N ALA A 52 26.61 -31.24 30.16
CA ALA A 52 27.48 -30.09 30.36
C ALA A 52 28.11 -29.60 29.06
N LEU A 53 28.36 -30.50 28.11
CA LEU A 53 28.92 -30.10 26.82
C LEU A 53 27.91 -29.33 26.00
N GLN A 54 26.66 -29.78 25.98
CA GLN A 54 25.62 -29.08 25.24
C GLN A 54 25.13 -27.83 25.94
N LEU A 55 25.52 -27.60 27.19
CA LEU A 55 25.29 -26.33 27.86
C LEU A 55 26.46 -25.38 27.76
N ALA A 56 27.68 -25.88 27.58
CA ALA A 56 28.84 -25.02 27.35
C ALA A 56 29.01 -24.63 25.90
N VAL A 57 28.52 -25.44 24.95
CA VAL A 57 28.61 -25.08 23.55
C VAL A 57 27.50 -24.09 23.19
N ALA A 58 26.32 -24.23 23.78
CA ALA A 58 25.20 -23.33 23.51
C ALA A 58 25.37 -21.96 24.11
N ASN A 59 26.32 -21.76 25.01
CA ASN A 59 26.55 -20.47 25.66
C ASN A 59 27.86 -19.83 25.26
N GLU A 60 28.63 -20.46 24.37
CA GLU A 60 29.95 -20.04 23.91
C GLU A 60 30.92 -19.93 25.09
N HIS A 61 31.21 -21.08 25.68
CA HIS A 61 32.21 -21.21 26.73
C HIS A 61 33.31 -22.09 26.15
N LEU A 62 34.32 -21.45 25.55
CA LEU A 62 35.38 -22.20 24.88
C LEU A 62 36.30 -22.89 25.86
N GLU A 63 36.52 -22.28 27.03
CA GLU A 63 37.44 -22.85 28.01
C GLU A 63 36.83 -24.08 28.68
N ILE A 64 35.53 -24.02 28.99
CA ILE A 64 34.84 -25.17 29.56
C ILE A 64 34.71 -26.29 28.53
N THR A 65 34.57 -25.93 27.25
CA THR A 65 34.50 -26.93 26.19
C THR A 65 35.84 -27.64 26.01
N GLU A 66 36.94 -26.87 25.98
CA GLU A 66 38.27 -27.46 25.89
C GLU A 66 38.66 -28.22 27.15
N LEU A 67 38.04 -27.89 28.28
CA LEU A 67 38.25 -28.61 29.53
C LEU A 67 37.47 -29.91 29.59
N LEU A 68 36.28 -29.94 29.00
CA LEU A 68 35.44 -31.13 29.03
C LEU A 68 35.81 -32.12 27.93
N LEU A 69 36.36 -31.64 26.81
CA LEU A 69 36.67 -32.53 25.69
C LEU A 69 37.88 -33.43 25.94
N LYS A 70 38.61 -33.23 27.04
CA LYS A 70 39.73 -34.09 27.40
C LYS A 70 39.33 -35.19 28.38
N LYS A 71 38.08 -35.66 28.31
CA LYS A 71 37.55 -36.59 29.29
C LYS A 71 37.51 -38.03 28.81
N GLU A 72 37.34 -38.25 27.51
CA GLU A 72 37.22 -39.56 26.85
C GLU A 72 36.05 -40.39 27.39
N ASN A 73 35.03 -39.74 27.96
CA ASN A 73 33.85 -40.41 28.46
C ASN A 73 32.59 -39.65 28.06
N LEU A 74 32.73 -38.52 27.37
CA LEU A 74 31.58 -37.70 27.02
C LEU A 74 30.71 -38.36 25.96
N SER A 75 29.41 -38.14 26.10
CA SER A 75 28.45 -38.41 25.04
C SER A 75 28.01 -37.08 24.44
N ARG A 76 27.35 -37.18 23.28
CA ARG A 76 26.83 -36.04 22.51
C ARG A 76 27.95 -35.07 22.14
N VAL A 77 28.89 -35.56 21.36
CA VAL A 77 29.94 -34.74 20.76
C VAL A 77 29.58 -34.33 19.34
N GLY A 78 28.94 -35.22 18.59
CA GLY A 78 28.47 -34.86 17.26
C GLY A 78 27.35 -33.86 17.30
N ASP A 79 26.48 -33.95 18.30
CA ASP A 79 25.43 -32.95 18.45
C ASP A 79 26.00 -31.61 18.91
N ALA A 80 27.04 -31.63 19.74
CA ALA A 80 27.71 -30.38 20.11
C ALA A 80 28.39 -29.74 18.91
N LEU A 81 28.94 -30.57 18.00
CA LEU A 81 29.50 -30.04 16.76
C LEU A 81 28.42 -29.44 15.88
N LEU A 82 27.27 -30.10 15.77
CA LEU A 82 26.18 -29.57 14.95
C LEU A 82 25.58 -28.30 15.55
N LEU A 83 25.52 -28.22 16.88
CA LEU A 83 25.00 -27.02 17.53
C LEU A 83 25.96 -25.85 17.39
N ALA A 84 27.27 -26.11 17.46
CA ALA A 84 28.25 -25.04 17.27
C ALA A 84 28.31 -24.58 15.82
N ILE A 85 28.07 -25.50 14.87
CA ILE A 85 27.99 -25.10 13.46
C ILE A 85 26.71 -24.30 13.22
N SER A 86 25.62 -24.67 13.89
CA SER A 86 24.35 -23.97 13.74
C SER A 86 24.42 -22.55 14.29
N LYS A 87 25.09 -22.37 15.42
CA LYS A 87 25.17 -21.05 16.04
C LYS A 87 26.29 -20.19 15.47
N GLY A 88 27.28 -20.79 14.82
CA GLY A 88 28.32 -20.04 14.17
C GLY A 88 29.56 -19.79 14.99
N TYR A 89 29.87 -20.64 15.96
CA TYR A 89 31.01 -20.46 16.86
C TYR A 89 32.21 -21.15 16.23
N VAL A 90 33.14 -20.36 15.69
CA VAL A 90 34.21 -20.93 14.88
C VAL A 90 35.29 -21.57 15.76
N ARG A 91 35.57 -20.96 16.92
CA ARG A 91 36.59 -21.51 17.80
C ARG A 91 36.11 -22.80 18.47
N ILE A 92 34.82 -22.88 18.80
CA ILE A 92 34.28 -24.10 19.38
C ILE A 92 34.23 -25.22 18.34
N VAL A 93 33.98 -24.88 17.08
CA VAL A 93 34.01 -25.88 16.01
C VAL A 93 35.44 -26.38 15.79
N GLU A 94 36.41 -25.46 15.80
CA GLU A 94 37.80 -25.87 15.62
C GLU A 94 38.37 -26.57 16.84
N ALA A 95 37.74 -26.45 18.00
CA ALA A 95 38.13 -27.22 19.17
C ALA A 95 37.45 -28.58 19.23
N ILE A 96 36.24 -28.70 18.71
CA ILE A 96 35.54 -29.98 18.70
C ILE A 96 36.08 -30.86 17.57
N LEU A 97 36.49 -30.27 16.45
CA LEU A 97 37.04 -31.05 15.34
C LEU A 97 38.43 -31.62 15.60
N SER A 98 39.04 -31.34 16.75
CA SER A 98 40.29 -31.96 17.14
C SER A 98 40.10 -33.11 18.12
N HIS A 99 38.85 -33.39 18.50
CA HIS A 99 38.54 -34.58 19.29
C HIS A 99 38.83 -35.82 18.44
N PRO A 100 39.29 -36.93 19.06
CA PRO A 100 39.62 -38.12 18.25
C PRO A 100 38.43 -38.96 17.81
N ALA A 101 37.38 -38.32 17.29
CA ALA A 101 36.33 -38.98 16.55
C ALA A 101 36.17 -38.42 15.16
N PHE A 102 36.77 -37.27 14.87
CA PHE A 102 36.84 -36.66 13.55
C PHE A 102 38.27 -36.62 13.05
N ALA A 103 38.99 -37.74 13.21
CA ALA A 103 40.44 -37.75 13.05
C ALA A 103 40.87 -37.53 11.61
N GLU A 104 40.39 -38.36 10.70
CA GLU A 104 40.71 -38.22 9.28
C GLU A 104 39.53 -37.67 8.49
N GLY A 105 38.73 -36.81 9.10
CA GLY A 105 37.51 -36.35 8.47
C GLY A 105 36.47 -37.45 8.30
N LYS A 106 36.22 -38.21 9.36
CA LYS A 106 35.50 -39.47 9.20
C LYS A 106 33.98 -39.24 9.14
N ARG A 107 33.45 -38.38 10.00
CA ARG A 107 32.01 -38.23 10.15
C ARG A 107 31.47 -36.94 9.56
N LEU A 108 32.24 -36.29 8.67
CA LEU A 108 31.88 -34.96 8.20
C LEU A 108 31.01 -34.98 6.95
N ALA A 109 30.74 -36.14 6.36
CA ALA A 109 29.93 -36.21 5.16
C ALA A 109 29.28 -37.58 5.05
N THR A 110 28.13 -37.60 4.37
CA THR A 110 27.24 -38.76 4.17
C THR A 110 26.98 -39.60 5.43
N GLN A 119 21.62 -44.70 11.92
CA GLN A 119 22.49 -45.75 11.43
C GLN A 119 23.62 -46.02 12.41
N ASP A 120 24.07 -44.96 13.10
CA ASP A 120 25.15 -45.07 14.06
C ASP A 120 24.85 -44.41 15.40
N ASP A 121 23.85 -43.52 15.47
CA ASP A 121 23.48 -42.75 16.67
C ASP A 121 24.66 -41.93 17.21
N PHE A 122 25.43 -41.33 16.30
CA PHE A 122 26.51 -40.45 16.69
C PHE A 122 26.02 -39.03 16.92
N TYR A 123 25.08 -38.57 16.10
CA TYR A 123 24.55 -37.22 16.17
C TYR A 123 23.26 -37.13 16.97
N ALA A 124 22.93 -38.16 17.75
CA ALA A 124 21.75 -38.09 18.60
C ALA A 124 22.00 -37.16 19.78
N TYR A 125 20.91 -36.69 20.38
CA TYR A 125 21.04 -35.74 21.49
C TYR A 125 20.08 -36.03 22.64
N ASP A 126 19.26 -37.07 22.50
CA ASP A 126 18.22 -37.31 23.49
C ASP A 126 18.09 -38.76 23.91
N GLU A 127 18.80 -39.69 23.27
CA GLU A 127 18.59 -41.14 23.17
C GLU A 127 17.29 -41.49 22.45
N ASP A 128 16.56 -40.52 21.92
CA ASP A 128 15.43 -40.75 21.01
C ASP A 128 15.37 -39.51 20.12
N GLY A 129 15.97 -39.61 18.93
CA GLY A 129 15.92 -38.54 17.96
C GLY A 129 17.19 -37.72 17.95
N THR A 130 17.29 -36.88 16.91
CA THR A 130 18.40 -35.97 16.70
C THR A 130 17.87 -34.54 16.69
N ARG A 131 18.79 -33.57 16.82
CA ARG A 131 18.40 -32.17 16.89
C ARG A 131 17.94 -31.64 15.54
N PHE A 132 18.66 -31.96 14.47
CA PHE A 132 18.23 -31.70 13.11
C PHE A 132 17.89 -33.04 12.49
N SER A 133 17.38 -33.01 11.26
CA SER A 133 16.95 -34.25 10.61
C SER A 133 18.15 -35.13 10.30
N HIS A 134 17.90 -36.43 10.17
CA HIS A 134 18.95 -37.45 10.14
C HIS A 134 19.86 -37.37 8.92
N ASP A 135 19.41 -36.70 7.87
CA ASP A 135 20.22 -36.51 6.68
C ASP A 135 21.30 -35.46 6.88
N VAL A 136 21.10 -34.53 7.80
CA VAL A 136 21.91 -33.31 7.88
C VAL A 136 23.29 -33.67 8.42
N THR A 137 24.30 -33.54 7.58
CA THR A 137 25.70 -33.73 7.88
C THR A 137 26.25 -32.38 8.33
N PRO A 138 27.48 -32.29 8.85
CA PRO A 138 28.03 -30.96 9.17
C PRO A 138 28.21 -30.03 7.98
N ILE A 139 28.47 -30.56 6.78
CA ILE A 139 28.72 -29.68 5.64
C ILE A 139 27.42 -29.10 5.10
N ILE A 140 26.33 -29.88 5.16
CA ILE A 140 25.02 -29.39 4.74
C ILE A 140 24.52 -28.32 5.70
N LEU A 141 24.75 -28.52 7.00
CA LEU A 141 24.35 -27.53 7.99
C LEU A 141 25.22 -26.28 7.93
N ALA A 142 26.51 -26.43 7.63
CA ALA A 142 27.37 -25.26 7.48
C ALA A 142 27.08 -24.49 6.20
N ALA A 143 26.53 -25.15 5.18
CA ALA A 143 26.12 -24.45 3.97
C ALA A 143 24.73 -23.85 4.07
N HIS A 144 23.86 -24.41 4.91
CA HIS A 144 22.55 -23.79 5.14
C HIS A 144 22.67 -22.47 5.87
N CYS A 145 23.56 -22.39 6.86
CA CYS A 145 23.67 -21.24 7.74
C CYS A 145 24.63 -20.18 7.22
N GLN A 146 25.17 -20.34 6.01
CA GLN A 146 26.01 -19.37 5.31
C GLN A 146 27.29 -19.05 6.08
N GLU A 147 27.92 -20.07 6.65
CA GLU A 147 29.14 -19.91 7.43
C GLU A 147 30.32 -20.17 6.52
N TYR A 148 30.98 -19.10 6.06
CA TYR A 148 32.03 -19.26 5.05
C TYR A 148 33.29 -19.89 5.63
N GLU A 149 33.64 -19.55 6.87
CA GLU A 149 34.84 -20.09 7.49
C GLU A 149 34.66 -21.56 7.87
N ILE A 150 33.47 -21.94 8.35
CA ILE A 150 33.21 -23.32 8.69
C ILE A 150 33.10 -24.18 7.43
N VAL A 151 32.56 -23.62 6.35
CA VAL A 151 32.51 -24.34 5.07
C VAL A 151 33.91 -24.53 4.52
N HIS A 152 34.77 -23.52 4.65
CA HIS A 152 36.16 -23.66 4.19
C HIS A 152 36.92 -24.68 5.03
N THR A 153 36.68 -24.70 6.35
CA THR A 153 37.34 -25.65 7.23
C THR A 153 36.88 -27.08 6.95
N LEU A 154 35.59 -27.29 6.70
CA LEU A 154 35.09 -28.64 6.42
C LEU A 154 35.42 -29.09 5.00
N LEU A 155 35.57 -28.15 4.06
CA LEU A 155 36.02 -28.53 2.72
C LEU A 155 37.50 -28.86 2.72
N ARG A 156 38.27 -28.25 3.63
CA ARG A 156 39.69 -28.57 3.76
C ARG A 156 39.94 -29.98 4.31
N LYS A 157 38.94 -30.59 4.95
CA LYS A 157 39.06 -31.96 5.46
C LYS A 157 38.38 -32.97 4.55
N GLY A 158 38.02 -32.59 3.33
CA GLY A 158 37.45 -33.51 2.38
C GLY A 158 36.01 -33.90 2.66
N ALA A 159 35.13 -32.91 2.82
CA ALA A 159 33.71 -33.14 3.03
C ALA A 159 32.92 -32.41 1.97
N ARG A 160 32.16 -33.16 1.18
CA ARG A 160 31.38 -32.59 0.09
C ARG A 160 29.91 -32.94 0.30
N ILE A 161 29.05 -32.23 -0.41
CA ILE A 161 27.62 -32.51 -0.45
C ILE A 161 27.34 -33.38 -1.67
N GLU A 162 26.83 -34.58 -1.43
CA GLU A 162 26.54 -35.51 -2.52
C GLU A 162 25.29 -35.07 -3.24
N ARG A 163 25.39 -34.91 -4.56
CA ARG A 163 24.25 -34.49 -5.36
C ARG A 163 23.22 -35.61 -5.42
N PRO A 164 21.94 -35.31 -5.21
CA PRO A 164 20.91 -36.37 -5.24
C PRO A 164 20.71 -36.97 -6.62
N HIS A 165 20.04 -38.12 -6.68
CA HIS A 165 19.83 -38.82 -7.93
C HIS A 165 18.68 -38.17 -8.70
N ASP A 166 18.27 -38.77 -9.82
CA ASP A 166 17.12 -38.27 -10.56
C ASP A 166 15.84 -38.58 -9.80
N TYR A 167 14.78 -37.84 -10.14
CA TYR A 167 13.50 -38.03 -9.48
C TYR A 167 12.86 -39.36 -9.85
N PHE A 168 13.16 -39.89 -11.04
CA PHE A 168 12.61 -41.16 -11.50
C PHE A 168 13.65 -42.28 -11.47
N CYS A 169 14.66 -42.17 -10.62
CA CYS A 169 15.69 -43.20 -10.57
C CYS A 169 15.17 -44.42 -9.83
N LYS A 170 15.78 -45.58 -10.14
CA LYS A 170 15.36 -46.85 -9.57
C LYS A 170 16.54 -47.66 -9.07
N CYS A 171 17.47 -47.01 -8.37
CA CYS A 171 18.61 -47.71 -7.78
C CYS A 171 18.14 -48.58 -6.62
N ASN A 172 18.98 -49.53 -6.21
CA ASN A 172 18.64 -50.33 -5.03
C ASN A 172 19.15 -49.71 -3.74
N ASP A 173 19.02 -48.40 -3.63
CA ASP A 173 18.91 -47.64 -2.39
C ASP A 173 17.87 -46.54 -2.49
N CYS A 174 17.52 -46.12 -3.71
CA CYS A 174 16.51 -45.09 -3.95
C CYS A 174 15.11 -45.64 -3.78
N ASN A 175 14.94 -46.95 -3.89
CA ASN A 175 13.64 -47.60 -3.70
C ASN A 175 13.45 -48.05 -2.26
N GLN A 176 14.53 -48.43 -1.58
CA GLN A 176 14.45 -48.79 -0.17
C GLN A 176 14.11 -47.58 0.69
N LYS A 177 14.64 -46.41 0.32
CA LYS A 177 14.30 -45.17 1.02
C LYS A 177 12.85 -44.79 0.80
N GLN A 178 12.37 -44.91 -0.44
CA GLN A 178 10.99 -44.55 -0.77
C GLN A 178 9.99 -45.59 -0.26
N LYS A 179 10.43 -46.81 0.03
CA LYS A 179 9.57 -47.80 0.66
C LYS A 179 9.56 -47.66 2.18
N HIS A 180 10.68 -47.26 2.78
CA HIS A 180 10.71 -47.03 4.21
C HIS A 180 9.89 -45.80 4.59
N ASP A 181 10.18 -44.66 3.95
CA ASP A 181 9.47 -43.41 4.24
C ASP A 181 9.61 -42.49 3.04
N SER A 182 8.48 -42.16 2.42
CA SER A 182 8.48 -41.28 1.25
C SER A 182 8.30 -39.81 1.63
N PHE A 183 8.27 -39.49 2.92
CA PHE A 183 8.23 -38.12 3.41
C PHE A 183 9.63 -37.62 3.69
N SER A 184 10.39 -38.37 4.48
CA SER A 184 11.76 -38.01 4.81
C SER A 184 12.70 -38.13 3.62
N HIS A 185 12.32 -38.92 2.60
CA HIS A 185 13.12 -38.99 1.38
C HIS A 185 13.06 -37.69 0.60
N SER A 186 11.85 -37.15 0.42
CA SER A 186 11.70 -35.87 -0.26
C SER A 186 12.28 -34.73 0.56
N ARG A 187 12.15 -34.81 1.88
CA ARG A 187 12.76 -33.79 2.75
C ARG A 187 14.28 -33.85 2.69
N SER A 188 14.85 -35.05 2.56
CA SER A 188 16.30 -35.18 2.46
C SER A 188 16.82 -34.69 1.12
N ARG A 189 16.07 -34.95 0.05
CA ARG A 189 16.41 -34.42 -1.27
C ARG A 189 16.39 -32.89 -1.28
N ILE A 190 15.39 -32.29 -0.64
CA ILE A 190 15.33 -30.84 -0.64
C ILE A 190 16.36 -30.23 0.31
N ASN A 191 16.78 -30.95 1.37
CA ASN A 191 17.85 -30.42 2.21
C ASN A 191 19.19 -30.48 1.50
N ALA A 192 19.43 -31.55 0.72
CA ALA A 192 20.66 -31.63 -0.06
C ALA A 192 20.71 -30.56 -1.13
N TYR A 193 19.57 -30.26 -1.78
CA TYR A 193 19.57 -29.20 -2.77
C TYR A 193 19.69 -27.82 -2.14
N LYS A 194 19.12 -27.64 -0.94
CA LYS A 194 19.28 -26.38 -0.21
C LYS A 194 20.71 -26.17 0.24
N GLY A 195 21.45 -27.24 0.50
CA GLY A 195 22.88 -27.11 0.79
C GLY A 195 23.71 -26.88 -0.44
N LEU A 196 23.32 -27.49 -1.56
CA LEU A 196 24.07 -27.32 -2.81
C LEU A 196 23.86 -25.94 -3.41
N ALA A 197 22.71 -25.32 -3.17
CA ALA A 197 22.32 -24.08 -3.83
C ALA A 197 22.60 -22.85 -2.98
N SER A 198 23.67 -22.84 -2.20
CA SER A 198 23.98 -21.72 -1.33
C SER A 198 25.27 -21.05 -1.77
N PRO A 199 25.41 -19.73 -1.57
CA PRO A 199 26.62 -19.05 -2.04
C PRO A 199 27.89 -19.45 -1.29
N ALA A 200 27.76 -19.86 -0.02
CA ALA A 200 28.91 -20.30 0.75
C ALA A 200 29.54 -21.56 0.19
N TYR A 201 28.73 -22.44 -0.40
CA TYR A 201 29.21 -23.65 -1.04
C TYR A 201 29.53 -23.44 -2.51
N LEU A 202 28.74 -22.61 -3.20
CA LEU A 202 28.96 -22.36 -4.62
C LEU A 202 30.25 -21.60 -4.87
N SER A 203 30.60 -20.66 -3.99
CA SER A 203 31.80 -19.86 -4.21
C SER A 203 33.08 -20.55 -3.78
N LEU A 204 33.02 -21.47 -2.82
CA LEU A 204 34.22 -22.12 -2.31
C LEU A 204 34.43 -23.53 -2.81
N SER A 205 33.40 -24.20 -3.33
CA SER A 205 33.50 -25.62 -3.64
C SER A 205 33.94 -25.92 -5.06
N SER A 206 33.79 -24.98 -5.99
CA SER A 206 33.96 -25.25 -7.39
C SER A 206 34.98 -24.31 -8.00
N GLU A 207 35.40 -24.63 -9.22
CA GLU A 207 36.42 -23.87 -9.94
C GLU A 207 35.82 -22.72 -10.74
N ASP A 208 34.73 -22.98 -11.45
CA ASP A 208 33.97 -21.95 -12.16
C ASP A 208 32.57 -21.90 -11.56
N PRO A 209 32.32 -20.97 -10.63
CA PRO A 209 31.00 -20.97 -9.96
C PRO A 209 29.87 -20.39 -10.78
N VAL A 210 30.16 -19.64 -11.84
CA VAL A 210 29.09 -19.08 -12.68
C VAL A 210 28.43 -20.18 -13.50
N MET A 211 29.23 -21.07 -14.09
CA MET A 211 28.70 -22.19 -14.88
C MET A 211 27.93 -23.16 -13.99
N THR A 212 28.48 -23.45 -12.81
CA THR A 212 27.84 -24.34 -11.85
C THR A 212 26.51 -23.75 -11.36
N ALA A 213 26.48 -22.45 -11.12
CA ALA A 213 25.26 -21.82 -10.64
C ALA A 213 24.19 -21.74 -11.72
N LEU A 214 24.60 -21.53 -12.98
CA LEU A 214 23.63 -21.52 -14.07
C LEU A 214 23.02 -22.90 -14.31
N GLU A 215 23.86 -23.94 -14.31
CA GLU A 215 23.34 -25.30 -14.48
C GLU A 215 22.47 -25.73 -13.30
N LEU A 216 22.83 -25.28 -12.09
CA LEU A 216 22.04 -25.66 -10.91
C LEU A 216 20.70 -24.92 -10.89
N SER A 217 20.67 -23.67 -11.37
CA SER A 217 19.41 -22.95 -11.45
C SER A 217 18.49 -23.57 -12.48
N ASN A 218 19.05 -24.04 -13.62
CA ASN A 218 18.24 -24.76 -14.59
C ASN A 218 17.72 -26.09 -14.04
N GLU A 219 18.55 -26.82 -13.30
CA GLU A 219 18.15 -28.10 -12.72
C GLU A 219 17.03 -27.92 -11.69
N LEU A 220 17.14 -26.90 -10.84
CA LEU A 220 16.09 -26.66 -9.86
C LEU A 220 14.81 -26.13 -10.51
N ALA A 221 14.94 -25.37 -11.60
CA ALA A 221 13.73 -24.93 -12.30
C ALA A 221 13.06 -26.06 -13.05
N VAL A 222 13.81 -27.08 -13.45
CA VAL A 222 13.22 -28.29 -14.03
C VAL A 222 12.51 -29.11 -12.96
N LEU A 223 13.17 -29.29 -11.80
CA LEU A 223 12.57 -30.08 -10.72
C LEU A 223 11.39 -29.36 -10.06
N ALA A 224 11.28 -28.05 -10.23
CA ALA A 224 10.10 -27.35 -9.74
C ALA A 224 8.84 -27.70 -10.53
N ASN A 225 8.99 -28.16 -11.77
CA ASN A 225 7.86 -28.59 -12.59
C ASN A 225 7.67 -30.09 -12.59
N ILE A 226 8.76 -30.86 -12.50
CA ILE A 226 8.66 -32.31 -12.44
C ILE A 226 8.02 -32.74 -11.12
N GLU A 227 8.50 -32.18 -10.01
CA GLU A 227 8.03 -32.52 -8.67
C GLU A 227 7.04 -31.43 -8.25
N LYS A 228 5.75 -31.78 -8.27
CA LYS A 228 4.69 -30.76 -8.16
C LYS A 228 4.59 -30.21 -6.74
N GLU A 229 4.69 -31.09 -5.74
CA GLU A 229 4.88 -30.62 -4.38
C GLU A 229 6.31 -30.09 -4.23
N PHE A 230 6.53 -29.27 -3.20
CA PHE A 230 7.76 -28.53 -2.95
C PHE A 230 8.16 -27.63 -4.12
N LYS A 231 7.17 -27.11 -4.85
CA LYS A 231 7.47 -26.26 -6.00
C LYS A 231 7.91 -24.88 -5.55
N ASN A 232 7.25 -24.32 -4.53
CA ASN A 232 7.54 -23.00 -4.03
C ASN A 232 8.88 -22.91 -3.31
N ASP A 233 9.53 -24.05 -3.04
CA ASP A 233 10.87 -24.08 -2.47
C ASP A 233 11.95 -24.24 -3.54
N TYR A 234 11.69 -25.05 -4.57
CA TYR A 234 12.61 -25.15 -5.68
C TYR A 234 12.69 -23.84 -6.47
N LYS A 235 11.58 -23.11 -6.53
CA LYS A 235 11.60 -21.77 -7.12
C LYS A 235 12.51 -20.84 -6.35
N LYS A 236 12.49 -20.93 -5.02
CA LYS A 236 13.34 -20.07 -4.18
C LYS A 236 14.80 -20.46 -4.31
N LEU A 237 15.09 -21.75 -4.41
CA LEU A 237 16.48 -22.20 -4.56
C LEU A 237 17.04 -21.79 -5.92
N SER A 238 16.22 -21.88 -6.97
CA SER A 238 16.66 -21.41 -8.28
C SER A 238 16.82 -19.89 -8.31
N MET A 239 15.97 -19.17 -7.57
CA MET A 239 16.08 -17.72 -7.51
C MET A 239 17.35 -17.28 -6.82
N GLN A 240 17.76 -18.01 -5.78
CA GLN A 240 19.00 -17.64 -5.10
C GLN A 240 20.24 -18.10 -5.89
N CYS A 241 20.11 -19.17 -6.68
CA CYS A 241 21.19 -19.51 -7.62
C CYS A 241 21.35 -18.44 -8.70
N LYS A 242 20.28 -17.79 -9.11
CA LYS A 242 20.40 -16.67 -10.04
C LYS A 242 20.96 -15.43 -9.35
N ASP A 243 20.56 -15.21 -8.09
CA ASP A 243 21.03 -14.04 -7.34
C ASP A 243 22.53 -14.10 -7.06
N PHE A 244 23.10 -15.30 -6.94
CA PHE A 244 24.54 -15.45 -6.81
C PHE A 244 25.28 -14.90 -8.03
N VAL A 245 24.81 -15.24 -9.22
CA VAL A 245 25.46 -14.79 -10.46
C VAL A 245 25.27 -13.29 -10.66
N VAL A 246 24.08 -12.78 -10.36
CA VAL A 246 23.83 -11.34 -10.50
C VAL A 246 24.65 -10.53 -9.50
N GLY A 247 24.82 -11.03 -8.28
CA GLY A 247 25.69 -10.35 -7.34
C GLY A 247 27.16 -10.56 -7.57
N LEU A 248 27.54 -11.55 -8.36
CA LEU A 248 28.93 -11.71 -8.77
C LEU A 248 29.29 -10.86 -9.97
N LEU A 249 28.32 -10.54 -10.84
CA LEU A 249 28.58 -9.62 -11.95
C LEU A 249 28.75 -8.19 -11.46
N ASP A 250 28.14 -7.85 -10.32
CA ASP A 250 28.12 -6.50 -9.79
C ASP A 250 29.49 -6.04 -9.28
N LEU A 251 30.36 -6.96 -8.88
CA LEU A 251 31.64 -6.63 -8.26
C LEU A 251 32.73 -6.29 -9.25
N CYS A 252 32.46 -6.36 -10.55
CA CYS A 252 33.49 -6.18 -11.56
C CYS A 252 33.86 -4.72 -11.72
N ARG A 253 35.15 -4.44 -11.81
CA ARG A 253 35.67 -3.08 -11.85
C ARG A 253 36.45 -2.74 -13.12
N ASN A 254 37.15 -3.70 -13.71
CA ASN A 254 37.80 -3.52 -15.00
C ASN A 254 36.84 -3.96 -16.10
N THR A 255 37.34 -4.10 -17.32
CA THR A 255 36.58 -4.73 -18.38
C THR A 255 36.98 -6.17 -18.64
N GLU A 256 38.16 -6.60 -18.17
CA GLU A 256 38.51 -8.01 -18.25
C GLU A 256 37.70 -8.83 -17.27
N GLU A 257 37.31 -8.25 -16.13
CA GLU A 257 36.47 -8.97 -15.19
C GLU A 257 35.03 -9.06 -15.70
N VAL A 258 34.55 -8.01 -16.37
CA VAL A 258 33.25 -8.05 -17.03
C VAL A 258 33.24 -9.09 -18.14
N GLU A 259 34.31 -9.14 -18.93
CA GLU A 259 34.41 -10.15 -19.98
C GLU A 259 34.69 -11.55 -19.44
N ALA A 260 35.12 -11.69 -18.19
CA ALA A 260 35.29 -13.03 -17.63
C ALA A 260 34.02 -13.51 -16.94
N ILE A 261 33.13 -12.60 -16.52
CA ILE A 261 31.87 -13.05 -15.97
C ILE A 261 30.84 -13.27 -17.08
N LEU A 262 30.73 -12.33 -18.02
CA LEU A 262 29.74 -12.47 -19.09
C LEU A 262 30.14 -13.54 -20.09
N ASN A 263 31.42 -13.59 -20.45
CA ASN A 263 31.93 -14.58 -21.38
C ASN A 263 32.86 -15.52 -20.62
N GLY A 264 33.05 -16.72 -21.15
CA GLY A 264 33.83 -17.69 -20.41
C GLY A 264 35.32 -17.51 -20.51
N ASP A 265 36.05 -18.62 -20.60
CA ASP A 265 37.50 -18.59 -20.77
C ASP A 265 37.78 -18.15 -22.20
N VAL A 266 38.33 -16.95 -22.36
CA VAL A 266 38.47 -16.34 -23.69
C VAL A 266 39.51 -17.07 -24.51
N GLU A 267 40.59 -17.52 -23.89
CA GLU A 267 41.66 -18.19 -24.61
C GLU A 267 41.29 -19.60 -25.07
N THR A 268 40.28 -20.23 -24.47
CA THR A 268 39.86 -21.57 -24.85
C THR A 268 38.43 -21.58 -25.37
N LEU A 269 38.03 -20.49 -26.02
CA LEU A 269 36.73 -20.39 -26.68
C LEU A 269 36.92 -19.82 -28.07
N GLN A 270 35.97 -20.09 -28.95
CA GLN A 270 36.01 -19.60 -30.31
C GLN A 270 35.84 -18.08 -30.33
N SER A 271 36.35 -17.45 -31.39
CA SER A 271 36.35 -15.99 -31.47
C SER A 271 34.98 -15.42 -31.77
N GLY A 272 34.06 -16.24 -32.27
CA GLY A 272 32.73 -15.75 -32.62
C GLY A 272 32.50 -15.70 -34.11
N ASP A 273 31.76 -14.69 -34.57
CA ASP A 273 31.46 -14.51 -35.98
C ASP A 273 32.21 -13.34 -36.59
N HIS A 274 32.24 -12.20 -35.89
CA HIS A 274 32.89 -10.97 -36.31
C HIS A 274 33.89 -10.60 -35.23
N GLY A 275 34.39 -9.37 -35.29
CA GLY A 275 35.22 -8.85 -34.20
C GLY A 275 34.43 -8.50 -32.94
N ARG A 276 33.77 -9.49 -32.35
CA ARG A 276 32.85 -9.33 -31.25
C ARG A 276 32.94 -10.58 -30.38
N PRO A 277 32.66 -10.46 -29.06
CA PRO A 277 32.92 -11.58 -28.15
C PRO A 277 32.04 -12.81 -28.34
N ASN A 278 32.36 -13.88 -27.64
CA ASN A 278 31.65 -15.15 -27.76
C ASN A 278 30.44 -15.12 -26.84
N LEU A 279 29.25 -15.01 -27.44
CA LEU A 279 28.00 -14.92 -26.69
C LEU A 279 27.38 -16.30 -26.46
N SER A 280 28.14 -17.23 -25.89
CA SER A 280 27.62 -18.57 -25.63
C SER A 280 27.08 -18.74 -24.22
N ARG A 281 27.71 -18.09 -23.23
CA ARG A 281 27.13 -18.05 -21.89
C ARG A 281 25.94 -17.12 -21.84
N LEU A 282 25.98 -16.04 -22.62
CA LEU A 282 24.95 -15.02 -22.58
C LEU A 282 23.69 -15.41 -23.35
N LYS A 283 23.77 -16.44 -24.19
CA LYS A 283 22.57 -17.07 -24.72
C LYS A 283 22.01 -18.11 -23.76
N LEU A 284 22.89 -18.74 -22.97
CA LEU A 284 22.44 -19.68 -21.95
C LEU A 284 21.73 -18.97 -20.81
N ALA A 285 22.12 -17.74 -20.50
CA ALA A 285 21.41 -16.94 -19.50
C ALA A 285 20.09 -16.40 -20.01
N ILE A 286 19.83 -16.46 -21.32
CA ILE A 286 18.52 -16.14 -21.87
C ILE A 286 17.65 -17.38 -21.97
N LYS A 287 18.24 -18.53 -22.33
CA LYS A 287 17.52 -19.79 -22.37
C LYS A 287 17.09 -20.22 -20.97
N TYR A 288 17.97 -20.07 -19.98
CA TYR A 288 17.66 -20.44 -18.60
C TYR A 288 16.86 -19.38 -17.87
N GLU A 289 16.57 -18.24 -18.53
CA GLU A 289 15.72 -17.15 -18.04
C GLU A 289 16.28 -16.54 -16.75
N VAL A 290 17.53 -16.09 -16.83
CA VAL A 290 18.17 -15.34 -15.76
C VAL A 290 18.04 -13.87 -16.13
N LYS A 291 17.03 -13.20 -15.59
CA LYS A 291 16.63 -11.90 -16.14
C LYS A 291 17.49 -10.77 -15.63
N LYS A 292 17.94 -10.82 -14.38
CA LYS A 292 18.74 -9.72 -13.83
C LYS A 292 20.20 -9.78 -14.24
N PHE A 293 20.67 -10.92 -14.73
CA PHE A 293 22.00 -11.02 -15.31
C PHE A 293 22.05 -10.39 -16.70
N VAL A 294 20.93 -10.43 -17.42
CA VAL A 294 20.85 -9.84 -18.75
C VAL A 294 20.37 -8.39 -18.70
N ALA A 295 19.65 -8.00 -17.65
CA ALA A 295 19.18 -6.65 -17.48
C ALA A 295 20.08 -5.81 -16.58
N HIS A 296 21.33 -6.24 -16.39
CA HIS A 296 22.34 -5.52 -15.60
C HIS A 296 23.08 -4.54 -16.51
N PRO A 297 23.45 -3.36 -15.99
CA PRO A 297 24.19 -2.37 -16.80
C PRO A 297 25.50 -2.85 -17.39
N ASN A 298 26.22 -3.73 -16.68
CA ASN A 298 27.47 -4.28 -17.18
C ASN A 298 27.26 -5.25 -18.34
N CYS A 299 26.03 -5.74 -18.54
CA CYS A 299 25.67 -6.54 -19.69
C CYS A 299 25.08 -5.72 -20.83
N GLN A 300 24.31 -4.67 -20.48
CA GLN A 300 23.76 -3.80 -21.50
C GLN A 300 24.85 -3.01 -22.20
N GLN A 301 25.92 -2.66 -21.47
CA GLN A 301 27.02 -1.91 -22.10
C GLN A 301 27.80 -2.79 -23.07
N GLN A 302 27.75 -4.10 -22.89
CA GLN A 302 28.37 -4.99 -23.87
C GLN A 302 27.45 -5.24 -25.06
N LEU A 303 26.16 -5.43 -24.80
CA LEU A 303 25.22 -5.75 -25.87
C LEU A 303 24.95 -4.56 -26.78
N LEU A 304 25.01 -3.34 -26.24
CA LEU A 304 24.79 -2.16 -27.07
C LEU A 304 25.95 -1.93 -28.03
N SER A 305 27.14 -2.41 -27.68
CA SER A 305 28.29 -2.28 -28.57
C SER A 305 28.24 -3.26 -29.74
N ILE A 306 27.41 -4.30 -29.66
CA ILE A 306 27.23 -5.23 -30.77
C ILE A 306 26.00 -4.79 -31.55
N TRP A 307 25.04 -4.18 -30.86
CA TRP A 307 23.85 -3.65 -31.51
C TRP A 307 24.20 -2.48 -32.42
N TYR A 308 24.93 -1.50 -31.88
CA TYR A 308 25.37 -0.35 -32.66
C TYR A 308 26.76 -0.59 -33.25
N GLU A 309 26.91 -1.62 -34.06
CA GLU A 309 28.22 -2.19 -34.48
C GLU A 309 29.02 -1.16 -35.26
N ASN A 310 28.60 -0.73 -36.46
CA ASN A 310 29.39 0.17 -37.27
C ASN A 310 28.75 1.56 -37.33
N LEU A 311 28.10 1.93 -36.21
CA LEU A 311 27.30 3.15 -36.16
C LEU A 311 27.72 3.95 -34.93
N SER A 312 28.74 4.79 -35.10
CA SER A 312 29.10 5.73 -34.06
C SER A 312 28.23 6.99 -34.09
N GLY A 313 27.69 7.33 -35.25
CA GLY A 313 26.82 8.49 -35.39
C GLY A 313 25.45 8.28 -34.81
N LEU A 314 24.76 7.22 -35.24
CA LEU A 314 23.39 6.96 -34.84
C LEU A 314 23.25 6.47 -33.40
N ARG A 315 24.36 6.14 -32.74
CA ARG A 315 24.28 5.71 -31.34
C ARG A 315 23.93 6.87 -30.43
N GLN A 316 24.57 8.03 -30.63
CA GLN A 316 24.40 9.18 -29.76
C GLN A 316 23.30 10.12 -30.24
N GLN A 317 22.60 9.79 -31.32
CA GLN A 317 21.52 10.63 -31.81
C GLN A 317 20.32 10.53 -30.88
N THR A 318 19.45 11.52 -30.98
CA THR A 318 18.23 11.57 -30.19
C THR A 318 17.09 10.87 -30.94
N MET A 319 15.93 10.80 -30.28
CA MET A 319 14.75 10.33 -30.96
C MET A 319 14.22 11.41 -31.89
N ALA A 320 13.30 11.01 -32.77
CA ALA A 320 12.78 11.73 -33.94
C ALA A 320 13.87 12.05 -34.96
N VAL A 321 15.03 11.41 -34.86
CA VAL A 321 16.01 11.33 -35.94
C VAL A 321 16.12 9.91 -36.47
N LYS A 322 15.95 8.91 -35.62
CA LYS A 322 15.89 7.52 -36.05
C LYS A 322 14.58 7.18 -36.74
N PHE A 323 13.50 7.87 -36.38
CA PHE A 323 12.25 7.78 -37.15
C PHE A 323 12.45 8.28 -38.57
N LEU A 324 13.24 9.36 -38.73
CA LEU A 324 13.53 9.89 -40.05
C LEU A 324 14.42 8.97 -40.86
N VAL A 325 15.36 8.26 -40.22
CA VAL A 325 16.17 7.34 -41.01
C VAL A 325 15.38 6.07 -41.32
N VAL A 326 14.39 5.73 -40.48
CA VAL A 326 13.46 4.64 -40.82
C VAL A 326 12.65 5.01 -42.06
N LEU A 327 12.16 6.25 -42.12
CA LEU A 327 11.46 6.72 -43.31
C LEU A 327 12.40 6.86 -44.51
N ALA A 328 13.68 7.15 -44.29
CA ALA A 328 14.64 7.26 -45.38
C ALA A 328 14.94 5.90 -46.01
N VAL A 329 15.09 4.87 -45.17
CA VAL A 329 15.22 3.52 -45.73
C VAL A 329 13.88 3.02 -46.28
N ALA A 330 12.76 3.58 -45.82
CA ALA A 330 11.47 3.25 -46.42
C ALA A 330 11.36 3.82 -47.83
N ILE A 331 11.90 5.01 -48.06
CA ILE A 331 11.89 5.58 -49.41
C ILE A 331 12.85 4.83 -50.32
N GLY A 332 14.13 4.81 -49.95
CA GLY A 332 15.14 4.20 -50.79
C GLY A 332 15.50 2.77 -50.44
N LEU A 333 14.50 1.89 -50.37
CA LEU A 333 14.73 0.47 -50.09
C LEU A 333 15.23 -0.35 -51.28
N PRO A 334 14.70 -0.22 -52.53
CA PRO A 334 15.30 -1.02 -53.63
C PRO A 334 16.71 -0.60 -54.01
N PHE A 335 17.10 0.65 -53.73
CA PHE A 335 18.47 1.06 -54.03
C PHE A 335 19.47 0.39 -53.08
N LEU A 336 19.13 0.31 -51.79
CA LEU A 336 20.00 -0.41 -50.86
C LEU A 336 19.93 -1.92 -51.09
N ALA A 337 18.78 -2.41 -51.58
CA ALA A 337 18.70 -3.81 -51.98
C ALA A 337 19.61 -4.11 -53.16
N LEU A 338 19.71 -3.18 -54.12
CA LEU A 338 20.62 -3.35 -55.25
C LEU A 338 22.07 -3.23 -54.80
N ILE A 339 22.34 -2.38 -53.82
CA ILE A 339 23.69 -2.24 -53.26
C ILE A 339 24.13 -3.55 -52.60
N TYR A 340 23.24 -4.16 -51.81
CA TYR A 340 23.57 -5.44 -51.19
C TYR A 340 23.61 -6.57 -52.20
N TRP A 341 22.85 -6.46 -53.29
CA TRP A 341 22.83 -7.51 -54.30
C TRP A 341 24.13 -7.52 -55.10
N PHE A 342 24.49 -6.39 -55.69
CA PHE A 342 25.60 -6.37 -56.64
C PHE A 342 26.95 -6.14 -55.98
N ALA A 343 27.06 -5.19 -55.05
CA ALA A 343 28.34 -4.81 -54.46
C ALA A 343 28.30 -4.90 -52.94
N PRO A 344 28.50 -6.11 -52.37
CA PRO A 344 28.71 -6.19 -50.92
C PRO A 344 30.15 -5.84 -50.56
N CYS A 345 30.47 -5.90 -49.27
CA CYS A 345 31.80 -5.61 -48.70
C CYS A 345 32.29 -4.22 -49.12
N SER A 346 31.55 -3.22 -48.68
CA SER A 346 31.79 -1.83 -49.08
C SER A 346 31.59 -0.96 -47.86
N LYS A 347 31.48 0.35 -48.07
CA LYS A 347 31.17 1.27 -46.99
C LYS A 347 29.69 1.26 -46.63
N MET A 348 28.84 0.64 -47.45
CA MET A 348 27.44 0.45 -47.14
C MET A 348 27.06 -1.02 -46.93
N GLY A 349 27.74 -1.94 -47.62
CA GLY A 349 27.51 -3.36 -47.41
C GLY A 349 28.01 -3.89 -46.09
N LYS A 350 28.84 -3.12 -45.37
CA LYS A 350 29.24 -3.47 -44.02
C LYS A 350 28.43 -2.72 -42.96
N ILE A 351 27.81 -1.59 -43.33
CA ILE A 351 26.89 -0.93 -42.42
C ILE A 351 25.55 -1.64 -42.39
N MET A 352 25.07 -2.11 -43.55
CA MET A 352 23.78 -2.76 -43.63
C MET A 352 23.78 -4.19 -43.13
N ARG A 353 24.91 -4.71 -42.65
CA ARG A 353 24.96 -6.02 -42.02
C ARG A 353 24.99 -5.93 -40.51
N GLY A 354 24.97 -4.72 -39.95
CA GLY A 354 24.86 -4.55 -38.52
C GLY A 354 23.45 -4.88 -38.05
N PRO A 355 23.29 -5.14 -36.76
CA PRO A 355 21.94 -5.48 -36.25
C PRO A 355 20.97 -4.31 -36.26
N PHE A 356 21.44 -3.09 -35.98
CA PHE A 356 20.51 -1.97 -35.93
C PHE A 356 20.03 -1.54 -37.30
N MET A 357 20.90 -1.56 -38.31
CA MET A 357 20.45 -1.24 -39.67
C MET A 357 19.57 -2.35 -40.24
N LYS A 358 19.80 -3.59 -39.81
CA LYS A 358 18.91 -4.69 -40.17
C LYS A 358 17.52 -4.50 -39.55
N PHE A 359 17.47 -4.05 -38.30
CA PHE A 359 16.20 -3.74 -37.64
C PHE A 359 15.49 -2.58 -38.32
N VAL A 360 16.25 -1.57 -38.74
CA VAL A 360 15.68 -0.40 -39.40
C VAL A 360 15.13 -0.78 -40.77
N ALA A 361 15.81 -1.67 -41.49
CA ALA A 361 15.32 -2.14 -42.78
C ALA A 361 14.07 -2.99 -42.63
N HIS A 362 14.03 -3.86 -41.61
CA HIS A 362 12.85 -4.71 -41.41
C HIS A 362 11.65 -3.90 -40.91
N ALA A 363 11.88 -2.78 -40.23
CA ALA A 363 10.76 -1.92 -39.85
C ALA A 363 10.30 -1.03 -41.00
N ALA A 364 11.22 -0.62 -41.88
CA ALA A 364 10.86 0.18 -43.04
C ALA A 364 10.05 -0.64 -44.03
N SER A 365 10.38 -1.92 -44.19
CA SER A 365 9.58 -2.77 -45.07
C SER A 365 8.23 -3.15 -44.49
N PHE A 366 7.90 -2.78 -43.25
CA PHE A 366 6.57 -2.90 -42.70
C PHE A 366 5.81 -1.59 -42.76
N THR A 367 6.53 -0.47 -42.64
CA THR A 367 5.95 0.84 -42.91
C THR A 367 5.47 0.93 -44.36
N ILE A 368 6.24 0.37 -45.31
CA ILE A 368 5.83 0.35 -46.70
C ILE A 368 4.57 -0.49 -46.91
N PHE A 369 4.47 -1.62 -46.21
CA PHE A 369 3.31 -2.49 -46.35
C PHE A 369 2.05 -1.84 -45.79
N LEU A 370 2.18 -1.17 -44.65
CA LEU A 370 1.04 -0.41 -44.12
C LEU A 370 0.67 0.76 -45.01
N GLY A 371 1.65 1.42 -45.64
CA GLY A 371 1.33 2.48 -46.57
C GLY A 371 0.64 1.99 -47.82
N LEU A 372 1.00 0.78 -48.27
CA LEU A 372 0.32 0.16 -49.40
C LEU A 372 -1.12 -0.20 -49.04
N LEU A 373 -1.33 -0.74 -47.83
CA LEU A 373 -2.67 -1.09 -47.38
C LEU A 373 -3.55 0.15 -47.22
N VAL A 374 -2.97 1.28 -46.82
CA VAL A 374 -3.74 2.52 -46.76
C VAL A 374 -4.04 3.04 -48.15
N MET A 375 -3.02 3.19 -49.00
CA MET A 375 -3.20 3.84 -50.28
C MET A 375 -3.81 2.94 -51.36
N ASN A 376 -4.11 1.67 -51.05
CA ASN A 376 -4.78 0.82 -52.03
C ASN A 376 -6.20 1.30 -52.30
N ALA A 377 -6.97 1.56 -51.25
CA ALA A 377 -8.32 2.08 -51.40
C ALA A 377 -8.35 3.60 -51.32
N ALA A 378 -7.52 4.26 -52.13
CA ALA A 378 -7.38 5.71 -52.08
C ALA A 378 -8.26 6.44 -53.08
N ASP A 379 -8.85 5.73 -54.05
CA ASP A 379 -9.82 6.34 -54.95
C ASP A 379 -11.19 6.48 -54.33
N ARG A 380 -11.42 5.87 -53.16
CA ARG A 380 -12.71 5.87 -52.49
C ARG A 380 -12.67 6.56 -51.13
N PHE A 381 -11.71 7.47 -50.92
CA PHE A 381 -11.59 8.14 -49.61
C PHE A 381 -12.77 9.05 -49.32
N GLU A 382 -13.43 9.57 -50.35
CA GLU A 382 -14.56 10.48 -50.18
C GLU A 382 -15.81 10.01 -50.91
N GLY A 383 -15.91 8.72 -51.20
CA GLY A 383 -17.01 8.20 -51.98
C GLY A 383 -16.52 7.41 -53.17
N THR A 384 -17.07 6.21 -53.37
CA THR A 384 -16.52 5.30 -54.36
C THR A 384 -16.89 5.71 -55.79
N LYS A 385 -17.99 6.46 -55.93
CA LYS A 385 -18.60 6.90 -57.20
C LYS A 385 -18.96 5.74 -58.12
N LEU A 386 -19.15 4.53 -57.59
CA LEU A 386 -19.59 3.36 -58.33
C LEU A 386 -20.68 2.75 -57.45
N LEU A 387 -21.93 3.12 -57.73
CA LEU A 387 -23.05 2.79 -56.86
C LEU A 387 -23.34 1.28 -56.91
N PRO A 388 -23.94 0.73 -55.84
CA PRO A 388 -24.29 -0.70 -55.87
C PRO A 388 -25.39 -1.05 -56.86
N ASN A 389 -26.16 -0.08 -57.33
CA ASN A 389 -27.15 -0.31 -58.38
C ASN A 389 -26.69 0.10 -59.76
N GLU A 390 -25.58 0.84 -59.86
CA GLU A 390 -25.12 1.35 -61.13
C GLU A 390 -24.18 0.35 -61.82
N THR A 391 -23.86 0.64 -63.08
CA THR A 391 -23.03 -0.23 -63.90
C THR A 391 -22.08 0.63 -64.71
N SER A 392 -20.78 0.40 -64.54
CA SER A 392 -19.74 1.15 -65.25
C SER A 392 -18.80 0.17 -65.94
N THR A 393 -18.70 0.27 -67.26
CA THR A 393 -17.87 -0.62 -68.07
C THR A 393 -16.57 0.02 -68.52
N ASP A 394 -16.61 1.31 -68.87
CA ASP A 394 -15.49 2.18 -69.26
C ASP A 394 -14.78 1.75 -70.54
N ASN A 395 -15.31 0.78 -71.28
CA ASN A 395 -14.74 0.39 -72.57
C ASN A 395 -15.76 0.17 -73.67
N ALA A 396 -17.06 0.14 -73.34
CA ALA A 396 -18.20 -0.02 -74.25
C ALA A 396 -18.21 -1.33 -75.03
N LYS A 397 -17.36 -2.29 -74.64
CA LYS A 397 -17.36 -3.60 -75.26
C LYS A 397 -17.08 -4.74 -74.28
N GLN A 398 -16.93 -4.45 -72.99
CA GLN A 398 -16.60 -5.44 -71.99
C GLN A 398 -17.71 -5.54 -70.96
N LEU A 399 -17.71 -6.64 -70.22
CA LEU A 399 -18.69 -6.86 -69.17
C LEU A 399 -18.38 -5.99 -67.96
N PHE A 400 -19.37 -5.85 -67.08
CA PHE A 400 -19.15 -5.12 -65.84
C PHE A 400 -18.26 -5.87 -64.87
N ARG A 401 -18.33 -7.20 -64.85
CA ARG A 401 -17.51 -8.01 -63.95
C ARG A 401 -16.08 -8.19 -64.46
N MET A 402 -15.66 -7.45 -65.48
CA MET A 402 -14.28 -7.42 -65.93
C MET A 402 -13.46 -6.36 -65.21
N LYS A 403 -13.97 -5.12 -65.17
CA LYS A 403 -13.27 -4.06 -64.44
C LYS A 403 -13.77 -3.94 -63.01
N THR A 404 -13.86 -5.07 -62.31
CA THR A 404 -14.01 -5.15 -60.86
C THR A 404 -13.02 -6.11 -60.24
N SER A 405 -12.71 -7.22 -60.92
CA SER A 405 -11.83 -8.25 -60.40
C SER A 405 -10.44 -8.20 -61.02
N CYS A 406 -10.18 -7.23 -61.88
CA CYS A 406 -8.84 -7.08 -62.43
C CYS A 406 -7.91 -6.47 -61.40
N PHE A 407 -6.69 -6.98 -61.34
CA PHE A 407 -5.72 -6.52 -60.35
C PHE A 407 -5.07 -5.22 -60.79
N SER A 408 -4.95 -4.28 -59.86
CA SER A 408 -4.34 -3.00 -60.14
C SER A 408 -2.82 -3.11 -60.03
N TRP A 409 -2.12 -1.99 -60.13
CA TRP A 409 -0.67 -2.02 -59.94
C TRP A 409 -0.27 -1.99 -58.48
N MET A 410 -1.20 -1.65 -57.58
CA MET A 410 -0.94 -1.69 -56.15
C MET A 410 -1.46 -2.94 -55.48
N GLU A 411 -2.35 -3.69 -56.12
CA GLU A 411 -2.82 -4.95 -55.58
C GLU A 411 -1.93 -6.12 -55.96
N MET A 412 -0.88 -5.88 -56.76
CA MET A 412 0.11 -6.90 -57.06
C MET A 412 1.31 -6.81 -56.13
N LEU A 413 1.66 -5.60 -55.71
CA LEU A 413 2.72 -5.42 -54.73
C LEU A 413 2.32 -6.01 -53.38
N ILE A 414 1.03 -5.93 -53.03
CA ILE A 414 0.55 -6.55 -51.79
C ILE A 414 0.65 -8.07 -51.89
N ILE A 415 0.39 -8.63 -53.08
CA ILE A 415 0.52 -10.06 -53.28
C ILE A 415 1.98 -10.49 -53.17
N SER A 416 2.89 -9.67 -53.71
CA SER A 416 4.33 -9.96 -53.58
C SER A 416 4.82 -9.88 -52.14
N TRP A 417 4.38 -8.87 -51.37
CA TRP A 417 4.65 -8.82 -49.93
C TRP A 417 4.10 -10.02 -49.17
N VAL A 418 2.87 -10.46 -49.46
CA VAL A 418 2.32 -11.60 -48.75
C VAL A 418 3.02 -12.90 -49.15
N ILE A 419 3.49 -13.01 -50.40
CA ILE A 419 4.22 -14.20 -50.82
C ILE A 419 5.58 -14.27 -50.14
N GLY A 420 6.30 -13.13 -50.10
CA GLY A 420 7.53 -13.07 -49.34
C GLY A 420 7.36 -13.27 -47.85
N MET A 421 6.23 -12.83 -47.29
CA MET A 421 5.93 -13.00 -45.87
C MET A 421 5.50 -14.42 -45.53
N ILE A 422 4.98 -15.17 -46.49
CA ILE A 422 4.69 -16.58 -46.30
C ILE A 422 5.97 -17.40 -46.42
N TRP A 423 6.84 -17.02 -47.35
CA TRP A 423 8.12 -17.72 -47.50
C TRP A 423 9.04 -17.49 -46.30
N ALA A 424 9.05 -16.27 -45.76
CA ALA A 424 9.84 -15.98 -44.55
C ALA A 424 9.26 -16.61 -43.29
N GLU A 425 8.03 -17.12 -43.33
CA GLU A 425 7.44 -17.88 -42.24
C GLU A 425 7.69 -19.38 -42.40
N CYS A 426 7.68 -19.87 -43.62
CA CYS A 426 8.02 -21.28 -43.86
C CYS A 426 9.50 -21.54 -43.58
N LYS A 427 10.36 -20.55 -43.89
CA LYS A 427 11.77 -20.67 -43.54
C LYS A 427 11.98 -20.66 -42.04
N GLU A 428 11.13 -19.95 -41.29
CA GLU A 428 11.16 -20.01 -39.84
C GLU A 428 10.61 -21.34 -39.33
N ILE A 429 9.66 -21.94 -40.05
CA ILE A 429 9.09 -23.22 -39.64
C ILE A 429 10.12 -24.34 -39.76
N TRP A 430 10.82 -24.43 -40.91
CA TRP A 430 11.81 -25.50 -41.05
C TRP A 430 13.21 -25.07 -40.62
N THR A 431 13.33 -24.13 -39.69
CA THR A 431 14.60 -23.85 -39.02
C THR A 431 14.50 -23.91 -37.51
N GLN A 432 13.42 -23.45 -36.90
CA GLN A 432 13.19 -23.58 -35.47
C GLN A 432 12.46 -24.86 -35.15
N GLY A 433 11.91 -25.54 -36.15
CA GLY A 433 11.18 -26.77 -35.94
C GLY A 433 9.72 -26.53 -35.70
N PRO A 434 8.86 -27.44 -36.18
CA PRO A 434 7.41 -27.22 -36.09
C PRO A 434 6.80 -27.51 -34.72
N LYS A 435 7.63 -27.68 -33.70
CA LYS A 435 7.16 -27.84 -32.33
C LYS A 435 7.54 -26.66 -31.45
N GLU A 436 8.75 -26.11 -31.61
CA GLU A 436 9.13 -24.91 -30.91
C GLU A 436 8.62 -23.63 -31.53
N TYR A 437 8.05 -23.71 -32.73
CA TYR A 437 7.48 -22.56 -33.42
C TYR A 437 6.06 -22.26 -32.95
N LEU A 438 5.29 -23.28 -32.57
CA LEU A 438 3.95 -23.07 -32.06
C LEU A 438 3.93 -22.78 -30.56
N PHE A 439 5.10 -22.74 -29.92
CA PHE A 439 5.17 -22.47 -28.49
C PHE A 439 4.79 -21.03 -28.16
N GLU A 440 5.06 -20.11 -29.07
CA GLU A 440 4.64 -18.71 -28.93
C GLU A 440 3.34 -18.52 -29.70
N LEU A 441 2.34 -17.94 -29.05
CA LEU A 441 1.03 -17.82 -29.67
C LEU A 441 0.99 -16.68 -30.68
N TRP A 442 1.92 -15.74 -30.60
CA TRP A 442 1.98 -14.66 -31.58
C TRP A 442 2.40 -15.16 -32.95
N ASN A 443 3.13 -16.29 -33.01
CA ASN A 443 3.42 -16.90 -34.30
C ASN A 443 2.15 -17.46 -34.94
N MET A 444 1.22 -17.97 -34.13
CA MET A 444 -0.06 -18.41 -34.64
C MET A 444 -0.92 -17.22 -35.07
N LEU A 445 -0.84 -16.11 -34.32
CA LEU A 445 -1.58 -14.90 -34.69
C LEU A 445 -1.02 -14.29 -35.97
N ASP A 446 0.27 -14.49 -36.25
CA ASP A 446 0.87 -14.02 -37.49
C ASP A 446 0.62 -14.98 -38.65
N PHE A 447 0.48 -16.28 -38.36
CA PHE A 447 0.16 -17.26 -39.40
C PHE A 447 -1.29 -17.18 -39.86
N GLY A 448 -2.21 -16.86 -38.93
CA GLY A 448 -3.61 -16.73 -39.31
C GLY A 448 -3.86 -15.56 -40.25
N MET A 449 -3.11 -14.46 -40.07
CA MET A 449 -3.25 -13.30 -40.94
C MET A 449 -2.82 -13.62 -42.36
N LEU A 450 -1.72 -14.36 -42.51
CA LEU A 450 -1.26 -14.75 -43.84
C LEU A 450 -2.17 -15.78 -44.48
N ALA A 451 -2.76 -16.68 -43.68
CA ALA A 451 -3.75 -17.61 -44.21
C ALA A 451 -4.99 -16.89 -44.72
N ILE A 452 -5.43 -15.85 -44.00
CA ILE A 452 -6.61 -15.09 -44.40
C ILE A 452 -6.33 -14.26 -45.65
N PHE A 453 -5.13 -13.67 -45.74
CA PHE A 453 -4.71 -12.97 -46.95
C PHE A 453 -4.66 -13.90 -48.15
N ALA A 454 -4.13 -15.12 -47.96
CA ALA A 454 -4.04 -16.08 -49.05
C ALA A 454 -5.42 -16.52 -49.53
N ALA A 455 -6.35 -16.75 -48.58
CA ALA A 455 -7.71 -17.12 -48.94
C ALA A 455 -8.42 -15.99 -49.69
N SER A 456 -8.18 -14.74 -49.28
CA SER A 456 -8.77 -13.60 -49.97
C SER A 456 -8.27 -13.48 -51.41
N PHE A 457 -6.96 -13.63 -51.61
CA PHE A 457 -6.42 -13.51 -52.96
C PHE A 457 -6.80 -14.70 -53.83
N ILE A 458 -6.95 -15.89 -53.24
CA ILE A 458 -7.42 -17.05 -53.99
C ILE A 458 -8.85 -16.87 -54.46
N ALA A 459 -9.72 -16.33 -53.59
CA ALA A 459 -11.11 -16.10 -53.96
C ALA A 459 -11.23 -15.01 -55.03
N ARG A 460 -10.41 -13.96 -54.93
CA ARG A 460 -10.44 -12.92 -55.96
C ARG A 460 -9.92 -13.44 -57.30
N PHE A 461 -8.90 -14.31 -57.27
CA PHE A 461 -8.39 -14.89 -58.50
C PHE A 461 -9.40 -15.81 -59.15
N MET A 462 -10.13 -16.59 -58.36
CA MET A 462 -11.12 -17.49 -58.96
C MET A 462 -12.34 -16.72 -59.47
N ALA A 463 -12.65 -15.57 -58.85
CA ALA A 463 -13.69 -14.70 -59.40
C ALA A 463 -13.27 -14.12 -60.74
N PHE A 464 -12.01 -13.68 -60.84
CA PHE A 464 -11.50 -13.17 -62.11
C PHE A 464 -11.41 -14.28 -63.16
N TRP A 465 -11.14 -15.51 -62.73
CA TRP A 465 -11.07 -16.64 -63.66
C TRP A 465 -12.44 -16.98 -64.23
N HIS A 466 -13.48 -16.98 -63.37
CA HIS A 466 -14.83 -17.19 -63.86
C HIS A 466 -15.28 -16.06 -64.78
N ALA A 467 -14.89 -14.83 -64.46
CA ALA A 467 -15.27 -13.69 -65.30
C ALA A 467 -14.59 -13.76 -66.67
N SER A 468 -13.33 -14.20 -66.72
CA SER A 468 -12.64 -14.32 -68.00
C SER A 468 -13.16 -15.50 -68.81
N LYS A 469 -13.48 -16.61 -68.14
CA LYS A 469 -14.04 -17.78 -68.82
C LYS A 469 -15.41 -17.48 -69.40
N ALA A 470 -16.20 -16.63 -68.74
CA ALA A 470 -17.48 -16.23 -69.31
C ALA A 470 -17.37 -15.08 -70.31
N GLN A 471 -16.32 -14.26 -70.23
CA GLN A 471 -16.17 -13.16 -71.16
C GLN A 471 -15.52 -13.61 -72.47
N SER A 472 -14.85 -14.77 -72.46
CA SER A 472 -14.30 -15.31 -73.71
C SER A 472 -15.40 -15.70 -74.69
N ILE A 473 -16.59 -16.05 -74.20
CA ILE A 473 -17.71 -16.33 -75.09
C ILE A 473 -18.22 -15.05 -75.73
N ILE A 474 -18.61 -14.07 -74.92
CA ILE A 474 -19.17 -12.81 -75.45
C ILE A 474 -17.98 -11.89 -75.68
N ASP A 475 -17.39 -12.01 -76.86
CA ASP A 475 -16.25 -11.18 -77.22
C ASP A 475 -16.70 -9.83 -77.74
N LYS A 485 -27.63 -2.88 -75.45
CA LYS A 485 -27.37 -3.31 -76.82
C LYS A 485 -28.37 -4.37 -77.27
N VAL A 486 -28.15 -5.59 -76.82
CA VAL A 486 -29.00 -6.73 -77.14
C VAL A 486 -29.07 -7.64 -75.91
N THR A 487 -29.87 -8.70 -76.02
CA THR A 487 -30.00 -9.66 -74.94
C THR A 487 -28.85 -10.67 -74.98
N LEU A 488 -28.52 -11.19 -73.80
CA LEU A 488 -27.43 -12.14 -73.65
C LEU A 488 -27.98 -13.51 -73.26
N GLY A 489 -27.26 -14.55 -73.64
CA GLY A 489 -27.68 -15.91 -73.34
C GLY A 489 -27.51 -16.24 -71.87
N ASP A 490 -27.98 -17.43 -71.50
CA ASP A 490 -27.97 -17.84 -70.10
C ASP A 490 -26.68 -18.56 -69.72
N ASN A 491 -25.54 -17.94 -70.07
CA ASN A 491 -24.26 -18.28 -69.49
C ASN A 491 -23.40 -17.06 -69.25
N VAL A 492 -23.84 -15.87 -69.67
CA VAL A 492 -23.10 -14.62 -69.54
C VAL A 492 -24.06 -13.68 -68.82
N LYS A 493 -25.27 -14.16 -68.58
CA LYS A 493 -26.34 -13.30 -68.06
C LYS A 493 -26.11 -12.94 -66.59
N TYR A 494 -25.45 -13.81 -65.83
CA TYR A 494 -25.15 -13.50 -64.43
C TYR A 494 -24.13 -12.38 -64.32
N TYR A 495 -23.20 -12.31 -65.25
CA TYR A 495 -22.24 -11.24 -65.31
C TYR A 495 -22.84 -10.05 -66.04
N ASN A 496 -22.10 -8.92 -66.01
CA ASN A 496 -22.60 -7.58 -66.36
C ASN A 496 -23.85 -7.27 -65.54
N LEU A 497 -23.73 -7.40 -64.22
CA LEU A 497 -24.80 -7.12 -63.28
C LEU A 497 -24.24 -6.38 -62.07
N ALA A 498 -25.04 -5.45 -61.54
CA ALA A 498 -24.60 -4.63 -60.42
C ALA A 498 -24.60 -5.44 -59.12
N ARG A 499 -24.14 -4.80 -58.04
CA ARG A 499 -23.95 -5.48 -56.76
C ARG A 499 -25.24 -5.93 -56.10
N ILE A 500 -26.38 -5.36 -56.52
CA ILE A 500 -27.66 -5.74 -55.94
C ILE A 500 -28.07 -7.14 -56.39
N LYS A 501 -27.66 -7.57 -57.58
CA LYS A 501 -28.11 -8.83 -58.15
C LYS A 501 -27.11 -9.98 -58.00
N TRP A 502 -26.02 -9.79 -57.26
CA TRP A 502 -25.05 -10.86 -57.08
C TRP A 502 -25.59 -11.94 -56.16
N ASP A 503 -25.00 -13.13 -56.26
CA ASP A 503 -25.32 -14.20 -55.35
C ASP A 503 -24.74 -13.91 -53.97
N PRO A 504 -25.37 -14.40 -52.90
CA PRO A 504 -24.80 -14.19 -51.55
C PRO A 504 -23.52 -14.97 -51.28
N SER A 505 -23.18 -15.93 -52.13
CA SER A 505 -21.93 -16.68 -52.00
C SER A 505 -20.99 -16.43 -53.18
N ASP A 506 -21.03 -15.25 -53.77
CA ASP A 506 -20.10 -14.88 -54.83
C ASP A 506 -18.69 -14.75 -54.26
N PRO A 507 -17.65 -15.20 -54.96
CA PRO A 507 -16.29 -15.09 -54.40
C PRO A 507 -15.78 -13.67 -54.32
N GLN A 508 -16.34 -12.74 -55.09
CA GLN A 508 -15.99 -11.33 -54.99
C GLN A 508 -16.37 -10.73 -53.65
N ILE A 509 -17.40 -11.25 -52.97
CA ILE A 509 -17.74 -10.78 -51.63
C ILE A 509 -17.20 -11.69 -50.54
N ILE A 510 -16.53 -12.80 -50.89
CA ILE A 510 -15.77 -13.58 -49.94
C ILE A 510 -14.40 -12.93 -49.79
N SER A 511 -13.84 -12.48 -50.92
CA SER A 511 -12.53 -11.83 -50.89
C SER A 511 -12.58 -10.48 -50.19
N GLU A 512 -13.64 -9.70 -50.44
CA GLU A 512 -13.77 -8.39 -49.81
C GLU A 512 -14.09 -8.52 -48.32
N GLY A 513 -14.64 -9.66 -47.91
CA GLY A 513 -14.88 -9.89 -46.50
C GLY A 513 -13.66 -10.38 -45.75
N LEU A 514 -12.83 -11.20 -46.40
CA LEU A 514 -11.62 -11.68 -45.73
C LEU A 514 -10.50 -10.65 -45.77
N TYR A 515 -10.49 -9.78 -46.77
CA TYR A 515 -9.44 -8.75 -46.86
C TYR A 515 -9.54 -7.74 -45.73
N ALA A 516 -10.74 -7.50 -45.20
CA ALA A 516 -10.90 -6.58 -44.09
C ALA A 516 -10.33 -7.14 -42.79
N ILE A 517 -10.57 -8.44 -42.53
CA ILE A 517 -9.97 -9.09 -41.36
C ILE A 517 -8.46 -9.15 -41.48
N ALA A 518 -7.96 -9.36 -42.71
CA ALA A 518 -6.52 -9.39 -42.91
C ALA A 518 -5.89 -8.00 -42.71
N VAL A 519 -6.57 -6.94 -43.16
CA VAL A 519 -6.08 -5.59 -42.97
C VAL A 519 -6.10 -5.20 -41.50
N VAL A 520 -7.09 -5.65 -40.74
CA VAL A 520 -7.12 -5.40 -39.30
C VAL A 520 -6.01 -6.16 -38.59
N LEU A 521 -5.84 -7.45 -38.92
CA LEU A 521 -4.86 -8.28 -38.22
C LEU A 521 -3.42 -7.94 -38.58
N SER A 522 -3.17 -7.35 -39.75
CA SER A 522 -1.79 -7.05 -40.13
C SER A 522 -1.20 -5.87 -39.37
N PHE A 523 -2.01 -5.08 -38.69
CA PHE A 523 -1.53 -3.99 -37.86
C PHE A 523 -0.97 -4.46 -36.53
N SER A 524 -1.05 -5.74 -36.22
CA SER A 524 -0.57 -6.29 -34.96
C SER A 524 0.89 -6.71 -35.01
N ARG A 525 1.57 -6.43 -36.12
CA ARG A 525 3.00 -6.70 -36.24
C ARG A 525 3.85 -5.55 -35.71
N ILE A 526 3.23 -4.55 -35.09
CA ILE A 526 3.99 -3.49 -34.41
C ILE A 526 4.53 -4.01 -33.09
N ALA A 527 3.99 -5.14 -32.62
CA ALA A 527 4.48 -5.80 -31.41
C ALA A 527 5.88 -6.39 -31.58
N TYR A 528 6.35 -6.52 -32.82
CA TYR A 528 7.70 -7.01 -33.09
C TYR A 528 8.74 -5.91 -33.14
N ILE A 529 8.34 -4.65 -33.32
CA ILE A 529 9.28 -3.53 -33.34
C ILE A 529 9.12 -2.61 -32.16
N LEU A 530 8.04 -2.73 -31.41
CA LEU A 530 7.75 -1.90 -30.25
C LEU A 530 8.58 -2.13 -28.98
N PRO A 531 9.01 -3.35 -28.61
CA PRO A 531 9.86 -3.45 -27.40
C PRO A 531 11.31 -3.04 -27.59
N ALA A 532 11.69 -2.44 -28.72
CA ALA A 532 13.01 -1.86 -28.88
C ALA A 532 13.09 -0.44 -28.38
N ASN A 533 11.97 0.13 -27.93
CA ASN A 533 11.89 1.51 -27.49
C ASN A 533 11.86 1.58 -25.98
N GLU A 534 12.32 2.70 -25.43
CA GLU A 534 12.43 2.88 -23.99
C GLU A 534 11.16 3.37 -23.34
N SER A 535 10.16 3.76 -24.12
CA SER A 535 8.92 4.30 -23.58
C SER A 535 7.67 3.50 -23.96
N PHE A 536 7.73 2.67 -24.99
CA PHE A 536 6.59 1.86 -25.39
C PHE A 536 6.84 0.37 -25.22
N GLY A 537 8.04 -0.03 -24.78
CA GLY A 537 8.31 -1.39 -24.38
C GLY A 537 7.65 -1.81 -23.08
N PRO A 538 7.86 -1.06 -22.00
CA PRO A 538 7.12 -1.36 -20.76
C PRO A 538 5.61 -1.24 -20.88
N LEU A 539 5.10 -0.38 -21.77
CA LEU A 539 3.66 -0.32 -21.98
C LEU A 539 3.16 -1.59 -22.63
N GLN A 540 3.93 -2.17 -23.55
CA GLN A 540 3.54 -3.44 -24.16
C GLN A 540 3.62 -4.58 -23.15
N ILE A 541 4.62 -4.55 -22.26
CA ILE A 541 4.72 -5.57 -21.21
C ILE A 541 3.54 -5.50 -20.25
N SER A 542 3.21 -4.28 -19.77
CA SER A 542 2.10 -4.11 -18.85
C SER A 542 0.75 -4.27 -19.53
N LEU A 543 0.68 -4.15 -20.85
CA LEU A 543 -0.56 -4.43 -21.55
C LEU A 543 -0.73 -5.93 -21.80
N GLY A 544 0.38 -6.65 -21.97
CA GLY A 544 0.29 -8.08 -22.14
C GLY A 544 0.00 -8.80 -20.83
N ARG A 545 0.42 -8.22 -19.71
CA ARG A 545 0.17 -8.91 -18.43
C ARG A 545 -1.26 -8.75 -17.94
N THR A 546 -2.08 -7.91 -18.58
CA THR A 546 -3.48 -7.75 -18.20
C THR A 546 -4.45 -8.37 -19.21
N VAL A 547 -3.98 -9.23 -20.10
CA VAL A 547 -4.87 -10.02 -20.94
C VAL A 547 -4.90 -11.42 -20.36
N LYS A 548 -3.75 -11.84 -19.81
CA LYS A 548 -3.66 -13.08 -19.07
C LYS A 548 -4.38 -13.04 -17.74
N ASP A 549 -4.73 -11.83 -17.25
CA ASP A 549 -5.53 -11.69 -16.05
C ASP A 549 -7.02 -11.63 -16.31
N ILE A 550 -7.44 -11.39 -17.56
CA ILE A 550 -8.87 -11.42 -17.89
C ILE A 550 -9.26 -12.70 -18.61
N PHE A 551 -8.29 -13.48 -19.10
CA PHE A 551 -8.62 -14.78 -19.69
C PHE A 551 -9.18 -15.75 -18.66
N LYS A 552 -8.86 -15.56 -17.38
CA LYS A 552 -9.42 -16.41 -16.34
C LYS A 552 -10.79 -15.94 -15.84
N PHE A 553 -11.14 -14.67 -16.05
CA PHE A 553 -12.47 -14.19 -15.70
C PHE A 553 -13.48 -14.32 -16.84
N MET A 554 -13.01 -14.44 -18.08
CA MET A 554 -13.91 -14.72 -19.20
C MET A 554 -14.61 -16.07 -19.09
N VAL A 555 -14.10 -17.00 -18.30
CA VAL A 555 -14.77 -18.29 -18.11
C VAL A 555 -16.08 -18.12 -17.34
N ILE A 556 -16.02 -17.42 -16.20
CA ILE A 556 -17.24 -17.15 -15.44
C ILE A 556 -18.15 -16.19 -16.20
N PHE A 557 -17.55 -15.29 -16.99
CA PHE A 557 -18.32 -14.41 -17.86
C PHE A 557 -19.15 -15.19 -18.88
N ILE A 558 -18.54 -16.18 -19.54
CA ILE A 558 -19.30 -16.94 -20.52
C ILE A 558 -20.22 -17.96 -19.88
N MET A 559 -19.97 -18.37 -18.62
CA MET A 559 -20.97 -19.18 -17.90
C MET A 559 -22.26 -18.40 -17.68
N VAL A 560 -22.14 -17.17 -17.16
CA VAL A 560 -23.33 -16.33 -16.92
C VAL A 560 -23.99 -15.96 -18.24
N PHE A 561 -23.17 -15.72 -19.28
CA PHE A 561 -23.68 -15.37 -20.61
C PHE A 561 -24.49 -16.51 -21.23
N VAL A 562 -23.95 -17.72 -21.21
CA VAL A 562 -24.62 -18.88 -21.79
C VAL A 562 -25.90 -19.21 -21.01
N ALA A 563 -25.84 -19.06 -19.68
CA ALA A 563 -27.02 -19.26 -18.84
C ALA A 563 -28.18 -18.35 -19.23
N PHE A 564 -27.92 -17.04 -19.27
CA PHE A 564 -29.02 -16.12 -19.58
C PHE A 564 -29.42 -16.16 -21.05
N MET A 565 -28.49 -16.53 -21.95
CA MET A 565 -28.81 -16.68 -23.36
C MET A 565 -29.81 -17.81 -23.60
N ILE A 566 -29.52 -18.98 -23.04
CA ILE A 566 -30.42 -20.12 -23.22
C ILE A 566 -31.73 -19.89 -22.46
N GLY A 567 -31.65 -19.27 -21.27
CA GLY A 567 -32.85 -19.03 -20.49
C GLY A 567 -33.81 -18.03 -21.12
N MET A 568 -33.30 -17.02 -21.82
CA MET A 568 -34.20 -16.08 -22.47
C MET A 568 -34.61 -16.50 -23.87
N PHE A 569 -33.77 -17.30 -24.55
CA PHE A 569 -34.20 -17.91 -25.81
C PHE A 569 -35.34 -18.89 -25.58
N ASN A 570 -35.31 -19.63 -24.46
CA ASN A 570 -36.41 -20.54 -24.15
C ASN A 570 -37.70 -19.81 -23.80
N LEU A 571 -37.60 -18.55 -23.39
CA LEU A 571 -38.78 -17.77 -23.03
C LEU A 571 -39.40 -17.09 -24.25
N TYR A 572 -38.59 -16.42 -25.07
CA TYR A 572 -39.13 -15.65 -26.20
C TYR A 572 -39.07 -16.39 -27.52
N SER A 573 -39.12 -17.73 -27.53
CA SER A 573 -38.97 -18.45 -28.78
C SER A 573 -40.26 -18.50 -29.57
N TYR A 574 -41.39 -18.65 -28.89
CA TYR A 574 -42.68 -18.83 -29.54
C TYR A 574 -43.31 -17.52 -30.00
N TYR A 575 -42.63 -16.39 -29.80
CA TYR A 575 -43.18 -15.08 -30.13
C TYR A 575 -42.35 -14.43 -31.22
N ILE A 576 -42.04 -15.20 -32.27
CA ILE A 576 -41.07 -14.77 -33.27
C ILE A 576 -41.64 -13.65 -34.15
N GLY A 577 -42.93 -13.66 -34.43
CA GLY A 577 -43.50 -12.62 -35.27
C GLY A 577 -44.33 -11.62 -34.49
N ALA A 578 -44.58 -11.91 -33.23
CA ALA A 578 -45.47 -11.11 -32.38
C ALA A 578 -44.68 -10.32 -31.34
N LYS A 579 -43.52 -9.81 -31.72
CA LYS A 579 -42.63 -9.13 -30.80
C LYS A 579 -42.26 -7.77 -31.37
N GLN A 580 -41.84 -6.85 -30.49
CA GLN A 580 -41.56 -5.48 -30.88
C GLN A 580 -40.35 -5.39 -31.81
N ASN A 581 -39.39 -6.29 -31.65
CA ASN A 581 -38.27 -6.41 -32.58
C ASN A 581 -37.88 -7.88 -32.65
N GLU A 582 -36.72 -8.17 -33.23
CA GLU A 582 -36.31 -9.54 -33.52
C GLU A 582 -35.29 -10.07 -32.52
N ALA A 583 -35.37 -9.66 -31.26
CA ALA A 583 -34.44 -10.15 -30.24
C ALA A 583 -34.97 -11.41 -29.59
N PHE A 584 -34.05 -12.21 -29.04
CA PHE A 584 -34.33 -13.37 -28.17
C PHE A 584 -35.19 -14.45 -28.86
N THR A 585 -35.21 -14.47 -30.18
CA THR A 585 -36.04 -15.43 -30.90
C THR A 585 -35.24 -16.51 -31.59
N THR A 586 -34.09 -16.15 -32.17
CA THR A 586 -33.11 -17.06 -32.71
C THR A 586 -31.97 -17.10 -31.69
N VAL A 587 -31.11 -18.13 -31.76
CA VAL A 587 -29.99 -18.21 -30.84
C VAL A 587 -28.96 -17.13 -31.12
N GLU A 588 -28.78 -16.76 -32.39
CA GLU A 588 -27.87 -15.66 -32.70
C GLU A 588 -28.45 -14.30 -32.30
N GLU A 589 -29.78 -14.14 -32.33
CA GLU A 589 -30.39 -12.89 -31.89
C GLU A 589 -30.32 -12.76 -30.38
N SER A 590 -30.54 -13.86 -29.66
CA SER A 590 -30.40 -13.85 -28.21
C SER A 590 -28.94 -13.73 -27.79
N PHE A 591 -28.02 -14.15 -28.66
CA PHE A 591 -26.61 -13.95 -28.39
C PHE A 591 -26.21 -12.49 -28.55
N LYS A 592 -26.63 -11.86 -29.65
CA LYS A 592 -26.19 -10.49 -29.89
C LYS A 592 -26.92 -9.48 -29.01
N THR A 593 -28.16 -9.77 -28.61
CA THR A 593 -28.89 -8.88 -27.70
C THR A 593 -28.25 -8.85 -26.31
N LEU A 594 -27.66 -9.96 -25.88
CA LEU A 594 -26.95 -9.99 -24.61
C LEU A 594 -25.49 -9.59 -24.74
N PHE A 595 -24.91 -9.67 -25.93
CA PHE A 595 -23.54 -9.20 -26.09
C PHE A 595 -23.50 -7.68 -26.16
N TRP A 596 -24.39 -7.06 -26.92
CA TRP A 596 -24.37 -5.61 -27.06
C TRP A 596 -24.98 -4.90 -25.87
N ALA A 597 -25.52 -5.64 -24.89
CA ALA A 597 -26.00 -5.05 -23.65
C ALA A 597 -24.89 -4.82 -22.64
N ILE A 598 -23.69 -5.34 -22.88
CA ILE A 598 -22.54 -5.03 -22.02
C ILE A 598 -22.10 -3.60 -22.25
N PHE A 599 -22.22 -3.10 -23.48
CA PHE A 599 -21.84 -1.74 -23.83
C PHE A 599 -23.03 -0.80 -23.85
N GLY A 600 -24.19 -1.25 -23.39
CA GLY A 600 -25.36 -0.39 -23.29
C GLY A 600 -26.05 -0.10 -24.60
N LEU A 601 -25.78 -0.88 -25.64
CA LEU A 601 -26.32 -0.62 -26.97
C LEU A 601 -27.53 -1.49 -27.29
N SER A 602 -28.20 -2.03 -26.28
CA SER A 602 -29.40 -2.84 -26.47
C SER A 602 -30.53 -2.21 -25.66
N GLU A 603 -31.61 -1.84 -26.34
CA GLU A 603 -32.69 -1.13 -25.69
C GLU A 603 -33.55 -2.06 -24.85
N VAL A 604 -34.43 -1.45 -24.04
CA VAL A 604 -35.35 -2.21 -23.19
C VAL A 604 -36.63 -2.54 -23.94
N LYS A 605 -36.77 -2.08 -25.18
CA LYS A 605 -37.90 -2.47 -26.01
C LYS A 605 -37.72 -3.86 -26.61
N SER A 606 -36.60 -4.53 -26.33
CA SER A 606 -36.35 -5.87 -26.82
C SER A 606 -36.91 -6.96 -25.91
N VAL A 607 -37.65 -6.61 -24.86
CA VAL A 607 -38.32 -7.58 -24.02
C VAL A 607 -39.84 -7.45 -24.06
N VAL A 608 -40.36 -6.64 -24.97
CA VAL A 608 -41.78 -6.29 -25.03
C VAL A 608 -42.42 -7.09 -26.15
N ILE A 609 -43.52 -7.78 -25.83
CA ILE A 609 -44.33 -8.47 -26.82
C ILE A 609 -45.61 -7.69 -27.06
N ASN A 610 -46.25 -7.98 -28.19
CA ASN A 610 -47.43 -7.23 -28.61
C ASN A 610 -48.74 -7.78 -28.05
N TYR A 611 -48.72 -8.94 -27.43
CA TYR A 611 -49.95 -9.57 -26.95
C TYR A 611 -50.27 -9.07 -25.55
N ASN A 612 -51.28 -9.67 -24.92
CA ASN A 612 -51.67 -9.34 -23.55
C ASN A 612 -51.12 -10.35 -22.55
N HIS A 613 -50.04 -11.06 -22.92
CA HIS A 613 -49.38 -11.99 -22.02
C HIS A 613 -48.29 -11.24 -21.25
N LYS A 614 -48.73 -10.48 -20.25
CA LYS A 614 -47.78 -9.69 -19.47
C LYS A 614 -47.01 -10.51 -18.45
N PHE A 615 -47.42 -11.77 -18.23
CA PHE A 615 -46.63 -12.70 -17.42
C PHE A 615 -45.24 -12.91 -18.02
N ILE A 616 -45.20 -13.29 -19.30
CA ILE A 616 -43.95 -13.56 -19.99
C ILE A 616 -43.12 -12.29 -20.16
N GLU A 617 -43.78 -11.15 -20.36
CA GLU A 617 -43.08 -9.87 -20.47
C GLU A 617 -42.45 -9.46 -19.15
N ASN A 618 -43.12 -9.72 -18.03
CA ASN A 618 -42.54 -9.39 -16.74
C ASN A 618 -41.40 -10.34 -16.38
N ILE A 619 -41.51 -11.62 -16.80
CA ILE A 619 -40.39 -12.56 -16.65
C ILE A 619 -39.19 -12.07 -17.44
N GLY A 620 -39.42 -11.56 -18.65
CA GLY A 620 -38.31 -11.06 -19.46
C GLY A 620 -37.67 -9.81 -18.88
N TYR A 621 -38.48 -8.92 -18.32
CA TYR A 621 -37.97 -7.73 -17.64
C TYR A 621 -37.09 -8.10 -16.44
N VAL A 622 -37.56 -9.05 -15.63
CA VAL A 622 -36.82 -9.47 -14.45
C VAL A 622 -35.51 -10.17 -14.84
N LEU A 623 -35.55 -11.02 -15.87
CA LEU A 623 -34.35 -11.74 -16.28
C LEU A 623 -33.32 -10.79 -16.91
N TYR A 624 -33.77 -9.80 -17.66
CA TYR A 624 -32.86 -8.81 -18.22
C TYR A 624 -32.22 -7.92 -17.15
N GLY A 625 -33.00 -7.52 -16.14
CA GLY A 625 -32.43 -6.74 -15.04
C GLY A 625 -31.44 -7.52 -14.21
N VAL A 626 -31.74 -8.80 -13.94
CA VAL A 626 -30.82 -9.65 -13.19
C VAL A 626 -29.54 -9.91 -13.99
N TYR A 627 -29.66 -10.02 -15.32
CA TYR A 627 -28.48 -10.17 -16.18
C TYR A 627 -27.58 -8.95 -16.11
N ASN A 628 -28.18 -7.74 -16.17
CA ASN A 628 -27.37 -6.53 -16.12
C ASN A 628 -26.69 -6.35 -14.77
N VAL A 629 -27.41 -6.64 -13.68
CA VAL A 629 -26.82 -6.52 -12.34
C VAL A 629 -25.69 -7.54 -12.15
N THR A 630 -25.88 -8.76 -12.65
CA THR A 630 -24.86 -9.80 -12.51
C THR A 630 -23.61 -9.48 -13.30
N MET A 631 -23.76 -8.92 -14.51
CA MET A 631 -22.59 -8.54 -15.29
C MET A 631 -21.85 -7.36 -14.68
N VAL A 632 -22.59 -6.42 -14.06
CA VAL A 632 -21.94 -5.31 -13.37
C VAL A 632 -21.13 -5.82 -12.17
N ILE A 633 -21.68 -6.80 -11.44
CA ILE A 633 -20.97 -7.38 -10.30
C ILE A 633 -19.71 -8.12 -10.75
N VAL A 634 -19.81 -8.89 -11.84
CA VAL A 634 -18.67 -9.66 -12.33
C VAL A 634 -17.56 -8.75 -12.85
N LEU A 635 -17.92 -7.69 -13.59
CA LEU A 635 -16.90 -6.77 -14.10
C LEU A 635 -16.27 -5.94 -12.99
N LEU A 636 -17.05 -5.56 -11.96
CA LEU A 636 -16.47 -4.82 -10.84
C LEU A 636 -15.54 -5.69 -10.02
N ASN A 637 -15.89 -6.98 -9.85
CA ASN A 637 -15.00 -7.91 -9.17
C ASN A 637 -13.71 -8.14 -9.95
N MET A 638 -13.82 -8.20 -11.28
CA MET A 638 -12.62 -8.34 -12.12
C MET A 638 -11.71 -7.13 -12.01
N LEU A 639 -12.30 -5.93 -12.03
CA LEU A 639 -11.52 -4.70 -11.92
C LEU A 639 -10.82 -4.60 -10.57
N ILE A 640 -11.52 -4.97 -9.49
CA ILE A 640 -10.92 -4.90 -8.16
C ILE A 640 -9.82 -5.95 -8.00
N ALA A 641 -10.02 -7.14 -8.57
CA ALA A 641 -8.99 -8.18 -8.49
C ALA A 641 -7.75 -7.81 -9.29
N MET A 642 -7.93 -7.14 -10.44
CA MET A 642 -6.78 -6.74 -11.24
C MET A 642 -6.07 -5.52 -10.67
N ILE A 643 -6.80 -4.66 -9.94
CA ILE A 643 -6.15 -3.58 -9.21
C ILE A 643 -5.32 -4.16 -8.06
N ASN A 644 -5.86 -5.19 -7.39
CA ASN A 644 -5.15 -5.79 -6.26
C ASN A 644 -3.94 -6.60 -6.71
N SER A 645 -4.02 -7.26 -7.86
CA SER A 645 -2.87 -8.01 -8.37
C SER A 645 -1.99 -7.15 -9.27
N SER A 646 -1.66 -5.95 -8.78
CA SER A 646 -0.61 -5.11 -9.36
C SER A 646 0.27 -4.49 -8.29
N PHE A 647 -0.15 -4.50 -7.03
CA PHE A 647 0.69 -4.09 -5.92
C PHE A 647 1.45 -5.27 -5.31
N GLN A 648 1.18 -6.48 -5.78
CA GLN A 648 1.97 -7.65 -5.41
C GLN A 648 3.25 -7.76 -6.23
N GLU A 649 3.43 -6.90 -7.23
CA GLU A 649 4.60 -6.90 -8.08
C GLU A 649 5.55 -5.79 -7.63
N ILE A 650 6.84 -6.10 -7.57
CA ILE A 650 7.84 -5.12 -7.19
C ILE A 650 8.03 -4.13 -8.34
N GLU A 651 8.35 -2.88 -8.00
CA GLU A 651 8.50 -1.84 -9.01
C GLU A 651 9.85 -1.91 -9.73
N ASP A 652 10.76 -2.77 -9.29
CA ASP A 652 12.06 -2.92 -9.94
C ASP A 652 12.09 -4.05 -10.96
N ASP A 653 11.15 -4.99 -10.88
CA ASP A 653 11.06 -6.06 -11.88
C ASP A 653 10.39 -5.61 -13.17
N ALA A 654 9.67 -4.48 -13.14
CA ALA A 654 9.03 -3.96 -14.35
C ALA A 654 10.07 -3.43 -15.34
N ASP A 655 11.22 -2.98 -14.85
CA ASP A 655 12.31 -2.62 -15.74
C ASP A 655 13.08 -3.84 -16.21
N VAL A 656 13.21 -4.84 -15.34
CA VAL A 656 14.00 -6.03 -15.64
C VAL A 656 13.30 -6.87 -16.71
N GLU A 657 11.98 -6.97 -16.66
CA GLU A 657 11.24 -7.73 -17.66
C GLU A 657 11.30 -7.06 -19.02
N TRP A 658 11.21 -5.73 -19.06
CA TRP A 658 11.32 -5.01 -20.33
C TRP A 658 12.73 -5.12 -20.90
N LYS A 659 13.75 -5.00 -20.07
CA LYS A 659 15.12 -5.08 -20.59
C LYS A 659 15.47 -6.49 -21.03
N PHE A 660 14.88 -7.50 -20.39
CA PHE A 660 15.05 -8.87 -20.87
C PHE A 660 14.34 -9.09 -22.21
N ALA A 661 13.16 -8.49 -22.39
CA ALA A 661 12.47 -8.59 -23.68
C ALA A 661 13.22 -7.84 -24.77
N ARG A 662 13.82 -6.70 -24.44
CA ARG A 662 14.60 -5.94 -25.41
C ARG A 662 15.87 -6.67 -25.80
N ALA A 663 16.53 -7.33 -24.84
CA ALA A 663 17.72 -8.11 -25.15
C ALA A 663 17.37 -9.36 -25.96
N LYS A 664 16.20 -9.96 -25.70
CA LYS A 664 15.74 -11.06 -26.55
C LYS A 664 15.40 -10.58 -27.95
N LEU A 665 14.97 -9.33 -28.10
CA LEU A 665 14.78 -8.76 -29.44
C LEU A 665 16.12 -8.51 -30.12
N TRP A 666 17.12 -8.06 -29.36
CA TRP A 666 18.45 -7.80 -29.89
C TRP A 666 19.11 -9.08 -30.39
N PHE A 667 18.99 -10.15 -29.60
CA PHE A 667 19.70 -11.39 -29.89
C PHE A 667 19.18 -12.12 -31.13
N SER A 668 17.99 -11.74 -31.62
CA SER A 668 17.47 -12.30 -32.86
C SER A 668 18.06 -11.64 -34.10
N TYR A 669 18.66 -10.46 -33.95
CA TYR A 669 19.33 -9.79 -35.06
C TYR A 669 20.83 -9.99 -35.05
N PHE A 670 21.38 -10.61 -34.01
CA PHE A 670 22.83 -10.85 -33.97
C PHE A 670 23.23 -11.99 -34.89
N GLU A 671 22.29 -12.87 -35.21
CA GLU A 671 22.61 -14.05 -36.01
C GLU A 671 22.88 -13.67 -37.46
N GLU A 672 23.95 -14.23 -38.02
CA GLU A 672 24.25 -14.05 -39.43
C GLU A 672 23.21 -14.79 -40.27
N GLY A 673 22.51 -14.04 -41.12
CA GLY A 673 21.38 -14.61 -41.84
C GLY A 673 20.68 -13.59 -42.71
N ARG A 674 19.36 -13.48 -42.54
CA ARG A 674 18.47 -12.59 -43.32
C ARG A 674 18.69 -11.12 -43.29
N THR A 675 19.38 -10.59 -44.27
CA THR A 675 19.78 -9.18 -44.29
C THR A 675 18.82 -8.33 -45.09
N LEU A 676 18.32 -8.83 -46.21
CA LEU A 676 17.37 -8.11 -47.03
C LEU A 676 15.95 -8.39 -46.56
N PRO A 677 15.11 -7.36 -46.52
CA PRO A 677 13.78 -7.50 -45.91
C PRO A 677 12.78 -8.32 -46.73
N VAL A 678 11.54 -8.32 -46.28
CA VAL A 678 10.52 -9.30 -46.64
C VAL A 678 10.08 -9.31 -48.12
N PRO A 679 10.17 -8.25 -48.96
CA PRO A 679 9.93 -8.51 -50.39
C PRO A 679 11.18 -8.96 -51.15
N PHE A 680 12.37 -8.86 -50.55
CA PHE A 680 13.62 -9.12 -51.25
C PHE A 680 14.25 -10.45 -50.91
N ASN A 681 13.58 -11.30 -50.13
CA ASN A 681 14.13 -12.61 -49.81
C ASN A 681 13.77 -13.66 -50.84
N LEU A 682 13.10 -13.29 -51.92
CA LEU A 682 12.68 -14.22 -52.96
C LEU A 682 13.66 -14.28 -54.12
N VAL A 683 14.65 -13.41 -54.17
CA VAL A 683 15.61 -13.39 -55.27
C VAL A 683 16.93 -14.01 -54.83
N ARG A 769 46.53 -19.32 -15.75
CA ARG A 769 46.38 -18.31 -16.80
C ARG A 769 45.64 -17.09 -16.27
N GLN A 770 45.07 -16.29 -17.18
CA GLN A 770 44.43 -15.05 -16.76
C GLN A 770 43.03 -15.28 -16.22
N TYR A 771 42.32 -16.27 -16.76
CA TYR A 771 40.94 -16.51 -16.33
C TYR A 771 40.88 -17.04 -14.91
N GLN A 772 41.84 -17.89 -14.53
CA GLN A 772 41.87 -18.39 -13.16
C GLN A 772 42.24 -17.30 -12.17
N LYS A 773 43.12 -16.38 -12.57
CA LYS A 773 43.49 -15.26 -11.71
C LYS A 773 42.32 -14.31 -11.50
N ILE A 774 41.58 -14.01 -12.58
CA ILE A 774 40.44 -13.10 -12.49
C ILE A 774 39.32 -13.72 -11.68
N MET A 775 39.05 -15.02 -11.89
CA MET A 775 38.01 -15.70 -11.13
C MET A 775 38.39 -15.85 -9.66
N LYS A 776 39.69 -16.01 -9.36
CA LYS A 776 40.11 -16.10 -7.97
C LYS A 776 39.95 -14.77 -7.25
N ARG A 777 40.30 -13.66 -7.91
CA ARG A 777 40.13 -12.37 -7.26
C ARG A 777 38.65 -11.99 -7.14
N LEU A 778 37.81 -12.45 -8.07
CA LEU A 778 36.38 -12.13 -7.96
C LEU A 778 35.71 -12.98 -6.89
N ILE A 779 36.15 -14.22 -6.70
CA ILE A 779 35.62 -15.05 -5.62
C ILE A 779 36.07 -14.50 -4.27
N LYS A 780 37.30 -13.99 -4.18
CA LYS A 780 37.74 -13.37 -2.92
C LYS A 780 36.96 -12.10 -2.61
N ARG A 781 36.69 -11.27 -3.62
CA ARG A 781 35.82 -10.11 -3.43
C ARG A 781 34.43 -10.50 -2.99
N TYR A 782 33.88 -11.58 -3.55
CA TYR A 782 32.54 -12.01 -3.20
C TYR A 782 32.48 -12.51 -1.75
N VAL A 783 33.50 -13.24 -1.32
CA VAL A 783 33.50 -13.74 0.06
C VAL A 783 33.65 -12.60 1.06
N LEU A 784 34.55 -11.64 0.78
CA LEU A 784 34.73 -10.51 1.70
C LEU A 784 33.51 -9.60 1.74
N GLN A 785 32.90 -9.32 0.58
CA GLN A 785 31.70 -8.50 0.54
C GLN A 785 30.50 -9.20 1.15
N ALA A 786 30.43 -10.54 1.03
CA ALA A 786 29.34 -11.28 1.66
C ALA A 786 29.48 -11.29 3.17
N GLN A 787 30.70 -11.36 3.69
CA GLN A 787 30.88 -11.24 5.14
C GLN A 787 30.59 -9.82 5.63
N ILE A 788 30.90 -8.80 4.82
CA ILE A 788 30.56 -7.43 5.16
C ILE A 788 29.05 -7.23 5.19
N ASP A 789 28.33 -7.81 4.22
CA ASP A 789 26.87 -7.71 4.21
C ASP A 789 26.23 -8.55 5.31
N LYS A 790 26.89 -9.62 5.75
CA LYS A 790 26.39 -10.38 6.90
C LYS A 790 26.61 -9.63 8.20
N GLU A 791 27.64 -8.79 8.25
CA GLU A 791 27.88 -7.96 9.43
C GLU A 791 27.14 -6.63 9.36
N SER A 792 26.06 -6.56 8.60
CA SER A 792 25.20 -5.39 8.55
C SER A 792 23.77 -5.71 8.93
N ASP A 793 23.46 -6.96 9.26
CA ASP A 793 22.14 -7.31 9.77
C ASP A 793 21.99 -6.77 11.18
N GLU A 794 20.74 -6.51 11.57
CA GLU A 794 20.46 -5.99 12.89
C GLU A 794 20.72 -7.05 13.95
N VAL A 795 21.25 -6.61 15.10
CA VAL A 795 21.60 -7.54 16.16
C VAL A 795 20.32 -7.97 16.88
N ASN A 796 20.21 -9.27 17.15
CA ASN A 796 19.05 -9.83 17.80
C ASN A 796 19.36 -10.17 19.26
N GLU A 797 18.40 -10.81 19.91
CA GLU A 797 18.47 -11.06 21.34
C GLU A 797 19.41 -12.21 21.71
N GLY A 798 19.83 -13.02 20.74
CA GLY A 798 20.66 -14.17 21.04
C GLY A 798 22.14 -13.91 20.83
N GLU A 799 22.48 -12.71 20.39
CA GLU A 799 23.88 -12.31 20.26
C GLU A 799 24.36 -11.43 21.40
N LEU A 800 23.44 -10.86 22.17
CA LEU A 800 23.79 -10.13 23.38
C LEU A 800 23.93 -11.05 24.58
N LYS A 801 23.25 -12.20 24.54
CA LYS A 801 23.41 -13.21 25.58
C LYS A 801 24.82 -13.79 25.57
N GLU A 802 25.46 -13.86 24.39
CA GLU A 802 26.84 -14.30 24.31
C GLU A 802 27.79 -13.32 24.99
N ILE A 803 27.53 -12.02 24.85
CA ILE A 803 28.32 -11.00 25.54
C ILE A 803 28.09 -11.07 27.04
N LYS A 804 26.84 -11.34 27.45
CA LYS A 804 26.54 -11.47 28.87
C LYS A 804 27.25 -12.66 29.50
N GLN A 805 27.30 -13.80 28.78
CA GLN A 805 28.02 -14.95 29.30
C GLN A 805 29.52 -14.73 29.28
N ASP A 806 30.02 -13.92 28.34
CA ASP A 806 31.43 -13.53 28.34
C ASP A 806 31.79 -12.75 29.60
N ILE A 807 30.94 -11.78 29.97
CA ILE A 807 31.19 -11.00 31.19
C ILE A 807 31.06 -11.87 32.43
N SER A 808 30.12 -12.82 32.43
CA SER A 808 29.95 -13.72 33.57
C SER A 808 31.17 -14.62 33.79
N SER A 809 31.67 -15.21 32.70
CA SER A 809 32.85 -16.06 32.80
C SER A 809 34.09 -15.26 33.20
N LEU A 810 34.20 -14.03 32.69
CA LEU A 810 35.31 -13.15 33.07
C LEU A 810 35.25 -12.80 34.55
N ARG A 811 34.04 -12.57 35.09
CA ARG A 811 33.88 -12.26 36.50
C ARG A 811 34.31 -13.42 37.38
N TYR A 812 33.86 -14.64 37.05
CA TYR A 812 34.21 -15.82 37.83
C TYR A 812 35.72 -16.08 37.82
N GLU A 813 36.34 -15.95 36.63
CA GLU A 813 37.77 -16.21 36.50
C GLU A 813 38.61 -15.18 37.24
N LEU A 814 38.22 -13.91 37.15
CA LEU A 814 39.00 -12.85 37.80
C LEU A 814 38.85 -12.90 39.32
N LEU A 815 37.65 -13.18 39.83
CA LEU A 815 37.48 -13.25 41.28
C LEU A 815 38.20 -14.44 41.88
N GLU A 816 38.21 -15.58 41.17
CA GLU A 816 38.98 -16.72 41.68
C GLU A 816 40.48 -16.47 41.61
N GLU A 817 40.96 -15.78 40.57
CA GLU A 817 42.39 -15.46 40.49
C GLU A 817 42.82 -14.50 41.59
N LYS A 818 41.95 -13.53 41.93
CA LYS A 818 42.25 -12.60 43.02
C LYS A 818 42.28 -13.32 44.37
N SER A 819 41.31 -14.21 44.62
CA SER A 819 41.29 -14.95 45.88
C SER A 819 42.48 -15.90 46.00
N GLN A 820 42.87 -16.54 44.88
CA GLN A 820 44.00 -17.45 44.89
C GLN A 820 45.32 -16.72 45.12
N ASN A 821 45.48 -15.54 44.51
CA ASN A 821 46.69 -14.74 44.73
C ASN A 821 46.78 -14.25 46.16
N THR A 822 45.65 -13.80 46.74
CA THR A 822 45.65 -13.36 48.13
C THR A 822 45.94 -14.51 49.08
N GLU A 823 45.41 -15.70 48.80
CA GLU A 823 45.66 -16.86 49.66
C GLU A 823 47.11 -17.32 49.58
N ASP A 824 47.70 -17.32 48.38
CA ASP A 824 49.10 -17.72 48.25
C ASP A 824 50.04 -16.73 48.90
N LEU A 825 49.75 -15.42 48.78
CA LEU A 825 50.57 -14.41 49.44
C LEU A 825 50.45 -14.49 50.95
N ALA A 826 49.24 -14.74 51.47
CA ALA A 826 49.06 -14.85 52.91
C ALA A 826 49.74 -16.08 53.47
N GLU A 827 49.71 -17.20 52.73
CA GLU A 827 50.38 -18.41 53.19
C GLU A 827 51.90 -18.27 53.17
N LEU A 828 52.45 -17.68 52.11
CA LEU A 828 53.90 -17.50 52.05
C LEU A 828 54.41 -16.39 52.97
N ILE A 829 53.53 -15.48 53.43
CA ILE A 829 53.96 -14.53 54.45
C ILE A 829 53.84 -15.15 55.85
N ARG A 830 52.83 -15.99 56.08
CA ARG A 830 52.70 -16.66 57.38
C ARG A 830 53.84 -17.66 57.60
N GLU A 831 54.25 -18.38 56.54
CA GLU A 831 55.32 -19.35 56.67
C GLU A 831 56.70 -18.73 56.85
N LEU A 832 56.83 -17.40 56.72
CA LEU A 832 58.06 -16.71 57.05
C LEU A 832 57.90 -15.85 58.30
N GLY A 833 56.66 -15.51 58.69
CA GLY A 833 56.39 -14.90 59.97
C GLY A 833 56.33 -15.87 61.12
N GLU A 834 56.33 -17.17 60.83
CA GLU A 834 56.55 -18.19 61.85
C GLU A 834 58.04 -18.47 62.08
N LYS A 835 58.93 -17.62 61.58
CA LYS A 835 60.37 -17.76 61.78
C LYS A 835 60.97 -16.52 62.44
N LEU A 836 60.15 -15.62 62.97
CA LEU A 836 60.64 -14.43 63.64
C LEU A 836 60.09 -14.35 65.06
N ALA B 1 37.77 -31.96 -6.72
CA ALA B 1 38.24 -31.65 -5.38
C ALA B 1 38.94 -30.30 -5.35
N TYR B 2 38.29 -29.28 -5.90
CA TYR B 2 38.83 -27.93 -5.88
C TYR B 2 38.35 -27.18 -4.64
N MET B 3 39.19 -26.26 -4.18
CA MET B 3 38.84 -25.34 -3.11
C MET B 3 39.39 -23.96 -3.44
N PHE B 4 38.72 -22.94 -2.93
CA PHE B 4 39.28 -21.59 -2.94
C PHE B 4 40.28 -21.50 -1.80
N SER B 5 41.57 -21.57 -2.11
CA SER B 5 42.63 -21.39 -1.14
C SER B 5 43.41 -20.14 -1.53
N ASP B 6 43.43 -19.16 -0.63
CA ASP B 6 44.10 -17.89 -0.93
C ASP B 6 45.58 -17.90 -0.59
N ARG B 7 46.11 -19.02 -0.10
CA ARG B 7 47.55 -19.14 0.10
C ARG B 7 48.09 -20.43 -0.50
N SER B 8 47.25 -21.48 -0.51
CA SER B 8 47.53 -22.79 -1.13
C SER B 8 48.78 -23.43 -0.53
N THR B 9 48.84 -23.46 0.79
CA THR B 9 49.94 -24.05 1.54
C THR B 9 49.42 -24.40 2.93
N SER B 10 50.33 -24.71 3.85
CA SER B 10 49.99 -25.00 5.23
C SER B 10 50.74 -24.08 6.16
N LEU B 11 50.06 -23.60 7.20
CA LEU B 11 50.67 -22.71 8.16
C LEU B 11 51.55 -23.48 9.13
N SER B 12 52.56 -22.80 9.66
CA SER B 12 53.40 -23.37 10.70
C SER B 12 52.63 -23.43 12.02
N ILE B 13 53.19 -24.16 12.98
CA ILE B 13 52.54 -24.26 14.28
C ILE B 13 52.91 -23.06 15.15
N GLU B 14 53.95 -22.32 14.75
CA GLU B 14 54.33 -21.09 15.41
C GLU B 14 53.89 -19.85 14.63
N GLU B 15 53.10 -20.03 13.58
CA GLU B 15 52.48 -18.91 12.87
C GLU B 15 50.97 -18.87 13.02
N GLU B 16 50.32 -20.02 13.18
CA GLU B 16 48.92 -20.03 13.54
C GLU B 16 48.68 -19.46 14.93
N ARG B 17 49.65 -19.64 15.84
CA ARG B 17 49.57 -19.01 17.16
C ARG B 17 49.67 -17.50 17.05
N PHE B 18 50.56 -17.00 16.19
CA PHE B 18 50.72 -15.56 16.02
C PHE B 18 49.50 -14.95 15.37
N LEU B 19 48.91 -15.64 14.40
CA LEU B 19 47.70 -15.12 13.76
C LEU B 19 46.49 -15.18 14.68
N ASP B 20 46.37 -16.23 15.52
CA ASP B 20 45.28 -16.27 16.49
C ASP B 20 45.44 -15.21 17.57
N ALA B 21 46.68 -14.95 17.99
CA ALA B 21 46.94 -13.92 18.99
C ALA B 21 46.68 -12.53 18.43
N ALA B 22 47.02 -12.32 17.16
CA ALA B 22 46.77 -11.01 16.55
C ALA B 22 45.28 -10.80 16.29
N GLU B 23 44.56 -11.87 15.95
CA GLU B 23 43.14 -11.72 15.65
C GLU B 23 42.30 -11.57 16.91
N TYR B 24 42.54 -12.40 17.93
CA TYR B 24 41.65 -12.48 19.08
C TYR B 24 42.11 -11.65 20.27
N GLY B 25 43.18 -10.87 20.11
CA GLY B 25 43.51 -9.84 21.08
C GLY B 25 44.54 -10.21 22.12
N ASN B 26 45.29 -11.28 21.93
CA ASN B 26 46.25 -11.76 22.93
C ASN B 26 47.51 -10.91 22.84
N ILE B 27 47.50 -9.78 23.53
CA ILE B 27 48.60 -8.81 23.53
C ILE B 27 49.89 -9.35 24.15
N PRO B 28 49.90 -10.09 25.29
CA PRO B 28 51.20 -10.58 25.79
C PRO B 28 51.85 -11.63 24.92
N VAL B 29 51.06 -12.48 24.27
CA VAL B 29 51.63 -13.47 23.34
C VAL B 29 52.23 -12.77 22.12
N VAL B 30 51.63 -11.68 21.67
CA VAL B 30 52.21 -10.92 20.57
C VAL B 30 53.49 -10.22 21.00
N ARG B 31 53.50 -9.66 22.23
CA ARG B 31 54.73 -9.07 22.78
C ARG B 31 55.85 -10.09 22.93
N LYS B 32 55.50 -11.33 23.28
CA LYS B 32 56.52 -12.36 23.47
C LYS B 32 57.04 -12.88 22.13
N MET B 33 56.14 -13.16 21.18
CA MET B 33 56.54 -13.69 19.89
C MET B 33 57.15 -12.65 18.98
N LEU B 34 56.95 -11.36 19.27
CA LEU B 34 57.48 -10.31 18.43
C LEU B 34 58.87 -9.86 18.88
N GLU B 35 59.37 -10.41 19.97
CA GLU B 35 60.71 -10.11 20.48
C GLU B 35 61.56 -11.35 20.69
N GLU B 36 60.97 -12.46 21.13
CA GLU B 36 61.70 -13.68 21.43
C GLU B 36 61.55 -14.74 20.35
N CYS B 37 61.28 -14.33 19.11
CA CYS B 37 61.20 -15.25 17.99
C CYS B 37 61.81 -14.57 16.78
N HIS B 38 63.03 -14.99 16.42
CA HIS B 38 63.74 -14.39 15.30
C HIS B 38 63.48 -15.11 13.98
N SER B 39 62.95 -16.32 14.02
CA SER B 39 62.60 -17.07 12.82
C SER B 39 61.14 -16.86 12.43
N LEU B 40 60.50 -15.82 12.93
CA LEU B 40 59.11 -15.57 12.60
C LEU B 40 58.97 -14.61 11.46
N ASN B 41 57.98 -14.85 10.62
CA ASN B 41 57.66 -14.02 9.48
C ASN B 41 56.48 -13.22 9.94
N VAL B 42 56.55 -11.91 9.98
CA VAL B 42 55.40 -11.17 10.45
C VAL B 42 54.38 -10.96 9.35
N ASN B 43 54.72 -11.34 8.13
CA ASN B 43 53.84 -11.18 6.99
C ASN B 43 53.19 -12.48 6.57
N CYS B 44 53.06 -13.45 7.47
CA CYS B 44 52.35 -14.68 7.17
C CYS B 44 50.86 -14.41 7.06
N VAL B 45 50.18 -15.16 6.19
CA VAL B 45 48.77 -14.93 5.91
C VAL B 45 47.96 -16.15 6.31
N ASP B 46 46.68 -15.92 6.56
CA ASP B 46 45.73 -16.96 6.92
C ASP B 46 45.06 -17.49 5.65
N TYR B 47 43.95 -18.23 5.82
CA TYR B 47 43.23 -18.86 4.71
C TYR B 47 42.63 -17.87 3.73
N MET B 48 42.45 -16.61 4.12
CA MET B 48 41.87 -15.59 3.25
C MET B 48 42.92 -14.60 2.75
N GLY B 49 44.13 -14.64 3.30
CA GLY B 49 45.20 -13.79 2.82
C GLY B 49 45.50 -12.56 3.65
N GLN B 50 45.06 -12.51 4.91
CA GLN B 50 45.23 -11.36 5.77
C GLN B 50 46.35 -11.64 6.76
N ASN B 51 47.32 -10.73 6.84
CA ASN B 51 48.39 -10.87 7.81
C ASN B 51 47.95 -10.31 9.16
N ALA B 52 48.89 -10.13 10.07
CA ALA B 52 48.53 -9.77 11.45
C ALA B 52 48.04 -8.33 11.56
N LEU B 53 48.52 -7.43 10.72
CA LEU B 53 48.06 -6.05 10.75
C LEU B 53 46.64 -5.93 10.24
N GLN B 54 46.30 -6.64 9.17
CA GLN B 54 44.96 -6.61 8.64
C GLN B 54 43.98 -7.44 9.45
N LEU B 55 44.45 -8.24 10.40
CA LEU B 55 43.60 -8.90 11.36
C LEU B 55 43.45 -8.14 12.66
N ALA B 56 44.43 -7.30 13.02
CA ALA B 56 44.31 -6.44 14.19
C ALA B 56 43.58 -5.14 13.90
N VAL B 57 43.61 -4.66 12.65
CA VAL B 57 42.87 -3.45 12.31
C VAL B 57 41.40 -3.76 12.09
N ALA B 58 41.08 -4.93 11.53
CA ALA B 58 39.70 -5.33 11.28
C ALA B 58 38.94 -5.71 12.55
N ASN B 59 39.63 -5.90 13.66
CA ASN B 59 38.99 -6.27 14.92
C ASN B 59 39.06 -5.19 15.98
N GLU B 60 39.64 -4.03 15.65
CA GLU B 60 39.86 -2.88 16.53
C GLU B 60 40.71 -3.30 17.74
N HIS B 61 41.96 -3.64 17.44
CA HIS B 61 42.96 -3.93 18.45
C HIS B 61 44.02 -2.84 18.32
N LEU B 62 43.86 -1.77 19.09
CA LEU B 62 44.75 -0.62 18.97
C LEU B 62 46.13 -0.91 19.54
N GLU B 63 46.20 -1.74 20.59
CA GLU B 63 47.47 -2.02 21.24
C GLU B 63 48.32 -2.95 20.37
N ILE B 64 47.69 -3.94 19.74
CA ILE B 64 48.41 -4.82 18.82
C ILE B 64 48.84 -4.07 17.57
N THR B 65 48.03 -3.11 17.13
CA THR B 65 48.37 -2.29 15.98
C THR B 65 49.58 -1.39 16.28
N GLU B 66 49.57 -0.72 17.44
CA GLU B 66 50.70 0.10 17.85
C GLU B 66 51.93 -0.72 18.17
N LEU B 67 51.75 -2.00 18.50
CA LEU B 67 52.87 -2.92 18.73
C LEU B 67 53.46 -3.43 17.44
N LEU B 68 52.64 -3.63 16.41
CA LEU B 68 53.12 -4.15 15.14
C LEU B 68 53.69 -3.06 14.25
N LEU B 69 53.21 -1.82 14.39
CA LEU B 69 53.66 -0.75 13.52
C LEU B 69 55.09 -0.27 13.81
N LYS B 70 55.71 -0.76 14.87
CA LYS B 70 57.09 -0.43 15.20
C LYS B 70 58.08 -1.47 14.68
N LYS B 71 57.74 -2.13 13.56
CA LYS B 71 58.52 -3.26 13.08
C LYS B 71 59.44 -2.92 11.91
N GLU B 72 59.05 -1.95 11.08
CA GLU B 72 59.76 -1.51 9.87
C GLU B 72 59.97 -2.62 8.85
N ASN B 73 59.13 -3.66 8.89
CA ASN B 73 59.19 -4.76 7.94
C ASN B 73 57.79 -5.14 7.47
N LEU B 74 56.75 -4.47 7.97
CA LEU B 74 55.38 -4.82 7.62
C LEU B 74 55.05 -4.48 6.18
N SER B 75 54.24 -5.32 5.58
CA SER B 75 53.55 -5.00 4.34
C SER B 75 52.09 -4.75 4.64
N ARG B 76 51.40 -4.16 3.65
CA ARG B 76 49.97 -3.81 3.71
C ARG B 76 49.69 -2.85 4.86
N VAL B 77 50.30 -1.68 4.78
CA VAL B 77 50.02 -0.58 5.69
C VAL B 77 49.01 0.39 5.10
N GLY B 78 49.08 0.63 3.79
CA GLY B 78 48.08 1.46 3.13
C GLY B 78 46.73 0.80 3.09
N ASP B 79 46.69 -0.52 2.94
CA ASP B 79 45.41 -1.23 3.01
C ASP B 79 44.85 -1.25 4.42
N ALA B 80 45.72 -1.33 5.42
CA ALA B 80 45.25 -1.23 6.81
C ALA B 80 44.69 0.15 7.10
N LEU B 81 45.30 1.19 6.51
CA LEU B 81 44.76 2.54 6.64
C LEU B 81 43.40 2.66 5.96
N LEU B 82 43.26 2.08 4.77
CA LEU B 82 41.98 2.14 4.06
C LEU B 82 40.90 1.33 4.77
N LEU B 83 41.27 0.21 5.38
CA LEU B 83 40.31 -0.60 6.12
C LEU B 83 39.87 0.09 7.41
N ALA B 84 40.79 0.77 8.09
CA ALA B 84 40.43 1.49 9.29
C ALA B 84 39.59 2.74 8.98
N ILE B 85 39.83 3.36 7.82
CA ILE B 85 38.99 4.48 7.38
C ILE B 85 37.60 3.96 7.00
N SER B 86 37.54 2.79 6.38
CA SER B 86 36.27 2.19 5.97
C SER B 86 35.42 1.81 7.17
N LYS B 87 36.04 1.27 8.21
CA LYS B 87 35.29 0.82 9.39
C LYS B 87 35.03 1.95 10.38
N GLY B 88 35.78 3.04 10.31
CA GLY B 88 35.52 4.18 11.17
C GLY B 88 36.29 4.22 12.46
N TYR B 89 37.45 3.58 12.54
CA TYR B 89 38.24 3.50 13.77
C TYR B 89 39.19 4.69 13.79
N VAL B 90 38.89 5.68 14.64
CA VAL B 90 39.62 6.95 14.58
C VAL B 90 40.99 6.82 15.23
N ARG B 91 41.09 6.04 16.31
CA ARG B 91 42.36 5.89 17.00
C ARG B 91 43.34 5.05 16.17
N ILE B 92 42.83 4.04 15.46
CA ILE B 92 43.67 3.23 14.60
C ILE B 92 44.14 4.03 13.39
N VAL B 93 43.30 4.93 12.88
CA VAL B 93 43.70 5.81 11.78
C VAL B 93 44.78 6.79 12.26
N GLU B 94 44.59 7.36 13.45
CA GLU B 94 45.58 8.30 13.98
C GLU B 94 46.86 7.60 14.43
N ALA B 95 46.84 6.29 14.64
CA ALA B 95 48.06 5.54 14.91
C ALA B 95 48.76 5.08 13.64
N ILE B 96 48.02 4.81 12.58
CA ILE B 96 48.62 4.40 11.31
C ILE B 96 49.19 5.62 10.58
N LEU B 97 48.55 6.79 10.71
CA LEU B 97 49.05 8.00 10.06
C LEU B 97 50.32 8.56 10.68
N SER B 98 50.85 7.97 11.75
CA SER B 98 52.13 8.36 12.31
C SER B 98 53.26 7.42 11.89
N HIS B 99 52.94 6.39 11.11
CA HIS B 99 53.97 5.55 10.50
C HIS B 99 54.77 6.38 9.51
N PRO B 100 56.09 6.12 9.36
CA PRO B 100 56.89 6.95 8.45
C PRO B 100 56.75 6.62 6.96
N ALA B 101 55.50 6.46 6.50
CA ALA B 101 55.18 6.45 5.08
C ALA B 101 54.18 7.52 4.71
N PHE B 102 53.52 8.12 5.69
CA PHE B 102 52.62 9.24 5.53
C PHE B 102 53.18 10.48 6.23
N ALA B 103 54.47 10.74 6.03
CA ALA B 103 55.20 11.69 6.86
C ALA B 103 54.75 13.13 6.63
N GLU B 104 54.81 13.59 5.38
CA GLU B 104 54.36 14.94 5.03
C GLU B 104 53.03 14.92 4.30
N GLY B 105 52.17 13.98 4.63
CA GLY B 105 50.93 13.81 3.88
C GLY B 105 51.15 13.33 2.46
N LYS B 106 51.99 12.31 2.28
CA LYS B 106 52.51 12.00 0.95
C LYS B 106 51.51 11.19 0.12
N ARG B 107 50.86 10.20 0.74
CA ARG B 107 50.04 9.25 0.00
C ARG B 107 48.55 9.45 0.23
N LEU B 108 48.15 10.63 0.72
CA LEU B 108 46.77 10.83 1.13
C LEU B 108 45.87 11.37 0.03
N ALA B 109 46.41 11.68 -1.15
CA ALA B 109 45.61 12.21 -2.24
C ALA B 109 46.26 11.89 -3.57
N THR B 110 45.43 11.79 -4.61
CA THR B 110 45.77 11.43 -6.00
C THR B 110 46.73 10.23 -6.13
N GLN B 119 50.08 1.75 -9.83
CA GLN B 119 51.18 2.63 -10.19
C GLN B 119 52.34 2.47 -9.21
N ASP B 120 52.00 2.18 -7.95
CA ASP B 120 53.00 2.00 -6.91
C ASP B 120 52.81 0.75 -6.07
N ASP B 121 51.62 0.13 -6.09
CA ASP B 121 51.26 -1.05 -5.29
C ASP B 121 51.45 -0.80 -3.79
N PHE B 122 51.08 0.39 -3.34
CA PHE B 122 51.12 0.71 -1.92
C PHE B 122 49.85 0.27 -1.22
N TYR B 123 48.70 0.41 -1.88
CA TYR B 123 47.41 0.08 -1.31
C TYR B 123 46.93 -1.32 -1.70
N ALA B 124 47.82 -2.17 -2.21
CA ALA B 124 47.45 -3.54 -2.52
C ALA B 124 47.29 -4.35 -1.24
N TYR B 125 46.56 -5.45 -1.35
CA TYR B 125 46.28 -6.27 -0.17
C TYR B 125 46.40 -7.77 -0.44
N ASP B 126 46.71 -8.15 -1.67
CA ASP B 126 46.70 -9.55 -2.03
C ASP B 126 47.89 -10.00 -2.85
N GLU B 127 48.75 -9.08 -3.30
CA GLU B 127 49.72 -9.15 -4.40
C GLU B 127 49.04 -9.31 -5.76
N ASP B 128 47.71 -9.27 -5.83
CA ASP B 128 46.96 -9.17 -7.09
C ASP B 128 45.67 -8.45 -6.74
N GLY B 129 45.64 -7.14 -6.96
CA GLY B 129 44.45 -6.35 -6.73
C GLY B 129 44.49 -5.59 -5.42
N THR B 130 43.53 -4.67 -5.29
CA THR B 130 43.35 -3.85 -4.10
C THR B 130 41.96 -4.12 -3.51
N ARG B 131 41.77 -3.68 -2.27
CA ARG B 131 40.51 -3.94 -1.58
C ARG B 131 39.38 -3.08 -2.14
N PHE B 132 39.63 -1.80 -2.37
CA PHE B 132 38.71 -0.93 -3.08
C PHE B 132 39.34 -0.63 -4.43
N SER B 133 38.61 0.08 -5.28
CA SER B 133 39.10 0.35 -6.63
C SER B 133 40.30 1.28 -6.59
N HIS B 134 41.13 1.21 -7.64
CA HIS B 134 42.46 1.81 -7.65
C HIS B 134 42.45 3.34 -7.58
N ASP B 135 41.32 3.96 -7.90
CA ASP B 135 41.18 5.40 -7.80
C ASP B 135 41.03 5.88 -6.37
N VAL B 136 40.54 5.02 -5.48
CA VAL B 136 40.06 5.44 -4.16
C VAL B 136 41.27 5.77 -3.29
N THR B 137 41.40 7.05 -2.95
CA THR B 137 42.41 7.60 -2.06
C THR B 137 41.82 7.57 -0.66
N PRO B 138 42.59 7.84 0.41
CA PRO B 138 41.98 7.92 1.74
C PRO B 138 40.95 9.02 1.91
N ILE B 139 41.07 10.14 1.20
CA ILE B 139 40.12 11.23 1.41
C ILE B 139 38.79 10.94 0.73
N ILE B 140 38.83 10.26 -0.43
CA ILE B 140 37.60 9.87 -1.12
C ILE B 140 36.85 8.81 -0.31
N LEU B 141 37.59 7.87 0.28
CA LEU B 141 36.97 6.85 1.12
C LEU B 141 36.45 7.42 2.43
N ALA B 142 37.15 8.40 3.01
CA ALA B 142 36.66 9.03 4.22
C ALA B 142 35.46 9.93 3.96
N ALA B 143 35.31 10.44 2.74
CA ALA B 143 34.12 11.21 2.39
C ALA B 143 32.96 10.35 1.96
N HIS B 144 33.22 9.15 1.43
CA HIS B 144 32.12 8.22 1.11
C HIS B 144 31.43 7.72 2.36
N CYS B 145 32.20 7.42 3.41
CA CYS B 145 31.69 6.78 4.61
C CYS B 145 31.20 7.77 5.66
N GLN B 146 31.19 9.07 5.35
CA GLN B 146 30.64 10.15 6.18
C GLN B 146 31.35 10.25 7.53
N GLU B 147 32.68 10.12 7.52
CA GLU B 147 33.48 10.18 8.73
C GLU B 147 33.99 11.60 8.90
N TYR B 148 33.36 12.37 9.78
CA TYR B 148 33.68 13.80 9.89
C TYR B 148 35.04 14.02 10.53
N GLU B 149 35.41 13.21 11.52
CA GLU B 149 36.69 13.38 12.19
C GLU B 149 37.85 12.94 11.31
N ILE B 150 37.67 11.86 10.54
CA ILE B 150 38.73 11.41 9.64
C ILE B 150 38.87 12.37 8.47
N VAL B 151 37.76 12.95 8.00
CA VAL B 151 37.84 13.96 6.94
C VAL B 151 38.54 15.21 7.44
N HIS B 152 38.27 15.61 8.69
CA HIS B 152 38.96 16.78 9.26
C HIS B 152 40.44 16.51 9.45
N THR B 153 40.80 15.29 9.88
CA THR B 153 42.20 14.91 10.07
C THR B 153 42.95 14.86 8.75
N LEU B 154 42.33 14.32 7.70
CA LEU B 154 43.00 14.25 6.40
C LEU B 154 43.02 15.60 5.68
N LEU B 155 42.04 16.47 5.95
CA LEU B 155 42.10 17.82 5.40
C LEU B 155 43.14 18.66 6.10
N ARG B 156 43.41 18.36 7.37
CA ARG B 156 44.46 19.05 8.11
C ARG B 156 45.87 18.72 7.62
N LYS B 157 46.03 17.62 6.89
CA LYS B 157 47.32 17.25 6.31
C LYS B 157 47.42 17.58 4.83
N GLY B 158 46.50 18.38 4.30
CA GLY B 158 46.56 18.83 2.94
C GLY B 158 46.19 17.76 1.92
N ALA B 159 45.02 17.15 2.07
CA ALA B 159 44.52 16.16 1.13
C ALA B 159 43.15 16.60 0.64
N ARG B 160 43.04 16.80 -0.68
CA ARG B 160 41.80 17.25 -1.28
C ARG B 160 41.36 16.24 -2.33
N ILE B 161 40.09 16.34 -2.72
CA ILE B 161 39.54 15.55 -3.82
C ILE B 161 39.63 16.38 -5.09
N GLU B 162 40.36 15.87 -6.08
CA GLU B 162 40.53 16.58 -7.34
C GLU B 162 39.27 16.47 -8.17
N ARG B 163 38.73 17.61 -8.59
CA ARG B 163 37.53 17.63 -9.39
C ARG B 163 37.81 17.06 -10.77
N PRO B 164 36.97 16.16 -11.29
CA PRO B 164 37.22 15.58 -12.62
C PRO B 164 37.08 16.59 -13.75
N HIS B 165 37.58 16.24 -14.93
CA HIS B 165 37.57 17.13 -16.07
C HIS B 165 36.19 17.11 -16.71
N ASP B 166 36.03 17.79 -17.85
CA ASP B 166 34.77 17.75 -18.58
C ASP B 166 34.59 16.40 -19.24
N TYR B 167 33.34 16.08 -19.58
CA TYR B 167 33.03 14.81 -20.20
C TYR B 167 33.58 14.71 -21.62
N PHE B 168 33.73 15.85 -22.31
CA PHE B 168 34.24 15.89 -23.67
C PHE B 168 35.67 16.44 -23.72
N CYS B 169 36.43 16.33 -22.65
CA CYS B 169 37.78 16.85 -22.63
C CYS B 169 38.71 15.93 -23.41
N LYS B 170 39.81 16.51 -23.91
CA LYS B 170 40.76 15.78 -24.74
C LYS B 170 42.19 16.03 -24.29
N CYS B 171 42.44 16.00 -22.99
CA CYS B 171 43.79 16.15 -22.47
C CYS B 171 44.62 14.92 -22.79
N ASN B 172 45.94 15.04 -22.69
CA ASN B 172 46.80 13.87 -22.89
C ASN B 172 47.05 13.10 -21.60
N ASP B 173 46.01 12.96 -20.79
CA ASP B 173 45.81 11.88 -19.82
C ASP B 173 44.38 11.41 -19.81
N CYS B 174 43.43 12.22 -20.29
CA CYS B 174 42.02 11.86 -20.38
C CYS B 174 41.75 10.90 -21.52
N ASN B 175 42.63 10.87 -22.52
CA ASN B 175 42.50 9.97 -23.66
C ASN B 175 43.26 8.67 -23.43
N GLN B 176 44.37 8.72 -22.69
CA GLN B 176 45.10 7.50 -22.34
C GLN B 176 44.29 6.63 -21.39
N LYS B 177 43.55 7.26 -20.47
CA LYS B 177 42.66 6.51 -19.58
C LYS B 177 41.52 5.87 -20.34
N GLN B 178 40.92 6.61 -21.27
CA GLN B 178 39.78 6.10 -22.05
C GLN B 178 40.22 5.09 -23.10
N LYS B 179 41.50 5.08 -23.49
CA LYS B 179 42.03 4.05 -24.38
C LYS B 179 42.45 2.80 -23.61
N HIS B 180 42.96 2.96 -22.39
CA HIS B 180 43.31 1.80 -21.58
C HIS B 180 42.06 1.05 -21.14
N ASP B 181 41.11 1.76 -20.51
CA ASP B 181 39.88 1.14 -20.02
C ASP B 181 38.82 2.21 -19.89
N SER B 182 37.74 2.10 -20.65
CA SER B 182 36.65 3.07 -20.61
C SER B 182 35.56 2.68 -19.62
N PHE B 183 35.76 1.61 -18.85
CA PHE B 183 34.85 1.21 -17.78
C PHE B 183 35.32 1.80 -16.45
N SER B 184 36.59 1.56 -16.11
CA SER B 184 37.16 2.08 -14.87
C SER B 184 37.33 3.59 -14.91
N HIS B 185 37.37 4.20 -16.10
CA HIS B 185 37.42 5.66 -16.19
C HIS B 185 36.11 6.28 -15.74
N SER B 186 34.98 5.75 -16.23
CA SER B 186 33.68 6.24 -15.81
C SER B 186 33.41 5.93 -14.35
N ARG B 187 33.87 4.76 -13.89
CA ARG B 187 33.72 4.42 -12.47
C ARG B 187 34.56 5.33 -11.59
N SER B 188 35.74 5.74 -12.07
CA SER B 188 36.57 6.65 -11.29
C SER B 188 36.00 8.06 -11.24
N ARG B 189 35.42 8.50 -12.36
CA ARG B 189 34.73 9.79 -12.39
C ARG B 189 33.55 9.82 -11.44
N ILE B 190 32.78 8.73 -11.39
CA ILE B 190 31.63 8.72 -10.49
C ILE B 190 32.04 8.54 -9.04
N ASN B 191 33.19 7.90 -8.76
CA ASN B 191 33.66 7.82 -7.38
C ASN B 191 34.17 9.18 -6.90
N ALA B 192 34.84 9.93 -7.77
CA ALA B 192 35.29 11.27 -7.41
C ALA B 192 34.11 12.20 -7.18
N TYR B 193 33.05 12.09 -7.99
CA TYR B 193 31.88 12.93 -7.75
C TYR B 193 31.10 12.50 -6.51
N LYS B 194 31.09 11.19 -6.22
CA LYS B 194 30.47 10.71 -4.98
C LYS B 194 31.23 11.16 -3.75
N GLY B 195 32.54 11.35 -3.86
CA GLY B 195 33.31 11.92 -2.76
C GLY B 195 33.13 13.42 -2.64
N LEU B 196 33.00 14.10 -3.78
CA LEU B 196 32.83 15.55 -3.76
C LEU B 196 31.44 15.96 -3.28
N ALA B 197 30.44 15.11 -3.49
CA ALA B 197 29.04 15.45 -3.23
C ALA B 197 28.55 14.94 -1.89
N SER B 198 29.39 14.91 -0.87
CA SER B 198 29.00 14.39 0.43
C SER B 198 29.02 15.51 1.47
N PRO B 199 28.16 15.44 2.49
CA PRO B 199 28.11 16.53 3.48
C PRO B 199 29.36 16.63 4.34
N ALA B 200 30.06 15.51 4.57
CA ALA B 200 31.28 15.52 5.36
C ALA B 200 32.39 16.32 4.68
N TYR B 201 32.42 16.33 3.35
CA TYR B 201 33.38 17.10 2.59
C TYR B 201 32.87 18.50 2.26
N LEU B 202 31.57 18.63 1.99
CA LEU B 202 30.98 19.92 1.65
C LEU B 202 31.01 20.88 2.84
N SER B 203 30.79 20.37 4.05
CA SER B 203 30.73 21.25 5.21
C SER B 203 32.10 21.62 5.76
N LEU B 204 33.12 20.78 5.56
CA LEU B 204 34.43 21.04 6.12
C LEU B 204 35.45 21.54 5.12
N SER B 205 35.23 21.37 3.82
CA SER B 205 36.26 21.65 2.84
C SER B 205 36.23 23.06 2.28
N SER B 206 35.09 23.75 2.37
CA SER B 206 34.89 25.00 1.67
C SER B 206 34.50 26.10 2.64
N GLU B 207 34.54 27.34 2.15
CA GLU B 207 34.24 28.52 2.96
C GLU B 207 32.76 28.86 2.96
N ASP B 208 32.12 28.81 1.79
CA ASP B 208 30.68 28.98 1.67
C ASP B 208 30.10 27.69 1.10
N PRO B 209 29.59 26.80 1.94
CA PRO B 209 29.12 25.49 1.43
C PRO B 209 27.78 25.54 0.72
N VAL B 210 26.98 26.58 0.91
CA VAL B 210 25.69 26.67 0.23
C VAL B 210 25.88 26.95 -1.26
N MET B 211 26.78 27.88 -1.59
CA MET B 211 27.08 28.20 -2.99
C MET B 211 27.73 27.02 -3.69
N THR B 212 28.67 26.35 -3.01
CA THR B 212 29.34 25.18 -3.55
C THR B 212 28.36 24.04 -3.78
N ALA B 213 27.43 23.84 -2.85
CA ALA B 213 26.46 22.76 -3.00
C ALA B 213 25.44 23.04 -4.10
N LEU B 214 25.06 24.31 -4.28
CA LEU B 214 24.14 24.65 -5.36
C LEU B 214 24.79 24.47 -6.73
N GLU B 215 26.04 24.94 -6.88
CA GLU B 215 26.74 24.75 -8.15
C GLU B 215 27.03 23.28 -8.43
N LEU B 216 27.32 22.50 -7.39
CA LEU B 216 27.59 21.07 -7.59
C LEU B 216 26.32 20.31 -7.94
N SER B 217 25.18 20.71 -7.37
CA SER B 217 23.92 20.07 -7.74
C SER B 217 23.53 20.38 -9.17
N ASN B 218 23.79 21.62 -9.63
CA ASN B 218 23.57 21.95 -11.03
C ASN B 218 24.51 21.17 -11.96
N GLU B 219 25.77 21.02 -11.58
CA GLU B 219 26.74 20.30 -12.39
C GLU B 219 26.38 18.82 -12.52
N LEU B 220 25.95 18.20 -11.41
CA LEU B 220 25.55 16.80 -11.47
C LEU B 220 24.24 16.61 -12.22
N ALA B 221 23.33 17.59 -12.14
CA ALA B 221 22.10 17.49 -12.92
C ALA B 221 22.35 17.69 -14.41
N VAL B 222 23.39 18.44 -14.77
CA VAL B 222 23.79 18.55 -16.17
C VAL B 222 24.43 17.25 -16.66
N LEU B 223 25.33 16.67 -15.85
CA LEU B 223 25.99 15.43 -16.24
C LEU B 223 25.05 14.23 -16.23
N ALA B 224 23.92 14.33 -15.53
CA ALA B 224 22.92 13.27 -15.60
C ALA B 224 22.24 13.19 -16.96
N ASN B 225 22.23 14.28 -17.72
CA ASN B 225 21.67 14.31 -19.05
C ASN B 225 22.72 14.17 -20.14
N ILE B 226 23.92 14.71 -19.91
CA ILE B 226 25.01 14.57 -20.88
C ILE B 226 25.47 13.12 -20.96
N GLU B 227 25.68 12.49 -19.81
CA GLU B 227 26.16 11.11 -19.72
C GLU B 227 24.95 10.22 -19.45
N LYS B 228 24.52 9.50 -20.49
CA LYS B 228 23.22 8.82 -20.44
C LYS B 228 23.25 7.60 -19.52
N GLU B 229 24.33 6.83 -19.57
CA GLU B 229 24.55 5.83 -18.54
C GLU B 229 24.96 6.52 -17.24
N PHE B 230 24.81 5.82 -16.12
CA PHE B 230 24.99 6.34 -14.77
C PHE B 230 24.10 7.54 -14.47
N LYS B 231 22.91 7.59 -15.08
CA LYS B 231 22.01 8.72 -14.86
C LYS B 231 21.35 8.62 -13.50
N ASN B 232 20.93 7.42 -13.10
CA ASN B 232 20.25 7.20 -11.84
C ASN B 232 21.15 7.38 -10.63
N ASP B 233 22.47 7.50 -10.83
CA ASP B 233 23.41 7.80 -9.76
C ASP B 233 23.73 9.29 -9.67
N TYR B 234 23.85 9.97 -10.81
CA TYR B 234 24.02 11.41 -10.80
C TYR B 234 22.78 12.13 -10.27
N LYS B 235 21.60 11.55 -10.52
CA LYS B 235 20.38 12.08 -9.92
C LYS B 235 20.42 11.98 -8.40
N LYS B 236 20.95 10.87 -7.87
CA LYS B 236 21.04 10.69 -6.42
C LYS B 236 22.08 11.62 -5.81
N LEU B 237 23.19 11.84 -6.51
CA LEU B 237 24.22 12.75 -6.00
C LEU B 237 23.73 14.19 -5.99
N SER B 238 22.99 14.59 -7.03
CA SER B 238 22.40 15.93 -7.05
C SER B 238 21.30 16.07 -5.99
N MET B 239 20.56 14.99 -5.72
CA MET B 239 19.52 15.03 -4.70
C MET B 239 20.11 15.19 -3.31
N GLN B 240 21.26 14.55 -3.06
CA GLN B 240 21.88 14.72 -1.74
C GLN B 240 22.61 16.06 -1.62
N CYS B 241 23.09 16.62 -2.74
CA CYS B 241 23.59 18.00 -2.71
C CYS B 241 22.47 19.00 -2.40
N LYS B 242 21.25 18.73 -2.84
CA LYS B 242 20.13 19.59 -2.46
C LYS B 242 19.72 19.36 -1.01
N ASP B 243 19.78 18.11 -0.55
CA ASP B 243 19.41 17.78 0.82
C ASP B 243 20.35 18.40 1.85
N PHE B 244 21.62 18.60 1.48
CA PHE B 244 22.55 19.32 2.35
C PHE B 244 22.09 20.75 2.62
N VAL B 245 21.67 21.46 1.57
CA VAL B 245 21.23 22.86 1.71
C VAL B 245 19.92 22.94 2.46
N VAL B 246 18.99 22.02 2.18
CA VAL B 246 17.71 22.03 2.89
C VAL B 246 17.88 21.68 4.37
N GLY B 247 18.79 20.76 4.70
CA GLY B 247 19.06 20.50 6.09
C GLY B 247 19.92 21.53 6.78
N LEU B 248 20.61 22.38 6.02
CA LEU B 248 21.33 23.50 6.60
C LEU B 248 20.44 24.71 6.83
N LEU B 249 19.38 24.88 6.05
CA LEU B 249 18.41 25.95 6.30
C LEU B 249 17.58 25.67 7.54
N ASP B 250 17.40 24.40 7.89
CA ASP B 250 16.53 23.97 8.98
C ASP B 250 17.09 24.35 10.36
N LEU B 251 18.41 24.50 10.49
CA LEU B 251 19.06 24.72 11.77
C LEU B 251 19.03 26.17 12.23
N CYS B 252 18.47 27.08 11.43
CA CYS B 252 18.54 28.50 11.74
C CYS B 252 17.55 28.87 12.84
N ARG B 253 17.99 29.68 13.78
CA ARG B 253 17.22 30.04 14.96
C ARG B 253 16.92 31.53 15.09
N ASN B 254 17.82 32.40 14.65
CA ASN B 254 17.57 33.83 14.60
C ASN B 254 17.01 34.18 13.22
N THR B 255 16.95 35.46 12.90
CA THR B 255 16.65 35.89 11.54
C THR B 255 17.88 36.31 10.75
N GLU B 256 19.00 36.59 11.42
CA GLU B 256 20.25 36.82 10.70
C GLU B 256 20.79 35.54 10.11
N GLU B 257 20.54 34.39 10.75
CA GLU B 257 20.98 33.13 10.18
C GLU B 257 20.10 32.72 9.00
N VAL B 258 18.80 33.02 9.07
CA VAL B 258 17.90 32.81 7.94
C VAL B 258 18.30 33.70 6.77
N GLU B 259 18.62 34.96 7.05
CA GLU B 259 19.09 35.86 6.00
C GLU B 259 20.50 35.56 5.52
N ALA B 260 21.28 34.77 6.26
CA ALA B 260 22.59 34.38 5.76
C ALA B 260 22.53 33.09 4.96
N ILE B 261 21.51 32.25 5.18
CA ILE B 261 21.37 31.07 4.35
C ILE B 261 20.60 31.39 3.07
N LEU B 262 19.48 32.11 3.19
CA LEU B 262 18.67 32.43 2.01
C LEU B 262 19.36 33.45 1.12
N ASN B 263 19.96 34.47 1.72
CA ASN B 263 20.66 35.52 1.00
C ASN B 263 22.15 35.40 1.30
N GLY B 264 22.98 35.93 0.42
CA GLY B 264 24.41 35.75 0.61
C GLY B 264 25.03 36.69 1.61
N ASP B 265 26.24 37.15 1.31
CA ASP B 265 26.93 38.13 2.16
C ASP B 265 26.23 39.47 1.98
N VAL B 266 25.54 39.93 3.02
CA VAL B 266 24.68 41.11 2.90
C VAL B 266 25.51 42.37 2.71
N GLU B 267 26.65 42.46 3.38
CA GLU B 267 27.48 43.66 3.29
C GLU B 267 28.20 43.80 1.95
N THR B 268 28.36 42.71 1.19
CA THR B 268 29.03 42.77 -0.10
C THR B 268 28.09 42.37 -1.23
N LEU B 269 26.80 42.70 -1.07
CA LEU B 269 25.81 42.50 -2.12
C LEU B 269 24.97 43.77 -2.25
N GLN B 270 24.36 43.93 -3.42
CA GLN B 270 23.52 45.09 -3.69
C GLN B 270 22.26 45.03 -2.83
N SER B 271 21.67 46.20 -2.58
CA SER B 271 20.53 46.29 -1.68
C SER B 271 19.25 45.77 -2.31
N GLY B 272 19.20 45.64 -3.63
CA GLY B 272 18.00 45.18 -4.29
C GLY B 272 17.31 46.27 -5.08
N ASP B 273 15.98 46.25 -5.09
CA ASP B 273 15.17 47.24 -5.79
C ASP B 273 14.46 48.18 -4.85
N HIS B 274 13.86 47.65 -3.80
CA HIS B 274 13.11 48.38 -2.79
C HIS B 274 13.74 48.07 -1.44
N GLY B 275 13.04 48.43 -0.36
CA GLY B 275 13.47 48.02 0.97
C GLY B 275 13.23 46.54 1.26
N ARG B 276 13.85 45.66 0.48
CA ARG B 276 13.62 44.23 0.51
C ARG B 276 14.93 43.56 0.15
N PRO B 277 15.16 42.31 0.64
CA PRO B 277 16.49 41.69 0.50
C PRO B 277 16.89 41.32 -0.92
N ASN B 278 18.14 40.91 -1.10
CA ASN B 278 18.69 40.58 -2.41
C ASN B 278 18.34 39.13 -2.73
N LEU B 279 17.41 38.95 -3.67
CA LEU B 279 16.94 37.62 -4.05
C LEU B 279 17.74 37.05 -5.22
N SER B 280 19.07 37.01 -5.10
CA SER B 280 19.92 36.47 -6.16
C SER B 280 20.25 35.01 -5.97
N ARG B 281 20.44 34.56 -4.73
CA ARG B 281 20.58 33.14 -4.46
C ARG B 281 19.24 32.43 -4.58
N LEU B 282 18.16 33.11 -4.22
CA LEU B 282 16.84 32.51 -4.18
C LEU B 282 16.20 32.41 -5.56
N LYS B 283 16.73 33.13 -6.55
CA LYS B 283 16.39 32.87 -7.94
C LYS B 283 17.23 31.74 -8.52
N LEU B 284 18.46 31.58 -8.03
CA LEU B 284 19.30 30.47 -8.45
C LEU B 284 18.78 29.14 -7.93
N ALA B 285 18.16 29.14 -6.76
CA ALA B 285 17.52 27.93 -6.24
C ALA B 285 16.22 27.60 -6.95
N ILE B 286 15.67 28.52 -7.73
CA ILE B 286 14.52 28.23 -8.59
C ILE B 286 14.97 27.80 -9.97
N LYS B 287 16.04 28.41 -10.50
CA LYS B 287 16.61 28.00 -11.77
C LYS B 287 17.20 26.60 -11.70
N TYR B 288 17.92 26.30 -10.61
CA TYR B 288 18.52 24.98 -10.42
C TYR B 288 17.53 23.95 -9.91
N GLU B 289 16.28 24.34 -9.65
CA GLU B 289 15.16 23.47 -9.27
C GLU B 289 15.45 22.74 -7.95
N VAL B 290 15.74 23.53 -6.92
CA VAL B 290 15.89 23.03 -5.56
C VAL B 290 14.56 23.29 -4.87
N LYS B 291 13.70 22.28 -4.83
CA LYS B 291 12.29 22.53 -4.49
C LYS B 291 12.06 22.62 -2.99
N LYS B 292 12.79 21.86 -2.19
CA LYS B 292 12.56 21.87 -0.75
C LYS B 292 13.24 23.04 -0.06
N PHE B 293 14.20 23.69 -0.71
CA PHE B 293 14.78 24.93 -0.20
C PHE B 293 13.82 26.11 -0.39
N VAL B 294 13.01 26.06 -1.44
CA VAL B 294 12.04 27.12 -1.70
C VAL B 294 10.69 26.83 -1.05
N ALA B 295 10.38 25.56 -0.78
CA ALA B 295 9.14 25.17 -0.13
C ALA B 295 9.31 24.97 1.37
N HIS B 296 10.37 25.52 1.96
CA HIS B 296 10.63 25.46 3.40
C HIS B 296 9.96 26.65 4.09
N PRO B 297 9.43 26.45 5.31
CA PRO B 297 8.78 27.56 6.04
C PRO B 297 9.65 28.79 6.28
N ASN B 298 10.96 28.59 6.48
CA ASN B 298 11.87 29.71 6.68
C ASN B 298 12.08 30.52 5.41
N CYS B 299 11.74 29.98 4.25
CA CYS B 299 11.75 30.70 2.99
C CYS B 299 10.40 31.31 2.65
N GLN B 300 9.30 30.61 2.98
CA GLN B 300 7.98 31.14 2.75
C GLN B 300 7.71 32.35 3.63
N GLN B 301 8.27 32.38 4.84
CA GLN B 301 8.06 33.53 5.72
C GLN B 301 8.81 34.76 5.21
N GLN B 302 9.85 34.56 4.42
CA GLN B 302 10.52 35.70 3.80
C GLN B 302 9.80 36.15 2.54
N LEU B 303 9.34 35.19 1.73
CA LEU B 303 8.71 35.53 0.45
C LEU B 303 7.32 36.14 0.64
N LEU B 304 6.61 35.76 1.70
CA LEU B 304 5.29 36.33 1.95
C LEU B 304 5.40 37.79 2.39
N SER B 305 6.53 38.17 2.98
CA SER B 305 6.73 39.56 3.38
C SER B 305 7.03 40.47 2.20
N ILE B 306 7.42 39.91 1.05
CA ILE B 306 7.64 40.70 -0.15
C ILE B 306 6.37 40.66 -0.99
N TRP B 307 5.64 39.55 -0.89
CA TRP B 307 4.37 39.42 -1.58
C TRP B 307 3.33 40.38 -1.02
N TYR B 308 3.16 40.37 0.30
CA TYR B 308 2.23 41.29 0.97
C TYR B 308 2.94 42.56 1.42
N GLU B 309 3.54 43.29 0.49
CA GLU B 309 4.52 44.37 0.75
C GLU B 309 3.89 45.49 1.56
N ASN B 310 2.91 46.24 1.03
CA ASN B 310 2.34 47.38 1.74
C ASN B 310 0.92 47.08 2.21
N LEU B 311 0.68 45.80 2.54
CA LEU B 311 -0.66 45.32 2.85
C LEU B 311 -0.62 44.57 4.17
N SER B 312 -0.77 45.31 5.27
CA SER B 312 -0.94 44.67 6.57
C SER B 312 -2.37 44.23 6.82
N GLY B 313 -3.34 44.87 6.18
CA GLY B 313 -4.74 44.51 6.32
C GLY B 313 -5.11 43.25 5.59
N LEU B 314 -4.81 43.20 4.28
CA LEU B 314 -5.21 42.07 3.44
C LEU B 314 -4.39 40.81 3.69
N ARG B 315 -3.31 40.89 4.46
CA ARG B 315 -2.53 39.69 4.76
C ARG B 315 -3.28 38.76 5.70
N GLN B 316 -3.90 39.32 6.75
CA GLN B 316 -4.57 38.52 7.77
C GLN B 316 -6.04 38.30 7.47
N GLN B 317 -6.55 38.79 6.34
CA GLN B 317 -7.94 38.59 5.98
C GLN B 317 -8.18 37.14 5.59
N THR B 318 -9.44 36.74 5.64
CA THR B 318 -9.85 35.40 5.26
C THR B 318 -10.19 35.34 3.77
N MET B 319 -10.52 34.14 3.30
CA MET B 319 -11.03 34.01 1.95
C MET B 319 -12.48 34.50 1.90
N ALA B 320 -12.97 34.68 0.67
CA ALA B 320 -14.21 35.37 0.29
C ALA B 320 -14.24 36.83 0.72
N VAL B 321 -13.09 37.40 1.07
CA VAL B 321 -12.89 38.85 1.15
C VAL B 321 -11.93 39.32 0.07
N LYS B 322 -10.95 38.50 -0.30
CA LYS B 322 -10.07 38.80 -1.41
C LYS B 322 -10.76 38.61 -2.76
N PHE B 323 -11.73 37.71 -2.83
CA PHE B 323 -12.60 37.63 -4.01
C PHE B 323 -13.39 38.92 -4.20
N LEU B 324 -13.85 39.51 -3.09
CA LEU B 324 -14.58 40.78 -3.16
C LEU B 324 -13.67 41.93 -3.56
N VAL B 325 -12.40 41.93 -3.14
CA VAL B 325 -11.54 43.03 -3.58
C VAL B 325 -11.10 42.81 -5.03
N VAL B 326 -11.07 41.54 -5.49
CA VAL B 326 -10.85 41.28 -6.91
C VAL B 326 -12.01 41.84 -7.74
N LEU B 327 -13.24 41.62 -7.27
CA LEU B 327 -14.40 42.21 -7.94
C LEU B 327 -14.43 43.74 -7.81
N ALA B 328 -13.89 44.29 -6.72
CA ALA B 328 -13.85 45.74 -6.54
C ALA B 328 -12.87 46.40 -7.51
N VAL B 329 -11.70 45.78 -7.70
CA VAL B 329 -10.79 46.28 -8.73
C VAL B 329 -11.31 45.96 -10.13
N ALA B 330 -12.18 44.96 -10.27
CA ALA B 330 -12.84 44.70 -11.55
C ALA B 330 -13.83 45.81 -11.89
N ILE B 331 -14.53 46.34 -10.89
CA ILE B 331 -15.46 47.44 -11.14
C ILE B 331 -14.69 48.73 -11.42
N GLY B 332 -13.86 49.16 -10.47
CA GLY B 332 -13.15 50.41 -10.61
C GLY B 332 -11.74 50.29 -11.15
N LEU B 333 -11.57 49.65 -12.31
CA LEU B 333 -10.26 49.54 -12.94
C LEU B 333 -9.78 50.78 -13.69
N PRO B 334 -10.61 51.51 -14.49
CA PRO B 334 -10.06 52.73 -15.13
C PRO B 334 -9.77 53.86 -14.15
N PHE B 335 -10.42 53.88 -12.99
CA PHE B 335 -10.11 54.91 -12.00
C PHE B 335 -8.72 54.69 -11.39
N LEU B 336 -8.39 53.44 -11.07
CA LEU B 336 -7.04 53.16 -10.57
C LEU B 336 -6.00 53.28 -11.68
N ALA B 337 -6.41 53.02 -12.93
CA ALA B 337 -5.53 53.27 -14.06
C ALA B 337 -5.22 54.76 -14.21
N LEU B 338 -6.23 55.62 -13.99
CA LEU B 338 -6.01 57.06 -14.03
C LEU B 338 -5.17 57.53 -12.85
N ILE B 339 -5.33 56.89 -11.69
CA ILE B 339 -4.52 57.20 -10.51
C ILE B 339 -3.05 56.88 -10.78
N TYR B 340 -2.77 55.71 -11.37
CA TYR B 340 -1.39 55.37 -11.71
C TYR B 340 -0.86 56.20 -12.87
N TRP B 341 -1.74 56.67 -13.76
CA TRP B 341 -1.30 57.47 -14.90
C TRP B 341 -0.88 58.87 -14.45
N PHE B 342 -1.76 59.58 -13.77
CA PHE B 342 -1.52 60.99 -13.49
C PHE B 342 -0.74 61.23 -12.21
N ALA B 343 -1.09 60.54 -11.11
CA ALA B 343 -0.49 60.79 -9.80
C ALA B 343 0.10 59.53 -9.21
N PRO B 344 1.33 59.14 -9.60
CA PRO B 344 2.03 58.07 -8.87
C PRO B 344 2.65 58.61 -7.59
N CYS B 345 3.33 57.73 -6.84
CA CYS B 345 4.02 58.03 -5.58
C CYS B 345 3.06 58.68 -4.57
N SER B 346 2.05 57.91 -4.19
CA SER B 346 0.98 58.40 -3.33
C SER B 346 0.64 57.30 -2.35
N LYS B 347 -0.50 57.44 -1.67
CA LYS B 347 -1.00 56.39 -0.79
C LYS B 347 -1.65 55.25 -1.56
N MET B 348 -1.92 55.43 -2.85
CA MET B 348 -2.40 54.37 -3.72
C MET B 348 -1.41 53.95 -4.80
N GLY B 349 -0.58 54.89 -5.27
CA GLY B 349 0.46 54.56 -6.23
C GLY B 349 1.60 53.75 -5.67
N LYS B 350 1.71 53.65 -4.34
CA LYS B 350 2.66 52.76 -3.71
C LYS B 350 2.03 51.44 -3.26
N ILE B 351 0.71 51.41 -3.09
CA ILE B 351 0.03 50.15 -2.82
C ILE B 351 -0.13 49.35 -4.11
N MET B 352 -0.44 50.02 -5.22
CA MET B 352 -0.66 49.34 -6.48
C MET B 352 0.62 48.90 -7.17
N ARG B 353 1.80 49.14 -6.59
CA ARG B 353 3.05 48.63 -7.11
C ARG B 353 3.53 47.41 -6.36
N GLY B 354 2.79 46.96 -5.35
CA GLY B 354 3.11 45.72 -4.67
C GLY B 354 2.77 44.53 -5.54
N PRO B 355 3.35 43.37 -5.24
CA PRO B 355 3.07 42.19 -6.07
C PRO B 355 1.65 41.66 -5.92
N PHE B 356 1.06 41.72 -4.73
CA PHE B 356 -0.28 41.16 -4.56
C PHE B 356 -1.35 42.03 -5.20
N MET B 357 -1.23 43.35 -5.13
CA MET B 357 -2.20 44.21 -5.81
C MET B 357 -2.02 44.16 -7.32
N LYS B 358 -0.79 43.91 -7.79
CA LYS B 358 -0.55 43.68 -9.21
C LYS B 358 -1.22 42.38 -9.67
N PHE B 359 -1.14 41.33 -8.85
CA PHE B 359 -1.83 40.08 -9.15
C PHE B 359 -3.34 40.25 -9.16
N VAL B 360 -3.86 41.05 -8.22
CA VAL B 360 -5.30 41.29 -8.13
C VAL B 360 -5.79 42.09 -9.33
N ALA B 361 -4.99 43.05 -9.79
CA ALA B 361 -5.35 43.82 -10.98
C ALA B 361 -5.31 42.97 -12.24
N HIS B 362 -4.30 42.10 -12.36
CA HIS B 362 -4.21 41.24 -13.55
C HIS B 362 -5.29 40.16 -13.56
N ALA B 363 -5.79 39.75 -12.39
CA ALA B 363 -6.91 38.82 -12.37
C ALA B 363 -8.25 39.52 -12.59
N ALA B 364 -8.38 40.77 -12.16
CA ALA B 364 -9.60 41.53 -12.39
C ALA B 364 -9.76 41.87 -13.86
N SER B 365 -8.65 42.17 -14.55
CA SER B 365 -8.75 42.41 -15.98
C SER B 365 -8.97 41.16 -16.81
N PHE B 366 -8.99 39.96 -16.23
CA PHE B 366 -9.41 38.75 -16.89
C PHE B 366 -10.84 38.38 -16.55
N THR B 367 -11.27 38.71 -15.33
CA THR B 367 -12.68 38.63 -14.97
C THR B 367 -13.52 39.55 -15.85
N ILE B 368 -13.02 40.75 -16.16
CA ILE B 368 -13.72 41.67 -17.05
C ILE B 368 -13.82 41.10 -18.47
N PHE B 369 -12.76 40.45 -18.94
CA PHE B 369 -12.76 39.89 -20.30
C PHE B 369 -13.73 38.72 -20.41
N LEU B 370 -13.78 37.87 -19.37
CA LEU B 370 -14.78 36.80 -19.37
C LEU B 370 -16.19 37.34 -19.26
N GLY B 371 -16.39 38.43 -18.51
CA GLY B 371 -17.71 39.03 -18.43
C GLY B 371 -18.14 39.65 -19.74
N LEU B 372 -17.18 40.21 -20.49
CA LEU B 372 -17.48 40.73 -21.82
C LEU B 372 -17.84 39.60 -22.78
N LEU B 373 -17.10 38.48 -22.72
CA LEU B 373 -17.40 37.35 -23.58
C LEU B 373 -18.76 36.73 -23.27
N VAL B 374 -19.17 36.76 -22.00
CA VAL B 374 -20.51 36.29 -21.65
C VAL B 374 -21.57 37.27 -22.13
N MET B 375 -21.44 38.55 -21.78
CA MET B 375 -22.49 39.51 -22.05
C MET B 375 -22.50 40.03 -23.49
N ASN B 376 -21.58 39.58 -24.35
CA ASN B 376 -21.63 39.99 -25.75
C ASN B 376 -22.86 39.41 -26.45
N ALA B 377 -23.10 38.12 -26.29
CA ALA B 377 -24.27 37.47 -26.87
C ALA B 377 -25.43 37.42 -25.87
N ALA B 378 -25.78 38.57 -25.31
CA ALA B 378 -26.80 38.64 -24.27
C ALA B 378 -28.19 38.97 -24.79
N ASP B 379 -28.30 39.41 -26.05
CA ASP B 379 -29.60 39.61 -26.66
C ASP B 379 -30.22 38.32 -27.15
N ARG B 380 -29.46 37.22 -27.16
CA ARG B 380 -29.92 35.93 -27.67
C ARG B 380 -29.93 34.86 -26.59
N PHE B 381 -30.05 35.24 -25.31
CA PHE B 381 -30.03 34.25 -24.23
C PHE B 381 -31.26 33.35 -24.25
N GLU B 382 -32.38 33.83 -24.79
CA GLU B 382 -33.62 33.06 -24.83
C GLU B 382 -34.18 32.94 -26.24
N GLY B 383 -33.36 33.10 -27.26
CA GLY B 383 -33.82 33.10 -28.62
C GLY B 383 -33.37 34.34 -29.36
N THR B 384 -32.81 34.17 -30.56
CA THR B 384 -32.17 35.28 -31.25
C THR B 384 -33.19 36.25 -31.85
N LYS B 385 -34.41 35.75 -32.12
CA LYS B 385 -35.52 36.45 -32.78
C LYS B 385 -35.15 36.98 -34.17
N LEU B 386 -34.13 36.42 -34.82
CA LEU B 386 -33.73 36.75 -36.18
C LEU B 386 -33.53 35.39 -36.85
N LEU B 387 -34.59 34.92 -37.52
CA LEU B 387 -34.62 33.56 -38.05
C LEU B 387 -33.64 33.41 -39.22
N PRO B 388 -33.16 32.18 -39.47
CA PRO B 388 -32.26 31.97 -40.61
C PRO B 388 -32.92 32.15 -41.97
N ASN B 389 -34.25 32.12 -42.04
CA ASN B 389 -34.97 32.40 -43.27
C ASN B 389 -35.53 33.81 -43.33
N GLU B 390 -35.54 34.54 -42.22
CA GLU B 390 -36.14 35.86 -42.17
C GLU B 390 -35.12 36.94 -42.52
N THR B 391 -35.61 38.16 -42.71
CA THR B 391 -34.80 39.30 -43.12
C THR B 391 -35.23 40.52 -42.34
N SER B 392 -34.30 41.12 -41.60
CA SER B 392 -34.57 42.30 -40.79
C SER B 392 -33.56 43.39 -41.14
N THR B 393 -34.05 44.54 -41.61
CA THR B 393 -33.21 45.65 -42.02
C THR B 393 -33.17 46.78 -41.00
N ASP B 394 -34.31 47.07 -40.35
CA ASP B 394 -34.51 48.04 -39.27
C ASP B 394 -34.26 49.49 -39.68
N ASN B 395 -34.05 49.78 -40.97
CA ASN B 395 -33.91 51.16 -41.43
C ASN B 395 -34.67 51.47 -42.71
N ALA B 396 -35.23 50.46 -43.39
CA ALA B 396 -36.04 50.55 -44.61
C ALA B 396 -35.31 51.16 -45.81
N LYS B 397 -33.99 51.31 -45.72
CA LYS B 397 -33.20 51.80 -46.84
C LYS B 397 -31.84 51.13 -46.95
N GLN B 398 -31.52 50.17 -46.09
CA GLN B 398 -30.22 49.51 -46.08
C GLN B 398 -30.38 48.03 -46.37
N LEU B 399 -29.27 47.40 -46.74
CA LEU B 399 -29.25 45.98 -47.03
C LEU B 399 -29.32 45.18 -45.74
N PHE B 400 -29.65 43.89 -45.86
CA PHE B 400 -29.65 43.01 -44.70
C PHE B 400 -28.26 42.71 -44.19
N ARG B 401 -27.27 42.64 -45.08
CA ARG B 401 -25.89 42.35 -44.69
C ARG B 401 -25.17 43.58 -44.14
N MET B 402 -25.88 44.67 -43.86
CA MET B 402 -25.32 45.83 -43.18
C MET B 402 -25.45 45.72 -41.67
N LYS B 403 -26.65 45.42 -41.17
CA LYS B 403 -26.83 45.25 -39.73
C LYS B 403 -26.68 43.78 -39.32
N THR B 404 -25.62 43.14 -39.79
CA THR B 404 -25.12 41.86 -39.29
C THR B 404 -23.62 41.90 -39.02
N SER B 405 -22.86 42.61 -39.83
CA SER B 405 -21.41 42.67 -39.71
C SER B 405 -20.93 43.98 -39.09
N CYS B 406 -21.84 44.85 -38.69
CA CYS B 406 -21.43 46.07 -38.01
C CYS B 406 -21.04 45.76 -36.57
N PHE B 407 -19.97 46.40 -36.11
CA PHE B 407 -19.45 46.15 -34.77
C PHE B 407 -20.27 46.90 -33.73
N SER B 408 -20.59 46.23 -32.63
CA SER B 408 -21.35 46.83 -31.56
C SER B 408 -20.41 47.60 -30.64
N TRP B 409 -20.93 48.11 -29.52
CA TRP B 409 -20.07 48.78 -28.55
C TRP B 409 -19.36 47.81 -27.63
N MET B 410 -19.80 46.54 -27.59
CA MET B 410 -19.12 45.52 -26.81
C MET B 410 -18.20 44.65 -27.64
N GLU B 411 -18.33 44.65 -28.96
CA GLU B 411 -17.42 43.91 -29.82
C GLU B 411 -16.19 44.72 -30.18
N MET B 412 -16.09 45.98 -29.74
CA MET B 412 -14.88 46.77 -29.92
C MET B 412 -13.98 46.70 -28.68
N LEU B 413 -14.58 46.57 -27.50
CA LEU B 413 -13.80 46.37 -26.28
C LEU B 413 -13.08 45.02 -26.31
N ILE B 414 -13.71 44.00 -26.91
CA ILE B 414 -13.05 42.71 -27.04
C ILE B 414 -11.87 42.81 -28.00
N ILE B 415 -12.00 43.64 -29.05
CA ILE B 415 -10.89 43.85 -30.00
C ILE B 415 -9.75 44.58 -29.30
N SER B 416 -10.08 45.56 -28.45
CA SER B 416 -9.05 46.27 -27.68
C SER B 416 -8.33 45.37 -26.67
N TRP B 417 -9.07 44.50 -25.96
CA TRP B 417 -8.46 43.48 -25.11
C TRP B 417 -7.56 42.52 -25.88
N VAL B 418 -7.98 42.05 -27.06
CA VAL B 418 -7.15 41.13 -27.82
C VAL B 418 -5.92 41.83 -28.39
N ILE B 419 -6.03 43.12 -28.73
CA ILE B 419 -4.88 43.87 -29.22
C ILE B 419 -3.86 44.09 -28.12
N GLY B 420 -4.32 44.48 -26.93
CA GLY B 420 -3.45 44.56 -25.77
C GLY B 420 -2.86 43.23 -25.34
N MET B 421 -3.60 42.14 -25.52
CA MET B 421 -3.13 40.80 -25.18
C MET B 421 -2.14 40.25 -26.20
N ILE B 422 -2.19 40.73 -27.44
CA ILE B 422 -1.19 40.38 -28.44
C ILE B 422 0.08 41.19 -28.22
N TRP B 423 -0.08 42.46 -27.85
CA TRP B 423 1.09 43.31 -27.56
C TRP B 423 1.83 42.84 -26.31
N ALA B 424 1.09 42.43 -25.28
CA ALA B 424 1.72 41.89 -24.06
C ALA B 424 2.34 40.52 -24.26
N GLU B 425 2.06 39.84 -25.37
CA GLU B 425 2.71 38.60 -25.73
C GLU B 425 3.94 38.84 -26.61
N CYS B 426 3.88 39.83 -27.48
CA CYS B 426 5.06 40.20 -28.28
C CYS B 426 6.14 40.81 -27.40
N LYS B 427 5.74 41.57 -26.37
CA LYS B 427 6.71 42.09 -25.41
C LYS B 427 7.35 40.97 -24.60
N GLU B 428 6.61 39.89 -24.34
CA GLU B 428 7.19 38.71 -23.71
C GLU B 428 8.09 37.95 -24.67
N ILE B 429 7.79 37.99 -25.98
CA ILE B 429 8.61 37.31 -26.97
C ILE B 429 9.98 37.98 -27.10
N TRP B 430 10.02 39.31 -27.23
CA TRP B 430 11.31 39.98 -27.36
C TRP B 430 11.89 40.43 -26.02
N THR B 431 11.56 39.75 -24.93
CA THR B 431 12.26 39.94 -23.66
C THR B 431 12.79 38.63 -23.08
N GLN B 432 12.07 37.52 -23.19
CA GLN B 432 12.56 36.22 -22.77
C GLN B 432 13.26 35.51 -23.91
N GLY B 433 13.14 36.01 -25.14
CA GLY B 433 13.77 35.40 -26.28
C GLY B 433 12.89 34.37 -26.94
N PRO B 434 12.96 34.26 -28.26
CA PRO B 434 12.05 33.36 -28.99
C PRO B 434 12.42 31.88 -28.93
N LYS B 435 13.37 31.51 -28.08
CA LYS B 435 13.72 30.12 -27.85
C LYS B 435 13.33 29.64 -26.47
N GLU B 436 13.50 30.47 -25.43
CA GLU B 436 13.03 30.13 -24.11
C GLU B 436 11.55 30.38 -23.89
N TYR B 437 10.89 31.03 -24.84
CA TYR B 437 9.45 31.29 -24.76
C TYR B 437 8.63 30.10 -25.24
N LEU B 438 9.14 29.33 -26.20
CA LEU B 438 8.44 28.15 -26.68
C LEU B 438 8.74 26.92 -25.83
N PHE B 439 9.56 27.06 -24.79
CA PHE B 439 9.90 25.93 -23.93
C PHE B 439 8.71 25.47 -23.10
N GLU B 440 7.81 26.38 -22.75
CA GLU B 440 6.57 26.06 -22.05
C GLU B 440 5.46 25.95 -23.09
N LEU B 441 4.72 24.85 -23.05
CA LEU B 441 3.70 24.62 -24.06
C LEU B 441 2.45 25.44 -23.81
N TRP B 442 2.25 25.92 -22.59
CA TRP B 442 1.10 26.78 -22.30
C TRP B 442 1.23 28.14 -22.97
N ASN B 443 2.46 28.59 -23.27
CA ASN B 443 2.63 29.80 -24.06
C ASN B 443 2.15 29.59 -25.50
N MET B 444 2.34 28.38 -26.04
CA MET B 444 1.81 28.07 -27.36
C MET B 444 0.28 27.95 -27.31
N LEU B 445 -0.25 27.41 -26.22
CA LEU B 445 -1.71 27.31 -26.07
C LEU B 445 -2.34 28.68 -25.90
N ASP B 446 -1.59 29.65 -25.35
CA ASP B 446 -2.07 31.02 -25.23
C ASP B 446 -1.88 31.81 -26.52
N PHE B 447 -0.86 31.47 -27.32
CA PHE B 447 -0.64 32.12 -28.60
C PHE B 447 -1.64 31.67 -29.66
N GLY B 448 -2.05 30.39 -29.62
CA GLY B 448 -3.04 29.90 -30.57
C GLY B 448 -4.40 30.55 -30.40
N MET B 449 -4.78 30.85 -29.15
CA MET B 449 -6.05 31.51 -28.88
C MET B 449 -6.08 32.92 -29.45
N LEU B 450 -4.98 33.65 -29.31
CA LEU B 450 -4.91 35.00 -29.87
C LEU B 450 -4.83 34.99 -31.39
N ALA B 451 -4.17 33.97 -31.97
CA ALA B 451 -4.17 33.83 -33.42
C ALA B 451 -5.57 33.55 -33.96
N ILE B 452 -6.34 32.73 -33.24
CA ILE B 452 -7.69 32.40 -33.69
C ILE B 452 -8.63 33.60 -33.53
N PHE B 453 -8.47 34.36 -32.44
CA PHE B 453 -9.22 35.61 -32.27
C PHE B 453 -8.90 36.61 -33.37
N ALA B 454 -7.62 36.74 -33.74
CA ALA B 454 -7.22 37.66 -34.79
C ALA B 454 -7.79 37.25 -36.15
N ALA B 455 -7.78 35.95 -36.44
CA ALA B 455 -8.34 35.46 -37.69
C ALA B 455 -9.85 35.68 -37.75
N SER B 456 -10.53 35.52 -36.62
CA SER B 456 -11.97 35.76 -36.55
C SER B 456 -12.31 37.23 -36.82
N PHE B 457 -11.56 38.14 -36.18
CA PHE B 457 -11.85 39.56 -36.38
C PHE B 457 -11.45 40.03 -37.76
N ILE B 458 -10.41 39.44 -38.36
CA ILE B 458 -10.02 39.77 -39.74
C ILE B 458 -11.10 39.34 -40.71
N ALA B 459 -11.66 38.14 -40.52
CA ALA B 459 -12.72 37.65 -41.41
C ALA B 459 -14.00 38.48 -41.27
N ARG B 460 -14.34 38.89 -40.04
CA ARG B 460 -15.51 39.74 -39.85
C ARG B 460 -15.31 41.13 -40.46
N PHE B 461 -14.09 41.66 -40.36
CA PHE B 461 -13.80 42.96 -40.97
C PHE B 461 -13.87 42.90 -42.48
N MET B 462 -13.38 41.82 -43.08
CA MET B 462 -13.43 41.73 -44.54
C MET B 462 -14.85 41.46 -45.04
N ALA B 463 -15.69 40.80 -44.22
CA ALA B 463 -17.10 40.67 -44.56
C ALA B 463 -17.80 42.02 -44.52
N PHE B 464 -17.50 42.83 -43.50
CA PHE B 464 -18.06 44.18 -43.42
C PHE B 464 -17.54 45.07 -44.55
N TRP B 465 -16.30 44.85 -44.98
CA TRP B 465 -15.72 45.63 -46.08
C TRP B 465 -16.40 45.31 -47.41
N HIS B 466 -16.64 44.01 -47.67
CA HIS B 466 -17.38 43.64 -48.86
C HIS B 466 -18.81 44.16 -48.83
N ALA B 467 -19.44 44.13 -47.65
CA ALA B 467 -20.81 44.64 -47.53
C ALA B 467 -20.88 46.15 -47.77
N SER B 468 -19.89 46.89 -47.28
CA SER B 468 -19.88 48.34 -47.50
C SER B 468 -19.55 48.68 -48.95
N LYS B 469 -18.62 47.93 -49.56
CA LYS B 469 -18.27 48.15 -50.96
C LYS B 469 -19.43 47.85 -51.89
N ALA B 470 -20.27 46.87 -51.54
CA ALA B 470 -21.47 46.61 -52.34
C ALA B 470 -22.64 47.52 -51.98
N GLN B 471 -22.68 48.06 -50.76
CA GLN B 471 -23.78 48.94 -50.38
C GLN B 471 -23.55 50.37 -50.85
N SER B 472 -22.30 50.73 -51.17
CA SER B 472 -22.03 52.06 -51.73
C SER B 472 -22.67 52.23 -53.11
N ILE B 473 -22.86 51.14 -53.85
CA ILE B 473 -23.56 51.22 -55.14
C ILE B 473 -25.04 51.49 -54.92
N ILE B 474 -25.71 50.62 -54.18
CA ILE B 474 -27.16 50.75 -53.96
C ILE B 474 -27.32 51.63 -52.72
N ASP B 475 -27.34 52.94 -52.95
CA ASP B 475 -27.49 53.90 -51.87
C ASP B 475 -28.95 54.10 -51.52
N LYS B 485 -39.31 46.10 -52.86
CA LYS B 485 -39.33 47.37 -53.58
C LYS B 485 -39.21 47.15 -55.09
N VAL B 486 -37.98 46.88 -55.54
CA VAL B 486 -37.68 46.64 -56.93
C VAL B 486 -36.59 45.57 -57.01
N THR B 487 -36.25 45.18 -58.24
CA THR B 487 -35.19 44.21 -58.45
C THR B 487 -33.82 44.87 -58.40
N LEU B 488 -32.83 44.09 -58.00
CA LEU B 488 -31.45 44.57 -57.86
C LEU B 488 -30.57 43.91 -58.90
N GLY B 489 -29.51 44.62 -59.30
CA GLY B 489 -28.59 44.10 -60.29
C GLY B 489 -27.72 42.98 -59.74
N ASP B 490 -26.94 42.40 -60.63
CA ASP B 490 -26.12 41.24 -60.26
C ASP B 490 -24.74 41.66 -59.74
N ASN B 491 -24.73 42.60 -58.80
CA ASN B 491 -23.58 42.86 -57.96
C ASN B 491 -23.97 43.17 -56.53
N VAL B 492 -25.27 43.29 -56.23
CA VAL B 492 -25.79 43.63 -54.91
C VAL B 492 -26.76 42.50 -54.58
N LYS B 493 -26.95 41.60 -55.54
CA LYS B 493 -28.00 40.58 -55.42
C LYS B 493 -27.65 39.52 -54.38
N TYR B 494 -26.35 39.25 -54.20
CA TYR B 494 -25.93 38.28 -53.19
C TYR B 494 -26.21 38.79 -51.78
N TYR B 495 -26.09 40.09 -51.57
CA TYR B 495 -26.42 40.71 -50.31
C TYR B 495 -27.92 40.99 -50.25
N ASN B 496 -28.37 41.40 -49.05
CA ASN B 496 -29.79 41.43 -48.67
C ASN B 496 -30.41 40.05 -48.88
N LEU B 497 -29.77 39.03 -48.30
CA LEU B 497 -30.23 37.65 -48.36
C LEU B 497 -30.07 36.99 -47.00
N ALA B 498 -31.01 36.11 -46.67
CA ALA B 498 -31.01 35.46 -45.36
C ALA B 498 -29.93 34.38 -45.29
N ARG B 499 -29.80 33.77 -44.11
CA ARG B 499 -28.72 32.81 -43.86
C ARG B 499 -28.84 31.53 -44.65
N ILE B 500 -30.03 31.23 -45.19
CA ILE B 500 -30.21 30.01 -45.97
C ILE B 500 -29.51 30.13 -47.33
N LYS B 501 -29.39 31.33 -47.88
CA LYS B 501 -28.86 31.52 -49.22
C LYS B 501 -27.40 31.95 -49.27
N TRP B 502 -26.70 31.96 -48.13
CA TRP B 502 -25.29 32.36 -48.14
C TRP B 502 -24.42 31.27 -48.75
N ASP B 503 -23.24 31.67 -49.19
CA ASP B 503 -22.26 30.71 -49.68
C ASP B 503 -21.68 29.92 -48.50
N PRO B 504 -21.27 28.67 -48.73
CA PRO B 504 -20.65 27.89 -47.64
C PRO B 504 -19.27 28.39 -47.22
N SER B 505 -18.64 29.27 -48.01
CA SER B 505 -17.36 29.86 -47.65
C SER B 505 -17.47 31.37 -47.43
N ASP B 506 -18.61 31.85 -46.97
CA ASP B 506 -18.77 33.26 -46.63
C ASP B 506 -17.91 33.59 -45.41
N PRO B 507 -17.26 34.75 -45.36
CA PRO B 507 -16.42 35.08 -44.20
C PRO B 507 -17.21 35.33 -42.92
N GLN B 508 -18.49 35.66 -43.02
CA GLN B 508 -19.36 35.80 -41.86
C GLN B 508 -19.55 34.49 -41.10
N ILE B 509 -19.44 33.34 -41.78
CA ILE B 509 -19.51 32.06 -41.09
C ILE B 509 -18.14 31.45 -40.85
N ILE B 510 -17.06 32.11 -41.30
CA ILE B 510 -15.72 31.74 -40.89
C ILE B 510 -15.43 32.41 -39.56
N SER B 511 -15.88 33.66 -39.43
CA SER B 511 -15.66 34.40 -38.19
C SER B 511 -16.48 33.82 -37.04
N GLU B 512 -17.73 33.44 -37.31
CA GLU B 512 -18.58 32.87 -36.26
C GLU B 512 -18.12 31.47 -35.88
N GLY B 513 -17.40 30.79 -36.77
CA GLY B 513 -16.85 29.49 -36.44
C GLY B 513 -15.56 29.56 -35.66
N LEU B 514 -14.72 30.56 -35.96
CA LEU B 514 -13.47 30.69 -35.21
C LEU B 514 -13.67 31.38 -33.86
N TYR B 515 -14.69 32.22 -33.75
CA TYR B 515 -14.95 32.91 -32.48
C TYR B 515 -15.38 31.95 -31.38
N ALA B 516 -16.01 30.83 -31.74
CA ALA B 516 -16.41 29.84 -30.75
C ALA B 516 -15.22 29.10 -30.18
N ILE B 517 -14.25 28.72 -31.04
CA ILE B 517 -13.02 28.09 -30.56
C ILE B 517 -12.21 29.05 -29.72
N ALA B 518 -12.21 30.34 -30.09
CA ALA B 518 -11.50 31.33 -29.29
C ALA B 518 -12.14 31.55 -27.93
N VAL B 519 -13.49 31.55 -27.87
CA VAL B 519 -14.20 31.70 -26.61
C VAL B 519 -13.99 30.48 -25.71
N VAL B 520 -13.90 29.29 -26.29
CA VAL B 520 -13.60 28.09 -25.50
C VAL B 520 -12.17 28.13 -24.97
N LEU B 521 -11.21 28.47 -25.84
CA LEU B 521 -9.80 28.45 -25.45
C LEU B 521 -9.41 29.57 -24.50
N SER B 522 -10.15 30.68 -24.48
CA SER B 522 -9.78 31.79 -23.61
C SER B 522 -10.10 31.53 -22.14
N PHE B 523 -10.90 30.51 -21.84
CA PHE B 523 -11.19 30.13 -20.46
C PHE B 523 -10.06 29.35 -19.82
N SER B 524 -9.00 29.02 -20.56
CA SER B 524 -7.88 28.25 -20.04
C SER B 524 -6.79 29.12 -19.43
N ARG B 525 -7.04 30.43 -19.31
CA ARG B 525 -6.11 31.34 -18.65
C ARG B 525 -6.35 31.41 -17.15
N ILE B 526 -7.23 30.56 -16.61
CA ILE B 526 -7.40 30.46 -15.16
C ILE B 526 -6.24 29.67 -14.56
N ALA B 527 -5.49 28.96 -15.41
CA ALA B 527 -4.30 28.24 -14.99
C ALA B 527 -3.16 29.16 -14.57
N TYR B 528 -3.25 30.45 -14.91
CA TYR B 528 -2.25 31.43 -14.51
C TYR B 528 -2.55 32.08 -13.18
N ILE B 529 -3.79 32.02 -12.70
CA ILE B 529 -4.15 32.60 -11.42
C ILE B 529 -4.53 31.55 -10.39
N LEU B 530 -4.75 30.32 -10.80
CA LEU B 530 -5.14 29.22 -9.92
C LEU B 530 -4.06 28.65 -8.99
N PRO B 531 -2.76 28.57 -9.34
CA PRO B 531 -1.80 28.06 -8.33
C PRO B 531 -1.41 29.05 -7.25
N ALA B 532 -2.07 30.20 -7.14
CA ALA B 532 -1.86 31.10 -6.02
C ALA B 532 -2.74 30.76 -4.83
N ASN B 533 -3.61 29.76 -4.96
CA ASN B 533 -4.56 29.38 -3.93
C ASN B 533 -4.09 28.12 -3.23
N GLU B 534 -4.51 27.96 -1.98
CA GLU B 534 -4.08 26.84 -1.15
C GLU B 534 -4.90 25.59 -1.34
N SER B 535 -6.02 25.67 -2.05
CA SER B 535 -6.89 24.52 -2.24
C SER B 535 -7.09 24.11 -3.70
N PHE B 536 -6.79 24.97 -4.66
CA PHE B 536 -6.91 24.64 -6.07
C PHE B 536 -5.57 24.61 -6.80
N GLY B 537 -4.48 24.93 -6.10
CA GLY B 537 -3.14 24.74 -6.63
C GLY B 537 -2.71 23.28 -6.73
N PRO B 538 -2.79 22.52 -5.63
CA PRO B 538 -2.52 21.07 -5.72
C PRO B 538 -3.46 20.32 -6.65
N LEU B 539 -4.70 20.77 -6.81
CA LEU B 539 -5.59 20.13 -7.76
C LEU B 539 -5.12 20.35 -9.19
N GLN B 540 -4.59 21.54 -9.49
CA GLN B 540 -4.04 21.79 -10.81
C GLN B 540 -2.76 20.99 -11.04
N ILE B 541 -1.94 20.82 -10.00
CA ILE B 541 -0.73 20.00 -10.12
C ILE B 541 -1.07 18.54 -10.38
N SER B 542 -2.01 17.99 -9.59
CA SER B 542 -2.41 16.60 -9.77
C SER B 542 -3.25 16.38 -11.01
N LEU B 543 -3.85 17.43 -11.57
CA LEU B 543 -4.54 17.29 -12.84
C LEU B 543 -3.57 17.38 -14.02
N GLY B 544 -2.49 18.13 -13.86
CA GLY B 544 -1.49 18.19 -14.91
C GLY B 544 -0.63 16.94 -14.97
N ARG B 545 -0.46 16.27 -13.83
CA ARG B 545 0.39 15.06 -13.86
C ARG B 545 -0.33 13.85 -14.43
N THR B 546 -1.63 13.92 -14.68
CA THR B 546 -2.37 12.81 -15.29
C THR B 546 -2.76 13.07 -16.74
N VAL B 547 -2.17 14.06 -17.39
CA VAL B 547 -2.34 14.23 -18.83
C VAL B 547 -1.07 13.71 -19.49
N LYS B 548 0.05 13.90 -18.79
CA LYS B 548 1.32 13.33 -19.20
C LYS B 548 1.37 11.83 -19.03
N ASP B 549 0.44 11.24 -18.26
CA ASP B 549 0.33 9.80 -18.12
C ASP B 549 -0.61 9.17 -19.14
N ILE B 550 -1.46 9.96 -19.80
CA ILE B 550 -2.31 9.42 -20.86
C ILE B 550 -1.80 9.76 -22.25
N PHE B 551 -0.85 10.70 -22.36
CA PHE B 551 -0.24 10.97 -23.66
C PHE B 551 0.57 9.79 -24.17
N LYS B 552 1.04 8.92 -23.28
CA LYS B 552 1.77 7.73 -23.71
C LYS B 552 0.85 6.56 -24.04
N PHE B 553 -0.38 6.55 -23.55
CA PHE B 553 -1.34 5.51 -23.90
C PHE B 553 -2.18 5.87 -25.13
N MET B 554 -2.28 7.15 -25.46
CA MET B 554 -2.95 7.55 -26.70
C MET B 554 -2.25 7.04 -27.96
N VAL B 555 -0.98 6.66 -27.88
CA VAL B 555 -0.28 6.10 -29.04
C VAL B 555 -0.83 4.72 -29.40
N ILE B 556 -0.93 3.84 -28.41
CA ILE B 556 -1.53 2.52 -28.65
C ILE B 556 -3.02 2.64 -28.95
N PHE B 557 -3.67 3.65 -28.35
CA PHE B 557 -5.07 3.94 -28.65
C PHE B 557 -5.27 4.29 -30.13
N ILE B 558 -4.42 5.16 -30.68
CA ILE B 558 -4.59 5.52 -32.08
C ILE B 558 -4.07 4.45 -33.02
N MET B 559 -3.17 3.55 -32.56
CA MET B 559 -2.83 2.38 -33.38
C MET B 559 -4.04 1.47 -33.59
N VAL B 560 -4.74 1.14 -32.49
CA VAL B 560 -5.93 0.28 -32.59
C VAL B 560 -7.04 0.99 -33.35
N PHE B 561 -7.15 2.31 -33.15
CA PHE B 561 -8.17 3.12 -33.85
C PHE B 561 -7.95 3.14 -35.35
N VAL B 562 -6.72 3.41 -35.79
CA VAL B 562 -6.39 3.49 -37.21
C VAL B 562 -6.53 2.12 -37.88
N ALA B 563 -6.16 1.06 -37.14
CA ALA B 563 -6.34 -0.32 -37.62
C ALA B 563 -7.79 -0.64 -37.94
N PHE B 564 -8.68 -0.43 -36.96
CA PHE B 564 -10.08 -0.79 -37.19
C PHE B 564 -10.78 0.19 -38.13
N MET B 565 -10.32 1.45 -38.18
CA MET B 565 -10.87 2.43 -39.11
C MET B 565 -10.63 2.03 -40.56
N ILE B 566 -9.37 1.72 -40.89
CA ILE B 566 -9.05 1.32 -42.25
C ILE B 566 -9.65 -0.04 -42.59
N GLY B 567 -9.66 -0.96 -41.61
CA GLY B 567 -10.21 -2.28 -41.85
C GLY B 567 -11.71 -2.30 -42.09
N MET B 568 -12.47 -1.41 -41.45
CA MET B 568 -13.90 -1.37 -41.69
C MET B 568 -14.29 -0.47 -42.84
N PHE B 569 -13.47 0.55 -43.14
CA PHE B 569 -13.68 1.33 -44.35
C PHE B 569 -13.46 0.47 -45.59
N ASN B 570 -12.46 -0.43 -45.56
CA ASN B 570 -12.25 -1.34 -46.69
C ASN B 570 -13.38 -2.34 -46.86
N LEU B 571 -14.15 -2.61 -45.80
CA LEU B 571 -15.26 -3.56 -45.87
C LEU B 571 -16.53 -2.90 -46.38
N TYR B 572 -16.91 -1.76 -45.81
CA TYR B 572 -18.19 -1.12 -46.15
C TYR B 572 -18.05 -0.01 -47.18
N SER B 573 -17.06 -0.06 -48.07
CA SER B 573 -16.86 1.04 -49.00
C SER B 573 -17.80 0.95 -50.20
N TYR B 574 -18.05 -0.26 -50.69
CA TYR B 574 -18.83 -0.46 -51.91
C TYR B 574 -20.33 -0.43 -51.67
N TYR B 575 -20.76 -0.18 -50.43
CA TYR B 575 -22.18 -0.20 -50.08
C TYR B 575 -22.62 1.18 -49.63
N ILE B 576 -22.23 2.21 -50.40
CA ILE B 576 -22.41 3.59 -49.97
C ILE B 576 -23.88 4.01 -49.99
N GLY B 577 -24.66 3.50 -50.94
CA GLY B 577 -26.06 3.88 -51.00
C GLY B 577 -27.00 2.79 -50.53
N ALA B 578 -26.46 1.60 -50.31
CA ALA B 578 -27.25 0.42 -49.97
C ALA B 578 -27.06 0.03 -48.50
N LYS B 579 -26.97 1.01 -47.62
CA LYS B 579 -26.68 0.77 -46.22
C LYS B 579 -27.74 1.48 -45.38
N GLN B 580 -27.91 1.01 -44.13
CA GLN B 580 -28.95 1.52 -43.25
C GLN B 580 -28.70 2.97 -42.86
N ASN B 581 -27.44 3.37 -42.75
CA ASN B 581 -27.08 4.78 -42.56
C ASN B 581 -25.77 5.03 -43.29
N GLU B 582 -25.13 6.16 -43.01
CA GLU B 582 -23.96 6.61 -43.76
C GLU B 582 -22.65 6.36 -43.01
N ALA B 583 -22.56 5.29 -42.24
CA ALA B 583 -21.34 4.97 -41.52
C ALA B 583 -20.42 4.11 -42.36
N PHE B 584 -19.12 4.17 -42.06
CA PHE B 584 -18.07 3.28 -42.58
C PHE B 584 -17.95 3.33 -44.12
N THR B 585 -18.41 4.40 -44.74
CA THR B 585 -18.37 4.51 -46.20
C THR B 585 -17.36 5.51 -46.70
N THR B 586 -17.23 6.65 -46.02
CA THR B 586 -16.19 7.63 -46.23
C THR B 586 -15.19 7.45 -45.09
N VAL B 587 -13.97 7.98 -45.24
CA VAL B 587 -12.98 7.86 -44.18
C VAL B 587 -13.36 8.70 -42.97
N GLU B 588 -14.00 9.85 -43.18
CA GLU B 588 -14.48 10.64 -42.05
C GLU B 588 -15.68 10.01 -41.36
N GLU B 589 -16.52 9.28 -42.10
CA GLU B 589 -17.65 8.59 -41.49
C GLU B 589 -17.19 7.40 -40.68
N SER B 590 -16.20 6.66 -41.20
CA SER B 590 -15.62 5.55 -40.46
C SER B 590 -14.78 6.04 -39.29
N PHE B 591 -14.28 7.27 -39.37
CA PHE B 591 -13.57 7.86 -38.24
C PHE B 591 -14.54 8.24 -37.14
N LYS B 592 -15.64 8.92 -37.47
CA LYS B 592 -16.54 9.39 -36.44
C LYS B 592 -17.40 8.27 -35.85
N THR B 593 -17.69 7.23 -36.63
CA THR B 593 -18.44 6.08 -36.10
C THR B 593 -17.63 5.31 -35.07
N LEU B 594 -16.31 5.26 -35.22
CA LEU B 594 -15.46 4.63 -34.23
C LEU B 594 -15.03 5.58 -33.12
N PHE B 595 -15.08 6.89 -33.34
CA PHE B 595 -14.77 7.81 -32.25
C PHE B 595 -15.94 7.92 -31.28
N TRP B 596 -17.16 8.04 -31.79
CA TRP B 596 -18.31 8.19 -30.91
C TRP B 596 -18.75 6.88 -30.30
N ALA B 597 -18.13 5.76 -30.67
CA ALA B 597 -18.40 4.48 -30.03
C ALA B 597 -17.64 4.28 -28.74
N ILE B 598 -16.67 5.16 -28.44
CA ILE B 598 -15.99 5.11 -27.14
C ILE B 598 -16.94 5.58 -26.04
N PHE B 599 -17.82 6.52 -26.36
CA PHE B 599 -18.78 7.06 -25.41
C PHE B 599 -20.15 6.41 -25.55
N GLY B 600 -20.26 5.36 -26.36
CA GLY B 600 -21.50 4.63 -26.49
C GLY B 600 -22.56 5.32 -27.32
N LEU B 601 -22.19 6.31 -28.12
CA LEU B 601 -23.14 7.10 -28.88
C LEU B 601 -23.25 6.66 -30.34
N SER B 602 -22.83 5.43 -30.65
CA SER B 602 -22.91 4.89 -32.00
C SER B 602 -23.71 3.59 -31.94
N GLU B 603 -24.81 3.54 -32.67
CA GLU B 603 -25.71 2.40 -32.61
C GLU B 603 -25.16 1.21 -33.37
N VAL B 604 -25.80 0.05 -33.16
CA VAL B 604 -25.41 -1.19 -33.84
C VAL B 604 -26.10 -1.31 -35.18
N LYS B 605 -26.98 -0.37 -35.53
CA LYS B 605 -27.57 -0.33 -36.86
C LYS B 605 -26.63 0.23 -37.90
N SER B 606 -25.42 0.63 -37.51
CA SER B 606 -24.42 1.16 -38.44
C SER B 606 -23.56 0.07 -39.07
N VAL B 607 -23.86 -1.21 -38.84
CA VAL B 607 -23.17 -2.30 -39.50
C VAL B 607 -24.10 -3.13 -40.38
N VAL B 608 -25.32 -2.67 -40.60
CA VAL B 608 -26.36 -3.42 -41.29
C VAL B 608 -26.49 -2.89 -42.70
N ILE B 609 -26.44 -3.79 -43.68
CA ILE B 609 -26.69 -3.45 -45.08
C ILE B 609 -28.06 -3.97 -45.48
N ASN B 610 -28.58 -3.42 -46.57
CA ASN B 610 -29.94 -3.73 -47.01
C ASN B 610 -30.01 -4.94 -47.93
N TYR B 611 -28.89 -5.47 -48.39
CA TYR B 611 -28.90 -6.57 -49.34
C TYR B 611 -28.95 -7.90 -48.60
N ASN B 612 -28.81 -9.00 -49.33
CA ASN B 612 -28.79 -10.34 -48.74
C ASN B 612 -27.36 -10.86 -48.60
N HIS B 613 -26.37 -9.95 -48.55
CA HIS B 613 -24.99 -10.33 -48.33
C HIS B 613 -24.71 -10.33 -46.83
N LYS B 614 -25.17 -11.39 -46.16
CA LYS B 614 -25.00 -11.48 -44.71
C LYS B 614 -23.59 -11.89 -44.31
N PHE B 615 -22.76 -12.32 -45.27
CA PHE B 615 -21.34 -12.55 -45.01
C PHE B 615 -20.65 -11.28 -44.55
N ILE B 616 -20.79 -10.21 -45.34
CA ILE B 616 -20.16 -8.93 -45.04
C ILE B 616 -20.76 -8.29 -43.79
N GLU B 617 -22.05 -8.48 -43.56
CA GLU B 617 -22.70 -7.97 -42.35
C GLU B 617 -22.21 -8.69 -41.10
N ASN B 618 -21.97 -10.00 -41.18
CA ASN B 618 -21.45 -10.72 -40.03
C ASN B 618 -19.98 -10.38 -39.77
N ILE B 619 -19.22 -10.12 -40.84
CA ILE B 619 -17.85 -9.62 -40.69
C ILE B 619 -17.86 -8.28 -39.97
N GLY B 620 -18.80 -7.41 -40.33
CA GLY B 620 -18.88 -6.10 -39.69
C GLY B 620 -19.29 -6.18 -38.23
N TYR B 621 -20.21 -7.10 -37.91
CA TYR B 621 -20.61 -7.35 -36.53
C TYR B 621 -19.43 -7.83 -35.68
N VAL B 622 -18.66 -8.78 -36.22
CA VAL B 622 -17.53 -9.33 -35.49
C VAL B 622 -16.43 -8.28 -35.30
N LEU B 623 -16.16 -7.47 -36.34
CA LEU B 623 -15.12 -6.46 -36.23
C LEU B 623 -15.52 -5.34 -35.26
N TYR B 624 -16.79 -4.96 -35.24
CA TYR B 624 -17.26 -3.96 -34.29
C TYR B 624 -17.22 -4.46 -32.85
N GLY B 625 -17.58 -5.73 -32.62
CA GLY B 625 -17.49 -6.29 -31.28
C GLY B 625 -16.06 -6.42 -30.78
N VAL B 626 -15.15 -6.84 -31.67
CA VAL B 626 -13.74 -6.94 -31.31
C VAL B 626 -13.14 -5.56 -31.04
N TYR B 627 -13.59 -4.54 -31.78
CA TYR B 627 -13.15 -3.17 -31.52
C TYR B 627 -13.58 -2.69 -30.14
N ASN B 628 -14.85 -2.95 -29.77
CA ASN B 628 -15.33 -2.51 -28.47
C ASN B 628 -14.62 -3.23 -27.32
N VAL B 629 -14.40 -4.54 -27.47
CA VAL B 629 -13.70 -5.30 -26.42
C VAL B 629 -12.25 -4.83 -26.29
N THR B 630 -11.59 -4.55 -27.42
CA THR B 630 -10.20 -4.11 -27.39
C THR B 630 -10.06 -2.74 -26.75
N MET B 631 -10.99 -1.82 -27.03
CA MET B 631 -10.93 -0.50 -26.41
C MET B 631 -11.23 -0.56 -24.91
N VAL B 632 -12.12 -1.47 -24.50
CA VAL B 632 -12.39 -1.65 -23.07
C VAL B 632 -11.14 -2.18 -22.35
N ILE B 633 -10.42 -3.11 -22.99
CA ILE B 633 -9.19 -3.65 -22.41
C ILE B 633 -8.11 -2.58 -22.30
N VAL B 634 -7.96 -1.75 -23.35
CA VAL B 634 -6.93 -0.72 -23.35
C VAL B 634 -7.22 0.37 -22.31
N LEU B 635 -8.49 0.78 -22.19
CA LEU B 635 -8.83 1.80 -21.19
C LEU B 635 -8.74 1.26 -19.77
N LEU B 636 -9.08 -0.01 -19.55
CA LEU B 636 -8.94 -0.59 -18.22
C LEU B 636 -7.48 -0.75 -17.82
N ASN B 637 -6.62 -1.11 -18.79
CA ASN B 637 -5.19 -1.18 -18.53
C ASN B 637 -4.60 0.19 -18.22
N MET B 638 -5.09 1.23 -18.92
CA MET B 638 -4.64 2.59 -18.65
C MET B 638 -5.04 3.04 -17.25
N LEU B 639 -6.29 2.75 -16.86
CA LEU B 639 -6.78 3.12 -15.53
C LEU B 639 -6.00 2.42 -14.43
N ILE B 640 -5.71 1.12 -14.62
CA ILE B 640 -4.97 0.37 -13.61
C ILE B 640 -3.52 0.85 -13.52
N ALA B 641 -2.91 1.18 -14.66
CA ALA B 641 -1.54 1.68 -14.65
C ALA B 641 -1.44 3.06 -14.00
N MET B 642 -2.46 3.91 -14.20
CA MET B 642 -2.43 5.23 -13.58
C MET B 642 -2.79 5.19 -12.10
N ILE B 643 -3.58 4.19 -11.68
CA ILE B 643 -3.80 3.98 -10.25
C ILE B 643 -2.51 3.50 -9.60
N ASN B 644 -1.77 2.63 -10.29
CA ASN B 644 -0.53 2.09 -9.73
C ASN B 644 0.58 3.14 -9.69
N SER B 645 0.63 4.02 -10.68
CA SER B 645 1.65 5.09 -10.68
C SER B 645 1.14 6.34 -9.97
N SER B 646 0.58 6.16 -8.79
CA SER B 646 0.28 7.24 -7.84
C SER B 646 0.65 6.88 -6.42
N PHE B 647 0.88 5.60 -6.12
CA PHE B 647 1.41 5.17 -4.84
C PHE B 647 2.93 5.09 -4.85
N GLN B 648 3.55 5.30 -6.01
CA GLN B 648 5.00 5.43 -6.10
C GLN B 648 5.48 6.83 -5.74
N GLU B 649 4.56 7.77 -5.53
CA GLU B 649 4.89 9.14 -5.17
C GLU B 649 4.70 9.33 -3.67
N ILE B 650 5.66 10.01 -3.04
CA ILE B 650 5.56 10.29 -1.61
C ILE B 650 4.50 11.36 -1.38
N GLU B 651 3.83 11.28 -0.23
CA GLU B 651 2.76 12.22 0.09
C GLU B 651 3.27 13.57 0.56
N ASP B 652 4.58 13.72 0.78
CA ASP B 652 5.16 14.99 1.19
C ASP B 652 5.68 15.83 0.03
N ASP B 653 5.93 15.21 -1.13
CA ASP B 653 6.34 15.96 -2.31
C ASP B 653 5.18 16.63 -3.02
N ALA B 654 3.94 16.22 -2.73
CA ALA B 654 2.78 16.86 -3.33
C ALA B 654 2.57 18.28 -2.79
N ASP B 655 3.02 18.54 -1.57
CA ASP B 655 3.00 19.91 -1.05
C ASP B 655 4.18 20.70 -1.57
N VAL B 656 5.33 20.04 -1.73
CA VAL B 656 6.55 20.73 -2.14
C VAL B 656 6.45 21.19 -3.59
N GLU B 657 5.84 20.38 -4.46
CA GLU B 657 5.67 20.77 -5.86
C GLU B 657 4.71 21.94 -6.00
N TRP B 658 3.62 21.94 -5.22
CA TRP B 658 2.68 23.05 -5.26
C TRP B 658 3.31 24.33 -4.70
N LYS B 659 4.06 24.23 -3.61
CA LYS B 659 4.67 25.44 -3.05
C LYS B 659 5.78 25.98 -3.93
N PHE B 660 6.47 25.10 -4.67
CA PHE B 660 7.44 25.56 -5.65
C PHE B 660 6.76 26.25 -6.82
N ALA B 661 5.60 25.74 -7.26
CA ALA B 661 4.85 26.40 -8.33
C ALA B 661 4.29 27.74 -7.88
N ARG B 662 3.85 27.82 -6.62
CA ARG B 662 3.34 29.08 -6.08
C ARG B 662 4.45 30.12 -5.93
N ALA B 663 5.64 29.69 -5.51
CA ALA B 663 6.76 30.62 -5.42
C ALA B 663 7.26 31.06 -6.79
N LYS B 664 7.18 30.16 -7.79
CA LYS B 664 7.47 30.58 -9.16
C LYS B 664 6.43 31.54 -9.70
N LEU B 665 5.19 31.44 -9.23
CA LEU B 665 4.18 32.44 -9.58
C LEU B 665 4.46 33.77 -8.89
N TRP B 666 4.92 33.73 -7.63
CA TRP B 666 5.24 34.93 -6.88
C TRP B 666 6.40 35.69 -7.51
N PHE B 667 7.44 34.96 -7.92
CA PHE B 667 8.66 35.58 -8.41
C PHE B 667 8.50 36.28 -9.75
N SER B 668 7.40 36.01 -10.47
CA SER B 668 7.12 36.72 -11.71
C SER B 668 6.48 38.08 -11.47
N TYR B 669 5.95 38.34 -10.27
CA TYR B 669 5.40 39.63 -9.92
C TYR B 669 6.36 40.48 -9.11
N PHE B 670 7.50 39.93 -8.70
CA PHE B 670 8.47 40.72 -7.93
C PHE B 670 9.23 41.68 -8.82
N GLU B 671 9.30 41.39 -10.12
CA GLU B 671 10.09 42.21 -11.04
C GLU B 671 9.43 43.56 -11.27
N GLU B 672 10.23 44.62 -11.22
CA GLU B 672 9.75 45.96 -11.55
C GLU B 672 9.46 46.03 -13.04
N GLY B 673 8.22 46.35 -13.38
CA GLY B 673 7.79 46.28 -14.76
C GLY B 673 6.33 46.62 -14.95
N ARG B 674 5.59 45.72 -15.62
CA ARG B 674 4.16 45.87 -15.95
C ARG B 674 3.16 46.00 -14.86
N THR B 675 2.78 47.21 -14.53
CA THR B 675 1.90 47.48 -13.39
C THR B 675 0.45 47.60 -13.79
N LEU B 676 0.17 48.23 -14.93
CA LEU B 676 -1.18 48.37 -15.42
C LEU B 676 -1.55 47.17 -16.28
N PRO B 677 -2.78 46.67 -16.13
CA PRO B 677 -3.17 45.42 -16.78
C PRO B 677 -3.36 45.50 -18.29
N VAL B 678 -3.87 44.42 -18.86
CA VAL B 678 -3.79 44.12 -20.29
C VAL B 678 -4.54 45.08 -21.23
N PRO B 679 -5.60 45.84 -20.87
CA PRO B 679 -6.03 46.88 -21.83
C PRO B 679 -5.30 48.20 -21.68
N PHE B 680 -4.52 48.39 -20.60
CA PHE B 680 -3.91 49.67 -20.30
C PHE B 680 -2.42 49.74 -20.61
N ASN B 681 -1.85 48.70 -21.22
CA ASN B 681 -0.44 48.72 -21.57
C ASN B 681 -0.18 49.34 -22.94
N LEU B 682 -1.22 49.85 -23.60
CA LEU B 682 -1.10 50.45 -24.92
C LEU B 682 -0.94 51.97 -24.88
N VAL B 683 -1.10 52.59 -23.71
CA VAL B 683 -0.99 54.03 -23.60
C VAL B 683 0.34 54.42 -22.98
N ARG B 769 34.09 39.15 9.58
CA ARG B 769 32.86 39.94 9.66
C ARG B 769 31.71 39.10 10.22
N GLN B 770 30.48 39.54 9.97
CA GLN B 770 29.34 38.85 10.56
C GLN B 770 28.95 37.60 9.77
N TYR B 771 29.15 37.62 8.45
CA TYR B 771 28.75 36.48 7.63
C TYR B 771 29.63 35.27 7.89
N GLN B 772 30.92 35.49 8.12
CA GLN B 772 31.81 34.37 8.42
C GLN B 772 31.52 33.79 9.80
N LYS B 773 31.14 34.65 10.76
CA LYS B 773 30.78 34.17 12.09
C LYS B 773 29.51 33.34 12.06
N ILE B 774 28.50 33.82 11.31
CA ILE B 774 27.23 33.10 11.23
C ILE B 774 27.40 31.79 10.48
N MET B 775 28.17 31.79 9.39
CA MET B 775 28.40 30.56 8.66
C MET B 775 29.24 29.57 9.45
N LYS B 776 30.17 30.05 10.29
CA LYS B 776 30.96 29.15 11.11
C LYS B 776 30.11 28.49 12.19
N ARG B 777 29.21 29.26 12.82
CA ARG B 777 28.35 28.65 13.84
C ARG B 777 27.31 27.71 13.22
N LEU B 778 26.89 27.98 11.97
CA LEU B 778 25.92 27.09 11.34
C LEU B 778 26.59 25.80 10.86
N ILE B 779 27.84 25.88 10.42
CA ILE B 779 28.58 24.68 10.04
C ILE B 779 28.88 23.84 11.28
N LYS B 780 29.18 24.48 12.42
CA LYS B 780 29.38 23.71 13.65
C LYS B 780 28.11 23.02 14.11
N ARG B 781 26.96 23.72 14.03
CA ARG B 781 25.67 23.09 14.32
C ARG B 781 25.39 21.92 13.40
N TYR B 782 25.73 22.05 12.11
CA TYR B 782 25.46 20.99 11.16
C TYR B 782 26.33 19.76 11.44
N VAL B 783 27.59 19.97 11.81
CA VAL B 783 28.47 18.83 12.11
C VAL B 783 28.02 18.12 13.38
N LEU B 784 27.66 18.87 14.43
CA LEU B 784 27.22 18.25 15.68
C LEU B 784 25.88 17.53 15.51
N GLN B 785 24.93 18.14 14.79
CA GLN B 785 23.64 17.50 14.57
C GLN B 785 23.76 16.30 13.63
N ALA B 786 24.71 16.34 12.68
CA ALA B 786 24.92 15.19 11.81
C ALA B 786 25.53 14.02 12.56
N GLN B 787 26.42 14.29 13.51
CA GLN B 787 26.93 13.21 14.35
C GLN B 787 25.87 12.67 15.30
N ILE B 788 24.97 13.53 15.78
CA ILE B 788 23.85 13.07 16.60
C ILE B 788 22.91 12.19 15.80
N ASP B 789 22.63 12.57 14.55
CA ASP B 789 21.77 11.75 13.69
C ASP B 789 22.45 10.46 13.25
N LYS B 790 23.78 10.46 13.18
CA LYS B 790 24.50 9.22 12.89
C LYS B 790 24.51 8.29 14.09
N GLU B 791 24.44 8.85 15.29
CA GLU B 791 24.35 8.03 16.50
C GLU B 791 22.91 7.69 16.87
N SER B 792 22.01 7.70 15.90
CA SER B 792 20.63 7.27 16.08
C SER B 792 20.25 6.14 15.15
N ASP B 793 21.16 5.67 14.31
CA ASP B 793 20.90 4.49 13.50
C ASP B 793 20.90 3.25 14.38
N GLU B 794 20.18 2.23 13.94
CA GLU B 794 20.10 0.99 14.69
C GLU B 794 21.42 0.26 14.65
N VAL B 795 21.78 -0.38 15.77
CA VAL B 795 23.05 -1.07 15.87
C VAL B 795 22.95 -2.39 15.12
N ASN B 796 23.99 -2.71 14.34
CA ASN B 796 24.03 -3.91 13.55
C ASN B 796 24.98 -4.93 14.17
N GLU B 797 25.19 -6.03 13.46
CA GLU B 797 25.92 -7.17 13.98
C GLU B 797 27.44 -6.96 14.00
N GLY B 798 27.94 -5.93 13.31
CA GLY B 798 29.37 -5.73 13.22
C GLY B 798 29.89 -4.71 14.22
N GLU B 799 29.00 -4.13 15.00
CA GLU B 799 29.39 -3.21 16.07
C GLU B 799 29.37 -3.86 17.44
N LEU B 800 28.72 -5.01 17.58
CA LEU B 800 28.78 -5.79 18.81
C LEU B 800 29.98 -6.71 18.84
N LYS B 801 30.49 -7.09 17.66
CA LYS B 801 31.72 -7.87 17.58
C LYS B 801 32.91 -7.06 18.09
N GLU B 802 32.88 -5.74 17.92
CA GLU B 802 33.94 -4.89 18.45
C GLU B 802 33.93 -4.88 19.98
N ILE B 803 32.74 -4.89 20.59
CA ILE B 803 32.63 -4.99 22.04
C ILE B 803 33.08 -6.36 22.54
N LYS B 804 32.78 -7.41 21.76
CA LYS B 804 33.22 -8.75 22.12
C LYS B 804 34.73 -8.88 22.08
N GLN B 805 35.38 -8.29 21.06
CA GLN B 805 36.83 -8.32 21.00
C GLN B 805 37.45 -7.44 22.07
N ASP B 806 36.76 -6.37 22.49
CA ASP B 806 37.22 -5.56 23.62
C ASP B 806 37.26 -6.38 24.90
N ILE B 807 36.20 -7.15 25.16
CA ILE B 807 36.16 -7.99 26.36
C ILE B 807 37.20 -9.10 26.28
N SER B 808 37.43 -9.65 25.08
CA SER B 808 38.43 -10.70 24.91
C SER B 808 39.85 -10.20 25.19
N SER B 809 40.19 -9.03 24.64
CA SER B 809 41.51 -8.45 24.87
C SER B 809 41.70 -8.07 26.34
N LEU B 810 40.62 -7.56 26.97
CA LEU B 810 40.68 -7.22 28.39
C LEU B 810 40.91 -8.47 29.24
N ARG B 811 40.27 -9.59 28.87
CA ARG B 811 40.45 -10.84 29.61
C ARG B 811 41.89 -11.34 29.52
N TYR B 812 42.46 -11.34 28.32
CA TYR B 812 43.83 -11.81 28.13
C TYR B 812 44.83 -10.94 28.90
N GLU B 813 44.64 -9.62 28.83
CA GLU B 813 45.56 -8.68 29.50
C GLU B 813 45.48 -8.80 31.01
N LEU B 814 44.26 -8.92 31.55
CA LEU B 814 44.10 -9.01 33.00
C LEU B 814 44.60 -10.33 33.56
N LEU B 815 44.36 -11.44 32.86
CA LEU B 815 44.83 -12.72 33.36
C LEU B 815 46.34 -12.83 33.31
N GLU B 816 46.97 -12.26 32.28
CA GLU B 816 48.43 -12.25 32.25
C GLU B 816 49.01 -11.34 33.32
N GLU B 817 48.38 -10.20 33.59
CA GLU B 817 48.87 -9.31 34.65
C GLU B 817 48.75 -9.96 36.02
N LYS B 818 47.66 -10.71 36.25
CA LYS B 818 47.50 -11.41 37.53
C LYS B 818 48.55 -12.52 37.69
N SER B 819 48.80 -13.29 36.63
CA SER B 819 49.81 -14.35 36.71
C SER B 819 51.21 -13.78 36.89
N GLN B 820 51.51 -12.66 36.22
CA GLN B 820 52.82 -12.04 36.35
C GLN B 820 53.04 -11.46 37.74
N ASN B 821 52.00 -10.85 38.33
CA ASN B 821 52.12 -10.32 39.69
C ASN B 821 52.29 -11.43 40.70
N THR B 822 51.55 -12.54 40.55
CA THR B 822 51.70 -13.68 41.45
C THR B 822 53.08 -14.32 41.32
N GLU B 823 53.61 -14.41 40.10
CA GLU B 823 54.94 -15.00 39.89
C GLU B 823 56.04 -14.11 40.47
N ASP B 824 55.93 -12.79 40.30
CA ASP B 824 56.94 -11.89 40.86
C ASP B 824 56.90 -11.87 42.38
N LEU B 825 55.71 -11.91 42.97
CA LEU B 825 55.60 -11.96 44.43
C LEU B 825 56.14 -13.27 44.98
N ALA B 826 55.87 -14.40 44.30
CA ALA B 826 56.36 -15.69 44.77
C ALA B 826 57.88 -15.78 44.64
N GLU B 827 58.46 -15.21 43.57
CA GLU B 827 59.90 -15.22 43.42
C GLU B 827 60.60 -14.34 44.46
N LEU B 828 60.07 -13.14 44.71
CA LEU B 828 60.68 -12.26 45.70
C LEU B 828 60.43 -12.71 47.14
N ILE B 829 59.42 -13.57 47.37
CA ILE B 829 59.28 -14.14 48.71
C ILE B 829 60.19 -15.37 48.87
N ARG B 830 60.38 -16.16 47.80
CA ARG B 830 61.29 -17.31 47.87
C ARG B 830 62.74 -16.86 48.03
N GLU B 831 63.13 -15.77 47.36
CA GLU B 831 64.50 -15.27 47.46
C GLU B 831 64.82 -14.62 48.80
N LEU B 832 63.83 -14.42 49.67
CA LEU B 832 64.07 -13.98 51.03
C LEU B 832 63.76 -15.08 52.04
N GLY B 833 62.98 -16.10 51.66
CA GLY B 833 62.82 -17.29 52.46
C GLY B 833 63.94 -18.30 52.32
N GLU B 834 64.84 -18.07 51.36
CA GLU B 834 66.10 -18.80 51.29
C GLU B 834 67.20 -18.15 52.15
N LYS B 835 66.84 -17.22 53.02
CA LYS B 835 67.78 -16.57 53.93
C LYS B 835 67.39 -16.73 55.39
N LEU B 836 66.45 -17.62 55.68
CA LEU B 836 66.04 -17.88 57.05
C LEU B 836 66.19 -19.35 57.40
N ALA C 1 42.32 26.51 0.06
CA ALA C 1 42.80 25.68 1.14
C ALA C 1 42.15 26.08 2.47
N TYR C 2 40.83 26.17 2.47
CA TYR C 2 40.08 26.49 3.67
C TYR C 2 39.70 25.22 4.41
N MET C 3 39.60 25.34 5.73
CA MET C 3 39.09 24.27 6.58
C MET C 3 38.21 24.88 7.66
N PHE C 4 37.25 24.10 8.13
CA PHE C 4 36.52 24.46 9.33
C PHE C 4 37.37 24.09 10.53
N SER C 5 38.01 25.08 11.14
CA SER C 5 38.78 24.89 12.36
C SER C 5 38.10 25.68 13.47
N ASP C 6 37.67 24.97 14.52
CA ASP C 6 36.96 25.62 15.61
C ASP C 6 37.88 26.19 16.68
N ARG C 7 39.19 26.07 16.52
CA ARG C 7 40.12 26.72 17.43
C ARG C 7 41.19 27.50 16.66
N SER C 8 41.54 27.01 15.46
CA SER C 8 42.48 27.65 14.52
C SER C 8 43.85 27.87 15.15
N THR C 9 44.36 26.81 15.77
CA THR C 9 45.68 26.81 16.41
C THR C 9 46.16 25.37 16.48
N SER C 10 47.21 25.13 17.27
CA SER C 10 47.74 23.80 17.48
C SER C 10 47.77 23.48 18.96
N LEU C 11 47.40 22.25 19.31
CA LEU C 11 47.38 21.82 20.69
C LEU C 11 48.80 21.52 21.18
N SER C 12 49.00 21.67 22.48
CA SER C 12 50.25 21.29 23.10
C SER C 12 50.36 19.76 23.17
N ILE C 13 51.56 19.28 23.48
CA ILE C 13 51.75 17.84 23.60
C ILE C 13 51.33 17.36 24.99
N GLU C 14 51.18 18.29 25.94
CA GLU C 14 50.67 17.99 27.26
C GLU C 14 49.21 18.41 27.42
N GLU C 15 48.55 18.81 26.35
CA GLU C 15 47.11 19.06 26.36
C GLU C 15 46.33 18.08 25.52
N GLU C 16 46.92 17.55 24.44
CA GLU C 16 46.30 16.45 23.72
C GLU C 16 46.23 15.19 24.56
N ARG C 17 47.21 14.99 25.45
CA ARG C 17 47.16 13.88 26.40
C ARG C 17 46.01 14.05 27.39
N PHE C 18 45.80 15.27 27.88
CA PHE C 18 44.72 15.53 28.82
C PHE C 18 43.36 15.38 28.17
N LEU C 19 43.23 15.82 26.92
CA LEU C 19 41.97 15.66 26.21
C LEU C 19 41.69 14.22 25.83
N ASP C 20 42.72 13.44 25.46
CA ASP C 20 42.52 12.02 25.18
C ASP C 20 42.18 11.25 26.45
N ALA C 21 42.79 11.62 27.58
CA ALA C 21 42.49 10.96 28.84
C ALA C 21 41.09 11.30 29.33
N ALA C 22 40.65 12.54 29.11
CA ALA C 22 39.30 12.92 29.51
C ALA C 22 38.25 12.28 28.60
N GLU C 23 38.57 12.13 27.31
CA GLU C 23 37.58 11.57 26.40
C GLU C 23 37.47 10.06 26.53
N TYR C 24 38.60 9.35 26.60
CA TYR C 24 38.59 7.90 26.51
C TYR C 24 38.62 7.20 27.86
N GLY C 25 38.54 7.95 28.96
CA GLY C 25 38.27 7.36 30.25
C GLY C 25 39.47 7.09 31.13
N ASN C 26 40.63 7.66 30.83
CA ASN C 26 41.86 7.38 31.56
C ASN C 26 41.85 8.18 32.85
N ILE C 27 41.22 7.63 33.88
CA ILE C 27 41.06 8.28 35.19
C ILE C 27 42.40 8.49 35.92
N PRO C 28 43.36 7.55 35.98
CA PRO C 28 44.62 7.87 36.69
C PRO C 28 45.46 8.94 36.03
N VAL C 29 45.46 9.01 34.70
CA VAL C 29 46.19 10.07 34.01
C VAL C 29 45.55 11.43 34.28
N VAL C 30 44.23 11.48 34.40
CA VAL C 30 43.56 12.73 34.76
C VAL C 30 43.86 13.12 36.21
N ARG C 31 43.88 12.13 37.11
CA ARG C 31 44.28 12.39 38.51
C ARG C 31 45.71 12.88 38.61
N LYS C 32 46.60 12.38 37.77
CA LYS C 32 48.00 12.79 37.83
C LYS C 32 48.20 14.17 37.21
N MET C 33 47.60 14.43 36.05
CA MET C 33 47.77 15.71 35.38
C MET C 33 46.96 16.82 36.02
N LEU C 34 45.97 16.49 36.85
CA LEU C 34 45.15 17.50 37.49
C LEU C 34 45.71 17.94 38.84
N GLU C 35 46.78 17.32 39.29
CA GLU C 35 47.45 17.67 40.54
C GLU C 35 48.93 17.96 40.37
N GLU C 36 49.62 17.24 39.49
CA GLU C 36 51.05 17.40 39.30
C GLU C 36 51.41 18.17 38.04
N CYS C 37 50.51 19.04 37.58
CA CYS C 37 50.78 19.90 36.43
C CYS C 37 50.15 21.26 36.71
N HIS C 38 50.99 22.24 37.04
CA HIS C 38 50.52 23.58 37.36
C HIS C 38 50.46 24.50 36.16
N SER C 39 51.13 24.14 35.06
CA SER C 39 51.08 24.91 33.83
C SER C 39 50.01 24.40 32.87
N LEU C 40 49.04 23.64 33.37
CA LEU C 40 47.99 23.13 32.51
C LEU C 40 46.78 24.00 32.54
N ASN C 41 46.13 24.12 31.38
CA ASN C 41 44.92 24.89 31.21
C ASN C 41 43.84 23.85 31.19
N VAL C 42 42.88 23.88 32.09
CA VAL C 42 41.87 22.85 32.06
C VAL C 42 40.77 23.18 31.07
N ASN C 43 40.81 24.36 30.49
CA ASN C 43 39.81 24.80 29.53
C ASN C 43 40.32 24.75 28.10
N CYS C 44 41.31 23.92 27.81
CA CYS C 44 41.76 23.74 26.44
C CYS C 44 40.73 22.98 25.63
N VAL C 45 40.63 23.29 24.34
CA VAL C 45 39.60 22.73 23.48
C VAL C 45 40.25 21.91 22.38
N ASP C 46 39.47 20.98 21.84
CA ASP C 46 39.90 20.13 20.74
C ASP C 46 39.49 20.77 19.41
N TYR C 47 39.53 19.99 18.32
CA TYR C 47 39.24 20.48 16.97
C TYR C 47 37.81 20.95 16.79
N MET C 48 36.88 20.55 17.66
CA MET C 48 35.48 20.96 17.57
C MET C 48 35.11 21.99 18.63
N GLY C 49 35.97 22.23 19.61
CA GLY C 49 35.72 23.25 20.61
C GLY C 49 35.24 22.75 21.95
N GLN C 50 35.41 21.47 22.27
CA GLN C 50 34.92 20.89 23.50
C GLN C 50 36.09 20.70 24.47
N ASN C 51 35.93 21.21 25.69
CA ASN C 51 36.96 21.03 26.70
C ASN C 51 36.77 19.67 27.38
N ALA C 52 37.46 19.46 28.50
CA ALA C 52 37.48 18.14 29.12
C ALA C 52 36.16 17.79 29.78
N LEU C 53 35.43 18.78 30.29
CA LEU C 53 34.13 18.51 30.90
C LEU C 53 33.10 18.12 29.86
N GLN C 54 33.08 18.79 28.72
CA GLN C 54 32.15 18.46 27.66
C GLN C 54 32.55 17.22 26.88
N LEU C 55 33.76 16.70 27.09
CA LEU C 55 34.15 15.40 26.56
C LEU C 55 33.95 14.27 27.55
N ALA C 56 33.95 14.55 28.85
CA ALA C 56 33.64 13.53 29.85
C ALA C 56 32.15 13.38 30.10
N VAL C 57 31.36 14.44 29.87
CA VAL C 57 29.91 14.31 30.03
C VAL C 57 29.29 13.65 28.81
N ALA C 58 29.82 13.91 27.62
CA ALA C 58 29.30 13.31 26.39
C ALA C 58 29.63 11.84 26.24
N ASN C 59 30.54 11.31 27.04
CA ASN C 59 30.93 9.90 26.97
C ASN C 59 30.51 9.09 28.18
N GLU C 60 29.81 9.72 29.14
CA GLU C 60 29.37 9.14 30.41
C GLU C 60 30.56 8.62 31.21
N HIS C 61 31.39 9.57 31.64
CA HIS C 61 32.51 9.31 32.53
C HIS C 61 32.19 10.05 33.83
N LEU C 62 31.55 9.34 34.76
CA LEU C 62 31.11 9.97 36.00
C LEU C 62 32.27 10.28 36.93
N GLU C 63 33.31 9.44 36.91
CA GLU C 63 34.44 9.63 37.81
C GLU C 63 35.30 10.81 37.36
N ILE C 64 35.50 10.96 36.05
CA ILE C 64 36.24 12.10 35.52
C ILE C 64 35.44 13.39 35.70
N THR C 65 34.11 13.30 35.63
CA THR C 65 33.26 14.46 35.85
C THR C 65 33.32 14.92 37.31
N GLU C 66 33.22 13.97 38.25
CA GLU C 66 33.33 14.30 39.66
C GLU C 66 34.74 14.72 40.05
N LEU C 67 35.74 14.33 39.27
CA LEU C 67 37.12 14.76 39.48
C LEU C 67 37.38 16.15 38.94
N LEU C 68 36.73 16.52 37.84
CA LEU C 68 36.93 17.83 37.24
C LEU C 68 36.08 18.91 37.89
N LEU C 69 34.92 18.54 38.45
CA LEU C 69 34.02 19.53 39.04
C LEU C 69 34.53 20.12 40.35
N LYS C 70 35.61 19.59 40.92
CA LYS C 70 36.22 20.12 42.12
C LYS C 70 37.35 21.09 41.84
N LYS C 71 37.29 21.80 40.70
CA LYS C 71 38.40 22.62 40.25
C LYS C 71 38.22 24.11 40.52
N GLU C 72 36.97 24.59 40.53
CA GLU C 72 36.58 25.99 40.71
C GLU C 72 37.18 26.92 39.67
N ASN C 73 37.55 26.40 38.50
CA ASN C 73 38.09 27.19 37.41
C ASN C 73 37.46 26.77 36.07
N LEU C 74 36.58 25.78 36.08
CA LEU C 74 35.99 25.28 34.85
C LEU C 74 35.03 26.28 34.23
N SER C 75 35.03 26.29 32.90
CA SER C 75 33.98 26.93 32.12
C SER C 75 33.11 25.84 31.52
N ARG C 76 31.94 26.27 31.01
CA ARG C 76 30.93 25.42 30.37
C ARG C 76 30.45 24.33 31.33
N VAL C 77 29.85 24.77 32.42
CA VAL C 77 29.18 23.87 33.36
C VAL C 77 27.68 23.80 33.09
N GLY C 78 27.08 24.92 32.70
CA GLY C 78 25.68 24.91 32.32
C GLY C 78 25.44 24.16 31.03
N ASP C 79 26.38 24.23 30.10
CA ASP C 79 26.26 23.44 28.87
C ASP C 79 26.48 21.96 29.14
N ALA C 80 27.37 21.63 30.08
CA ALA C 80 27.53 20.23 30.47
C ALA C 80 26.27 19.69 31.14
N LEU C 81 25.59 20.54 31.92
CA LEU C 81 24.31 20.15 32.51
C LEU C 81 23.26 19.94 31.43
N LEU C 82 23.20 20.82 30.44
CA LEU C 82 22.22 20.67 29.36
C LEU C 82 22.52 19.46 28.49
N LEU C 83 23.79 19.15 28.27
CA LEU C 83 24.16 17.98 27.48
C LEU C 83 23.86 16.69 28.23
N ALA C 84 24.07 16.67 29.55
CA ALA C 84 23.74 15.48 30.33
C ALA C 84 22.23 15.29 30.46
N ILE C 85 21.47 16.39 30.49
CA ILE C 85 20.01 16.28 30.48
C ILE C 85 19.53 15.80 29.12
N SER C 86 20.18 16.25 28.05
CA SER C 86 19.81 15.85 26.70
C SER C 86 20.08 14.37 26.45
N LYS C 87 21.19 13.86 26.96
CA LYS C 87 21.55 12.46 26.73
C LYS C 87 20.90 11.52 27.74
N GLY C 88 20.43 12.02 28.88
CA GLY C 88 19.73 11.20 29.83
C GLY C 88 20.56 10.57 30.92
N TYR C 89 21.71 11.15 31.26
CA TYR C 89 22.62 10.60 32.25
C TYR C 89 22.23 11.14 33.62
N VAL C 90 21.61 10.29 34.44
CA VAL C 90 21.00 10.78 35.68
C VAL C 90 22.06 11.03 36.75
N ARG C 91 23.10 10.18 36.79
CA ARG C 91 24.14 10.34 37.80
C ARG C 91 25.01 11.56 37.50
N ILE C 92 25.26 11.84 36.21
CA ILE C 92 26.03 13.01 35.84
C ILE C 92 25.23 14.28 36.10
N VAL C 93 23.91 14.24 35.92
CA VAL C 93 23.06 15.39 36.25
C VAL C 93 23.05 15.63 37.76
N GLU C 94 22.94 14.55 38.55
CA GLU C 94 22.94 14.70 40.00
C GLU C 94 24.31 15.05 40.55
N ALA C 95 25.38 14.84 39.79
CA ALA C 95 26.70 15.30 40.19
C ALA C 95 26.98 16.73 39.77
N ILE C 96 26.42 17.18 38.65
CA ILE C 96 26.61 18.56 38.20
C ILE C 96 25.72 19.50 39.00
N LEU C 97 24.53 19.05 39.42
CA LEU C 97 23.63 19.90 40.21
C LEU C 97 24.10 20.13 41.64
N SER C 98 25.21 19.53 42.07
CA SER C 98 25.80 19.81 43.37
C SER C 98 26.97 20.78 43.28
N HIS C 99 27.31 21.23 42.08
CA HIS C 99 28.29 22.30 41.91
C HIS C 99 27.73 23.58 42.50
N PRO C 100 28.58 24.45 43.08
CA PRO C 100 28.05 25.68 43.70
C PRO C 100 27.70 26.80 42.74
N ALA C 101 27.00 26.49 41.65
CA ALA C 101 26.33 27.45 40.81
C ALA C 101 24.84 27.21 40.71
N PHE C 102 24.38 26.03 41.12
CA PHE C 102 22.98 25.67 41.20
C PHE C 102 22.57 25.44 42.66
N ALA C 103 23.00 26.35 43.54
CA ALA C 103 22.95 26.10 44.98
C ALA C 103 21.52 26.06 45.52
N GLU C 104 20.76 27.12 45.29
CA GLU C 104 19.36 27.18 45.72
C GLU C 104 18.40 27.02 44.55
N GLY C 105 18.78 26.24 43.55
CA GLY C 105 17.99 26.14 42.34
C GLY C 105 17.97 27.44 41.54
N LYS C 106 19.14 28.04 41.32
CA LYS C 106 19.18 29.41 40.86
C LYS C 106 18.97 29.51 39.34
N ARG C 107 19.60 28.63 38.58
CA ARG C 107 19.63 28.74 37.12
C ARG C 107 18.76 27.70 36.43
N LEU C 108 17.82 27.09 37.16
CA LEU C 108 17.07 25.97 36.61
C LEU C 108 15.79 26.37 35.90
N ALA C 109 15.42 27.66 35.91
CA ALA C 109 14.20 28.10 35.25
C ALA C 109 14.32 29.56 34.87
N THR C 110 13.59 29.93 33.81
CA THR C 110 13.55 31.26 33.18
C THR C 110 14.93 31.90 32.95
N GLN C 119 21.92 36.70 27.94
CA GLN C 119 21.71 37.63 29.03
C GLN C 119 22.79 37.49 30.09
N ASP C 120 23.28 36.26 30.26
CA ASP C 120 24.33 35.97 31.23
C ASP C 120 25.48 35.15 30.68
N ASP C 121 25.31 34.47 29.54
CA ASP C 121 26.31 33.59 28.91
C ASP C 121 26.76 32.47 29.86
N PHE C 122 25.80 31.91 30.60
CA PHE C 122 26.09 30.78 31.46
C PHE C 122 25.99 29.47 30.71
N TYR C 123 25.04 29.35 29.78
CA TYR C 123 24.80 28.14 29.02
C TYR C 123 25.48 28.17 27.66
N ALA C 124 26.43 29.08 27.43
CA ALA C 124 27.17 29.10 26.18
C ALA C 124 28.15 27.94 26.14
N TYR C 125 28.57 27.59 24.92
CA TYR C 125 29.47 26.45 24.76
C TYR C 125 30.59 26.72 23.76
N ASP C 126 30.61 27.89 23.15
CA ASP C 126 31.55 28.16 22.08
C ASP C 126 32.24 29.50 22.17
N GLU C 127 31.84 30.38 23.10
CA GLU C 127 32.02 31.84 23.16
C GLU C 127 31.29 32.56 22.03
N ASP C 128 30.53 31.86 21.20
CA ASP C 128 29.61 32.47 20.23
C ASP C 128 28.49 31.45 20.04
N GLY C 129 27.39 31.64 20.77
CA GLY C 129 26.23 30.79 20.63
C GLY C 129 26.14 29.75 21.73
N THR C 130 24.96 29.11 21.78
CA THR C 130 24.66 28.05 22.72
C THR C 130 24.33 26.77 21.95
N ARG C 131 24.33 25.65 22.66
CA ARG C 131 24.10 24.36 22.02
C ARG C 131 22.64 24.18 21.62
N PHE C 132 21.71 24.54 22.48
CA PHE C 132 20.30 24.62 22.16
C PHE C 132 19.93 26.09 22.14
N SER C 133 18.69 26.38 21.76
CA SER C 133 18.26 27.77 21.63
C SER C 133 18.21 28.44 22.99
N HIS C 134 18.33 29.77 23.00
CA HIS C 134 18.57 30.55 24.22
C HIS C 134 17.42 30.52 25.21
N ASP C 135 16.23 30.14 24.76
CA ASP C 135 15.09 30.02 25.64
C ASP C 135 15.15 28.76 26.50
N VAL C 136 15.86 27.73 26.03
CA VAL C 136 15.75 26.38 26.60
C VAL C 136 16.44 26.37 27.96
N THR C 137 15.66 26.19 29.01
CA THR C 137 16.09 26.04 30.38
C THR C 137 16.30 24.55 30.63
N PRO C 138 16.88 24.12 31.76
CA PRO C 138 16.97 22.69 32.03
C PRO C 138 15.63 21.97 32.16
N ILE C 139 14.58 22.65 32.64
CA ILE C 139 13.31 21.96 32.84
C ILE C 139 12.58 21.75 31.52
N ILE C 140 12.72 22.70 30.59
CA ILE C 140 12.11 22.56 29.26
C ILE C 140 12.82 21.45 28.48
N LEU C 141 14.14 21.37 28.61
CA LEU C 141 14.89 20.32 27.93
C LEU C 141 14.64 18.95 28.56
N ALA C 142 14.47 18.89 29.89
CA ALA C 142 14.16 17.63 30.53
C ALA C 142 12.73 17.17 30.25
N ALA C 143 11.82 18.10 29.93
CA ALA C 143 10.47 17.72 29.53
C ALA C 143 10.35 17.40 28.06
N HIS C 144 11.23 17.96 27.21
CA HIS C 144 11.24 17.58 25.79
C HIS C 144 11.71 16.15 25.60
N CYS C 145 12.71 15.72 26.35
CA CYS C 145 13.36 14.43 26.17
C CYS C 145 12.71 13.31 26.96
N GLN C 146 11.60 13.58 27.65
CA GLN C 146 10.77 12.60 28.37
C GLN C 146 11.55 11.90 29.48
N GLU C 147 12.36 12.67 30.22
CA GLU C 147 13.17 12.13 31.30
C GLU C 147 12.41 12.31 32.61
N TYR C 148 11.79 11.24 33.11
CA TYR C 148 10.91 11.36 34.27
C TYR C 148 11.69 11.62 35.55
N GLU C 149 12.86 11.00 35.70
CA GLU C 149 13.65 11.18 36.91
C GLU C 149 14.30 12.56 36.95
N ILE C 150 14.76 13.07 35.81
CA ILE C 150 15.35 14.40 35.77
C ILE C 150 14.28 15.47 35.95
N VAL C 151 13.07 15.23 35.43
CA VAL C 151 11.96 16.16 35.64
C VAL C 151 11.56 16.17 37.11
N HIS C 152 11.54 15.00 37.76
CA HIS C 152 11.22 14.95 39.19
C HIS C 152 12.29 15.63 40.03
N THR C 153 13.57 15.46 39.66
CA THR C 153 14.66 16.09 40.38
C THR C 153 14.64 17.61 40.22
N LEU C 154 14.35 18.11 39.02
CA LEU C 154 14.30 19.55 38.81
C LEU C 154 13.02 20.18 39.36
N LEU C 155 11.93 19.42 39.43
CA LEU C 155 10.73 19.93 40.08
C LEU C 155 10.89 19.96 41.59
N ARG C 156 11.71 19.06 42.13
CA ARG C 156 12.01 19.07 43.56
C ARG C 156 12.83 20.27 44.01
N LYS C 157 13.51 20.95 43.08
CA LYS C 157 14.28 22.15 43.39
C LYS C 157 13.55 23.43 43.00
N GLY C 158 12.26 23.35 42.70
CA GLY C 158 11.47 24.51 42.41
C GLY C 158 11.72 25.12 41.04
N ALA C 159 11.62 24.31 39.99
CA ALA C 159 11.78 24.78 38.62
C ALA C 159 10.54 24.41 37.83
N ARG C 160 9.86 25.43 37.29
CA ARG C 160 8.64 25.23 36.54
C ARG C 160 8.80 25.82 35.15
N ILE C 161 7.91 25.42 34.25
CA ILE C 161 7.83 25.99 32.91
C ILE C 161 6.79 27.10 32.92
N GLU C 162 7.22 28.32 32.61
CA GLU C 162 6.32 29.47 32.61
C GLU C 162 5.45 29.42 31.38
N ARG C 163 4.13 29.48 31.59
CA ARG C 163 3.19 29.45 30.49
C ARG C 163 3.28 30.74 29.69
N PRO C 164 3.35 30.67 28.35
CA PRO C 164 3.45 31.89 27.54
C PRO C 164 2.20 32.76 27.59
N HIS C 165 2.32 34.01 27.15
CA HIS C 165 1.22 34.95 27.21
C HIS C 165 0.27 34.69 26.05
N ASP C 166 -0.74 35.54 25.87
CA ASP C 166 -1.64 35.42 24.73
C ASP C 166 -0.93 35.84 23.46
N TYR C 167 -1.47 35.39 22.32
CA TYR C 167 -0.88 35.71 21.04
C TYR C 167 -1.02 37.19 20.68
N PHE C 168 -2.06 37.85 21.20
CA PHE C 168 -2.29 39.27 20.93
C PHE C 168 -1.98 40.14 22.15
N CYS C 169 -1.11 39.68 23.04
CA CYS C 169 -0.78 40.45 24.22
C CYS C 169 0.14 41.60 23.86
N LYS C 170 0.11 42.65 24.69
CA LYS C 170 0.89 43.86 24.45
C LYS C 170 1.62 44.32 25.70
N CYS C 171 2.24 43.38 26.42
CA CYS C 171 3.03 43.74 27.59
C CYS C 171 4.30 44.45 27.17
N ASN C 172 4.95 45.13 28.12
CA ASN C 172 6.24 45.76 27.81
C ASN C 172 7.42 44.83 28.06
N ASP C 173 7.26 43.57 27.68
CA ASP C 173 8.32 42.63 27.31
C ASP C 173 7.92 41.80 26.11
N CYS C 174 6.63 41.68 25.82
CA CYS C 174 6.12 40.93 24.68
C CYS C 174 6.30 41.70 23.38
N ASN C 175 6.44 43.02 23.46
CA ASN C 175 6.67 43.87 22.29
C ASN C 175 8.15 44.08 22.03
N GLN C 176 8.96 44.11 23.09
CA GLN C 176 10.41 44.22 22.92
C GLN C 176 10.98 42.96 22.28
N LYS C 177 10.43 41.80 22.63
CA LYS C 177 10.85 40.55 22.01
C LYS C 177 10.45 40.51 20.54
N GLN C 178 9.24 40.94 20.22
CA GLN C 178 8.75 40.92 18.84
C GLN C 178 9.39 42.02 17.99
N LYS C 179 9.94 43.07 18.62
CA LYS C 179 10.68 44.08 17.89
C LYS C 179 12.15 43.67 17.68
N HIS C 180 12.73 42.96 18.65
CA HIS C 180 14.09 42.47 18.49
C HIS C 180 14.16 41.38 17.43
N ASP C 181 13.34 40.34 17.57
CA ASP C 181 13.33 39.22 16.63
C ASP C 181 11.98 38.52 16.71
N SER C 182 11.23 38.53 15.63
CA SER C 182 9.91 37.89 15.59
C SER C 182 9.98 36.45 15.11
N PHE C 183 11.18 35.92 14.89
CA PHE C 183 11.38 34.51 14.55
C PHE C 183 11.65 33.70 15.81
N SER C 184 12.63 34.14 16.60
CA SER C 184 12.97 33.46 17.84
C SER C 184 11.89 33.61 18.90
N HIS C 185 11.03 34.63 18.78
CA HIS C 185 9.90 34.76 19.71
C HIS C 185 8.88 33.65 19.49
N SER C 186 8.52 33.40 18.23
CA SER C 186 7.59 32.32 17.92
C SER C 186 8.20 30.96 18.20
N ARG C 187 9.51 30.82 17.94
CA ARG C 187 10.20 29.57 18.27
C ARG C 187 10.25 29.34 19.77
N SER C 188 10.40 30.41 20.57
CA SER C 188 10.43 30.27 22.01
C SER C 188 9.06 29.93 22.57
N ARG C 189 8.01 30.52 22.00
CA ARG C 189 6.64 30.18 22.38
C ARG C 189 6.33 28.73 22.09
N ILE C 190 6.77 28.22 20.93
CA ILE C 190 6.48 26.83 20.62
C ILE C 190 7.36 25.87 21.40
N ASN C 191 8.56 26.28 21.83
CA ASN C 191 9.36 25.42 22.70
C ASN C 191 8.76 25.34 24.10
N ALA C 192 8.23 26.45 24.61
CA ALA C 192 7.57 26.43 25.91
C ALA C 192 6.30 25.59 25.88
N TYR C 193 5.54 25.64 24.77
CA TYR C 193 4.36 24.80 24.69
C TYR C 193 4.72 23.33 24.48
N LYS C 194 5.81 23.06 23.77
CA LYS C 194 6.29 21.68 23.63
C LYS C 194 6.79 21.11 24.94
N GLY C 195 7.30 21.95 25.83
CA GLY C 195 7.67 21.50 27.16
C GLY C 195 6.46 21.32 28.07
N LEU C 196 5.47 22.19 27.91
CA LEU C 196 4.26 22.11 28.75
C LEU C 196 3.39 20.93 28.36
N ALA C 197 3.43 20.51 27.10
CA ALA C 197 2.51 19.51 26.56
C ALA C 197 3.12 18.12 26.53
N SER C 198 3.95 17.77 27.49
CA SER C 198 4.61 16.47 27.50
C SER C 198 4.13 15.64 28.69
N PRO C 199 4.08 14.31 28.57
CA PRO C 199 3.57 13.50 29.68
C PRO C 199 4.47 13.50 30.91
N ALA C 200 5.77 13.69 30.73
CA ALA C 200 6.69 13.74 31.86
C ALA C 200 6.44 14.95 32.75
N TYR C 201 5.98 16.06 32.17
CA TYR C 201 5.63 17.24 32.93
C TYR C 201 4.17 17.25 33.36
N LEU C 202 3.27 16.72 32.52
CA LEU C 202 1.85 16.69 32.83
C LEU C 202 1.55 15.75 33.98
N SER C 203 2.25 14.63 34.07
CA SER C 203 1.96 13.65 35.12
C SER C 203 2.59 13.99 36.44
N LEU C 204 3.71 14.72 36.46
CA LEU C 204 4.42 15.01 37.69
C LEU C 204 4.23 16.43 38.20
N SER C 205 3.78 17.36 37.37
CA SER C 205 3.77 18.77 37.75
C SER C 205 2.47 19.23 38.39
N SER C 206 1.36 18.52 38.16
CA SER C 206 0.05 19.00 38.53
C SER C 206 -0.66 18.00 39.42
N GLU C 207 -1.76 18.45 40.02
CA GLU C 207 -2.54 17.64 40.95
C GLU C 207 -3.60 16.80 40.24
N ASP C 208 -4.32 17.39 39.30
CA ASP C 208 -5.26 16.67 38.45
C ASP C 208 -4.78 16.78 37.01
N PRO C 209 -4.07 15.78 36.49
CA PRO C 209 -3.50 15.91 35.13
C PRO C 209 -4.50 15.73 34.01
N VAL C 210 -5.67 15.13 34.26
CA VAL C 210 -6.67 14.96 33.21
C VAL C 210 -7.30 16.30 32.85
N MET C 211 -7.65 17.10 33.85
CA MET C 211 -8.23 18.42 33.62
C MET C 211 -7.23 19.35 32.95
N THR C 212 -5.98 19.32 33.41
CA THR C 212 -4.91 20.13 32.84
C THR C 212 -4.64 19.73 31.39
N ALA C 213 -4.65 18.43 31.10
CA ALA C 213 -4.39 17.98 29.74
C ALA C 213 -5.55 18.31 28.79
N LEU C 214 -6.79 18.25 29.29
CA LEU C 214 -7.93 18.62 28.46
C LEU C 214 -7.93 20.12 28.13
N GLU C 215 -7.67 20.97 29.13
CA GLU C 215 -7.60 22.41 28.89
C GLU C 215 -6.42 22.77 28.00
N LEU C 216 -5.30 22.07 28.14
CA LEU C 216 -4.13 22.36 27.32
C LEU C 216 -4.34 21.91 25.87
N SER C 217 -5.06 20.80 25.67
CA SER C 217 -5.37 20.37 24.31
C SER C 217 -6.32 21.33 23.62
N ASN C 218 -7.29 21.88 24.37
CA ASN C 218 -8.17 22.91 23.82
C ASN C 218 -7.40 24.19 23.49
N GLU C 219 -6.47 24.60 24.36
CA GLU C 219 -5.69 25.80 24.13
C GLU C 219 -4.79 25.67 22.90
N LEU C 220 -4.15 24.51 22.73
CA LEU C 220 -3.31 24.31 21.56
C LEU C 220 -4.14 24.17 20.29
N ALA C 221 -5.34 23.61 20.38
CA ALA C 221 -6.20 23.54 19.20
C ALA C 221 -6.75 24.90 18.82
N VAL C 222 -6.89 25.81 19.78
CA VAL C 222 -7.26 27.19 19.48
C VAL C 222 -6.10 27.94 18.83
N LEU C 223 -4.89 27.77 19.38
CA LEU C 223 -3.72 28.45 18.82
C LEU C 223 -3.30 27.88 17.47
N ALA C 224 -3.73 26.66 17.14
CA ALA C 224 -3.47 26.13 15.81
C ALA C 224 -4.25 26.85 14.72
N ASN C 225 -5.37 27.49 15.08
CA ASN C 225 -6.16 28.27 14.15
C ASN C 225 -5.88 29.76 14.23
N ILE C 226 -5.57 30.27 15.43
CA ILE C 226 -5.22 31.68 15.57
C ILE C 226 -3.90 31.98 14.90
N GLU C 227 -2.89 31.15 15.14
CA GLU C 227 -1.55 31.32 14.60
C GLU C 227 -1.42 30.40 13.40
N LYS C 228 -1.46 30.99 12.20
CA LYS C 228 -1.62 30.19 10.98
C LYS C 228 -0.34 29.43 10.62
N GLU C 229 0.81 30.08 10.78
CA GLU C 229 2.07 29.34 10.74
C GLU C 229 2.21 28.52 12.02
N PHE C 230 3.07 27.50 11.98
CA PHE C 230 3.25 26.51 13.03
C PHE C 230 1.96 25.78 13.37
N LYS C 231 1.07 25.60 12.39
CA LYS C 231 -0.20 24.92 12.66
C LYS C 231 0.00 23.42 12.80
N ASN C 232 0.84 22.84 11.94
CA ASN C 232 1.09 21.41 11.93
C ASN C 232 1.86 20.93 13.16
N ASP C 233 2.40 21.85 13.96
CA ASP C 233 3.05 21.52 15.22
C ASP C 233 2.12 21.66 16.41
N TYR C 234 1.25 22.67 16.42
CA TYR C 234 0.24 22.78 17.45
C TYR C 234 -0.78 21.66 17.37
N LYS C 235 -1.06 21.17 16.16
CA LYS C 235 -1.90 19.99 16.00
C LYS C 235 -1.26 18.77 16.65
N LYS C 236 0.06 18.62 16.50
CA LYS C 236 0.76 17.48 17.09
C LYS C 236 0.81 17.59 18.61
N LEU C 237 0.99 18.80 19.13
CA LEU C 237 1.03 18.98 20.58
C LEU C 237 -0.34 18.72 21.21
N SER C 238 -1.41 19.16 20.53
CA SER C 238 -2.76 18.86 21.02
C SER C 238 -3.07 17.37 20.90
N MET C 239 -2.55 16.70 19.86
CA MET C 239 -2.78 15.27 19.71
C MET C 239 -2.09 14.47 20.79
N GLN C 240 -0.90 14.91 21.21
CA GLN C 240 -0.24 14.18 22.30
C GLN C 240 -0.82 14.53 23.66
N CYS C 241 -1.40 15.73 23.82
CA CYS C 241 -2.18 16.02 25.03
C CYS C 241 -3.43 15.15 25.11
N LYS C 242 -4.03 14.80 23.98
CA LYS C 242 -5.15 13.86 24.00
C LYS C 242 -4.68 12.44 24.25
N ASP C 243 -3.52 12.08 23.69
CA ASP C 243 -2.99 10.73 23.86
C ASP C 243 -2.60 10.43 25.31
N PHE C 244 -2.20 11.46 26.07
CA PHE C 244 -1.95 11.30 27.49
C PHE C 244 -3.20 10.84 28.24
N VAL C 245 -4.34 11.48 27.97
CA VAL C 245 -5.59 11.13 28.65
C VAL C 245 -6.09 9.77 28.22
N VAL C 246 -5.97 9.45 26.93
CA VAL C 246 -6.42 8.14 26.45
C VAL C 246 -5.54 7.02 27.00
N GLY C 247 -4.23 7.25 27.13
CA GLY C 247 -3.38 6.26 27.75
C GLY C 247 -3.47 6.20 29.26
N LEU C 248 -4.03 7.23 29.89
CA LEU C 248 -4.30 7.18 31.32
C LEU C 248 -5.62 6.51 31.65
N LEU C 249 -6.59 6.55 30.73
CA LEU C 249 -7.85 5.81 30.93
C LEU C 249 -7.63 4.31 30.79
N ASP C 250 -6.63 3.90 30.01
CA ASP C 250 -6.38 2.50 29.69
C ASP C 250 -5.88 1.70 30.90
N LEU C 251 -5.24 2.34 31.88
CA LEU C 251 -4.62 1.66 33.00
C LEU C 251 -5.58 1.30 34.11
N CYS C 252 -6.86 1.65 33.99
CA CYS C 252 -7.80 1.46 35.08
C CYS C 252 -8.23 0.00 35.19
N ARG C 253 -8.28 -0.50 36.41
CA ARG C 253 -8.55 -1.90 36.68
C ARG C 253 -9.81 -2.15 37.51
N ASN C 254 -10.15 -1.27 38.44
CA ASN C 254 -11.40 -1.34 39.17
C ASN C 254 -12.45 -0.53 38.43
N THR C 255 -13.58 -0.27 39.07
CA THR C 255 -14.55 0.68 38.56
C THR C 255 -14.50 2.04 39.23
N GLU C 256 -13.87 2.14 40.41
CA GLU C 256 -13.64 3.44 41.02
C GLU C 256 -12.58 4.22 40.26
N GLU C 257 -11.61 3.53 39.66
CA GLU C 257 -10.60 4.22 38.87
C GLU C 257 -11.18 4.68 37.53
N VAL C 258 -12.08 3.88 36.95
CA VAL C 258 -12.80 4.29 35.75
C VAL C 258 -13.69 5.50 36.04
N GLU C 259 -14.38 5.48 37.18
CA GLU C 259 -15.19 6.62 37.57
C GLU C 259 -14.38 7.82 38.04
N ALA C 260 -13.11 7.64 38.36
CA ALA C 260 -12.27 8.79 38.70
C ALA C 260 -11.59 9.39 37.48
N ILE C 261 -11.42 8.62 36.40
CA ILE C 261 -10.88 9.19 35.18
C ILE C 261 -12.00 9.81 34.34
N LEU C 262 -13.11 9.09 34.15
CA LEU C 262 -14.20 9.60 33.32
C LEU C 262 -14.93 10.74 34.01
N ASN C 263 -15.18 10.61 35.31
CA ASN C 263 -15.86 11.62 36.09
C ASN C 263 -14.87 12.22 37.09
N GLY C 264 -15.15 13.43 37.54
CA GLY C 264 -14.18 14.08 38.40
C GLY C 264 -14.21 13.63 39.84
N ASP C 265 -14.03 14.57 40.76
CA ASP C 265 -14.11 14.29 42.19
C ASP C 265 -15.58 14.07 42.54
N VAL C 266 -15.93 12.83 42.87
CA VAL C 266 -17.34 12.45 43.04
C VAL C 266 -17.93 13.10 44.27
N GLU C 267 -17.15 13.21 45.35
CA GLU C 267 -17.65 13.78 46.59
C GLU C 267 -17.84 15.29 46.52
N THR C 268 -17.21 15.99 45.59
CA THR C 268 -17.35 17.43 45.47
C THR C 268 -17.95 17.82 44.12
N LEU C 269 -18.83 16.96 43.60
CA LEU C 269 -19.58 17.24 42.38
C LEU C 269 -21.04 16.90 42.61
N GLN C 270 -21.91 17.51 41.82
CA GLN C 270 -23.34 17.27 41.91
C GLN C 270 -23.67 15.84 41.48
N SER C 271 -24.80 15.33 41.98
CA SER C 271 -25.15 13.93 41.72
C SER C 271 -25.66 13.71 40.30
N GLY C 272 -26.05 14.76 39.60
CA GLY C 272 -26.57 14.61 38.26
C GLY C 272 -28.06 14.88 38.17
N ASP C 273 -28.76 14.14 37.32
CA ASP C 273 -30.20 14.27 37.14
C ASP C 273 -30.97 13.11 37.73
N HIS C 274 -30.51 11.89 37.48
CA HIS C 274 -31.12 10.65 37.94
C HIS C 274 -30.06 9.90 38.74
N GLY C 275 -30.32 8.62 39.01
CA GLY C 275 -29.31 7.77 39.61
C GLY C 275 -28.20 7.36 38.65
N ARG C 276 -27.48 8.34 38.12
CA ARG C 276 -26.49 8.16 37.07
C ARG C 276 -25.39 9.19 37.30
N PRO C 277 -24.14 8.90 36.86
CA PRO C 277 -23.01 9.76 37.23
C PRO C 277 -23.01 11.14 36.60
N ASN C 278 -22.10 12.00 37.04
CA ASN C 278 -22.01 13.38 36.58
C ASN C 278 -21.21 13.42 35.29
N LEU C 279 -21.89 13.66 34.17
CA LEU C 279 -21.26 13.68 32.86
C LEU C 279 -20.81 15.09 32.47
N SER C 280 -20.02 15.74 33.33
CA SER C 280 -19.54 17.09 33.04
C SER C 280 -18.16 17.10 32.39
N ARG C 281 -17.28 16.17 32.78
CA ARG C 281 -16.02 16.01 32.07
C ARG C 281 -16.23 15.33 30.73
N LEU C 282 -17.20 14.43 30.66
CA LEU C 282 -17.43 13.64 29.46
C LEU C 282 -18.19 14.40 28.38
N LYS C 283 -18.81 15.52 28.73
CA LYS C 283 -19.29 16.47 27.73
C LYS C 283 -18.18 17.41 27.27
N LEU C 284 -17.22 17.70 28.15
CA LEU C 284 -16.07 18.51 27.78
C LEU C 284 -15.14 17.76 26.83
N ALA C 285 -15.06 16.44 26.97
CA ALA C 285 -14.30 15.62 26.03
C ALA C 285 -14.98 15.46 24.69
N ILE C 286 -16.26 15.81 24.59
CA ILE C 286 -16.95 15.85 23.30
C ILE C 286 -16.87 17.24 22.68
N LYS C 287 -16.96 18.29 23.50
CA LYS C 287 -16.79 19.65 23.03
C LYS C 287 -15.37 19.90 22.54
N TYR C 288 -14.37 19.41 23.27
CA TYR C 288 -12.98 19.58 22.89
C TYR C 288 -12.53 18.58 21.84
N GLU C 289 -13.41 17.66 21.42
CA GLU C 289 -13.20 16.69 20.34
C GLU C 289 -12.02 15.76 20.65
N VAL C 290 -12.10 15.10 21.80
CA VAL C 290 -11.16 14.06 22.17
C VAL C 290 -11.82 12.73 21.83
N LYS C 291 -11.50 12.18 20.66
CA LYS C 291 -12.32 11.11 20.10
C LYS C 291 -11.98 9.75 20.68
N LYS C 292 -10.72 9.49 21.00
CA LYS C 292 -10.34 8.18 21.52
C LYS C 292 -10.63 8.03 23.00
N PHE C 293 -10.85 9.12 23.72
CA PHE C 293 -11.31 9.06 25.10
C PHE C 293 -12.79 8.69 25.18
N VAL C 294 -13.56 9.08 24.17
CA VAL C 294 -14.99 8.76 24.13
C VAL C 294 -15.25 7.45 23.39
N ALA C 295 -14.35 7.03 22.50
CA ALA C 295 -14.48 5.78 21.78
C ALA C 295 -13.70 4.64 22.42
N HIS C 296 -13.35 4.77 23.70
CA HIS C 296 -12.65 3.74 24.47
C HIS C 296 -13.68 2.81 25.12
N PRO C 297 -13.38 1.51 25.21
CA PRO C 297 -14.32 0.55 25.84
C PRO C 297 -14.71 0.88 27.28
N ASN C 298 -13.79 1.45 28.06
CA ASN C 298 -14.09 1.83 29.44
C ASN C 298 -15.04 3.01 29.52
N CYS C 299 -15.23 3.76 28.43
CA CYS C 299 -16.22 4.81 28.34
C CYS C 299 -17.54 4.33 27.74
N GLN C 300 -17.46 3.41 26.75
CA GLN C 300 -18.66 2.86 26.16
C GLN C 300 -19.42 2.01 27.17
N GLN C 301 -18.71 1.33 28.08
CA GLN C 301 -19.39 0.51 29.08
C GLN C 301 -20.12 1.38 30.10
N GLN C 302 -19.69 2.62 30.27
CA GLN C 302 -20.43 3.53 31.14
C GLN C 302 -21.60 4.17 30.41
N LEU C 303 -21.40 4.55 29.15
CA LEU C 303 -22.45 5.25 28.40
C LEU C 303 -23.60 4.31 28.02
N LEU C 304 -23.31 3.03 27.80
CA LEU C 304 -24.36 2.08 27.46
C LEU C 304 -25.27 1.80 28.66
N SER C 305 -24.75 1.97 29.87
CA SER C 305 -25.57 1.78 31.07
C SER C 305 -26.52 2.94 31.31
N ILE C 306 -26.29 4.09 30.68
CA ILE C 306 -27.21 5.23 30.78
C ILE C 306 -28.15 5.18 29.59
N TRP C 307 -27.65 4.66 28.47
CA TRP C 307 -28.48 4.51 27.28
C TRP C 307 -29.57 3.46 27.50
N TYR C 308 -29.19 2.28 27.98
CA TYR C 308 -30.14 1.23 28.29
C TYR C 308 -30.58 1.28 29.75
N GLU C 309 -31.16 2.40 30.17
CA GLU C 309 -31.37 2.77 31.60
C GLU C 309 -32.28 1.76 32.28
N ASN C 310 -33.56 1.65 31.91
CA ASN C 310 -34.49 0.76 32.61
C ASN C 310 -34.85 -0.44 31.74
N LEU C 311 -33.88 -0.87 30.92
CA LEU C 311 -34.12 -1.89 29.91
C LEU C 311 -33.05 -2.97 30.05
N SER C 312 -33.31 -3.95 30.92
CA SER C 312 -32.45 -5.12 30.99
C SER C 312 -32.79 -6.15 29.92
N GLY C 313 -34.03 -6.17 29.45
CA GLY C 313 -34.45 -7.09 28.41
C GLY C 313 -33.94 -6.72 27.04
N LEU C 314 -34.20 -5.48 26.60
CA LEU C 314 -33.85 -5.04 25.26
C LEU C 314 -32.36 -4.80 25.07
N ARG C 315 -31.56 -4.82 26.15
CA ARG C 315 -30.12 -4.64 26.00
C ARG C 315 -29.48 -5.85 25.35
N GLN C 316 -29.86 -7.05 25.79
CA GLN C 316 -29.24 -8.29 25.32
C GLN C 316 -29.97 -8.89 24.13
N GLN C 317 -31.02 -8.24 23.62
CA GLN C 317 -31.73 -8.75 22.46
C GLN C 317 -30.88 -8.59 21.21
N THR C 318 -31.24 -9.35 20.19
CA THR C 318 -30.56 -9.30 18.90
C THR C 318 -31.23 -8.27 17.99
N MET C 319 -30.65 -8.10 16.80
CA MET C 319 -31.30 -7.29 15.80
C MET C 319 -32.47 -8.06 15.18
N ALA C 320 -33.30 -7.33 14.45
CA ALA C 320 -34.63 -7.71 13.94
C ALA C 320 -35.61 -8.05 15.05
N VAL C 321 -35.31 -7.68 16.29
CA VAL C 321 -36.29 -7.60 17.37
C VAL C 321 -36.52 -6.16 17.80
N LYS C 322 -35.50 -5.32 17.72
CA LYS C 322 -35.65 -3.89 17.96
C LYS C 322 -36.35 -3.18 16.80
N PHE C 323 -36.21 -3.70 15.59
CA PHE C 323 -37.02 -3.22 14.47
C PHE C 323 -38.50 -3.49 14.71
N LEU C 324 -38.81 -4.66 15.31
CA LEU C 324 -40.20 -5.00 15.63
C LEU C 324 -40.74 -4.13 16.76
N VAL C 325 -39.91 -3.74 17.74
CA VAL C 325 -40.46 -2.88 18.78
C VAL C 325 -40.56 -1.44 18.27
N VAL C 326 -39.74 -1.06 17.27
CA VAL C 326 -39.92 0.22 16.59
C VAL C 326 -41.26 0.25 15.86
N LEU C 327 -41.59 -0.84 15.17
CA LEU C 327 -42.90 -0.94 14.53
C LEU C 327 -44.04 -1.04 15.54
N ALA C 328 -43.79 -1.61 16.72
CA ALA C 328 -44.82 -1.71 17.75
C ALA C 328 -45.15 -0.35 18.35
N VAL C 329 -44.11 0.47 18.60
CA VAL C 329 -44.38 1.84 19.03
C VAL C 329 -44.91 2.69 17.87
N ALA C 330 -44.65 2.28 16.62
CA ALA C 330 -45.26 2.96 15.48
C ALA C 330 -46.75 2.69 15.42
N ILE C 331 -47.18 1.48 15.76
CA ILE C 331 -48.61 1.17 15.78
C ILE C 331 -49.29 1.87 16.96
N GLY C 332 -48.84 1.57 18.17
CA GLY C 332 -49.47 2.11 19.36
C GLY C 332 -48.82 3.36 19.93
N LEU C 333 -48.65 4.39 19.10
CA LEU C 333 -48.08 5.66 19.56
C LEU C 333 -49.06 6.57 20.33
N PRO C 334 -50.34 6.77 19.91
CA PRO C 334 -51.21 7.62 20.75
C PRO C 334 -51.57 7.01 22.09
N PHE C 335 -51.52 5.68 22.22
CA PHE C 335 -51.79 5.07 23.52
C PHE C 335 -50.67 5.36 24.52
N LEU C 336 -49.41 5.26 24.07
CA LEU C 336 -48.30 5.62 24.94
C LEU C 336 -48.24 7.12 25.18
N ALA C 337 -48.70 7.91 24.19
CA ALA C 337 -48.82 9.35 24.40
C ALA C 337 -49.85 9.67 25.47
N LEU C 338 -50.97 8.93 25.50
CA LEU C 338 -51.97 9.11 26.55
C LEU C 338 -51.46 8.64 27.89
N ILE C 339 -50.65 7.58 27.90
CA ILE C 339 -50.04 7.08 29.13
C ILE C 339 -49.10 8.14 29.73
N TYR C 340 -48.27 8.76 28.89
CA TYR C 340 -47.39 9.82 29.38
C TYR C 340 -48.16 11.09 29.72
N TRP C 341 -49.30 11.32 29.08
CA TRP C 341 -50.08 12.53 29.35
C TRP C 341 -50.77 12.42 30.71
N PHE C 342 -51.54 11.37 30.92
CA PHE C 342 -52.40 11.30 32.10
C PHE C 342 -51.71 10.70 33.32
N ALA C 343 -50.98 9.59 33.15
CA ALA C 343 -50.39 8.86 34.27
C ALA C 343 -48.89 8.69 34.09
N PRO C 344 -48.08 9.71 34.44
CA PRO C 344 -46.63 9.48 34.51
C PRO C 344 -46.25 8.80 35.82
N CYS C 345 -44.95 8.56 36.01
CA CYS C 345 -44.36 7.92 37.20
C CYS C 345 -45.01 6.56 37.47
N SER C 346 -44.83 5.66 36.52
CA SER C 346 -45.48 4.35 36.55
C SER C 346 -44.46 3.33 36.07
N LYS C 347 -44.94 2.12 35.75
CA LYS C 347 -44.08 1.10 35.17
C LYS C 347 -43.83 1.34 33.68
N MET C 348 -44.57 2.25 33.05
CA MET C 348 -44.31 2.67 31.68
C MET C 348 -43.85 4.11 31.56
N GLY C 349 -44.30 4.98 32.46
CA GLY C 349 -43.84 6.36 32.47
C GLY C 349 -42.40 6.53 32.91
N LYS C 350 -41.80 5.50 33.51
CA LYS C 350 -40.38 5.51 33.82
C LYS C 350 -39.55 4.76 32.79
N ILE C 351 -40.17 3.87 32.01
CA ILE C 351 -39.47 3.24 30.90
C ILE C 351 -39.40 4.19 29.71
N MET C 352 -40.47 4.94 29.45
CA MET C 352 -40.50 5.84 28.31
C MET C 352 -39.73 7.13 28.52
N ARG C 353 -39.09 7.32 29.68
CA ARG C 353 -38.21 8.46 29.89
C ARG C 353 -36.75 8.10 29.74
N GLY C 354 -36.44 6.83 29.44
CA GLY C 354 -35.08 6.43 29.15
C GLY C 354 -34.66 6.94 27.79
N PRO C 355 -33.35 6.99 27.54
CA PRO C 355 -32.89 7.49 26.23
C PRO C 355 -33.19 6.56 25.08
N PHE C 356 -33.12 5.24 25.28
CA PHE C 356 -33.35 4.33 24.17
C PHE C 356 -34.82 4.25 23.76
N MET C 357 -35.74 4.29 24.72
CA MET C 357 -37.16 4.32 24.37
C MET C 357 -37.56 5.66 23.77
N LYS C 358 -36.88 6.73 24.17
CA LYS C 358 -37.08 8.03 23.53
C LYS C 358 -36.60 8.01 22.08
N PHE C 359 -35.47 7.36 21.81
CA PHE C 359 -34.98 7.19 20.45
C PHE C 359 -35.92 6.34 19.62
N VAL C 360 -36.47 5.29 20.22
CA VAL C 360 -37.39 4.39 19.52
C VAL C 360 -38.70 5.11 19.19
N ALA C 361 -39.18 5.97 20.10
CA ALA C 361 -40.38 6.75 19.84
C ALA C 361 -40.15 7.79 18.75
N HIS C 362 -38.99 8.45 18.76
CA HIS C 362 -38.70 9.46 17.74
C HIS C 362 -38.45 8.83 16.37
N ALA C 363 -37.99 7.58 16.32
CA ALA C 363 -37.87 6.90 15.03
C ALA C 363 -39.20 6.34 14.54
N ALA C 364 -40.07 5.93 15.47
CA ALA C 364 -41.39 5.43 15.09
C ALA C 364 -42.26 6.56 14.54
N SER C 365 -42.14 7.76 15.12
CA SER C 365 -42.88 8.89 14.57
C SER C 365 -42.34 9.42 13.26
N PHE C 366 -41.23 8.91 12.75
CA PHE C 366 -40.75 9.19 11.40
C PHE C 366 -41.12 8.08 10.43
N THR C 367 -41.16 6.84 10.92
CA THR C 367 -41.74 5.74 10.16
C THR C 367 -43.19 6.00 9.82
N ILE C 368 -43.95 6.57 10.76
CA ILE C 368 -45.35 6.91 10.52
C ILE C 368 -45.48 8.01 9.46
N PHE C 369 -44.57 8.99 9.49
CA PHE C 369 -44.62 10.10 8.52
C PHE C 369 -44.29 9.61 7.12
N LEU C 370 -43.29 8.72 7.00
CA LEU C 370 -43.00 8.13 5.70
C LEU C 370 -44.13 7.24 5.22
N GLY C 371 -44.81 6.52 6.12
CA GLY C 371 -45.95 5.72 5.72
C GLY C 371 -47.12 6.56 5.26
N LEU C 372 -47.30 7.74 5.88
CA LEU C 372 -48.33 8.67 5.44
C LEU C 372 -48.00 9.23 4.06
N LEU C 373 -46.73 9.58 3.83
CA LEU C 373 -46.32 10.09 2.53
C LEU C 373 -46.46 9.05 1.43
N VAL C 374 -46.25 7.78 1.75
CA VAL C 374 -46.48 6.71 0.78
C VAL C 374 -47.97 6.53 0.52
N MET C 375 -48.76 6.33 1.58
CA MET C 375 -50.16 5.97 1.43
C MET C 375 -51.07 7.16 1.11
N ASN C 376 -50.54 8.38 1.01
CA ASN C 376 -51.38 9.51 0.61
C ASN C 376 -51.84 9.37 -0.84
N ALA C 377 -50.91 9.08 -1.74
CA ALA C 377 -51.25 8.88 -3.15
C ALA C 377 -51.48 7.39 -3.45
N ALA C 378 -52.34 6.75 -2.68
CA ALA C 378 -52.57 5.31 -2.81
C ALA C 378 -53.75 4.96 -3.70
N ASP C 379 -54.60 5.93 -4.05
CA ASP C 379 -55.66 5.70 -5.01
C ASP C 379 -55.18 5.72 -6.44
N ARG C 380 -53.93 6.14 -6.67
CA ARG C 380 -53.37 6.28 -8.01
C ARG C 380 -52.17 5.36 -8.23
N PHE C 381 -52.07 4.26 -7.48
CA PHE C 381 -50.93 3.36 -7.61
C PHE C 381 -50.89 2.66 -8.97
N GLU C 382 -52.05 2.47 -9.60
CA GLU C 382 -52.13 1.78 -10.89
C GLU C 382 -52.84 2.61 -11.95
N GLY C 383 -52.89 3.92 -11.79
CA GLY C 383 -53.62 4.78 -12.68
C GLY C 383 -54.59 5.67 -11.93
N THR C 384 -54.59 6.97 -12.24
CA THR C 384 -55.34 7.91 -11.44
C THR C 384 -56.84 7.85 -11.73
N LYS C 385 -57.21 7.36 -12.92
CA LYS C 385 -58.57 7.29 -13.46
C LYS C 385 -59.28 8.64 -13.51
N LEU C 386 -58.53 9.74 -13.52
CA LEU C 386 -59.06 11.10 -13.68
C LEU C 386 -58.14 11.74 -14.72
N LEU C 387 -58.58 11.68 -15.98
CA LEU C 387 -57.74 12.07 -17.11
C LEU C 387 -57.51 13.59 -17.12
N PRO C 388 -56.40 14.04 -17.72
CA PRO C 388 -56.17 15.49 -17.80
C PRO C 388 -57.14 16.23 -18.71
N ASN C 389 -57.85 15.53 -19.59
CA ASN C 389 -58.89 16.13 -20.41
C ASN C 389 -60.29 15.89 -19.88
N GLU C 390 -60.46 14.98 -18.92
CA GLU C 390 -61.78 14.63 -18.43
C GLU C 390 -62.19 15.52 -17.26
N THR C 391 -63.45 15.41 -16.87
CA THR C 391 -64.04 16.24 -15.81
C THR C 391 -64.93 15.37 -14.95
N SER C 392 -64.62 15.30 -13.66
CA SER C 392 -65.40 14.51 -12.71
C SER C 392 -65.81 15.39 -11.53
N THR C 393 -67.12 15.51 -11.32
CA THR C 393 -67.68 16.35 -10.26
C THR C 393 -68.16 15.55 -9.06
N ASP C 394 -68.75 14.38 -9.29
CA ASP C 394 -69.23 13.40 -8.31
C ASP C 394 -70.36 13.90 -7.41
N ASN C 395 -70.92 15.09 -7.67
CA ASN C 395 -72.07 15.57 -6.91
C ASN C 395 -73.17 16.17 -7.75
N ALA C 396 -72.93 16.40 -9.06
CA ALA C 396 -73.87 16.95 -10.05
C ALA C 396 -74.37 18.36 -9.74
N LYS C 397 -73.74 19.04 -8.77
CA LYS C 397 -74.10 20.42 -8.47
C LYS C 397 -72.90 21.28 -8.10
N GLN C 398 -71.68 20.74 -8.13
CA GLN C 398 -70.48 21.46 -7.74
C GLN C 398 -69.53 21.58 -8.92
N LEU C 399 -68.59 22.51 -8.79
CA LEU C 399 -67.59 22.74 -9.82
C LEU C 399 -66.55 21.62 -9.80
N PHE C 400 -65.78 21.51 -10.89
CA PHE C 400 -64.70 20.54 -10.94
C PHE C 400 -63.55 20.91 -10.03
N ARG C 401 -63.27 22.21 -9.86
CA ARG C 401 -62.18 22.66 -9.01
C ARG C 401 -62.54 22.65 -7.52
N MET C 402 -63.66 22.03 -7.14
CA MET C 402 -64.01 21.82 -5.74
C MET C 402 -63.46 20.49 -5.22
N LYS C 403 -63.69 19.40 -5.94
CA LYS C 403 -63.14 18.11 -5.52
C LYS C 403 -61.80 17.83 -6.18
N THR C 404 -60.90 18.81 -6.14
CA THR C 404 -59.48 18.67 -6.43
C THR C 404 -58.61 19.29 -5.35
N SER C 405 -59.04 20.42 -4.78
CA SER C 405 -58.27 21.14 -3.78
C SER C 405 -58.79 20.93 -2.37
N CYS C 406 -59.81 20.09 -2.19
CA CYS C 406 -60.28 19.79 -0.85
C CYS C 406 -59.32 18.83 -0.16
N PHE C 407 -59.09 19.07 1.13
CA PHE C 407 -58.13 18.27 1.88
C PHE C 407 -58.78 16.96 2.32
N SER C 408 -58.04 15.86 2.17
CA SER C 408 -58.53 14.56 2.57
C SER C 408 -58.30 14.35 4.07
N TRP C 409 -58.57 13.15 4.57
CA TRP C 409 -58.28 12.86 5.97
C TRP C 409 -56.83 12.49 6.20
N MET C 410 -56.08 12.18 5.13
CA MET C 410 -54.66 11.91 5.25
C MET C 410 -53.79 13.10 4.90
N GLU C 411 -54.33 14.11 4.22
CA GLU C 411 -53.58 15.32 3.93
C GLU C 411 -53.67 16.34 5.06
N MET C 412 -54.42 16.05 6.12
CA MET C 412 -54.45 16.91 7.31
C MET C 412 -53.47 16.40 8.37
N LEU C 413 -53.29 15.08 8.45
CA LEU C 413 -52.28 14.53 9.35
C LEU C 413 -50.87 14.93 8.92
N ILE C 414 -50.64 15.05 7.61
CA ILE C 414 -49.34 15.52 7.13
C ILE C 414 -49.12 16.98 7.50
N ILE C 415 -50.19 17.79 7.47
CA ILE C 415 -50.11 19.19 7.88
C ILE C 415 -49.81 19.29 9.37
N SER C 416 -50.44 18.41 10.18
CA SER C 416 -50.16 18.39 11.62
C SER C 416 -48.73 17.96 11.94
N TRP C 417 -48.21 16.93 11.24
CA TRP C 417 -46.79 16.57 11.35
C TRP C 417 -45.84 17.70 10.95
N VAL C 418 -46.13 18.42 9.86
CA VAL C 418 -45.24 19.50 9.44
C VAL C 418 -45.33 20.68 10.41
N ILE C 419 -46.50 20.92 11.01
CA ILE C 419 -46.64 21.99 11.99
C ILE C 419 -45.86 21.67 13.26
N GLY C 420 -46.00 20.44 13.76
CA GLY C 420 -45.17 19.99 14.86
C GLY C 420 -43.69 19.95 14.58
N MET C 421 -43.31 19.65 13.34
CA MET C 421 -41.91 19.62 12.93
C MET C 421 -41.33 21.00 12.73
N ILE C 422 -42.16 22.01 12.45
CA ILE C 422 -41.71 23.39 12.40
C ILE C 422 -41.58 23.95 13.82
N TRP C 423 -42.50 23.58 14.70
CA TRP C 423 -42.43 24.03 16.09
C TRP C 423 -41.23 23.42 16.82
N ALA C 424 -40.93 22.14 16.55
CA ALA C 424 -39.77 21.48 17.15
C ALA C 424 -38.45 21.98 16.57
N GLU C 425 -38.47 22.71 15.46
CA GLU C 425 -37.30 23.37 14.91
C GLU C 425 -37.14 24.79 15.43
N CYS C 426 -38.24 25.49 15.64
CA CYS C 426 -38.17 26.82 16.26
C CYS C 426 -37.75 26.73 17.72
N LYS C 427 -38.19 25.67 18.41
CA LYS C 427 -37.73 25.44 19.78
C LYS C 427 -36.24 25.12 19.82
N GLU C 428 -35.71 24.47 18.79
CA GLU C 428 -34.28 24.27 18.67
C GLU C 428 -33.55 25.55 18.32
N ILE C 429 -34.21 26.45 17.57
CA ILE C 429 -33.60 27.72 17.21
C ILE C 429 -33.42 28.63 18.43
N TRP C 430 -34.48 28.78 19.25
CA TRP C 430 -34.34 29.64 20.42
C TRP C 430 -33.91 28.88 21.68
N THR C 431 -33.17 27.78 21.52
CA THR C 431 -32.49 27.14 22.65
C THR C 431 -31.00 26.94 22.40
N GLN C 432 -30.57 26.60 21.19
CA GLN C 432 -29.17 26.51 20.85
C GLN C 432 -28.65 27.84 20.33
N GLY C 433 -29.53 28.78 20.01
CA GLY C 433 -29.13 30.07 19.51
C GLY C 433 -29.05 30.09 18.00
N PRO C 434 -29.39 31.22 17.38
CA PRO C 434 -29.45 31.27 15.91
C PRO C 434 -28.09 31.41 15.22
N LYS C 435 -27.00 31.25 15.96
CA LYS C 435 -25.66 31.24 15.39
C LYS C 435 -25.01 29.87 15.45
N GLU C 436 -25.19 29.14 16.56
CA GLU C 436 -24.72 27.77 16.64
C GLU C 436 -25.61 26.75 15.97
N TYR C 437 -26.81 27.16 15.55
CA TYR C 437 -27.74 26.29 14.86
C TYR C 437 -27.44 26.19 13.37
N LEU C 438 -26.92 27.25 12.76
CA LEU C 438 -26.55 27.23 11.36
C LEU C 438 -25.15 26.68 11.13
N PHE C 439 -24.45 26.30 12.21
CA PHE C 439 -23.10 25.76 12.08
C PHE C 439 -23.09 24.39 11.41
N GLU C 440 -24.15 23.60 11.60
CA GLU C 440 -24.31 22.33 10.93
C GLU C 440 -25.19 22.54 9.70
N LEU C 441 -24.73 22.06 8.55
CA LEU C 441 -25.45 22.30 7.31
C LEU C 441 -26.66 21.40 7.17
N TRP C 442 -26.70 20.29 7.90
CA TRP C 442 -27.87 19.42 7.87
C TRP C 442 -29.09 20.07 8.52
N ASN C 443 -28.88 21.02 9.43
CA ASN C 443 -30.00 21.79 9.96
C ASN C 443 -30.60 22.69 8.89
N MET C 444 -29.77 23.22 7.99
CA MET C 444 -30.28 23.99 6.87
C MET C 444 -30.98 23.09 5.86
N LEU C 445 -30.47 21.87 5.66
CA LEU C 445 -31.12 20.91 4.77
C LEU C 445 -32.45 20.44 5.33
N ASP C 446 -32.60 20.44 6.66
CA ASP C 446 -33.86 20.08 7.29
C ASP C 446 -34.82 21.27 7.34
N PHE C 447 -34.29 22.50 7.40
CA PHE C 447 -35.14 23.69 7.38
C PHE C 447 -35.69 23.98 5.98
N GLY C 448 -34.92 23.69 4.93
CA GLY C 448 -35.41 23.90 3.58
C GLY C 448 -36.58 22.99 3.22
N MET C 449 -36.57 21.76 3.74
CA MET C 449 -37.66 20.82 3.49
C MET C 449 -38.95 21.30 4.12
N LEU C 450 -38.88 21.82 5.34
CA LEU C 450 -40.07 22.35 6.00
C LEU C 450 -40.56 23.63 5.36
N ALA C 451 -39.64 24.47 4.86
CA ALA C 451 -40.04 25.66 4.12
C ALA C 451 -40.77 25.30 2.83
N ILE C 452 -40.29 24.26 2.14
CA ILE C 452 -40.92 23.84 0.89
C ILE C 452 -42.29 23.20 1.15
N PHE C 453 -42.40 22.41 2.22
CA PHE C 453 -43.69 21.87 2.63
C PHE C 453 -44.69 22.97 2.97
N ALA C 454 -44.23 24.01 3.68
CA ALA C 454 -45.10 25.12 4.07
C ALA C 454 -45.57 25.89 2.84
N ALA C 455 -44.66 26.12 1.88
CA ALA C 455 -45.04 26.81 0.65
C ALA C 455 -46.03 26.01 -0.18
N SER C 456 -45.87 24.69 -0.20
CA SER C 456 -46.80 23.81 -0.91
C SER C 456 -48.20 23.86 -0.30
N PHE C 457 -48.28 23.78 1.04
CA PHE C 457 -49.59 23.81 1.68
C PHE C 457 -50.24 25.18 1.62
N ILE C 458 -49.43 26.25 1.62
CA ILE C 458 -49.97 27.61 1.45
C ILE C 458 -50.56 27.79 0.06
N ALA C 459 -49.87 27.29 -0.97
CA ALA C 459 -50.38 27.40 -2.34
C ALA C 459 -51.65 26.57 -2.54
N ARG C 460 -51.70 25.38 -1.94
CA ARG C 460 -52.92 24.57 -2.05
C ARG C 460 -54.09 25.21 -1.30
N PHE C 461 -53.81 25.84 -0.16
CA PHE C 461 -54.87 26.52 0.58
C PHE C 461 -55.40 27.73 -0.17
N MET C 462 -54.52 28.48 -0.83
CA MET C 462 -54.99 29.64 -1.57
C MET C 462 -55.73 29.23 -2.85
N ALA C 463 -55.37 28.07 -3.43
CA ALA C 463 -56.15 27.54 -4.54
C ALA C 463 -57.55 27.14 -4.10
N PHE C 464 -57.65 26.49 -2.94
CA PHE C 464 -58.95 26.13 -2.39
C PHE C 464 -59.76 27.36 -2.00
N TRP C 465 -59.07 28.42 -1.56
CA TRP C 465 -59.76 29.67 -1.19
C TRP C 465 -60.34 30.37 -2.41
N HIS C 466 -59.57 30.42 -3.51
CA HIS C 466 -60.10 30.97 -4.75
C HIS C 466 -61.25 30.14 -5.29
N ALA C 467 -61.15 28.81 -5.17
CA ALA C 467 -62.23 27.94 -5.65
C ALA C 467 -63.51 28.12 -4.83
N SER C 468 -63.38 28.30 -3.52
CA SER C 468 -64.57 28.51 -2.68
C SER C 468 -65.16 29.90 -2.90
N LYS C 469 -64.31 30.91 -3.08
CA LYS C 469 -64.79 32.27 -3.35
C LYS C 469 -65.50 32.36 -4.68
N ALA C 470 -65.08 31.57 -5.68
CA ALA C 470 -65.80 31.54 -6.95
C ALA C 470 -67.00 30.59 -6.93
N GLN C 471 -67.00 29.58 -6.07
CA GLN C 471 -68.13 28.66 -6.01
C GLN C 471 -69.27 29.20 -5.16
N SER C 472 -68.99 30.19 -4.30
CA SER C 472 -70.07 30.82 -3.54
C SER C 472 -71.03 31.59 -4.44
N ILE C 473 -70.56 32.07 -5.59
CA ILE C 473 -71.45 32.72 -6.55
C ILE C 473 -72.37 31.71 -7.19
N ILE C 474 -71.79 30.71 -7.85
CA ILE C 474 -72.59 29.69 -8.57
C ILE C 474 -72.91 28.61 -7.55
N ASP C 475 -74.01 28.81 -6.83
CA ASP C 475 -74.45 27.85 -5.82
C ASP C 475 -75.25 26.73 -6.45
N LYS C 485 -75.12 21.78 -18.63
CA LYS C 485 -76.36 22.38 -18.15
C LYS C 485 -76.67 23.68 -18.89
N VAL C 486 -75.96 24.75 -18.50
CA VAL C 486 -76.10 26.06 -19.10
C VAL C 486 -74.74 26.72 -19.13
N THR C 487 -74.69 27.92 -19.72
CA THR C 487 -73.45 28.68 -19.78
C THR C 487 -73.21 29.43 -18.47
N LEU C 488 -71.94 29.66 -18.17
CA LEU C 488 -71.53 30.33 -16.95
C LEU C 488 -70.92 31.69 -17.29
N GLY C 489 -71.04 32.62 -16.35
CA GLY C 489 -70.50 33.96 -16.55
C GLY C 489 -68.98 33.98 -16.49
N ASP C 490 -68.42 35.15 -16.78
CA ASP C 490 -66.97 35.29 -16.83
C ASP C 490 -66.37 35.67 -15.47
N ASN C 491 -66.76 34.91 -14.44
CA ASN C 491 -66.04 34.89 -13.19
C ASN C 491 -65.98 33.49 -12.59
N VAL C 492 -66.66 32.51 -13.19
CA VAL C 492 -66.73 31.14 -12.70
C VAL C 492 -66.27 30.29 -13.88
N LYS C 493 -66.01 30.95 -15.02
CA LYS C 493 -65.76 30.24 -16.26
C LYS C 493 -64.38 29.57 -16.26
N TYR C 494 -63.41 30.15 -15.54
CA TYR C 494 -62.09 29.54 -15.45
C TYR C 494 -62.13 28.24 -14.66
N TYR C 495 -62.99 28.16 -13.66
CA TYR C 495 -63.20 26.94 -12.91
C TYR C 495 -64.19 26.05 -13.63
N ASN C 496 -64.33 24.81 -13.12
CA ASN C 496 -64.97 23.68 -13.81
C ASN C 496 -64.31 23.48 -15.18
N LEU C 497 -62.99 23.35 -15.17
CA LEU C 497 -62.19 23.11 -16.37
C LEU C 497 -61.12 22.08 -16.08
N ALA C 498 -60.83 21.25 -17.08
CA ALA C 498 -59.87 20.16 -16.92
C ALA C 498 -58.44 20.71 -16.91
N ARG C 499 -57.47 19.80 -16.69
CA ARG C 499 -56.08 20.19 -16.51
C ARG C 499 -55.44 20.75 -17.77
N ILE C 500 -56.04 20.51 -18.94
CA ILE C 500 -55.48 21.03 -20.18
C ILE C 500 -55.67 22.54 -20.28
N LYS C 501 -56.72 23.08 -19.68
CA LYS C 501 -57.07 24.49 -19.83
C LYS C 501 -56.62 25.38 -18.67
N TRP C 502 -55.86 24.84 -17.71
CA TRP C 502 -55.41 25.65 -16.59
C TRP C 502 -54.33 26.63 -17.02
N ASP C 503 -54.16 27.68 -16.21
CA ASP C 503 -53.08 28.62 -16.44
C ASP C 503 -51.74 27.97 -16.06
N PRO C 504 -50.65 28.37 -16.70
CA PRO C 504 -49.33 27.82 -16.33
C PRO C 504 -48.83 28.27 -14.96
N SER C 505 -49.45 29.29 -14.36
CA SER C 505 -49.09 29.74 -13.02
C SER C 505 -50.22 29.52 -12.02
N ASP C 506 -51.04 28.50 -12.21
CA ASP C 506 -52.09 28.15 -11.26
C ASP C 506 -51.45 27.65 -9.97
N PRO C 507 -51.98 28.00 -8.80
CA PRO C 507 -51.36 27.54 -7.54
C PRO C 507 -51.53 26.04 -7.30
N GLN C 508 -52.50 25.40 -7.94
CA GLN C 508 -52.66 23.95 -7.87
C GLN C 508 -51.49 23.20 -8.49
N ILE C 509 -50.79 23.79 -9.46
CA ILE C 509 -49.60 23.16 -10.02
C ILE C 509 -48.31 23.74 -9.44
N ILE C 510 -48.40 24.73 -8.54
CA ILE C 510 -47.25 25.16 -7.77
C ILE C 510 -47.14 24.24 -6.56
N SER C 511 -48.30 23.90 -5.98
CA SER C 511 -48.31 23.02 -4.81
C SER C 511 -47.90 21.60 -5.18
N GLU C 512 -48.36 21.10 -6.33
CA GLU C 512 -48.01 19.75 -6.76
C GLU C 512 -46.55 19.67 -7.20
N GLY C 513 -45.97 20.80 -7.58
CA GLY C 513 -44.56 20.82 -7.92
C GLY C 513 -43.65 20.92 -6.72
N LEU C 514 -44.06 21.66 -5.69
CA LEU C 514 -43.23 21.76 -4.49
C LEU C 514 -43.39 20.55 -3.57
N TYR C 515 -44.54 19.89 -3.61
CA TYR C 515 -44.76 18.72 -2.77
C TYR C 515 -43.87 17.56 -3.16
N ALA C 516 -43.47 17.47 -4.43
CA ALA C 516 -42.58 16.41 -4.88
C ALA C 516 -41.16 16.61 -4.35
N ILE C 517 -40.66 17.86 -4.38
CA ILE C 517 -39.35 18.16 -3.80
C ILE C 517 -39.36 17.94 -2.30
N ALA C 518 -40.48 18.27 -1.64
CA ALA C 518 -40.58 18.05 -0.20
C ALA C 518 -40.60 16.56 0.14
N VAL C 519 -41.29 15.75 -0.67
CA VAL C 519 -41.35 14.31 -0.46
C VAL C 519 -39.98 13.67 -0.70
N VAL C 520 -39.22 14.17 -1.67
CA VAL C 520 -37.86 13.67 -1.89
C VAL C 520 -36.94 14.06 -0.74
N LEU C 521 -37.00 15.32 -0.31
CA LEU C 521 -36.09 15.81 0.72
C LEU C 521 -36.41 15.27 2.11
N SER C 522 -37.65 14.85 2.37
CA SER C 522 -37.99 14.37 3.71
C SER C 522 -37.44 12.98 3.99
N PHE C 523 -36.98 12.25 2.98
CA PHE C 523 -36.36 10.95 3.18
C PHE C 523 -34.92 11.06 3.66
N SER C 524 -34.37 12.26 3.79
CA SER C 524 -33.00 12.46 4.22
C SER C 524 -32.87 12.59 5.73
N ARG C 525 -33.96 12.38 6.47
CA ARG C 525 -33.93 12.38 7.92
C ARG C 525 -33.58 11.02 8.50
N ILE C 526 -33.21 10.06 7.64
CA ILE C 526 -32.70 8.77 8.12
C ILE C 526 -31.27 8.92 8.60
N ALA C 527 -30.62 10.04 8.24
CA ALA C 527 -29.28 10.35 8.71
C ALA C 527 -29.24 10.68 10.21
N TYR C 528 -30.39 10.94 10.81
CA TYR C 528 -30.47 11.19 12.25
C TYR C 528 -30.66 9.94 13.07
N ILE C 529 -31.10 8.84 12.47
CA ILE C 529 -31.29 7.59 13.19
C ILE C 529 -30.32 6.51 12.74
N LEU C 530 -29.64 6.70 11.63
CA LEU C 530 -28.69 5.74 11.08
C LEU C 530 -27.35 5.57 11.81
N PRO C 531 -26.71 6.60 12.41
CA PRO C 531 -25.45 6.32 13.13
C PRO C 531 -25.62 5.67 14.49
N ALA C 532 -26.81 5.23 14.87
CA ALA C 532 -26.99 4.44 16.08
C ALA C 532 -26.78 2.95 15.84
N ASN C 533 -26.53 2.55 14.61
CA ASN C 533 -26.37 1.15 14.23
C ASN C 533 -24.91 0.82 14.03
N GLU C 534 -24.56 -0.45 14.22
CA GLU C 534 -23.18 -0.90 14.15
C GLU C 534 -22.73 -1.24 12.74
N SER C 535 -23.64 -1.29 11.77
CA SER C 535 -23.30 -1.65 10.41
C SER C 535 -23.59 -0.57 9.37
N PHE C 536 -24.44 0.40 9.69
CA PHE C 536 -24.75 1.48 8.76
C PHE C 536 -24.27 2.85 9.26
N GLY C 537 -23.68 2.91 10.45
CA GLY C 537 -23.01 4.09 10.93
C GLY C 537 -21.70 4.40 10.22
N PRO C 538 -20.77 3.44 10.17
CA PRO C 538 -19.55 3.64 9.37
C PRO C 538 -19.80 3.85 7.89
N LEU C 539 -20.87 3.28 7.33
CA LEU C 539 -21.18 3.54 5.94
C LEU C 539 -21.61 4.99 5.74
N GLN C 540 -22.34 5.56 6.69
CA GLN C 540 -22.72 6.96 6.61
C GLN C 540 -21.49 7.87 6.79
N ILE C 541 -20.56 7.48 7.66
CA ILE C 541 -19.33 8.25 7.83
C ILE C 541 -18.49 8.24 6.56
N SER C 542 -18.28 7.05 5.98
CA SER C 542 -17.49 6.94 4.76
C SER C 542 -18.21 7.48 3.54
N LEU C 543 -19.53 7.62 3.59
CA LEU C 543 -20.25 8.26 2.50
C LEU C 543 -20.21 9.78 2.63
N GLY C 544 -20.16 10.28 3.87
CA GLY C 544 -20.05 11.72 4.05
C GLY C 544 -18.65 12.23 3.76
N ARG C 545 -17.63 11.39 3.95
CA ARG C 545 -16.27 11.87 3.69
C ARG C 545 -15.92 11.91 2.21
N THR C 546 -16.76 11.37 1.33
CA THR C 546 -16.52 11.43 -0.11
C THR C 546 -17.45 12.39 -0.84
N VAL C 547 -18.12 13.29 -0.13
CA VAL C 547 -18.85 14.38 -0.77
C VAL C 547 -18.00 15.63 -0.62
N LYS C 548 -17.30 15.70 0.53
CA LYS C 548 -16.34 16.76 0.77
C LYS C 548 -15.09 16.61 -0.08
N ASP C 549 -14.87 15.44 -0.69
CA ASP C 549 -13.78 15.24 -1.63
C ASP C 549 -14.15 15.52 -3.07
N ILE C 550 -15.44 15.60 -3.40
CA ILE C 550 -15.86 15.97 -4.75
C ILE C 550 -16.34 17.41 -4.83
N PHE C 551 -16.60 18.06 -3.69
CA PHE C 551 -16.94 19.48 -3.71
C PHE C 551 -15.78 20.34 -4.19
N LYS C 552 -14.55 19.87 -4.06
CA LYS C 552 -13.40 20.61 -4.56
C LYS C 552 -13.10 20.33 -6.03
N PHE C 553 -13.58 19.23 -6.58
CA PHE C 553 -13.43 18.95 -8.01
C PHE C 553 -14.58 19.48 -8.85
N MET C 554 -15.74 19.73 -8.24
CA MET C 554 -16.84 20.37 -8.95
C MET C 554 -16.52 21.79 -9.41
N VAL C 555 -15.52 22.44 -8.83
CA VAL C 555 -15.13 23.79 -9.26
C VAL C 555 -14.50 23.74 -10.65
N ILE C 556 -13.52 22.85 -10.84
CA ILE C 556 -12.91 22.69 -12.16
C ILE C 556 -13.91 22.08 -13.15
N PHE C 557 -14.82 21.24 -12.64
CA PHE C 557 -15.89 20.70 -13.47
C PHE C 557 -16.79 21.80 -14.03
N ILE C 558 -17.21 22.75 -13.19
CA ILE C 558 -18.07 23.81 -13.69
C ILE C 558 -17.30 24.86 -14.47
N MET C 559 -15.97 24.98 -14.28
CA MET C 559 -15.18 25.82 -15.19
C MET C 559 -15.20 25.29 -16.62
N VAL C 560 -14.93 23.98 -16.77
CA VAL C 560 -14.94 23.37 -18.11
C VAL C 560 -16.35 23.37 -18.69
N PHE C 561 -17.36 23.17 -17.82
CA PHE C 561 -18.76 23.17 -18.25
C PHE C 561 -19.19 24.54 -18.77
N VAL C 562 -18.91 25.60 -18.02
CA VAL C 562 -19.29 26.95 -18.41
C VAL C 562 -18.55 27.39 -19.68
N ALA C 563 -17.27 26.98 -19.79
CA ALA C 563 -16.49 27.26 -21.00
C ALA C 563 -17.13 26.68 -22.26
N PHE C 564 -17.41 25.37 -22.24
CA PHE C 564 -17.97 24.75 -23.44
C PHE C 564 -19.43 25.15 -23.67
N MET C 565 -20.17 25.47 -22.60
CA MET C 565 -21.54 25.94 -22.74
C MET C 565 -21.62 27.26 -23.49
N ILE C 566 -20.83 28.24 -23.06
CA ILE C 566 -20.84 29.54 -23.71
C ILE C 566 -20.23 29.44 -25.11
N GLY C 567 -19.19 28.62 -25.27
CA GLY C 567 -18.55 28.48 -26.57
C GLY C 567 -19.42 27.82 -27.62
N MET C 568 -20.28 26.88 -27.23
CA MET C 568 -21.15 26.26 -28.22
C MET C 568 -22.47 27.00 -28.39
N PHE C 569 -22.92 27.72 -27.36
CA PHE C 569 -24.06 28.62 -27.53
C PHE C 569 -23.72 29.75 -28.50
N ASN C 570 -22.48 30.27 -28.45
CA ASN C 570 -22.08 31.30 -29.40
C ASN C 570 -21.97 30.78 -30.82
N LEU C 571 -21.80 29.47 -31.00
CA LEU C 571 -21.69 28.87 -32.33
C LEU C 571 -23.05 28.58 -32.93
N TYR C 572 -23.93 27.92 -32.18
CA TYR C 572 -25.22 27.48 -32.73
C TYR C 572 -26.37 28.42 -32.39
N SER C 573 -26.12 29.72 -32.20
CA SER C 573 -27.19 30.61 -31.79
C SER C 573 -28.04 31.06 -32.96
N TYR C 574 -27.42 31.30 -34.12
CA TYR C 574 -28.12 31.84 -35.28
C TYR C 574 -28.86 30.79 -36.08
N TYR C 575 -28.84 29.53 -35.64
CA TYR C 575 -29.46 28.43 -36.38
C TYR C 575 -30.60 27.84 -35.57
N ILE C 576 -31.45 28.72 -35.02
CA ILE C 576 -32.45 28.29 -34.05
C ILE C 576 -33.56 27.47 -34.71
N GLY C 577 -33.93 27.79 -35.94
CA GLY C 577 -34.99 27.05 -36.60
C GLY C 577 -34.48 26.11 -37.67
N ALA C 578 -33.20 26.21 -38.00
CA ALA C 578 -32.60 25.46 -39.09
C ALA C 578 -31.68 24.36 -38.57
N LYS C 579 -32.08 23.70 -37.49
CA LYS C 579 -31.23 22.72 -36.84
C LYS C 579 -32.05 21.43 -36.66
N GLN C 580 -31.34 20.31 -36.51
CA GLN C 580 -31.97 19.00 -36.44
C GLN C 580 -32.81 18.84 -35.18
N ASN C 581 -32.41 19.48 -34.09
CA ASN C 581 -33.23 19.55 -32.88
C ASN C 581 -32.98 20.91 -32.23
N GLU C 582 -33.41 21.06 -30.98
CA GLU C 582 -33.39 22.36 -30.30
C GLU C 582 -32.24 22.49 -29.31
N ALA C 583 -31.09 21.88 -29.59
CA ALA C 583 -29.95 21.98 -28.70
C ALA C 583 -29.09 23.18 -29.07
N PHE C 584 -28.33 23.68 -28.08
CA PHE C 584 -27.28 24.69 -28.23
C PHE C 584 -27.79 26.03 -28.81
N THR C 585 -29.08 26.29 -28.69
CA THR C 585 -29.66 27.51 -29.25
C THR C 585 -30.07 28.52 -28.19
N THR C 586 -30.62 28.05 -27.08
CA THR C 586 -30.90 28.84 -25.90
C THR C 586 -29.83 28.47 -24.88
N VAL C 587 -29.63 29.30 -23.85
CA VAL C 587 -28.63 28.99 -22.84
C VAL C 587 -29.05 27.80 -21.99
N GLU C 588 -30.36 27.63 -21.75
CA GLU C 588 -30.81 26.44 -21.03
C GLU C 588 -30.73 25.18 -21.88
N GLU C 589 -30.88 25.29 -23.21
CA GLU C 589 -30.74 24.13 -24.07
C GLU C 589 -29.28 23.71 -24.19
N SER C 590 -28.38 24.69 -24.28
CA SER C 590 -26.95 24.39 -24.30
C SER C 590 -26.47 23.91 -22.94
N PHE C 591 -27.17 24.29 -21.87
CA PHE C 591 -26.84 23.78 -20.55
C PHE C 591 -27.27 22.33 -20.41
N LYS C 592 -28.49 21.99 -20.81
CA LYS C 592 -28.97 20.63 -20.61
C LYS C 592 -28.35 19.64 -21.60
N THR C 593 -27.99 20.10 -22.80
CA THR C 593 -27.32 19.21 -23.77
C THR C 593 -25.93 18.81 -23.29
N LEU C 594 -25.24 19.69 -22.57
CA LEU C 594 -23.95 19.35 -22.00
C LEU C 594 -24.05 18.70 -20.63
N PHE C 595 -25.17 18.88 -19.91
CA PHE C 595 -25.33 18.18 -18.64
C PHE C 595 -25.68 16.72 -18.87
N TRP C 596 -26.61 16.44 -19.78
CA TRP C 596 -27.03 15.07 -20.01
C TRP C 596 -26.04 14.28 -20.85
N ALA C 597 -24.98 14.92 -21.34
CA ALA C 597 -23.92 14.22 -22.05
C ALA C 597 -22.90 13.60 -21.12
N ILE C 598 -22.95 13.91 -19.82
CA ILE C 598 -22.09 13.24 -18.85
C ILE C 598 -22.56 11.81 -18.65
N PHE C 599 -23.87 11.58 -18.73
CA PHE C 599 -24.46 10.26 -18.56
C PHE C 599 -24.74 9.59 -19.89
N GLY C 600 -24.29 10.16 -21.00
CA GLY C 600 -24.44 9.55 -22.30
C GLY C 600 -25.82 9.64 -22.89
N LEU C 601 -26.67 10.52 -22.38
CA LEU C 601 -28.05 10.62 -22.81
C LEU C 601 -28.29 11.75 -23.81
N SER C 602 -27.24 12.22 -24.47
CA SER C 602 -27.34 13.27 -25.48
C SER C 602 -26.75 12.75 -26.78
N GLU C 603 -27.56 12.71 -27.83
CA GLU C 603 -27.14 12.13 -29.09
C GLU C 603 -26.20 13.05 -29.85
N VAL C 604 -25.59 12.49 -30.90
CA VAL C 604 -24.66 13.24 -31.76
C VAL C 604 -25.42 13.95 -32.87
N LYS C 605 -26.73 13.75 -32.97
CA LYS C 605 -27.55 14.51 -33.91
C LYS C 605 -27.85 15.91 -33.42
N SER C 606 -27.37 16.29 -32.24
CA SER C 606 -27.57 17.62 -31.70
C SER C 606 -26.49 18.62 -32.14
N VAL C 607 -25.60 18.24 -33.04
CA VAL C 607 -24.62 19.16 -33.61
C VAL C 607 -24.80 19.33 -35.11
N VAL C 608 -25.88 18.81 -35.68
CA VAL C 608 -26.10 18.77 -37.12
C VAL C 608 -27.08 19.87 -37.49
N ILE C 609 -26.71 20.69 -38.48
CA ILE C 609 -27.60 21.70 -39.03
C ILE C 609 -28.07 21.24 -40.40
N ASN C 610 -29.17 21.84 -40.86
CA ASN C 610 -29.81 21.43 -42.10
C ASN C 610 -29.24 22.12 -43.34
N TYR C 611 -28.40 23.12 -43.19
CA TYR C 611 -27.90 23.88 -44.32
C TYR C 611 -26.64 23.20 -44.87
N ASN C 612 -25.98 23.87 -45.82
CA ASN C 612 -24.73 23.38 -46.40
C ASN C 612 -23.51 24.07 -45.78
N HIS C 613 -23.67 24.61 -44.56
CA HIS C 613 -22.56 25.22 -43.84
C HIS C 613 -21.88 24.14 -43.00
N LYS C 614 -21.08 23.31 -43.66
CA LYS C 614 -20.40 22.22 -42.96
C LYS C 614 -19.20 22.69 -42.17
N PHE C 615 -18.76 23.94 -42.36
CA PHE C 615 -17.73 24.53 -41.51
C PHE C 615 -18.18 24.57 -40.05
N ILE C 616 -19.35 25.16 -39.81
CA ILE C 616 -19.90 25.30 -38.46
C ILE C 616 -20.26 23.94 -37.86
N GLU C 617 -20.72 23.01 -38.69
CA GLU C 617 -21.03 21.66 -38.22
C GLU C 617 -19.77 20.90 -37.82
N ASN C 618 -18.67 21.08 -38.55
CA ASN C 618 -17.43 20.42 -38.17
C ASN C 618 -16.82 21.05 -36.92
N ILE C 619 -16.98 22.37 -36.76
CA ILE C 619 -16.58 23.03 -35.51
C ILE C 619 -17.37 22.46 -34.33
N GLY C 620 -18.66 22.24 -34.53
CA GLY C 620 -19.48 21.68 -33.45
C GLY C 620 -19.12 20.25 -33.11
N TYR C 621 -18.80 19.45 -34.13
CA TYR C 621 -18.33 18.08 -33.91
C TYR C 621 -17.03 18.05 -33.11
N VAL C 622 -16.08 18.91 -33.48
CA VAL C 622 -14.79 18.96 -32.80
C VAL C 622 -14.94 19.45 -31.36
N LEU C 623 -15.79 20.46 -31.14
CA LEU C 623 -15.97 20.99 -29.79
C LEU C 623 -16.69 19.99 -28.89
N TYR C 624 -17.66 19.25 -29.43
CA TYR C 624 -18.34 18.22 -28.65
C TYR C 624 -17.42 17.05 -28.31
N GLY C 625 -16.56 16.64 -29.25
CA GLY C 625 -15.61 15.57 -28.94
C GLY C 625 -14.57 15.98 -27.91
N VAL C 626 -14.08 17.22 -28.01
CA VAL C 626 -13.12 17.73 -27.03
C VAL C 626 -13.76 17.87 -25.65
N TYR C 627 -15.05 18.24 -25.61
CA TYR C 627 -15.77 18.30 -24.34
C TYR C 627 -15.89 16.94 -23.68
N ASN C 628 -16.22 15.91 -24.48
CA ASN C 628 -16.36 14.57 -23.91
C ASN C 628 -15.03 14.02 -23.42
N VAL C 629 -13.95 14.24 -24.19
CA VAL C 629 -12.63 13.77 -23.77
C VAL C 629 -12.16 14.50 -22.51
N THR C 630 -12.42 15.81 -22.42
CA THR C 630 -12.01 16.58 -21.25
C THR C 630 -12.77 16.17 -20.00
N MET C 631 -14.06 15.87 -20.12
CA MET C 631 -14.82 15.42 -18.97
C MET C 631 -14.41 14.03 -18.52
N VAL C 632 -14.04 13.16 -19.47
CA VAL C 632 -13.53 11.83 -19.11
C VAL C 632 -12.21 11.95 -18.34
N ILE C 633 -11.34 12.87 -18.79
CA ILE C 633 -10.05 13.09 -18.11
C ILE C 633 -10.27 13.63 -16.69
N VAL C 634 -11.19 14.59 -16.54
CA VAL C 634 -11.44 15.20 -15.24
C VAL C 634 -12.05 14.20 -14.26
N LEU C 635 -13.00 13.38 -14.73
CA LEU C 635 -13.61 12.39 -13.84
C LEU C 635 -12.65 11.26 -13.49
N LEU C 636 -11.78 10.86 -14.42
CA LEU C 636 -10.78 9.83 -14.11
C LEU C 636 -9.74 10.34 -13.13
N ASN C 637 -9.35 11.62 -13.25
CA ASN C 637 -8.44 12.22 -12.29
C ASN C 637 -9.07 12.33 -10.91
N MET C 638 -10.37 12.65 -10.86
CA MET C 638 -11.08 12.70 -9.58
C MET C 638 -11.14 11.34 -8.92
N LEU C 639 -11.45 10.29 -9.71
CA LEU C 639 -11.53 8.93 -9.18
C LEU C 639 -10.17 8.46 -8.66
N ILE C 640 -9.10 8.76 -9.39
CA ILE C 640 -7.77 8.34 -8.95
C ILE C 640 -7.33 9.10 -7.70
N ALA C 641 -7.66 10.39 -7.62
CA ALA C 641 -7.32 11.18 -6.43
C ALA C 641 -8.09 10.72 -5.21
N MET C 642 -9.35 10.32 -5.39
CA MET C 642 -10.13 9.85 -4.24
C MET C 642 -9.77 8.43 -3.83
N ILE C 643 -9.27 7.61 -4.78
CA ILE C 643 -8.72 6.31 -4.41
C ILE C 643 -7.43 6.51 -3.62
N ASN C 644 -6.61 7.48 -4.02
CA ASN C 644 -5.34 7.72 -3.34
C ASN C 644 -5.54 8.34 -1.97
N SER C 645 -6.54 9.20 -1.81
CA SER C 645 -6.82 9.79 -0.49
C SER C 645 -7.80 8.95 0.32
N SER C 646 -7.53 7.65 0.37
CA SER C 646 -8.19 6.73 1.30
C SER C 646 -7.20 5.77 1.93
N PHE C 647 -6.00 5.63 1.40
CA PHE C 647 -4.94 4.87 2.03
C PHE C 647 -4.06 5.75 2.92
N GLN C 648 -4.30 7.05 2.92
CA GLN C 648 -3.66 7.96 3.87
C GLN C 648 -4.35 7.96 5.22
N GLU C 649 -5.48 7.28 5.35
CA GLU C 649 -6.23 7.20 6.59
C GLU C 649 -5.96 5.87 7.27
N ILE C 650 -5.74 5.91 8.58
CA ILE C 650 -5.50 4.68 9.34
C ILE C 650 -6.80 3.91 9.47
N GLU C 651 -6.69 2.58 9.52
CA GLU C 651 -7.87 1.72 9.59
C GLU C 651 -8.47 1.65 10.99
N ASP C 652 -7.80 2.23 11.99
CA ASP C 652 -8.32 2.24 13.35
C ASP C 652 -9.10 3.51 13.69
N ASP C 653 -8.90 4.59 12.94
CA ASP C 653 -9.68 5.80 13.15
C ASP C 653 -11.07 5.73 12.54
N ALA C 654 -11.31 4.78 11.63
CA ALA C 654 -12.64 4.62 11.05
C ALA C 654 -13.64 4.09 12.07
N ASP C 655 -13.17 3.34 13.06
CA ASP C 655 -14.05 2.94 14.16
C ASP C 655 -14.21 4.05 15.17
N VAL C 656 -13.15 4.83 15.40
CA VAL C 656 -13.16 5.87 16.41
C VAL C 656 -14.09 7.01 15.99
N GLU C 657 -14.10 7.36 14.71
CA GLU C 657 -14.99 8.42 14.23
C GLU C 657 -16.45 8.01 14.31
N TRP C 658 -16.76 6.75 13.98
CA TRP C 658 -18.12 6.26 14.09
C TRP C 658 -18.57 6.19 15.56
N LYS C 659 -17.71 5.72 16.45
CA LYS C 659 -18.11 5.63 17.85
C LYS C 659 -18.24 7.00 18.49
N PHE C 660 -17.46 7.98 18.03
CA PHE C 660 -17.64 9.35 18.49
C PHE C 660 -18.96 9.93 17.98
N ALA C 661 -19.34 9.62 16.74
CA ALA C 661 -20.62 10.09 16.22
C ALA C 661 -21.79 9.41 16.92
N ARG C 662 -21.64 8.14 17.27
CA ARG C 662 -22.69 7.43 18.00
C ARG C 662 -22.84 7.95 19.42
N ALA C 663 -21.73 8.27 20.08
CA ALA C 663 -21.80 8.86 21.41
C ALA C 663 -22.37 10.28 21.39
N LYS C 664 -22.07 11.04 20.32
CA LYS C 664 -22.72 12.34 20.16
C LYS C 664 -24.21 12.20 19.89
N LEU C 665 -24.63 11.11 19.25
CA LEU C 665 -26.06 10.84 19.11
C LEU C 665 -26.69 10.45 20.45
N TRP C 666 -25.96 9.68 21.26
CA TRP C 666 -26.45 9.27 22.58
C TRP C 666 -26.63 10.46 23.50
N PHE C 667 -25.67 11.38 23.49
CA PHE C 667 -25.65 12.49 24.43
C PHE C 667 -26.76 13.51 24.19
N SER C 668 -27.39 13.47 23.01
CA SER C 668 -28.53 14.33 22.73
C SER C 668 -29.83 13.81 23.32
N TYR C 669 -29.88 12.52 23.68
CA TYR C 669 -31.05 11.94 24.33
C TYR C 669 -30.90 11.84 25.84
N PHE C 670 -29.72 12.15 26.37
CA PHE C 670 -29.53 12.08 27.83
C PHE C 670 -30.18 13.26 28.52
N GLU C 671 -30.39 14.36 27.80
CA GLU C 671 -30.92 15.58 28.40
C GLU C 671 -32.39 15.42 28.75
N GLU C 672 -32.76 15.85 29.96
CA GLU C 672 -34.15 15.87 30.36
C GLU C 672 -34.90 16.93 29.57
N GLY C 673 -35.92 16.52 28.84
CA GLY C 673 -36.59 17.40 27.91
C GLY C 673 -37.69 16.73 27.14
N ARG C 674 -37.64 16.84 25.80
CA ARG C 674 -38.63 16.30 24.85
C ARG C 674 -38.87 14.83 24.79
N THR C 675 -39.90 14.36 25.49
CA THR C 675 -40.17 12.93 25.62
C THR C 675 -41.18 12.44 24.62
N LEU C 676 -42.21 13.22 24.33
CA LEU C 676 -43.22 12.86 23.36
C LEU C 676 -42.80 13.33 21.98
N PRO C 677 -43.02 12.49 20.96
CA PRO C 677 -42.50 12.78 19.62
C PRO C 677 -43.20 13.91 18.88
N VAL C 678 -42.84 14.07 17.61
CA VAL C 678 -43.08 15.29 16.83
C VAL C 678 -44.55 15.65 16.55
N PRO C 679 -45.57 14.76 16.55
CA PRO C 679 -46.94 15.32 16.51
C PRO C 679 -47.51 15.64 17.89
N PHE C 680 -46.86 15.20 18.97
CA PHE C 680 -47.41 15.33 20.31
C PHE C 680 -46.77 16.43 21.14
N ASN C 681 -45.89 17.24 20.56
CA ASN C 681 -45.28 18.33 21.30
C ASN C 681 -46.10 19.62 21.24
N LEU C 682 -47.28 19.57 20.62
CA LEU C 682 -48.14 20.74 20.49
C LEU C 682 -49.20 20.82 21.58
N VAL C 683 -49.35 19.79 22.40
CA VAL C 683 -50.36 19.78 23.44
C VAL C 683 -49.72 20.04 24.80
N ARG C 769 -8.44 12.31 50.64
CA ARG C 769 -9.67 11.56 50.41
C ARG C 769 -9.44 10.42 49.41
N GLN C 770 -10.52 9.94 48.80
CA GLN C 770 -10.40 8.79 47.92
C GLN C 770 -9.93 9.19 46.53
N TYR C 771 -10.30 10.39 46.07
CA TYR C 771 -9.94 10.81 44.73
C TYR C 771 -8.44 11.08 44.61
N GLN C 772 -7.84 11.64 45.66
CA GLN C 772 -6.40 11.87 45.63
C GLN C 772 -5.62 10.57 45.70
N LYS C 773 -6.14 9.58 46.44
CA LYS C 773 -5.49 8.27 46.50
C LYS C 773 -5.55 7.55 45.17
N ILE C 774 -6.71 7.60 44.51
CA ILE C 774 -6.88 6.93 43.22
C ILE C 774 -6.04 7.62 42.14
N MET C 775 -6.01 8.95 42.14
CA MET C 775 -5.21 9.66 41.17
C MET C 775 -3.72 9.47 41.41
N LYS C 776 -3.30 9.32 42.68
CA LYS C 776 -1.89 9.08 42.96
C LYS C 776 -1.46 7.69 42.49
N ARG C 777 -2.30 6.68 42.70
CA ARG C 777 -1.93 5.34 42.23
C ARG C 777 -1.99 5.25 40.71
N LEU C 778 -2.86 6.03 40.06
CA LEU C 778 -2.92 5.98 38.60
C LEU C 778 -1.75 6.73 37.98
N ILE C 779 -1.29 7.81 38.61
CA ILE C 779 -0.11 8.52 38.14
C ILE C 779 1.14 7.66 38.34
N LYS C 780 1.20 6.91 39.44
CA LYS C 780 2.34 6.00 39.63
C LYS C 780 2.35 4.88 38.60
N ARG C 781 1.18 4.31 38.29
CA ARG C 781 1.08 3.32 37.22
C ARG C 781 1.49 3.90 35.88
N TYR C 782 1.11 5.15 35.60
CA TYR C 782 1.46 5.76 34.31
C TYR C 782 2.96 6.00 34.20
N VAL C 783 3.60 6.42 35.29
CA VAL C 783 5.05 6.66 35.24
C VAL C 783 5.81 5.34 35.07
N LEU C 784 5.41 4.29 35.80
CA LEU C 784 6.10 3.00 35.69
C LEU C 784 5.88 2.36 34.32
N GLN C 785 4.64 2.42 33.80
CA GLN C 785 4.36 1.86 32.48
C GLN C 785 5.02 2.67 31.36
N ALA C 786 5.16 4.00 31.55
CA ALA C 786 5.84 4.81 30.56
C ALA C 786 7.33 4.52 30.53
N GLN C 787 7.94 4.25 31.68
CA GLN C 787 9.34 3.84 31.68
C GLN C 787 9.53 2.44 31.10
N ILE C 788 8.55 1.55 31.31
CA ILE C 788 8.60 0.23 30.68
C ILE C 788 8.48 0.33 29.17
N ASP C 789 7.60 1.21 28.68
CA ASP C 789 7.47 1.40 27.23
C ASP C 789 8.66 2.13 26.64
N LYS C 790 9.35 2.95 27.43
CA LYS C 790 10.59 3.58 26.96
C LYS C 790 11.72 2.58 26.91
N GLU C 791 11.69 1.56 27.76
CA GLU C 791 12.69 0.51 27.71
C GLU C 791 12.32 -0.63 26.76
N SER C 792 11.48 -0.34 25.78
CA SER C 792 11.14 -1.29 24.73
C SER C 792 11.48 -0.77 23.34
N ASP C 793 12.02 0.44 23.23
CA ASP C 793 12.51 0.94 21.95
C ASP C 793 13.77 0.19 21.55
N GLU C 794 14.01 0.12 20.25
CA GLU C 794 15.19 -0.57 19.74
C GLU C 794 16.44 0.21 20.08
N VAL C 795 17.51 -0.52 20.41
CA VAL C 795 18.77 0.12 20.79
C VAL C 795 19.46 0.66 19.55
N ASN C 796 19.98 1.88 19.64
CA ASN C 796 20.65 2.53 18.53
C ASN C 796 22.16 2.54 18.76
N GLU C 797 22.85 3.23 17.87
CA GLU C 797 24.31 3.20 17.82
C GLU C 797 24.96 4.05 18.91
N GLY C 798 24.20 4.92 19.58
CA GLY C 798 24.77 5.81 20.56
C GLY C 798 24.62 5.31 21.99
N GLU C 799 23.97 4.17 22.16
CA GLU C 799 23.86 3.53 23.46
C GLU C 799 24.84 2.39 23.64
N LEU C 800 25.42 1.88 22.56
CA LEU C 800 26.48 0.89 22.65
C LEU C 800 27.85 1.53 22.83
N LYS C 801 27.99 2.78 22.37
CA LYS C 801 29.21 3.53 22.61
C LYS C 801 29.41 3.81 24.09
N GLU C 802 28.32 3.96 24.85
CA GLU C 802 28.42 4.14 26.29
C GLU C 802 28.96 2.89 26.97
N ILE C 803 28.55 1.71 26.50
CA ILE C 803 29.07 0.45 27.01
C ILE C 803 30.54 0.28 26.64
N LYS C 804 30.91 0.72 25.44
CA LYS C 804 32.30 0.66 25.00
C LYS C 804 33.20 1.55 25.85
N GLN C 805 32.73 2.76 26.17
CA GLN C 805 33.51 3.64 27.03
C GLN C 805 33.54 3.13 28.47
N ASP C 806 32.50 2.41 28.91
CA ASP C 806 32.53 1.77 30.22
C ASP C 806 33.63 0.72 30.30
N ILE C 807 33.75 -0.11 29.25
CA ILE C 807 34.80 -1.14 29.23
C ILE C 807 36.18 -0.50 29.12
N SER C 808 36.30 0.61 28.38
CA SER C 808 37.57 1.30 28.25
C SER C 808 38.05 1.89 29.59
N SER C 809 37.14 2.56 30.30
CA SER C 809 37.47 3.13 31.60
C SER C 809 37.80 2.04 32.63
N LEU C 810 37.06 0.92 32.56
CA LEU C 810 37.35 -0.21 33.45
C LEU C 810 38.73 -0.80 33.17
N ARG C 811 39.11 -0.88 31.89
CA ARG C 811 40.43 -1.40 31.53
C ARG C 811 41.55 -0.52 32.07
N TYR C 812 41.43 0.79 31.88
CA TYR C 812 42.44 1.73 32.36
C TYR C 812 42.59 1.68 33.88
N GLU C 813 41.45 1.65 34.59
CA GLU C 813 41.46 1.65 36.05
C GLU C 813 42.05 0.35 36.60
N LEU C 814 41.68 -0.79 36.01
CA LEU C 814 42.17 -2.07 36.51
C LEU C 814 43.65 -2.27 36.22
N LEU C 815 44.12 -1.85 35.04
CA LEU C 815 45.54 -2.02 34.73
C LEU C 815 46.41 -1.12 35.58
N GLU C 816 45.94 0.10 35.88
CA GLU C 816 46.71 0.96 36.78
C GLU C 816 46.70 0.43 38.21
N GLU C 817 45.58 -0.13 38.66
CA GLU C 817 45.54 -0.71 40.01
C GLU C 817 46.46 -1.91 40.14
N LYS C 818 46.54 -2.74 39.08
CA LYS C 818 47.44 -3.89 39.10
C LYS C 818 48.91 -3.44 39.12
N SER C 819 49.26 -2.44 38.31
CA SER C 819 50.64 -1.95 38.29
C SER C 819 51.02 -1.29 39.61
N GLN C 820 50.07 -0.55 40.22
CA GLN C 820 50.34 0.11 41.49
C GLN C 820 50.52 -0.90 42.62
N ASN C 821 49.70 -1.96 42.63
CA ASN C 821 49.83 -3.01 43.65
C ASN C 821 51.14 -3.76 43.50
N THR C 822 51.54 -4.07 42.26
CA THR C 822 52.82 -4.75 42.02
C THR C 822 54.00 -3.87 42.42
N GLU C 823 53.92 -2.56 42.15
CA GLU C 823 55.00 -1.65 42.50
C GLU C 823 55.12 -1.47 44.01
N ASP C 824 53.99 -1.38 44.72
CA ASP C 824 54.03 -1.24 46.18
C ASP C 824 54.54 -2.51 46.84
N LEU C 825 54.14 -3.68 46.34
CA LEU C 825 54.64 -4.93 46.89
C LEU C 825 56.13 -5.11 46.63
N ALA C 826 56.61 -4.73 45.44
CA ALA C 826 58.02 -4.85 45.13
C ALA C 826 58.86 -3.88 45.96
N GLU C 827 58.35 -2.66 46.21
CA GLU C 827 59.08 -1.72 47.03
C GLU C 827 59.14 -2.15 48.49
N LEU C 828 58.02 -2.64 49.05
CA LEU C 828 58.03 -3.08 50.43
C LEU C 828 58.75 -4.42 50.63
N ILE C 829 58.96 -5.20 49.56
CA ILE C 829 59.80 -6.39 49.71
C ILE C 829 61.28 -6.02 49.55
N ARG C 830 61.60 -5.05 48.69
CA ARG C 830 63.00 -4.61 48.55
C ARG C 830 63.49 -3.91 49.82
N GLU C 831 62.62 -3.11 50.46
CA GLU C 831 63.01 -2.40 51.68
C GLU C 831 63.16 -3.30 52.89
N LEU C 832 62.78 -4.59 52.79
CA LEU C 832 63.05 -5.56 53.83
C LEU C 832 64.09 -6.58 53.39
N GLY C 833 64.32 -6.73 52.08
CA GLY C 833 65.44 -7.50 51.57
C GLY C 833 66.75 -6.77 51.57
N GLU C 834 66.72 -5.46 51.84
CA GLU C 834 67.93 -4.70 52.13
C GLU C 834 68.32 -4.76 53.61
N LYS C 835 67.72 -5.67 54.38
CA LYS C 835 68.05 -5.86 55.79
C LYS C 835 68.48 -7.29 56.09
N LEU C 836 68.77 -8.08 55.06
CA LEU C 836 69.22 -9.45 55.27
C LEU C 836 70.56 -9.67 54.56
N ALA D 1 2.28 24.59 43.40
CA ALA D 1 3.56 23.96 43.65
C ALA D 1 3.38 22.52 44.10
N TYR D 2 2.60 21.76 43.34
CA TYR D 2 2.38 20.36 43.62
C TYR D 2 3.42 19.50 42.89
N MET D 3 3.74 18.36 43.50
CA MET D 3 4.59 17.36 42.88
C MET D 3 4.03 15.98 43.19
N PHE D 4 4.29 15.03 42.31
CA PHE D 4 4.05 13.64 42.62
C PHE D 4 5.21 13.13 43.45
N SER D 5 5.01 13.01 44.76
CA SER D 5 6.00 12.45 45.66
C SER D 5 5.43 11.16 46.25
N ASP D 6 6.11 10.05 45.99
CA ASP D 6 5.62 8.75 46.45
C ASP D 6 6.05 8.41 47.87
N ARG D 7 6.79 9.29 48.54
CA ARG D 7 7.11 9.09 49.94
C ARG D 7 6.81 10.34 50.77
N SER D 8 6.94 11.52 50.13
CA SER D 8 6.62 12.83 50.70
C SER D 8 7.41 13.11 51.99
N THR D 9 8.72 12.88 51.91
CA THR D 9 9.65 13.09 53.01
C THR D 9 11.03 13.28 52.42
N SER D 10 12.06 13.24 53.28
CA SER D 10 13.44 13.35 52.85
C SER D 10 14.22 12.13 53.32
N LEU D 11 15.10 11.62 52.46
CA LEU D 11 15.90 10.47 52.79
C LEU D 11 17.06 10.87 53.70
N SER D 12 17.52 9.91 54.51
CA SER D 12 18.70 10.11 55.32
C SER D 12 19.95 10.09 54.44
N ILE D 13 21.07 10.51 55.01
CA ILE D 13 22.32 10.50 54.27
C ILE D 13 22.96 9.11 54.32
N GLU D 14 22.50 8.27 55.25
CA GLU D 14 22.93 6.88 55.32
C GLU D 14 21.89 5.92 54.76
N GLU D 15 20.84 6.43 54.12
CA GLU D 15 19.89 5.61 53.39
C GLU D 15 19.93 5.83 51.89
N GLU D 16 20.26 7.05 51.44
CA GLU D 16 20.52 7.27 50.04
C GLU D 16 21.75 6.51 49.56
N ARG D 17 22.74 6.34 50.44
CA ARG D 17 23.90 5.51 50.12
C ARG D 17 23.51 4.05 49.95
N PHE D 18 22.63 3.54 50.82
CA PHE D 18 22.20 2.16 50.74
C PHE D 18 21.35 1.92 49.50
N LEU D 19 20.50 2.87 49.15
CA LEU D 19 19.69 2.73 47.94
C LEU D 19 20.52 2.86 46.67
N ASP D 20 21.54 3.74 46.65
CA ASP D 20 22.42 3.82 45.49
C ASP D 20 23.28 2.58 45.35
N ALA D 21 23.71 2.00 46.48
CA ALA D 21 24.52 0.79 46.43
C ALA D 21 23.68 -0.41 45.99
N ALA D 22 22.42 -0.46 46.41
CA ALA D 22 21.55 -1.55 46.00
C ALA D 22 21.14 -1.41 44.53
N GLU D 23 20.99 -0.18 44.04
CA GLU D 23 20.56 0.01 42.67
C GLU D 23 21.70 -0.20 41.68
N TYR D 24 22.88 0.38 41.97
CA TYR D 24 23.96 0.42 40.99
C TYR D 24 24.99 -0.69 41.17
N GLY D 25 24.76 -1.62 42.09
CA GLY D 25 25.52 -2.85 42.12
C GLY D 25 26.68 -2.89 43.09
N ASN D 26 26.76 -1.97 44.04
CA ASN D 26 27.89 -1.87 44.96
C ASN D 26 27.73 -2.92 46.05
N ILE D 27 28.18 -4.13 45.76
CA ILE D 27 28.06 -5.28 46.66
C ILE D 27 28.87 -5.13 47.96
N PRO D 28 30.13 -4.64 47.98
CA PRO D 28 30.81 -4.50 49.29
C PRO D 28 30.20 -3.45 50.21
N VAL D 29 29.68 -2.36 49.66
CA VAL D 29 29.01 -1.36 50.48
C VAL D 29 27.72 -1.93 51.07
N VAL D 30 27.02 -2.78 50.34
CA VAL D 30 25.83 -3.43 50.88
C VAL D 30 26.20 -4.43 51.97
N ARG D 31 27.29 -5.19 51.75
CA ARG D 31 27.80 -6.10 52.79
C ARG D 31 28.22 -5.36 54.05
N LYS D 32 28.79 -4.16 53.90
CA LYS D 32 29.24 -3.41 55.06
C LYS D 32 28.07 -2.77 55.79
N MET D 33 27.14 -2.16 55.07
CA MET D 33 26.01 -1.48 55.69
C MET D 33 24.95 -2.45 56.19
N LEU D 34 24.97 -3.70 55.73
CA LEU D 34 23.98 -4.68 56.15
C LEU D 34 24.43 -5.46 57.38
N GLU D 35 25.63 -5.22 57.86
CA GLU D 35 26.18 -5.87 59.05
C GLU D 35 26.67 -4.88 60.10
N GLU D 36 27.28 -3.77 59.67
CA GLU D 36 27.86 -2.79 60.58
C GLU D 36 27.01 -1.54 60.73
N CYS D 37 25.70 -1.66 60.52
CA CYS D 37 24.77 -0.55 60.73
C CYS D 37 23.50 -1.11 61.33
N HIS D 38 23.31 -0.88 62.63
CA HIS D 38 22.14 -1.40 63.34
C HIS D 38 20.98 -0.42 63.35
N SER D 39 21.22 0.85 63.05
CA SER D 39 20.17 1.85 62.96
C SER D 39 19.64 2.01 61.54
N LEU D 40 19.89 1.04 60.67
CA LEU D 40 19.42 1.14 59.30
C LEU D 40 18.11 0.44 59.12
N ASN D 41 17.27 1.02 58.27
CA ASN D 41 15.98 0.48 57.93
C ASN D 41 16.18 -0.13 56.58
N VAL D 42 15.97 -1.42 56.40
CA VAL D 42 16.19 -1.99 55.10
C VAL D 42 15.01 -1.80 54.19
N ASN D 43 13.92 -1.28 54.70
CA ASN D 43 12.71 -1.06 53.94
C ASN D 43 12.51 0.41 53.58
N CYS D 44 13.58 1.20 53.53
CA CYS D 44 13.47 2.58 53.09
C CYS D 44 13.21 2.63 51.60
N VAL D 45 12.46 3.64 51.16
CA VAL D 45 12.04 3.75 49.77
C VAL D 45 12.62 5.01 49.15
N ASP D 46 12.73 4.99 47.84
CA ASP D 46 13.22 6.12 47.06
C ASP D 46 12.04 6.99 46.63
N TYR D 47 12.27 7.89 45.66
CA TYR D 47 11.26 8.84 45.19
C TYR D 47 10.07 8.18 44.52
N MET D 48 10.20 6.93 44.07
CA MET D 48 9.10 6.22 43.42
C MET D 48 8.49 5.15 44.32
N GLY D 49 9.11 4.85 45.45
CA GLY D 49 8.56 3.91 46.39
C GLY D 49 9.15 2.51 46.38
N GLN D 50 10.34 2.33 45.81
CA GLN D 50 10.96 1.02 45.68
C GLN D 50 12.07 0.90 46.72
N ASN D 51 12.03 -0.19 47.50
CA ASN D 51 13.08 -0.44 48.47
C ASN D 51 14.26 -1.13 47.80
N ALA D 52 15.18 -1.65 48.59
CA ALA D 52 16.43 -2.18 48.03
C ALA D 52 16.23 -3.48 47.28
N LEU D 53 15.26 -4.29 47.68
CA LEU D 53 14.99 -5.55 46.98
C LEU D 53 14.37 -5.28 45.62
N GLN D 54 13.43 -4.34 45.54
CA GLN D 54 12.82 -4.01 44.26
C GLN D 54 13.71 -3.17 43.37
N LEU D 55 14.83 -2.66 43.88
CA LEU D 55 15.84 -2.03 43.06
C LEU D 55 16.96 -2.97 42.64
N ALA D 56 17.20 -4.03 43.41
CA ALA D 56 18.17 -5.05 43.01
C ALA D 56 17.58 -6.11 42.10
N VAL D 57 16.27 -6.35 42.18
CA VAL D 57 15.64 -7.31 41.28
C VAL D 57 15.39 -6.68 39.91
N ALA D 58 15.05 -5.39 39.87
CA ALA D 58 14.79 -4.69 38.62
C ALA D 58 16.05 -4.40 37.81
N ASN D 59 17.23 -4.56 38.39
CA ASN D 59 18.49 -4.30 37.71
C ASN D 59 19.32 -5.54 37.47
N GLU D 60 18.80 -6.72 37.87
CA GLU D 60 19.46 -8.02 37.78
C GLU D 60 20.78 -8.00 38.56
N HIS D 61 20.64 -7.87 39.87
CA HIS D 61 21.75 -7.97 40.80
C HIS D 61 21.48 -9.20 41.66
N LEU D 62 22.01 -10.34 41.22
CA LEU D 62 21.73 -11.60 41.91
C LEU D 62 22.45 -11.70 43.24
N GLU D 63 23.64 -11.10 43.35
CA GLU D 63 24.41 -11.19 44.57
C GLU D 63 23.81 -10.32 45.66
N ILE D 64 23.34 -9.12 45.30
CA ILE D 64 22.67 -8.24 46.25
C ILE D 64 21.32 -8.83 46.67
N THR D 65 20.65 -9.53 45.75
CA THR D 65 19.38 -10.17 46.07
C THR D 65 19.58 -11.33 47.04
N GLU D 66 20.59 -12.17 46.79
CA GLU D 66 20.90 -13.27 47.71
C GLU D 66 21.47 -12.77 49.02
N LEU D 67 22.03 -11.56 49.05
CA LEU D 67 22.51 -10.94 50.28
C LEU D 67 21.38 -10.33 51.09
N LEU D 68 20.36 -9.79 50.43
CA LEU D 68 19.25 -9.15 51.13
C LEU D 68 18.21 -10.16 51.57
N LEU D 69 18.07 -11.29 50.87
CA LEU D 69 17.03 -12.26 51.21
C LEU D 69 17.32 -13.04 52.49
N LYS D 70 18.50 -12.89 53.08
CA LYS D 70 18.85 -13.53 54.33
C LYS D 70 18.61 -12.63 55.54
N LYS D 71 17.63 -11.72 55.45
CA LYS D 71 17.43 -10.70 56.47
C LYS D 71 16.29 -11.00 57.42
N GLU D 72 15.25 -11.71 56.96
CA GLU D 72 14.03 -12.05 57.69
C GLU D 72 13.27 -10.84 58.20
N ASN D 73 13.45 -9.68 57.57
CA ASN D 73 12.75 -8.47 57.92
C ASN D 73 12.26 -7.74 56.67
N LEU D 74 12.56 -8.27 55.48
CA LEU D 74 12.19 -7.60 54.24
C LEU D 74 10.69 -7.61 54.01
N SER D 75 10.20 -6.53 53.42
CA SER D 75 8.88 -6.48 52.83
C SER D 75 9.03 -6.50 51.32
N ARG D 76 7.90 -6.74 50.64
CA ARG D 76 7.79 -6.81 49.18
C ARG D 76 8.72 -7.89 48.60
N VAL D 77 8.44 -9.12 49.00
CA VAL D 77 9.10 -10.29 48.43
C VAL D 77 8.26 -10.92 47.33
N GLY D 78 6.94 -10.93 47.50
CA GLY D 78 6.06 -11.42 46.44
C GLY D 78 6.06 -10.51 45.24
N ASP D 79 6.18 -9.20 45.45
CA ASP D 79 6.28 -8.28 44.33
C ASP D 79 7.63 -8.40 43.64
N ALA D 80 8.69 -8.67 44.39
CA ALA D 80 9.99 -8.93 43.77
C ALA D 80 9.97 -10.20 42.95
N LEU D 81 9.23 -11.22 43.42
CA LEU D 81 9.05 -12.43 42.63
C LEU D 81 8.27 -12.16 41.35
N LEU D 82 7.21 -11.35 41.44
CA LEU D 82 6.42 -11.04 40.25
C LEU D 82 7.20 -10.18 39.27
N LEU D 83 8.04 -9.27 39.77
CA LEU D 83 8.85 -8.43 38.90
C LEU D 83 9.95 -9.25 38.21
N ALA D 84 10.55 -10.21 38.92
CA ALA D 84 11.56 -11.06 38.30
C ALA D 84 10.95 -12.03 37.30
N ILE D 85 9.71 -12.47 37.54
CA ILE D 85 9.01 -13.30 36.56
C ILE D 85 8.64 -12.46 35.33
N SER D 86 8.26 -11.21 35.55
CA SER D 86 7.89 -10.31 34.46
C SER D 86 9.08 -9.99 33.57
N LYS D 87 10.24 -9.78 34.17
CA LYS D 87 11.43 -9.42 33.39
C LYS D 87 12.16 -10.63 32.83
N GLY D 88 11.94 -11.82 33.37
CA GLY D 88 12.53 -13.02 32.83
C GLY D 88 13.84 -13.45 33.44
N TYR D 89 14.12 -13.06 34.68
CA TYR D 89 15.39 -13.36 35.34
C TYR D 89 15.25 -14.69 36.05
N VAL D 90 15.86 -15.74 35.49
CA VAL D 90 15.60 -17.10 35.98
C VAL D 90 16.36 -17.36 37.28
N ARG D 91 17.58 -16.83 37.40
CA ARG D 91 18.36 -17.05 38.60
C ARG D 91 17.78 -16.29 39.79
N ILE D 92 17.25 -15.09 39.55
CA ILE D 92 16.63 -14.32 40.61
C ILE D 92 15.32 -14.97 41.05
N VAL D 93 14.59 -15.57 40.12
CA VAL D 93 13.37 -16.31 40.47
C VAL D 93 13.71 -17.54 41.30
N GLU D 94 14.76 -18.27 40.89
CA GLU D 94 15.16 -19.47 41.63
C GLU D 94 15.82 -19.13 42.96
N ALA D 95 16.28 -17.90 43.16
CA ALA D 95 16.78 -17.46 44.45
C ALA D 95 15.68 -16.93 45.36
N ILE D 96 14.64 -16.33 44.79
CA ILE D 96 13.52 -15.83 45.59
C ILE D 96 12.61 -16.98 46.00
N LEU D 97 12.46 -18.01 45.15
CA LEU D 97 11.62 -19.15 45.49
C LEU D 97 12.20 -20.06 46.57
N SER D 98 13.40 -19.78 47.07
CA SER D 98 13.96 -20.51 48.20
C SER D 98 13.81 -19.75 49.52
N HIS D 99 13.22 -18.56 49.47
CA HIS D 99 12.87 -17.84 50.69
C HIS D 99 11.79 -18.62 51.43
N PRO D 100 11.79 -18.60 52.78
CA PRO D 100 10.78 -19.39 53.52
C PRO D 100 9.39 -18.78 53.59
N ALA D 101 8.88 -18.30 52.45
CA ALA D 101 7.47 -17.97 52.29
C ALA D 101 6.83 -18.74 51.16
N PHE D 102 7.63 -19.36 50.29
CA PHE D 102 7.19 -20.24 49.23
C PHE D 102 7.67 -21.66 49.48
N ALA D 103 7.51 -22.13 50.72
CA ALA D 103 8.19 -23.35 51.17
C ALA D 103 7.64 -24.59 50.50
N GLU D 104 6.34 -24.83 50.60
CA GLU D 104 5.70 -25.98 49.96
C GLU D 104 4.90 -25.58 48.74
N GLY D 105 5.34 -24.55 48.03
CA GLY D 105 4.56 -24.01 46.93
C GLY D 105 3.29 -23.34 47.38
N LYS D 106 3.37 -22.48 48.41
CA LYS D 106 2.16 -22.05 49.10
C LYS D 106 1.44 -20.93 48.36
N ARG D 107 2.19 -19.95 47.83
CA ARG D 107 1.60 -18.75 47.28
C ARG D 107 1.68 -18.69 45.76
N LEU D 108 1.91 -19.84 45.11
CA LEU D 108 2.18 -19.84 43.67
C LEU D 108 0.93 -19.97 42.82
N ALA D 109 -0.25 -20.17 43.42
CA ALA D 109 -1.47 -20.32 42.65
C ALA D 109 -2.67 -19.91 43.49
N THR D 110 -3.72 -19.46 42.79
CA THR D 110 -4.98 -18.93 43.34
C THR D 110 -4.82 -17.94 44.51
N GLN D 119 -6.54 -9.75 49.70
CA GLN D 119 -6.98 -10.75 50.65
C GLN D 119 -5.92 -11.01 51.71
N ASP D 120 -4.65 -10.89 51.31
CA ASP D 120 -3.53 -11.10 52.21
C ASP D 120 -2.48 -10.00 52.16
N ASP D 121 -2.45 -9.17 51.10
CA ASP D 121 -1.47 -8.10 50.88
C ASP D 121 -0.04 -8.65 50.87
N PHE D 122 0.15 -9.81 50.24
CA PHE D 122 1.48 -10.38 50.08
C PHE D 122 2.17 -9.82 48.83
N TYR D 123 1.41 -9.62 47.76
CA TYR D 123 1.94 -9.15 46.50
C TYR D 123 1.81 -7.64 46.32
N ALA D 124 1.53 -6.90 47.40
CA ALA D 124 1.47 -5.45 47.31
C ALA D 124 2.87 -4.88 47.17
N TYR D 125 2.94 -3.64 46.65
CA TYR D 125 4.23 -3.02 46.41
C TYR D 125 4.26 -1.55 46.83
N ASP D 126 3.16 -1.02 47.32
CA ASP D 126 3.08 0.40 47.61
C ASP D 126 2.44 0.74 48.94
N GLU D 127 1.89 -0.23 49.66
CA GLU D 127 0.89 -0.16 50.74
C GLU D 127 -0.46 0.37 50.24
N ASP D 128 -0.62 0.61 48.94
CA ASP D 128 -1.92 0.89 48.32
C ASP D 128 -1.81 0.39 46.89
N GLY D 129 -2.28 -0.84 46.66
CA GLY D 129 -2.30 -1.40 45.32
C GLY D 129 -1.16 -2.37 45.09
N THR D 130 -1.28 -3.10 43.97
CA THR D 130 -0.30 -4.06 43.52
C THR D 130 0.24 -3.64 42.16
N ARG D 131 1.36 -4.24 41.76
CA ARG D 131 1.99 -3.88 40.50
C ARG D 131 1.20 -4.38 39.30
N PHE D 132 0.74 -5.62 39.33
CA PHE D 132 -0.19 -6.16 38.35
C PHE D 132 -1.52 -6.32 39.06
N SER D 133 -2.54 -6.71 38.30
CA SER D 133 -3.88 -6.83 38.88
C SER D 133 -3.94 -7.96 39.88
N HIS D 134 -4.90 -7.87 40.81
CA HIS D 134 -4.93 -8.72 42.00
C HIS D 134 -5.17 -10.19 41.71
N ASP D 135 -5.68 -10.50 40.53
CA ASP D 135 -5.88 -11.89 40.13
C ASP D 135 -4.58 -12.58 39.74
N VAL D 136 -3.58 -11.81 39.32
CA VAL D 136 -2.40 -12.36 38.64
C VAL D 136 -1.53 -13.08 39.66
N THR D 137 -1.45 -14.39 39.54
CA THR D 137 -0.61 -15.28 40.33
C THR D 137 0.73 -15.39 39.61
N PRO D 138 1.77 -15.99 40.21
CA PRO D 138 3.02 -16.19 39.45
C PRO D 138 2.90 -17.08 38.23
N ILE D 139 1.99 -18.06 38.22
CA ILE D 139 1.91 -18.96 37.08
C ILE D 139 1.21 -18.30 35.90
N ILE D 140 0.22 -17.44 36.18
CA ILE D 140 -0.46 -16.70 35.11
C ILE D 140 0.48 -15.67 34.50
N LEU D 141 1.30 -15.02 35.32
CA LEU D 141 2.27 -14.06 34.81
C LEU D 141 3.41 -14.74 34.06
N ALA D 142 3.83 -15.93 34.51
CA ALA D 142 4.86 -16.66 33.79
C ALA D 142 4.35 -17.25 32.49
N ALA D 143 3.04 -17.49 32.37
CA ALA D 143 2.47 -17.94 31.11
C ALA D 143 2.13 -16.80 30.17
N HIS D 144 1.87 -15.60 30.69
CA HIS D 144 1.66 -14.44 29.83
C HIS D 144 2.94 -14.03 29.11
N CYS D 145 4.07 -14.09 29.80
CA CYS D 145 5.34 -13.59 29.29
C CYS D 145 6.14 -14.63 28.53
N GLN D 146 5.58 -15.83 28.32
CA GLN D 146 6.15 -16.91 27.50
C GLN D 146 7.49 -17.39 28.04
N GLU D 147 7.60 -17.52 29.36
CA GLU D 147 8.83 -17.95 30.00
C GLU D 147 8.74 -19.46 30.23
N TYR D 148 9.42 -20.24 29.38
CA TYR D 148 9.26 -21.69 29.43
C TYR D 148 9.94 -22.29 30.66
N GLU D 149 11.10 -21.76 31.05
CA GLU D 149 11.81 -22.30 32.20
C GLU D 149 11.11 -21.94 33.51
N ILE D 150 10.56 -20.73 33.61
CA ILE D 150 9.84 -20.34 34.81
C ILE D 150 8.51 -21.08 34.91
N VAL D 151 7.86 -21.34 33.77
CA VAL D 151 6.63 -22.13 33.78
C VAL D 151 6.92 -23.57 34.19
N HIS D 152 8.04 -24.13 33.72
CA HIS D 152 8.42 -25.48 34.13
C HIS D 152 8.76 -25.56 35.60
N THR D 153 9.45 -24.52 36.12
CA THR D 153 9.80 -24.48 37.54
C THR D 153 8.57 -24.34 38.42
N LEU D 154 7.61 -23.51 38.02
CA LEU D 154 6.40 -23.33 38.83
C LEU D 154 5.43 -24.51 38.68
N LEU D 155 5.46 -25.20 37.54
CA LEU D 155 4.65 -26.41 37.41
C LEU D 155 5.25 -27.56 38.20
N ARG D 156 6.57 -27.55 38.39
CA ARG D 156 7.23 -28.56 39.22
C ARG D 156 6.91 -28.43 40.70
N LYS D 157 6.42 -27.27 41.14
CA LYS D 157 6.02 -27.06 42.53
C LYS D 157 4.51 -27.12 42.71
N GLY D 158 3.78 -27.62 41.73
CA GLY D 158 2.35 -27.82 41.85
C GLY D 158 1.54 -26.54 41.79
N ALA D 159 1.73 -25.75 40.73
CA ALA D 159 0.98 -24.53 40.52
C ALA D 159 0.31 -24.59 39.16
N ARG D 160 -1.02 -24.52 39.15
CA ARG D 160 -1.79 -24.61 37.92
C ARG D 160 -2.65 -23.36 37.78
N ILE D 161 -3.14 -23.14 36.57
CA ILE D 161 -4.09 -22.07 36.28
C ILE D 161 -5.49 -22.65 36.35
N GLU D 162 -6.31 -22.13 37.26
CA GLU D 162 -7.67 -22.62 37.43
C GLU D 162 -8.54 -22.12 36.30
N ARG D 163 -9.22 -23.04 35.62
CA ARG D 163 -10.08 -22.67 34.51
C ARG D 163 -11.30 -21.94 35.04
N PRO D 164 -11.69 -20.80 34.44
CA PRO D 164 -12.86 -20.06 34.92
C PRO D 164 -14.17 -20.80 34.73
N HIS D 165 -15.23 -20.35 35.40
CA HIS D 165 -16.52 -21.01 35.35
C HIS D 165 -17.24 -20.60 34.07
N ASP D 166 -18.50 -21.02 33.90
CA ASP D 166 -19.28 -20.60 32.76
C ASP D 166 -19.68 -19.14 32.90
N TYR D 167 -20.03 -18.52 31.76
CA TYR D 167 -20.41 -17.13 31.76
C TYR D 167 -21.75 -16.89 32.46
N PHE D 168 -22.63 -17.89 32.47
CA PHE D 168 -23.93 -17.78 33.11
C PHE D 168 -24.00 -18.59 34.41
N CYS D 169 -22.87 -18.82 35.06
CA CYS D 169 -22.87 -19.60 36.29
C CYS D 169 -23.38 -18.74 37.44
N LYS D 170 -23.91 -19.44 38.47
CA LYS D 170 -24.51 -18.77 39.61
C LYS D 170 -24.03 -19.37 40.92
N CYS D 171 -22.73 -19.62 41.03
CA CYS D 171 -22.15 -20.12 42.28
C CYS D 171 -22.18 -19.04 43.34
N ASN D 172 -22.01 -19.44 44.60
CA ASN D 172 -21.91 -18.44 45.67
C ASN D 172 -20.49 -17.99 45.92
N ASP D 173 -19.74 -17.79 44.84
CA ASP D 173 -18.59 -16.90 44.74
C ASP D 173 -18.59 -16.15 43.42
N CYS D 174 -19.28 -16.66 42.41
CA CYS D 174 -19.39 -16.02 41.10
C CYS D 174 -20.34 -14.84 41.12
N ASN D 175 -21.25 -14.80 42.10
CA ASN D 175 -22.20 -13.70 42.25
C ASN D 175 -21.66 -12.64 43.20
N GLN D 176 -20.87 -13.04 44.20
CA GLN D 176 -20.25 -12.07 45.10
C GLN D 176 -19.20 -11.24 44.36
N LYS D 177 -18.48 -11.87 43.43
CA LYS D 177 -17.52 -11.14 42.60
C LYS D 177 -18.21 -10.15 41.68
N GLN D 178 -19.31 -10.58 41.06
CA GLN D 178 -20.05 -9.73 40.12
C GLN D 178 -20.86 -8.65 40.85
N LYS D 179 -21.14 -8.83 42.14
CA LYS D 179 -21.77 -7.78 42.92
C LYS D 179 -20.75 -6.79 43.48
N HIS D 180 -19.55 -7.27 43.82
CA HIS D 180 -18.51 -6.36 44.29
C HIS D 180 -18.00 -5.47 43.15
N ASP D 181 -17.60 -6.08 42.04
CA ASP D 181 -17.08 -5.33 40.89
C ASP D 181 -17.23 -6.18 39.65
N SER D 182 -18.03 -5.72 38.69
CA SER D 182 -18.25 -6.45 37.45
C SER D 182 -17.28 -6.04 36.35
N PHE D 183 -16.31 -5.19 36.66
CA PHE D 183 -15.24 -4.82 35.73
C PHE D 183 -14.03 -5.72 35.94
N SER D 184 -13.56 -5.79 37.19
CA SER D 184 -12.42 -6.63 37.52
C SER D 184 -12.74 -8.12 37.42
N HIS D 185 -14.02 -8.49 37.48
CA HIS D 185 -14.39 -9.89 37.28
C HIS D 185 -14.17 -10.32 35.84
N SER D 186 -14.62 -9.50 34.88
CA SER D 186 -14.39 -9.79 33.47
C SER D 186 -12.92 -9.70 33.11
N ARG D 187 -12.21 -8.74 33.72
CA ARG D 187 -10.76 -8.64 33.49
C ARG D 187 -10.02 -9.84 34.05
N SER D 188 -10.49 -10.40 35.18
CA SER D 188 -9.85 -11.56 35.76
C SER D 188 -10.12 -12.81 34.94
N ARG D 189 -11.34 -12.93 34.41
CA ARG D 189 -11.67 -14.03 33.51
C ARG D 189 -10.82 -14.00 32.24
N ILE D 190 -10.61 -12.80 31.68
CA ILE D 190 -9.82 -12.74 30.47
C ILE D 190 -8.33 -12.90 30.75
N ASN D 191 -7.86 -12.56 31.96
CA ASN D 191 -6.45 -12.83 32.29
C ASN D 191 -6.22 -14.32 32.49
N ALA D 192 -7.18 -15.02 33.11
CA ALA D 192 -7.05 -16.46 33.26
C ALA D 192 -7.09 -17.18 31.92
N TYR D 193 -7.93 -16.71 30.98
CA TYR D 193 -7.94 -17.33 29.67
C TYR D 193 -6.70 -16.98 28.86
N LYS D 194 -6.16 -15.77 29.04
CA LYS D 194 -4.90 -15.41 28.40
C LYS D 194 -3.73 -16.21 28.93
N GLY D 195 -3.78 -16.64 30.19
CA GLY D 195 -2.76 -17.53 30.72
C GLY D 195 -2.96 -18.97 30.27
N LEU D 196 -4.21 -19.39 30.13
CA LEU D 196 -4.49 -20.76 29.71
C LEU D 196 -4.19 -20.97 28.23
N ALA D 197 -4.30 -19.92 27.42
CA ALA D 197 -4.21 -20.02 25.96
C ALA D 197 -2.83 -19.66 25.43
N SER D 198 -1.77 -19.99 26.15
CA SER D 198 -0.42 -19.64 25.74
C SER D 198 0.38 -20.91 25.45
N PRO D 199 1.33 -20.86 24.51
CA PRO D 199 2.08 -22.08 24.16
C PRO D 199 2.99 -22.57 25.28
N ALA D 200 3.48 -21.68 26.14
CA ALA D 200 4.32 -22.08 27.25
C ALA D 200 3.58 -22.94 28.26
N TYR D 201 2.28 -22.70 28.43
CA TYR D 201 1.46 -23.51 29.31
C TYR D 201 0.82 -24.69 28.59
N LEU D 202 0.45 -24.52 27.32
CA LEU D 202 -0.18 -25.59 26.55
C LEU D 202 0.79 -26.73 26.28
N SER D 203 2.06 -26.41 26.03
CA SER D 203 3.02 -27.46 25.70
C SER D 203 3.58 -28.18 26.90
N LEU D 204 3.62 -27.54 28.07
CA LEU D 204 4.21 -28.14 29.26
C LEU D 204 3.20 -28.64 30.27
N SER D 205 1.95 -28.21 30.22
CA SER D 205 1.00 -28.49 31.28
C SER D 205 0.17 -29.75 31.05
N SER D 206 0.05 -30.21 29.81
CA SER D 206 -0.89 -31.25 29.46
C SER D 206 -0.18 -32.41 28.77
N GLU D 207 -0.90 -33.52 28.65
CA GLU D 207 -0.37 -34.74 28.06
C GLU D 207 -0.54 -34.78 26.55
N ASP D 208 -1.71 -34.40 26.05
CA ASP D 208 -1.97 -34.26 24.62
C ASP D 208 -2.31 -32.80 24.35
N PRO D 209 -1.34 -31.99 23.92
CA PRO D 209 -1.62 -30.55 23.75
C PRO D 209 -2.41 -30.20 22.50
N VAL D 210 -2.49 -31.09 21.51
CA VAL D 210 -3.26 -30.80 20.30
C VAL D 210 -4.75 -30.83 20.60
N MET D 211 -5.20 -31.85 21.35
CA MET D 211 -6.61 -31.96 21.73
C MET D 211 -7.03 -30.82 22.65
N THR D 212 -6.16 -30.49 23.61
CA THR D 212 -6.42 -29.40 24.54
C THR D 212 -6.49 -28.06 23.81
N ALA D 213 -5.60 -27.85 22.84
CA ALA D 213 -5.59 -26.59 22.10
C ALA D 213 -6.80 -26.47 21.17
N LEU D 214 -7.25 -27.59 20.58
CA LEU D 214 -8.44 -27.55 19.74
C LEU D 214 -9.70 -27.25 20.55
N GLU D 215 -9.85 -27.91 21.70
CA GLU D 215 -11.01 -27.65 22.56
C GLU D 215 -10.97 -26.23 23.13
N LEU D 216 -9.78 -25.72 23.44
CA LEU D 216 -9.68 -24.38 23.99
C LEU D 216 -9.96 -23.32 22.92
N SER D 217 -9.56 -23.58 21.67
CA SER D 217 -9.88 -22.65 20.59
C SER D 217 -11.37 -22.61 20.31
N ASN D 218 -12.04 -23.77 20.39
CA ASN D 218 -13.49 -23.80 20.26
C ASN D 218 -14.18 -23.07 21.41
N GLU D 219 -13.69 -23.24 22.64
CA GLU D 219 -14.29 -22.59 23.80
C GLU D 219 -14.14 -21.07 23.72
N LEU D 220 -12.96 -20.59 23.30
CA LEU D 220 -12.77 -19.15 23.17
C LEU D 220 -13.56 -18.58 22.00
N ALA D 221 -13.74 -19.35 20.93
CA ALA D 221 -14.57 -18.87 19.82
C ALA D 221 -16.04 -18.85 20.18
N VAL D 222 -16.47 -19.71 21.11
CA VAL D 222 -17.84 -19.65 21.62
C VAL D 222 -18.02 -18.43 22.53
N LEU D 223 -17.05 -18.20 23.43
CA LEU D 223 -17.14 -17.06 24.35
C LEU D 223 -16.96 -15.72 23.63
N ALA D 224 -16.37 -15.72 22.44
CA ALA D 224 -16.30 -14.49 21.67
C ALA D 224 -17.66 -14.03 21.15
N ASN D 225 -18.62 -14.95 21.03
CA ASN D 225 -19.97 -14.62 20.62
C ASN D 225 -20.93 -14.50 21.78
N ILE D 226 -20.73 -15.29 22.84
CA ILE D 226 -21.58 -15.19 24.02
C ILE D 226 -21.34 -13.88 24.74
N GLU D 227 -20.07 -13.52 24.94
CA GLU D 227 -19.68 -12.30 25.65
C GLU D 227 -19.33 -11.26 24.60
N LYS D 228 -20.23 -10.29 24.42
CA LYS D 228 -20.14 -9.39 23.26
C LYS D 228 -19.00 -8.38 23.41
N GLU D 229 -18.82 -7.84 24.61
CA GLU D 229 -17.60 -7.10 24.90
C GLU D 229 -16.45 -8.09 25.04
N PHE D 230 -15.22 -7.59 24.91
CA PHE D 230 -13.98 -8.36 24.85
C PHE D 230 -13.99 -9.39 23.73
N LYS D 231 -14.68 -9.10 22.62
CA LYS D 231 -14.74 -10.05 21.52
C LYS D 231 -13.44 -10.08 20.74
N ASN D 232 -12.84 -8.91 20.51
CA ASN D 232 -11.62 -8.79 19.75
C ASN D 232 -10.40 -9.36 20.47
N ASP D 233 -10.53 -9.69 21.76
CA ASP D 233 -9.49 -10.36 22.51
C ASP D 233 -9.66 -11.87 22.55
N TYR D 234 -10.90 -12.35 22.66
CA TYR D 234 -11.16 -13.78 22.57
C TYR D 234 -10.87 -14.32 21.17
N LYS D 235 -11.08 -13.49 20.15
CA LYS D 235 -10.67 -13.86 18.79
C LYS D 235 -9.17 -14.05 18.70
N LYS D 236 -8.40 -13.18 19.36
CA LYS D 236 -6.94 -13.28 19.33
C LYS D 236 -6.46 -14.49 20.11
N LEU D 237 -7.11 -14.80 21.23
CA LEU D 237 -6.71 -15.96 22.02
C LEU D 237 -7.03 -17.26 21.28
N SER D 238 -8.17 -17.31 20.59
CA SER D 238 -8.49 -18.48 19.78
C SER D 238 -7.56 -18.59 18.57
N MET D 239 -7.13 -17.46 18.01
CA MET D 239 -6.21 -17.48 16.88
C MET D 239 -4.85 -18.00 17.29
N GLN D 240 -4.40 -17.65 18.49
CA GLN D 240 -3.10 -18.18 18.93
C GLN D 240 -3.20 -19.62 19.40
N CYS D 241 -4.37 -20.06 19.88
CA CYS D 241 -4.58 -21.50 20.12
C CYS D 241 -4.55 -22.29 18.82
N LYS D 242 -5.00 -21.72 17.71
CA LYS D 242 -4.88 -22.39 16.42
C LYS D 242 -3.44 -22.35 15.91
N ASP D 243 -2.75 -21.24 16.15
CA ASP D 243 -1.36 -21.10 15.70
C ASP D 243 -0.42 -22.06 16.40
N PHE D 244 -0.73 -22.44 17.65
CA PHE D 244 0.04 -23.47 18.33
C PHE D 244 -0.01 -24.81 17.60
N VAL D 245 -1.20 -25.22 17.18
CA VAL D 245 -1.36 -26.51 16.48
C VAL D 245 -0.74 -26.46 15.10
N VAL D 246 -0.89 -25.34 14.39
CA VAL D 246 -0.29 -25.23 13.06
C VAL D 246 1.23 -25.20 13.13
N GLY D 247 1.80 -24.55 14.15
CA GLY D 247 3.23 -24.59 14.33
C GLY D 247 3.76 -25.88 14.91
N LEU D 248 2.90 -26.70 15.50
CA LEU D 248 3.30 -28.03 15.95
C LEU D 248 3.23 -29.07 14.84
N LEU D 249 2.35 -28.86 13.85
CA LEU D 249 2.32 -29.76 12.68
C LEU D 249 3.54 -29.55 11.79
N ASP D 250 4.11 -28.35 11.81
CA ASP D 250 5.21 -27.97 10.92
C ASP D 250 6.52 -28.69 11.26
N LEU D 251 6.71 -29.12 12.51
CA LEU D 251 7.96 -29.69 12.96
C LEU D 251 8.12 -31.16 12.63
N CYS D 252 7.13 -31.79 12.01
CA CYS D 252 7.16 -33.22 11.77
C CYS D 252 8.08 -33.58 10.63
N ARG D 253 8.88 -34.62 10.82
CA ARG D 253 9.90 -35.03 9.88
C ARG D 253 9.72 -36.43 9.30
N ASN D 254 9.19 -37.36 10.07
CA ASN D 254 8.83 -38.68 9.58
C ASN D 254 7.38 -38.66 9.11
N THR D 255 6.81 -39.83 8.86
CA THR D 255 5.38 -39.94 8.63
C THR D 255 4.61 -40.44 9.83
N GLU D 256 5.28 -41.05 10.81
CA GLU D 256 4.62 -41.39 12.07
C GLU D 256 4.33 -40.15 12.89
N GLU D 257 5.16 -39.12 12.78
CA GLU D 257 4.89 -37.88 13.50
C GLU D 257 3.75 -37.11 12.83
N VAL D 258 3.67 -37.15 11.50
CA VAL D 258 2.54 -36.57 10.78
C VAL D 258 1.25 -37.30 11.13
N GLU D 259 1.30 -38.63 11.19
CA GLU D 259 0.13 -39.39 11.59
C GLU D 259 -0.19 -39.29 13.08
N ALA D 260 0.74 -38.83 13.90
CA ALA D 260 0.42 -38.61 15.31
C ALA D 260 -0.10 -37.21 15.57
N ILE D 261 0.21 -36.24 14.70
CA ILE D 261 -0.39 -34.93 14.86
C ILE D 261 -1.75 -34.86 14.18
N LEU D 262 -1.86 -35.35 12.95
CA LEU D 262 -3.14 -35.29 12.23
C LEU D 262 -4.16 -36.25 12.81
N ASN D 263 -3.73 -37.46 13.14
CA ASN D 263 -4.59 -38.47 13.72
C ASN D 263 -4.17 -38.71 15.16
N GLY D 264 -5.08 -39.22 15.97
CA GLY D 264 -4.76 -39.36 17.38
C GLY D 264 -3.92 -40.57 17.72
N ASP D 265 -4.22 -41.20 18.85
CA ASP D 265 -3.54 -42.43 19.26
C ASP D 265 -4.02 -43.56 18.35
N VAL D 266 -3.14 -44.05 17.49
CA VAL D 266 -3.55 -45.00 16.44
C VAL D 266 -3.93 -46.34 17.05
N GLU D 267 -3.21 -46.77 18.08
CA GLU D 267 -3.48 -48.07 18.69
C GLU D 267 -4.77 -48.10 19.51
N THR D 268 -5.29 -46.95 19.94
CA THR D 268 -6.52 -46.91 20.72
C THR D 268 -7.61 -46.14 19.99
N LEU D 269 -7.61 -46.23 18.65
CA LEU D 269 -8.65 -45.65 17.82
C LEU D 269 -9.09 -46.68 16.79
N GLN D 270 -10.31 -46.52 16.28
CA GLN D 270 -10.85 -47.42 15.28
C GLN D 270 -10.09 -47.27 13.97
N SER D 271 -10.12 -48.34 13.16
CA SER D 271 -9.33 -48.35 11.93
C SER D 271 -9.93 -47.48 10.84
N GLY D 272 -11.20 -47.11 10.95
CA GLY D 272 -11.84 -46.31 9.93
C GLY D 272 -12.87 -47.08 9.14
N ASP D 273 -12.97 -46.80 7.84
CA ASP D 273 -13.92 -47.47 6.96
C ASP D 273 -13.22 -48.41 5.99
N HIS D 274 -12.12 -47.96 5.38
CA HIS D 274 -11.34 -48.71 4.41
C HIS D 274 -9.91 -48.78 4.95
N GLY D 275 -8.97 -49.18 4.09
CA GLY D 275 -7.56 -49.11 4.44
C GLY D 275 -7.00 -47.69 4.44
N ARG D 276 -7.56 -46.83 5.28
CA ARG D 276 -7.26 -45.40 5.32
C ARG D 276 -7.39 -44.94 6.76
N PRO D 277 -6.65 -43.88 7.15
CA PRO D 277 -6.57 -43.52 8.58
C PRO D 277 -7.87 -42.98 9.19
N ASN D 278 -7.87 -42.80 10.50
CA ASN D 278 -9.05 -42.36 11.24
C ASN D 278 -9.11 -40.83 11.18
N LEU D 279 -10.05 -40.30 10.41
CA LEU D 279 -10.20 -38.86 10.23
C LEU D 279 -11.17 -38.26 11.24
N SER D 280 -10.95 -38.50 12.53
CA SER D 280 -11.83 -37.96 13.57
C SER D 280 -11.33 -36.65 14.14
N ARG D 281 -10.01 -36.48 14.27
CA ARG D 281 -9.47 -35.18 14.64
C ARG D 281 -9.53 -34.22 13.47
N LEU D 282 -9.39 -34.72 12.25
CA LEU D 282 -9.32 -33.89 11.07
C LEU D 282 -10.70 -33.42 10.60
N LYS D 283 -11.77 -34.04 11.09
CA LYS D 283 -13.11 -33.47 10.95
C LYS D 283 -13.39 -32.45 12.03
N LEU D 284 -12.80 -32.62 13.21
CA LEU D 284 -12.93 -31.64 14.28
C LEU D 284 -12.20 -30.35 13.96
N ALA D 285 -11.09 -30.44 13.23
CA ALA D 285 -10.39 -29.25 12.76
C ALA D 285 -11.11 -28.54 11.63
N ILE D 286 -12.10 -29.18 11.00
CA ILE D 286 -12.95 -28.52 10.02
C ILE D 286 -14.19 -27.94 10.69
N LYS D 287 -14.76 -28.65 11.67
CA LYS D 287 -15.89 -28.14 12.44
C LYS D 287 -15.49 -26.92 13.27
N TYR D 288 -14.31 -26.96 13.90
CA TYR D 288 -13.83 -25.85 14.71
C TYR D 288 -13.20 -24.74 13.88
N GLU D 289 -13.11 -24.92 12.55
CA GLU D 289 -12.64 -23.93 11.58
C GLU D 289 -11.19 -23.52 11.85
N VAL D 290 -10.32 -24.52 11.89
CA VAL D 290 -8.88 -24.31 11.98
C VAL D 290 -8.34 -24.44 10.56
N LYS D 291 -8.16 -23.30 9.89
CA LYS D 291 -7.98 -23.33 8.44
C LYS D 291 -6.55 -23.64 8.04
N LYS D 292 -5.56 -23.18 8.81
CA LYS D 292 -4.17 -23.42 8.43
C LYS D 292 -3.68 -24.80 8.82
N PHE D 293 -4.38 -25.50 9.70
CA PHE D 293 -4.09 -26.90 9.99
C PHE D 293 -4.57 -27.81 8.87
N VAL D 294 -5.63 -27.42 8.19
CA VAL D 294 -6.17 -28.20 7.08
C VAL D 294 -5.56 -27.77 5.74
N ALA D 295 -5.08 -26.53 5.63
CA ALA D 295 -4.45 -26.04 4.43
C ALA D 295 -2.93 -26.14 4.47
N HIS D 296 -2.38 -26.99 5.35
CA HIS D 296 -0.95 -27.24 5.46
C HIS D 296 -0.55 -28.38 4.52
N PRO D 297 0.64 -28.31 3.92
CA PRO D 297 1.09 -29.37 3.00
C PRO D 297 1.15 -30.77 3.60
N ASN D 298 1.48 -30.88 4.90
CA ASN D 298 1.52 -32.17 5.56
C ASN D 298 0.13 -32.76 5.77
N CYS D 299 -0.93 -31.96 5.65
CA CYS D 299 -2.30 -32.44 5.66
C CYS D 299 -2.85 -32.70 4.26
N GLN D 300 -2.46 -31.86 3.28
CA GLN D 300 -2.88 -32.08 1.92
C GLN D 300 -2.28 -33.35 1.34
N GLN D 301 -1.06 -33.70 1.76
CA GLN D 301 -0.44 -34.93 1.25
C GLN D 301 -1.13 -36.17 1.82
N GLN D 302 -1.79 -36.04 2.96
CA GLN D 302 -2.58 -37.16 3.47
C GLN D 302 -3.95 -37.22 2.82
N LEU D 303 -4.58 -36.06 2.63
CA LEU D 303 -5.94 -36.03 2.08
C LEU D 303 -5.97 -36.39 0.60
N LEU D 304 -4.91 -36.07 -0.14
CA LEU D 304 -4.86 -36.41 -1.56
C LEU D 304 -4.72 -37.92 -1.77
N SER D 305 -4.14 -38.61 -0.79
CA SER D 305 -4.00 -40.06 -0.89
C SER D 305 -5.32 -40.79 -0.63
N ILE D 306 -6.30 -40.12 -0.03
CA ILE D 306 -7.62 -40.71 0.17
C ILE D 306 -8.52 -40.27 -0.98
N TRP D 307 -8.25 -39.07 -1.50
CA TRP D 307 -8.99 -38.57 -2.65
C TRP D 307 -8.70 -39.39 -3.90
N TYR D 308 -7.42 -39.59 -4.20
CA TYR D 308 -7.01 -40.41 -5.34
C TYR D 308 -6.77 -41.85 -4.92
N GLU D 309 -7.78 -42.51 -4.38
CA GLU D 309 -7.67 -43.79 -3.63
C GLU D 309 -7.14 -44.89 -4.54
N ASN D 310 -7.87 -45.32 -5.58
CA ASN D 310 -7.44 -46.44 -6.41
C ASN D 310 -7.03 -45.96 -7.80
N LEU D 311 -6.47 -44.74 -7.83
CA LEU D 311 -6.16 -44.07 -9.09
C LEU D 311 -4.71 -43.59 -9.05
N SER D 312 -3.80 -44.47 -9.45
CA SER D 312 -2.42 -44.06 -9.64
C SER D 312 -2.18 -43.39 -10.99
N GLY D 313 -3.00 -43.71 -11.98
CA GLY D 313 -2.89 -43.12 -13.30
C GLY D 313 -3.38 -41.69 -13.36
N LEU D 314 -4.62 -41.46 -12.92
CA LEU D 314 -5.25 -40.15 -13.02
C LEU D 314 -4.71 -39.14 -12.02
N ARG D 315 -3.89 -39.57 -11.06
CA ARG D 315 -3.31 -38.62 -10.11
C ARG D 315 -2.27 -37.74 -10.78
N GLN D 316 -1.39 -38.35 -11.59
CA GLN D 316 -0.28 -37.63 -12.20
C GLN D 316 -0.63 -37.08 -13.58
N GLN D 317 -1.87 -37.25 -14.04
CA GLN D 317 -2.27 -36.71 -15.33
C GLN D 317 -2.39 -35.19 -15.26
N THR D 318 -2.35 -34.58 -16.43
CA THR D 318 -2.48 -33.13 -16.55
C THR D 318 -3.95 -32.74 -16.72
N MET D 319 -4.20 -31.44 -16.77
CA MET D 319 -5.52 -30.97 -17.11
C MET D 319 -5.77 -31.15 -18.61
N ALA D 320 -7.04 -31.01 -18.99
CA ALA D 320 -7.63 -31.35 -20.29
C ALA D 320 -7.51 -32.83 -20.63
N VAL D 321 -7.19 -33.67 -19.64
CA VAL D 321 -7.39 -35.12 -19.72
C VAL D 321 -8.47 -35.57 -18.75
N LYS D 322 -8.60 -34.90 -17.61
CA LYS D 322 -9.69 -35.17 -16.68
C LYS D 322 -11.02 -34.60 -17.18
N PHE D 323 -10.98 -33.54 -17.96
CA PHE D 323 -12.17 -33.07 -18.67
C PHE D 323 -12.67 -34.12 -19.66
N LEU D 324 -11.73 -34.81 -20.33
CA LEU D 324 -12.10 -35.87 -21.25
C LEU D 324 -12.65 -37.10 -20.54
N VAL D 325 -12.15 -37.42 -19.34
CA VAL D 325 -12.74 -38.57 -18.66
C VAL D 325 -14.08 -38.18 -18.03
N VAL D 326 -14.29 -36.88 -17.73
CA VAL D 326 -15.61 -36.41 -17.32
C VAL D 326 -16.61 -36.58 -18.46
N LEU D 327 -16.19 -36.21 -19.68
CA LEU D 327 -17.04 -36.43 -20.85
C LEU D 327 -17.21 -37.92 -21.16
N ALA D 328 -16.22 -38.76 -20.85
CA ALA D 328 -16.33 -40.19 -21.09
C ALA D 328 -17.34 -40.85 -20.15
N VAL D 329 -17.32 -40.44 -18.87
CA VAL D 329 -18.37 -40.92 -17.96
C VAL D 329 -19.71 -40.26 -18.27
N ALA D 330 -19.71 -39.10 -18.93
CA ALA D 330 -20.95 -38.49 -19.39
C ALA D 330 -21.57 -39.30 -20.52
N ILE D 331 -20.75 -39.85 -21.41
CA ILE D 331 -21.27 -40.69 -22.49
C ILE D 331 -21.74 -42.03 -21.94
N GLY D 332 -20.85 -42.78 -21.31
CA GLY D 332 -21.18 -44.10 -20.82
C GLY D 332 -21.58 -44.17 -19.36
N LEU D 333 -22.58 -43.37 -18.96
CA LEU D 333 -23.09 -43.40 -17.59
C LEU D 333 -24.04 -44.58 -17.27
N PRO D 334 -25.02 -44.96 -18.13
CA PRO D 334 -25.84 -46.13 -17.75
C PRO D 334 -25.09 -47.45 -17.76
N PHE D 335 -24.00 -47.55 -18.53
CA PHE D 335 -23.21 -48.78 -18.51
C PHE D 335 -22.47 -48.95 -17.18
N LEU D 336 -21.89 -47.87 -16.66
CA LEU D 336 -21.27 -47.95 -15.34
C LEU D 336 -22.30 -48.08 -14.23
N ALA D 337 -23.50 -47.52 -14.46
CA ALA D 337 -24.59 -47.73 -13.52
C ALA D 337 -25.01 -49.20 -13.47
N LEU D 338 -25.03 -49.87 -14.64
CA LEU D 338 -25.34 -51.30 -14.67
C LEU D 338 -24.22 -52.12 -14.06
N ILE D 339 -22.98 -51.68 -14.22
CA ILE D 339 -21.83 -52.35 -13.61
C ILE D 339 -21.93 -52.29 -12.08
N TYR D 340 -22.26 -51.11 -11.55
CA TYR D 340 -22.43 -50.99 -10.10
C TYR D 340 -23.69 -51.69 -9.61
N TRP D 341 -24.71 -51.81 -10.46
CA TRP D 341 -25.95 -52.46 -10.05
C TRP D 341 -25.76 -53.97 -9.94
N PHE D 342 -25.29 -54.60 -11.00
CA PHE D 342 -25.28 -56.06 -11.05
C PHE D 342 -24.01 -56.68 -10.47
N ALA D 343 -22.83 -56.14 -10.79
CA ALA D 343 -21.56 -56.74 -10.39
C ALA D 343 -20.69 -55.74 -9.65
N PRO D 344 -20.91 -55.54 -8.33
CA PRO D 344 -19.94 -54.78 -7.54
C PRO D 344 -18.75 -55.65 -7.15
N CYS D 345 -17.81 -55.07 -6.41
CA CYS D 345 -16.58 -55.72 -5.92
C CYS D 345 -15.79 -56.34 -7.08
N SER D 346 -15.34 -55.47 -7.97
CA SER D 346 -14.67 -55.88 -9.20
C SER D 346 -13.51 -54.93 -9.44
N LYS D 347 -12.95 -54.96 -10.65
CA LYS D 347 -11.93 -54.01 -11.03
C LYS D 347 -12.49 -52.65 -11.39
N MET D 348 -13.81 -52.53 -11.54
CA MET D 348 -14.47 -51.25 -11.74
C MET D 348 -15.38 -50.87 -10.58
N GLY D 349 -15.97 -51.85 -9.89
CA GLY D 349 -16.78 -51.56 -8.72
C GLY D 349 -15.99 -51.10 -7.51
N LYS D 350 -14.67 -51.27 -7.53
CA LYS D 350 -13.81 -50.71 -6.50
C LYS D 350 -13.15 -49.41 -6.93
N ILE D 351 -13.07 -49.14 -8.23
CA ILE D 351 -12.61 -47.84 -8.69
C ILE D 351 -13.72 -46.81 -8.57
N MET D 352 -14.96 -47.19 -8.88
CA MET D 352 -16.07 -46.25 -8.84
C MET D 352 -16.58 -45.96 -7.43
N ARG D 353 -15.97 -46.55 -6.39
CA ARG D 353 -16.30 -46.20 -5.02
C ARG D 353 -15.29 -45.24 -4.40
N GLY D 354 -14.26 -44.85 -5.15
CA GLY D 354 -13.33 -43.84 -4.70
C GLY D 354 -13.98 -42.47 -4.72
N PRO D 355 -13.41 -41.52 -3.98
CA PRO D 355 -14.01 -40.17 -3.95
C PRO D 355 -13.87 -39.41 -5.26
N PHE D 356 -12.75 -39.57 -5.97
CA PHE D 356 -12.56 -38.80 -7.20
C PHE D 356 -13.43 -39.31 -8.34
N MET D 357 -13.61 -40.62 -8.47
CA MET D 357 -14.52 -41.14 -9.49
C MET D 357 -15.97 -40.85 -9.15
N LYS D 358 -16.29 -40.77 -7.85
CA LYS D 358 -17.63 -40.34 -7.43
C LYS D 358 -17.87 -38.87 -7.80
N PHE D 359 -16.86 -38.02 -7.63
CA PHE D 359 -16.95 -36.63 -8.04
C PHE D 359 -17.09 -36.49 -9.55
N VAL D 360 -16.37 -37.33 -10.30
CA VAL D 360 -16.42 -37.29 -11.76
C VAL D 360 -17.79 -37.75 -12.25
N ALA D 361 -18.38 -38.76 -11.60
CA ALA D 361 -19.71 -39.22 -11.97
C ALA D 361 -20.77 -38.17 -11.65
N HIS D 362 -20.66 -37.51 -10.49
CA HIS D 362 -21.64 -36.49 -10.12
C HIS D 362 -21.51 -35.23 -10.98
N ALA D 363 -20.32 -34.95 -11.52
CA ALA D 363 -20.19 -33.83 -12.45
C ALA D 363 -20.64 -34.20 -13.86
N ALA D 364 -20.46 -35.46 -14.26
CA ALA D 364 -20.93 -35.92 -15.57
C ALA D 364 -22.45 -35.94 -15.63
N SER D 365 -23.10 -36.33 -14.53
CA SER D 365 -24.56 -36.28 -14.51
C SER D 365 -25.14 -34.89 -14.42
N PHE D 366 -24.33 -33.85 -14.28
CA PHE D 366 -24.77 -32.45 -14.41
C PHE D 366 -24.46 -31.89 -15.78
N THR D 367 -23.36 -32.34 -16.39
CA THR D 367 -23.10 -32.07 -17.79
C THR D 367 -24.20 -32.61 -18.69
N ILE D 368 -24.70 -33.81 -18.37
CA ILE D 368 -25.80 -34.41 -19.13
C ILE D 368 -27.08 -33.58 -18.99
N PHE D 369 -27.34 -33.07 -17.78
CA PHE D 369 -28.55 -32.29 -17.54
C PHE D 369 -28.51 -30.96 -18.26
N LEU D 370 -27.34 -30.31 -18.26
CA LEU D 370 -27.18 -29.08 -19.05
C LEU D 370 -27.28 -29.35 -20.54
N GLY D 371 -26.76 -30.49 -21.02
CA GLY D 371 -26.91 -30.83 -22.42
C GLY D 371 -28.34 -31.10 -22.81
N LEU D 372 -29.12 -31.70 -21.90
CA LEU D 372 -30.54 -31.91 -22.14
C LEU D 372 -31.28 -30.57 -22.19
N LEU D 373 -30.95 -29.65 -21.28
CA LEU D 373 -31.59 -28.34 -21.27
C LEU D 373 -31.25 -27.54 -22.53
N VAL D 374 -30.05 -27.71 -23.07
CA VAL D 374 -29.71 -27.06 -24.33
C VAL D 374 -30.45 -27.70 -25.49
N MET D 375 -30.34 -29.03 -25.63
CA MET D 375 -30.87 -29.70 -26.80
C MET D 375 -32.38 -29.94 -26.76
N ASN D 376 -33.07 -29.53 -25.69
CA ASN D 376 -34.52 -29.67 -25.66
C ASN D 376 -35.18 -28.74 -26.69
N ALA D 377 -34.78 -27.48 -26.70
CA ALA D 377 -35.30 -26.52 -27.67
C ALA D 377 -34.39 -26.43 -28.90
N ALA D 378 -34.09 -27.57 -29.51
CA ALA D 378 -33.16 -27.62 -30.63
C ALA D 378 -33.83 -27.57 -31.99
N ASP D 379 -35.15 -27.74 -32.05
CA ASP D 379 -35.88 -27.57 -33.29
C ASP D 379 -36.15 -26.11 -33.62
N ARG D 380 -35.89 -25.21 -32.68
CA ARG D 380 -36.16 -23.78 -32.83
C ARG D 380 -34.90 -22.94 -32.77
N PHE D 381 -33.73 -23.51 -33.09
CA PHE D 381 -32.48 -22.77 -33.01
C PHE D 381 -32.40 -21.65 -34.05
N GLU D 382 -33.10 -21.79 -35.17
CA GLU D 382 -33.07 -20.80 -36.24
C GLU D 382 -34.47 -20.31 -36.62
N GLY D 383 -35.44 -20.45 -35.73
CA GLY D 383 -36.81 -20.11 -36.04
C GLY D 383 -37.74 -21.27 -35.75
N THR D 384 -38.85 -20.99 -35.05
CA THR D 384 -39.69 -22.07 -34.55
C THR D 384 -40.54 -22.68 -35.66
N LYS D 385 -40.79 -21.93 -36.73
CA LYS D 385 -41.65 -22.26 -37.87
C LYS D 385 -43.09 -22.60 -37.47
N LEU D 386 -43.54 -22.14 -36.30
CA LEU D 386 -44.92 -22.29 -35.83
C LEU D 386 -45.29 -20.90 -35.32
N LEU D 387 -45.93 -20.12 -36.19
CA LEU D 387 -46.18 -18.70 -35.93
C LEU D 387 -47.22 -18.54 -34.81
N PRO D 388 -47.19 -17.41 -34.10
CA PRO D 388 -48.21 -17.18 -33.06
C PRO D 388 -49.61 -16.98 -33.60
N ASN D 389 -49.77 -16.67 -34.89
CA ASN D 389 -51.07 -16.58 -35.52
C ASN D 389 -51.45 -17.82 -36.31
N GLU D 390 -50.50 -18.72 -36.57
CA GLU D 390 -50.76 -19.88 -37.39
C GLU D 390 -51.26 -21.06 -36.55
N THR D 391 -51.71 -22.10 -37.24
CA THR D 391 -52.27 -23.29 -36.60
C THR D 391 -51.78 -24.52 -37.33
N SER D 392 -51.10 -25.41 -36.60
CA SER D 392 -50.57 -26.65 -37.16
C SER D 392 -51.05 -27.83 -36.33
N THR D 393 -51.77 -28.76 -36.97
CA THR D 393 -52.33 -29.92 -36.31
C THR D 393 -51.56 -31.20 -36.58
N ASP D 394 -51.05 -31.37 -37.81
CA ASP D 394 -50.21 -32.47 -38.29
C ASP D 394 -50.88 -33.84 -38.27
N ASN D 395 -52.18 -33.92 -37.98
CA ASN D 395 -52.89 -35.19 -38.05
C ASN D 395 -54.25 -35.12 -38.71
N ALA D 396 -54.76 -33.91 -39.01
CA ALA D 396 -56.03 -33.62 -39.69
C ALA D 396 -57.27 -34.14 -38.96
N LYS D 397 -57.12 -34.56 -37.70
CA LYS D 397 -58.25 -34.98 -36.90
C LYS D 397 -58.14 -34.59 -35.43
N GLN D 398 -57.09 -33.87 -35.04
CA GLN D 398 -56.87 -33.50 -33.65
C GLN D 398 -56.87 -31.99 -33.51
N LEU D 399 -57.03 -31.54 -32.27
CA LEU D 399 -57.03 -30.12 -31.97
C LEU D 399 -55.61 -29.56 -32.03
N PHE D 400 -55.51 -28.23 -32.10
CA PHE D 400 -54.20 -27.59 -32.07
C PHE D 400 -53.55 -27.67 -30.71
N ARG D 401 -54.34 -27.63 -29.63
CA ARG D 401 -53.80 -27.70 -28.27
C ARG D 401 -53.45 -29.13 -27.84
N MET D 402 -53.45 -30.09 -28.76
CA MET D 402 -52.97 -31.44 -28.50
C MET D 402 -51.48 -31.58 -28.76
N LYS D 403 -51.01 -31.14 -29.93
CA LYS D 403 -49.58 -31.20 -30.23
C LYS D 403 -48.88 -29.89 -29.86
N THR D 404 -49.15 -29.39 -28.66
CA THR D 404 -48.37 -28.35 -27.99
C THR D 404 -48.00 -28.73 -26.58
N SER D 405 -48.89 -29.42 -25.86
CA SER D 405 -48.69 -29.78 -24.47
C SER D 405 -48.30 -31.25 -24.30
N CYS D 406 -48.14 -31.99 -25.39
CA CYS D 406 -47.69 -33.36 -25.28
C CYS D 406 -46.19 -33.40 -24.99
N PHE D 407 -45.80 -34.32 -24.11
CA PHE D 407 -44.40 -34.40 -23.70
C PHE D 407 -43.59 -35.16 -24.74
N SER D 408 -42.40 -34.64 -25.04
CA SER D 408 -41.52 -35.27 -26.01
C SER D 408 -40.71 -36.37 -25.33
N TRP D 409 -39.76 -36.95 -26.04
CA TRP D 409 -38.88 -37.94 -25.42
C TRP D 409 -37.74 -37.31 -24.65
N MET D 410 -37.48 -36.01 -24.86
CA MET D 410 -36.48 -35.31 -24.09
C MET D 410 -37.05 -34.49 -22.95
N GLU D 411 -38.35 -34.23 -22.94
CA GLU D 411 -38.98 -33.54 -21.82
C GLU D 411 -39.41 -34.50 -20.72
N MET D 412 -39.22 -35.81 -20.90
CA MET D 412 -39.46 -36.78 -19.85
C MET D 412 -38.18 -37.11 -19.08
N LEU D 413 -37.04 -37.09 -19.76
CA LEU D 413 -35.76 -37.26 -19.09
C LEU D 413 -35.47 -36.10 -18.15
N ILE D 414 -35.90 -34.89 -18.51
CA ILE D 414 -35.73 -33.74 -17.62
C ILE D 414 -36.61 -33.90 -16.38
N ILE D 415 -37.81 -34.47 -16.55
CA ILE D 415 -38.69 -34.73 -15.42
C ILE D 415 -38.08 -35.79 -14.50
N SER D 416 -37.46 -36.82 -15.09
CA SER D 416 -36.78 -37.84 -14.28
C SER D 416 -35.57 -37.30 -13.52
N TRP D 417 -34.76 -36.45 -14.17
CA TRP D 417 -33.68 -35.73 -13.47
C TRP D 417 -34.18 -34.84 -12.34
N VAL D 418 -35.28 -34.10 -12.54
CA VAL D 418 -35.78 -33.22 -11.48
C VAL D 418 -36.39 -34.05 -10.35
N ILE D 419 -36.98 -35.21 -10.65
CA ILE D 419 -37.54 -36.07 -9.61
C ILE D 419 -36.42 -36.68 -8.76
N GLY D 420 -35.37 -37.18 -9.42
CA GLY D 420 -34.20 -37.63 -8.70
C GLY D 420 -33.48 -36.55 -7.92
N MET D 421 -33.48 -35.32 -8.43
CA MET D 421 -32.86 -34.19 -7.77
C MET D 421 -33.68 -33.67 -6.60
N ILE D 422 -34.99 -33.89 -6.60
CA ILE D 422 -35.83 -33.57 -5.46
C ILE D 422 -35.68 -34.65 -4.38
N TRP D 423 -35.58 -35.91 -4.80
CA TRP D 423 -35.39 -37.00 -3.84
C TRP D 423 -34.02 -36.92 -3.17
N ALA D 424 -32.98 -36.56 -3.92
CA ALA D 424 -31.65 -36.39 -3.34
C ALA D 424 -31.53 -35.15 -2.46
N GLU D 425 -32.50 -34.25 -2.50
CA GLU D 425 -32.57 -33.11 -1.60
C GLU D 425 -33.39 -33.42 -0.35
N CYS D 426 -34.44 -34.21 -0.50
CA CYS D 426 -35.21 -34.65 0.67
C CYS D 426 -34.39 -35.61 1.53
N LYS D 427 -33.56 -36.45 0.89
CA LYS D 427 -32.66 -37.32 1.65
C LYS D 427 -31.61 -36.50 2.39
N GLU D 428 -31.19 -35.37 1.83
CA GLU D 428 -30.31 -34.46 2.55
C GLU D 428 -31.03 -33.73 3.66
N ILE D 429 -32.34 -33.48 3.50
CA ILE D 429 -33.12 -32.80 4.53
C ILE D 429 -33.28 -33.69 5.76
N TRP D 430 -33.68 -34.96 5.57
CA TRP D 430 -33.84 -35.83 6.73
C TRP D 430 -32.58 -36.63 7.08
N THR D 431 -31.40 -36.10 6.76
CA THR D 431 -30.15 -36.65 7.28
C THR D 431 -29.29 -35.60 7.97
N GLN D 432 -29.23 -34.37 7.48
CA GLN D 432 -28.53 -33.29 8.15
C GLN D 432 -29.45 -32.54 9.08
N GLY D 433 -30.76 -32.77 9.00
CA GLY D 433 -31.72 -32.10 9.85
C GLY D 433 -32.22 -30.82 9.23
N PRO D 434 -33.49 -30.48 9.47
CA PRO D 434 -34.08 -29.31 8.81
C PRO D 434 -33.72 -27.96 9.44
N LYS D 435 -32.74 -27.95 10.34
CA LYS D 435 -32.22 -26.72 10.91
C LYS D 435 -30.80 -26.42 10.47
N GLU D 436 -29.94 -27.45 10.38
CA GLU D 436 -28.62 -27.27 9.84
C GLU D 436 -28.54 -27.25 8.33
N TYR D 437 -29.65 -27.58 7.66
CA TYR D 437 -29.72 -27.56 6.21
C TYR D 437 -30.01 -26.17 5.67
N LEU D 438 -30.77 -25.35 6.40
CA LEU D 438 -31.05 -23.99 5.98
C LEU D 438 -29.96 -23.02 6.41
N PHE D 439 -28.91 -23.50 7.08
CA PHE D 439 -27.83 -22.64 7.52
C PHE D 439 -27.00 -22.10 6.35
N GLU D 440 -26.90 -22.89 5.28
CA GLU D 440 -26.24 -22.44 4.05
C GLU D 440 -27.31 -21.93 3.08
N LEU D 441 -27.10 -20.74 2.55
CA LEU D 441 -28.12 -20.13 1.70
C LEU D 441 -28.12 -20.72 0.30
N TRP D 442 -27.03 -21.37 -0.10
CA TRP D 442 -27.00 -22.02 -1.41
C TRP D 442 -27.92 -23.24 -1.46
N ASN D 443 -28.21 -23.85 -0.31
CA ASN D 443 -29.21 -24.91 -0.28
C ASN D 443 -30.61 -24.36 -0.55
N MET D 444 -30.88 -23.14 -0.10
CA MET D 444 -32.14 -22.49 -0.43
C MET D 444 -32.19 -22.08 -1.90
N LEU D 445 -31.04 -21.65 -2.44
CA LEU D 445 -30.98 -21.31 -3.86
C LEU D 445 -31.13 -22.53 -4.74
N ASP D 446 -30.73 -23.71 -4.24
CA ASP D 446 -30.91 -24.95 -4.97
C ASP D 446 -32.32 -25.52 -4.79
N PHE D 447 -32.96 -25.25 -3.65
CA PHE D 447 -34.33 -25.69 -3.42
C PHE D 447 -35.35 -24.86 -4.20
N GLY D 448 -35.08 -23.56 -4.38
CA GLY D 448 -35.99 -22.73 -5.16
C GLY D 448 -36.04 -23.11 -6.62
N MET D 449 -34.90 -23.56 -7.18
CA MET D 449 -34.85 -23.99 -8.57
C MET D 449 -35.69 -25.24 -8.79
N LEU D 450 -35.62 -26.19 -7.86
CA LEU D 450 -36.43 -27.40 -7.97
C LEU D 450 -37.90 -27.13 -7.74
N ALA D 451 -38.23 -26.18 -6.85
CA ALA D 451 -39.62 -25.78 -6.67
C ALA D 451 -40.19 -25.14 -7.93
N ILE D 452 -39.38 -24.32 -8.61
CA ILE D 452 -39.83 -23.66 -9.84
C ILE D 452 -39.98 -24.66 -10.98
N PHE D 453 -39.06 -25.62 -11.08
CA PHE D 453 -39.19 -26.71 -12.05
C PHE D 453 -40.44 -27.54 -11.81
N ALA D 454 -40.74 -27.84 -10.54
CA ALA D 454 -41.92 -28.63 -10.20
C ALA D 454 -43.21 -27.88 -10.54
N ALA D 455 -43.24 -26.57 -10.26
CA ALA D 455 -44.40 -25.76 -10.60
C ALA D 455 -44.61 -25.67 -12.11
N SER D 456 -43.51 -25.58 -12.87
CA SER D 456 -43.60 -25.55 -14.32
C SER D 456 -44.17 -26.84 -14.89
N PHE D 457 -43.67 -27.99 -14.39
CA PHE D 457 -44.16 -29.26 -14.90
C PHE D 457 -45.58 -29.56 -14.45
N ILE D 458 -45.98 -29.08 -13.27
CA ILE D 458 -47.36 -29.22 -12.81
C ILE D 458 -48.31 -28.42 -13.68
N ALA D 459 -47.93 -27.19 -14.04
CA ALA D 459 -48.77 -26.35 -14.89
C ALA D 459 -48.88 -26.93 -16.31
N ARG D 460 -47.78 -27.47 -16.83
CA ARG D 460 -47.85 -28.09 -18.16
C ARG D 460 -48.70 -29.36 -18.14
N PHE D 461 -48.63 -30.13 -17.06
CA PHE D 461 -49.45 -31.33 -16.95
C PHE D 461 -50.93 -30.99 -16.84
N MET D 462 -51.27 -29.93 -16.11
CA MET D 462 -52.68 -29.57 -15.99
C MET D 462 -53.21 -28.95 -17.28
N ALA D 463 -52.33 -28.29 -18.06
CA ALA D 463 -52.74 -27.83 -19.38
C ALA D 463 -53.02 -29.00 -20.32
N PHE D 464 -52.16 -30.03 -20.28
CA PHE D 464 -52.39 -31.23 -21.08
C PHE D 464 -53.62 -31.98 -20.61
N TRP D 465 -53.92 -31.94 -19.31
CA TRP D 465 -55.11 -32.61 -18.77
C TRP D 465 -56.39 -31.93 -19.24
N HIS D 466 -56.41 -30.58 -19.22
CA HIS D 466 -57.55 -29.86 -19.75
C HIS D 466 -57.72 -30.08 -21.24
N ALA D 467 -56.61 -30.15 -21.98
CA ALA D 467 -56.68 -30.39 -23.42
C ALA D 467 -57.21 -31.79 -23.73
N SER D 468 -56.82 -32.79 -22.95
CA SER D 468 -57.32 -34.15 -23.18
C SER D 468 -58.78 -34.28 -22.76
N LYS D 469 -59.16 -33.63 -21.66
CA LYS D 469 -60.56 -33.66 -21.21
C LYS D 469 -61.48 -32.97 -22.19
N ALA D 470 -61.01 -31.93 -22.88
CA ALA D 470 -61.81 -31.30 -23.92
C ALA D 470 -61.72 -32.01 -25.27
N GLN D 471 -60.64 -32.74 -25.53
CA GLN D 471 -60.51 -33.44 -26.80
C GLN D 471 -61.24 -34.78 -26.78
N SER D 472 -61.54 -35.32 -25.59
CA SER D 472 -62.33 -36.55 -25.51
C SER D 472 -63.76 -36.34 -26.02
N ILE D 473 -64.28 -35.12 -25.94
CA ILE D 473 -65.60 -34.83 -26.50
C ILE D 473 -65.54 -34.84 -28.02
N ILE D 474 -64.69 -34.00 -28.59
CA ILE D 474 -64.59 -33.88 -30.07
C ILE D 474 -63.58 -34.92 -30.50
N ASP D 475 -64.06 -36.13 -30.73
CA ASP D 475 -63.20 -37.23 -31.16
C ASP D 475 -63.00 -37.19 -32.67
N LYS D 485 -63.45 -27.21 -41.22
CA LYS D 485 -64.40 -28.30 -41.39
C LYS D 485 -65.82 -27.84 -41.08
N VAL D 486 -66.13 -27.74 -39.78
CA VAL D 486 -67.42 -27.30 -39.30
C VAL D 486 -67.21 -26.49 -38.03
N THR D 487 -68.32 -25.96 -37.50
CA THR D 487 -68.26 -25.19 -36.27
C THR D 487 -68.25 -26.11 -35.05
N LEU D 488 -67.63 -25.62 -33.98
CA LEU D 488 -67.50 -26.38 -32.74
C LEU D 488 -68.33 -25.73 -31.64
N GLY D 489 -68.78 -26.55 -30.70
CA GLY D 489 -69.59 -26.05 -29.60
C GLY D 489 -68.77 -25.24 -28.61
N ASP D 490 -69.47 -24.66 -27.64
CA ASP D 490 -68.83 -23.78 -26.67
C ASP D 490 -68.31 -24.55 -25.45
N ASN D 491 -67.57 -25.63 -25.71
CA ASN D 491 -66.72 -26.25 -24.72
C ASN D 491 -65.41 -26.74 -25.31
N VAL D 492 -65.23 -26.65 -26.63
CA VAL D 492 -64.04 -27.11 -27.33
C VAL D 492 -63.57 -25.89 -28.12
N LYS D 493 -64.34 -24.80 -28.04
CA LYS D 493 -64.10 -23.65 -28.90
C LYS D 493 -62.85 -22.88 -28.46
N TYR D 494 -62.52 -22.91 -27.17
CA TYR D 494 -61.31 -22.24 -26.69
C TYR D 494 -60.06 -22.93 -27.20
N TYR D 495 -60.10 -24.24 -27.34
CA TYR D 495 -59.01 -25.00 -27.91
C TYR D 495 -59.11 -24.99 -29.43
N ASN D 496 -58.05 -25.51 -30.08
CA ASN D 496 -57.77 -25.33 -31.51
C ASN D 496 -57.75 -23.84 -31.84
N LEU D 497 -56.94 -23.09 -31.10
CA LEU D 497 -56.76 -21.65 -31.29
C LEU D 497 -55.29 -21.30 -31.15
N ALA D 498 -54.85 -20.32 -31.96
CA ALA D 498 -53.45 -19.93 -31.98
C ALA D 498 -53.10 -19.12 -30.73
N ARG D 499 -51.82 -18.76 -30.61
CA ARG D 499 -51.30 -18.11 -29.42
C ARG D 499 -51.84 -16.69 -29.21
N ILE D 500 -52.39 -16.08 -30.27
CA ILE D 500 -52.93 -14.73 -30.15
C ILE D 500 -54.22 -14.73 -29.34
N LYS D 501 -54.99 -15.81 -29.38
CA LYS D 501 -56.31 -15.87 -28.76
C LYS D 501 -56.34 -16.55 -27.40
N TRP D 502 -55.18 -16.91 -26.83
CA TRP D 502 -55.17 -17.56 -25.53
C TRP D 502 -55.50 -16.58 -24.42
N ASP D 503 -55.93 -17.12 -23.29
CA ASP D 503 -56.14 -16.30 -22.11
C ASP D 503 -54.80 -15.85 -21.52
N PRO D 504 -54.75 -14.69 -20.87
CA PRO D 504 -53.49 -14.26 -20.24
C PRO D 504 -53.08 -15.09 -19.02
N SER D 505 -53.98 -15.92 -18.49
CA SER D 505 -53.66 -16.81 -17.38
C SER D 505 -53.74 -18.28 -17.77
N ASP D 506 -53.47 -18.60 -19.02
CA ASP D 506 -53.42 -19.99 -19.47
C ASP D 506 -52.23 -20.70 -18.82
N PRO D 507 -52.37 -21.95 -18.40
CA PRO D 507 -51.23 -22.64 -17.76
C PRO D 507 -50.10 -22.96 -18.70
N GLN D 508 -50.35 -23.00 -20.01
CA GLN D 508 -49.30 -23.18 -21.00
C GLN D 508 -48.32 -22.02 -21.03
N ILE D 509 -48.74 -20.80 -20.65
CA ILE D 509 -47.82 -19.68 -20.56
C ILE D 509 -47.37 -19.40 -19.13
N ILE D 510 -47.86 -20.18 -18.15
CA ILE D 510 -47.31 -20.15 -16.81
C ILE D 510 -46.11 -21.09 -16.79
N SER D 511 -46.27 -22.24 -17.47
CA SER D 511 -45.18 -23.22 -17.52
C SER D 511 -44.00 -22.70 -18.34
N GLU D 512 -44.27 -22.04 -19.46
CA GLU D 512 -43.20 -21.51 -20.30
C GLU D 512 -42.52 -20.32 -19.64
N GLY D 513 -43.21 -19.65 -18.72
CA GLY D 513 -42.59 -18.56 -17.98
C GLY D 513 -41.75 -19.03 -16.81
N LEU D 514 -42.18 -20.09 -16.14
CA LEU D 514 -41.38 -20.60 -15.02
C LEU D 514 -40.22 -21.47 -15.47
N TYR D 515 -40.34 -22.11 -16.64
CA TYR D 515 -39.26 -22.95 -17.15
C TYR D 515 -38.03 -22.13 -17.51
N ALA D 516 -38.20 -20.87 -17.89
CA ALA D 516 -37.06 -20.01 -18.21
C ALA D 516 -36.28 -19.63 -16.96
N ILE D 517 -36.98 -19.30 -15.86
CA ILE D 517 -36.30 -19.02 -14.60
C ILE D 517 -35.61 -20.26 -14.07
N ALA D 518 -36.22 -21.43 -14.26
CA ALA D 518 -35.59 -22.67 -13.82
C ALA D 518 -34.34 -23.00 -14.64
N VAL D 519 -34.38 -22.74 -15.95
CA VAL D 519 -33.23 -22.98 -16.81
C VAL D 519 -32.09 -22.01 -16.48
N VAL D 520 -32.42 -20.76 -16.12
CA VAL D 520 -31.39 -19.82 -15.69
C VAL D 520 -30.78 -20.23 -14.35
N LEU D 521 -31.63 -20.60 -13.38
CA LEU D 521 -31.15 -20.91 -12.04
C LEU D 521 -30.41 -22.25 -11.97
N SER D 522 -30.67 -23.18 -12.89
CA SER D 522 -30.00 -24.47 -12.82
C SER D 522 -28.54 -24.42 -13.24
N PHE D 523 -28.10 -23.34 -13.86
CA PHE D 523 -26.70 -23.17 -14.22
C PHE D 523 -25.84 -22.75 -13.04
N SER D 524 -26.42 -22.51 -11.88
CA SER D 524 -25.69 -22.08 -10.69
C SER D 524 -25.19 -23.24 -9.85
N ARG D 525 -25.35 -24.47 -10.34
CA ARG D 525 -24.81 -25.65 -9.67
C ARG D 525 -23.38 -25.95 -10.07
N ILE D 526 -22.74 -25.05 -10.83
CA ILE D 526 -21.32 -25.18 -11.13
C ILE D 526 -20.50 -24.75 -9.92
N ALA D 527 -21.14 -24.06 -8.97
CA ALA D 527 -20.50 -23.68 -7.71
C ALA D 527 -20.19 -24.88 -6.81
N TYR D 528 -20.79 -26.03 -7.10
CA TYR D 528 -20.52 -27.24 -6.34
C TYR D 528 -19.37 -28.05 -6.89
N ILE D 529 -18.97 -27.83 -8.14
CA ILE D 529 -17.85 -28.55 -8.74
C ILE D 529 -16.67 -27.65 -9.02
N LEU D 530 -16.85 -26.35 -8.97
CA LEU D 530 -15.80 -25.37 -9.24
C LEU D 530 -14.70 -25.20 -8.19
N PRO D 531 -14.93 -25.31 -6.87
CA PRO D 531 -13.79 -25.19 -5.94
C PRO D 531 -12.89 -26.42 -5.85
N ALA D 532 -13.06 -27.41 -6.70
CA ALA D 532 -12.12 -28.53 -6.79
C ALA D 532 -10.95 -28.24 -7.71
N ASN D 533 -10.94 -27.09 -8.37
CA ASN D 533 -9.92 -26.72 -9.33
C ASN D 533 -8.96 -25.72 -8.72
N GLU D 534 -7.73 -25.70 -9.23
CA GLU D 534 -6.67 -24.87 -8.70
C GLU D 534 -6.67 -23.46 -9.26
N SER D 535 -7.47 -23.19 -10.29
CA SER D 535 -7.48 -21.88 -10.92
C SER D 535 -8.84 -21.17 -10.88
N PHE D 536 -9.93 -21.90 -10.64
CA PHE D 536 -11.25 -21.30 -10.56
C PHE D 536 -11.86 -21.41 -9.17
N GLY D 537 -11.17 -22.05 -8.22
CA GLY D 537 -11.55 -22.03 -6.83
C GLY D 537 -11.34 -20.70 -6.14
N PRO D 538 -10.12 -20.15 -6.19
CA PRO D 538 -9.92 -18.79 -5.65
C PRO D 538 -10.73 -17.71 -6.34
N LEU D 539 -11.06 -17.87 -7.62
CA LEU D 539 -11.93 -16.90 -8.28
C LEU D 539 -13.33 -16.96 -7.71
N GLN D 540 -13.83 -18.15 -7.37
CA GLN D 540 -15.13 -18.27 -6.74
C GLN D 540 -15.11 -17.70 -5.32
N ILE D 541 -14.00 -17.89 -4.60
CA ILE D 541 -13.88 -17.32 -3.26
C ILE D 541 -13.87 -15.79 -3.30
N SER D 542 -13.05 -15.22 -4.20
CA SER D 542 -12.98 -13.77 -4.32
C SER D 542 -14.21 -13.16 -4.97
N LEU D 543 -15.01 -13.96 -5.69
CA LEU D 543 -16.27 -13.46 -6.21
C LEU D 543 -17.37 -13.52 -5.16
N GLY D 544 -17.29 -14.49 -4.24
CA GLY D 544 -18.26 -14.56 -3.18
C GLY D 544 -18.01 -13.52 -2.10
N ARG D 545 -16.76 -13.10 -1.93
CA ARG D 545 -16.49 -12.10 -0.88
C ARG D 545 -16.86 -10.69 -1.30
N THR D 546 -17.20 -10.45 -2.57
CA THR D 546 -17.64 -9.13 -3.02
C THR D 546 -19.13 -9.05 -3.31
N VAL D 547 -19.92 -10.00 -2.84
CA VAL D 547 -21.38 -9.87 -2.88
C VAL D 547 -21.83 -9.49 -1.48
N LYS D 548 -21.12 -10.03 -0.48
CA LYS D 548 -21.31 -9.66 0.90
C LYS D 548 -20.84 -8.25 1.20
N ASP D 549 -20.03 -7.64 0.31
CA ASP D 549 -19.63 -6.25 0.45
C ASP D 549 -20.56 -5.28 -0.25
N ILE D 550 -21.42 -5.75 -1.15
CA ILE D 550 -22.41 -4.87 -1.78
C ILE D 550 -23.80 -5.05 -1.20
N PHE D 551 -24.03 -6.13 -0.43
CA PHE D 551 -25.32 -6.27 0.26
C PHE D 551 -25.53 -5.20 1.32
N LYS D 552 -24.45 -4.62 1.85
CA LYS D 552 -24.59 -3.54 2.81
C LYS D 552 -24.74 -2.16 2.16
N PHE D 553 -24.34 -2.00 0.90
CA PHE D 553 -24.55 -0.75 0.19
C PHE D 553 -25.88 -0.71 -0.56
N MET D 554 -26.47 -1.87 -0.86
CA MET D 554 -27.80 -1.90 -1.45
C MET D 554 -28.88 -1.32 -0.54
N VAL D 555 -28.64 -1.21 0.76
CA VAL D 555 -29.62 -0.61 1.66
C VAL D 555 -29.74 0.89 1.41
N ILE D 556 -28.60 1.59 1.36
CA ILE D 556 -28.62 3.02 1.05
C ILE D 556 -29.04 3.25 -0.41
N PHE D 557 -28.70 2.30 -1.29
CA PHE D 557 -29.15 2.35 -2.67
C PHE D 557 -30.67 2.32 -2.78
N ILE D 558 -31.32 1.41 -2.05
CA ILE D 558 -32.78 1.35 -2.14
C ILE D 558 -33.45 2.45 -1.33
N MET D 559 -32.76 3.06 -0.34
CA MET D 559 -33.31 4.27 0.29
C MET D 559 -33.42 5.42 -0.71
N VAL D 560 -32.33 5.68 -1.44
CA VAL D 560 -32.34 6.76 -2.44
C VAL D 560 -33.30 6.43 -3.58
N PHE D 561 -33.37 5.14 -3.95
CA PHE D 561 -34.28 4.69 -5.01
C PHE D 561 -35.74 4.89 -4.64
N VAL D 562 -36.13 4.46 -3.45
CA VAL D 562 -37.52 4.58 -2.99
C VAL D 562 -37.90 6.06 -2.82
N ALA D 563 -36.95 6.87 -2.34
CA ALA D 563 -37.17 8.32 -2.21
C ALA D 563 -37.52 8.97 -3.54
N PHE D 564 -36.66 8.77 -4.55
CA PHE D 564 -36.91 9.42 -5.83
C PHE D 564 -38.07 8.79 -6.59
N MET D 565 -38.34 7.50 -6.37
CA MET D 565 -39.48 6.83 -6.99
C MET D 565 -40.80 7.42 -6.53
N ILE D 566 -40.98 7.54 -5.21
CA ILE D 566 -42.21 8.10 -4.67
C ILE D 566 -42.31 9.60 -4.99
N GLY D 567 -41.17 10.30 -4.93
CA GLY D 567 -41.19 11.73 -5.21
C GLY D 567 -41.52 12.08 -6.65
N MET D 568 -41.12 11.26 -7.61
CA MET D 568 -41.46 11.56 -9.00
C MET D 568 -42.79 10.96 -9.42
N PHE D 569 -43.22 9.87 -8.77
CA PHE D 569 -44.58 9.38 -8.99
C PHE D 569 -45.61 10.39 -8.49
N ASN D 570 -45.32 11.06 -7.36
CA ASN D 570 -46.24 12.09 -6.87
C ASN D 570 -46.29 13.31 -7.77
N LEU D 571 -45.25 13.53 -8.58
CA LEU D 571 -45.22 14.67 -9.49
C LEU D 571 -45.92 14.38 -10.80
N TYR D 572 -45.62 13.25 -11.44
CA TYR D 572 -46.17 12.96 -12.77
C TYR D 572 -47.38 12.04 -12.73
N SER D 573 -48.18 12.05 -11.65
CA SER D 573 -49.29 11.12 -11.56
C SER D 573 -50.50 11.60 -12.34
N TYR D 574 -50.77 12.91 -12.31
CA TYR D 574 -51.97 13.48 -12.92
C TYR D 574 -51.84 13.70 -14.41
N TYR D 575 -50.71 13.32 -15.01
CA TYR D 575 -50.46 13.56 -16.43
C TYR D 575 -50.33 12.23 -17.16
N ILE D 576 -51.26 11.30 -16.88
CA ILE D 576 -51.11 9.93 -17.34
C ILE D 576 -51.32 9.82 -18.86
N GLY D 577 -52.19 10.63 -19.43
CA GLY D 577 -52.43 10.55 -20.86
C GLY D 577 -51.81 11.70 -21.63
N ALA D 578 -51.33 12.71 -20.91
CA ALA D 578 -50.82 13.94 -21.51
C ALA D 578 -49.29 14.01 -21.41
N LYS D 579 -48.62 12.88 -21.59
CA LYS D 579 -47.19 12.82 -21.41
C LYS D 579 -46.57 12.18 -22.66
N GLN D 580 -45.27 12.44 -22.87
CA GLN D 580 -44.58 12.00 -24.08
C GLN D 580 -44.46 10.48 -24.14
N ASN D 581 -44.36 9.83 -22.98
CA ASN D 581 -44.42 8.37 -22.91
C ASN D 581 -45.09 8.00 -21.59
N GLU D 582 -44.99 6.73 -21.20
CA GLU D 582 -45.74 6.21 -20.06
C GLU D 582 -44.87 6.05 -18.81
N ALA D 583 -43.90 6.93 -18.61
CA ALA D 583 -43.04 6.85 -17.43
C ALA D 583 -43.64 7.67 -16.29
N PHE D 584 -43.26 7.30 -15.06
CA PHE D 584 -43.53 8.05 -13.82
C PHE D 584 -45.03 8.25 -13.54
N THR D 585 -45.89 7.42 -14.12
CA THR D 585 -47.33 7.57 -13.95
C THR D 585 -47.95 6.48 -13.09
N THR D 586 -47.49 5.25 -13.24
CA THR D 586 -47.82 4.14 -12.39
C THR D 586 -46.60 3.91 -11.50
N VAL D 587 -46.77 3.19 -10.38
CA VAL D 587 -45.64 2.92 -9.50
C VAL D 587 -44.65 1.97 -10.15
N GLU D 588 -45.13 1.02 -10.96
CA GLU D 588 -44.21 0.15 -11.67
C GLU D 588 -43.50 0.87 -12.82
N GLU D 589 -44.14 1.87 -13.43
CA GLU D 589 -43.47 2.64 -14.48
C GLU D 589 -42.42 3.56 -13.88
N SER D 590 -42.72 4.17 -12.74
CA SER D 590 -41.73 5.00 -12.05
C SER D 590 -40.62 4.15 -11.44
N PHE D 591 -40.91 2.88 -11.16
CA PHE D 591 -39.88 1.97 -10.70
C PHE D 591 -38.94 1.59 -11.83
N LYS D 592 -39.48 1.21 -12.99
CA LYS D 592 -38.62 0.75 -14.07
C LYS D 592 -37.88 1.89 -14.76
N THR D 593 -38.46 3.10 -14.78
CA THR D 593 -37.77 4.25 -15.36
C THR D 593 -36.55 4.65 -14.54
N LEU D 594 -36.60 4.47 -13.22
CA LEU D 594 -35.45 4.73 -12.38
C LEU D 594 -34.52 3.53 -12.24
N PHE D 595 -34.99 2.32 -12.51
CA PHE D 595 -34.09 1.17 -12.49
C PHE D 595 -33.24 1.13 -13.75
N TRP D 596 -33.85 1.34 -14.91
CA TRP D 596 -33.09 1.26 -16.15
C TRP D 596 -32.27 2.50 -16.42
N ALA D 597 -32.37 3.53 -15.57
CA ALA D 597 -31.51 4.70 -15.67
C ALA D 597 -30.16 4.50 -15.01
N ILE D 598 -29.97 3.42 -14.26
CA ILE D 598 -28.64 3.09 -13.73
C ILE D 598 -27.73 2.63 -14.85
N PHE D 599 -28.28 1.95 -15.85
CA PHE D 599 -27.52 1.46 -16.99
C PHE D 599 -27.63 2.37 -18.19
N GLY D 600 -28.22 3.55 -18.03
CA GLY D 600 -28.29 4.52 -19.10
C GLY D 600 -29.31 4.22 -20.17
N LEU D 601 -30.26 3.33 -19.91
CA LEU D 601 -31.23 2.90 -20.90
C LEU D 601 -32.57 3.60 -20.77
N SER D 602 -32.61 4.75 -20.11
CA SER D 602 -33.83 5.54 -19.95
C SER D 602 -33.57 6.94 -20.50
N GLU D 603 -34.35 7.34 -21.50
CA GLU D 603 -34.12 8.60 -22.18
C GLU D 603 -34.59 9.78 -21.34
N VAL D 604 -34.21 10.98 -21.78
CA VAL D 604 -34.60 12.22 -21.11
C VAL D 604 -35.94 12.72 -21.62
N LYS D 605 -36.53 12.04 -22.61
CA LYS D 605 -37.88 12.37 -23.06
C LYS D 605 -38.94 11.82 -22.13
N SER D 606 -38.56 11.13 -21.06
CA SER D 606 -39.49 10.59 -20.08
C SER D 606 -39.84 11.59 -18.98
N VAL D 607 -39.39 12.83 -19.06
CA VAL D 607 -39.77 13.87 -18.12
C VAL D 607 -40.53 15.01 -18.79
N VAL D 608 -40.92 14.85 -20.05
CA VAL D 608 -41.51 15.90 -20.86
C VAL D 608 -43.01 15.66 -20.93
N ILE D 609 -43.79 16.70 -20.62
CA ILE D 609 -45.24 16.67 -20.78
C ILE D 609 -45.62 17.52 -21.98
N ASN D 610 -46.84 17.28 -22.48
CA ASN D 610 -47.30 17.93 -23.70
C ASN D 610 -47.96 19.28 -23.46
N TYR D 611 -48.23 19.65 -22.23
CA TYR D 611 -48.95 20.88 -21.93
C TYR D 611 -47.96 22.04 -21.82
N ASN D 612 -48.45 23.20 -21.41
CA ASN D 612 -47.61 24.38 -21.21
C ASN D 612 -47.27 24.59 -19.73
N HIS D 613 -47.34 23.51 -18.94
CA HIS D 613 -46.95 23.56 -17.54
C HIS D 613 -45.46 23.23 -17.42
N LYS D 614 -44.64 24.22 -17.75
CA LYS D 614 -43.20 24.02 -17.71
C LYS D 614 -42.62 24.06 -16.31
N PHE D 615 -43.42 24.49 -15.32
CA PHE D 615 -43.02 24.39 -13.91
C PHE D 615 -42.77 22.94 -13.52
N ILE D 616 -43.77 22.08 -13.77
CA ILE D 616 -43.68 20.66 -13.41
C ILE D 616 -42.62 19.94 -14.24
N GLU D 617 -42.45 20.34 -15.50
CA GLU D 617 -41.41 19.76 -16.34
C GLU D 617 -40.01 20.13 -15.87
N ASN D 618 -39.82 21.36 -15.39
CA ASN D 618 -38.52 21.75 -14.87
C ASN D 618 -38.23 21.08 -13.53
N ILE D 619 -39.28 20.88 -12.71
CA ILE D 619 -39.12 20.10 -11.48
C ILE D 619 -38.69 18.67 -11.80
N GLY D 620 -39.28 18.09 -12.85
CA GLY D 620 -38.91 16.73 -13.23
C GLY D 620 -37.49 16.62 -13.76
N TYR D 621 -37.07 17.63 -14.53
CA TYR D 621 -35.69 17.70 -15.02
C TYR D 621 -34.69 17.78 -13.87
N VAL D 622 -34.98 18.64 -12.89
CA VAL D 622 -34.08 18.82 -11.76
C VAL D 622 -34.02 17.56 -10.89
N LEU D 623 -35.18 16.91 -10.67
CA LEU D 623 -35.21 15.71 -9.84
C LEU D 623 -34.50 14.55 -10.53
N TYR D 624 -34.64 14.42 -11.85
CA TYR D 624 -33.94 13.37 -12.59
C TYR D 624 -32.43 13.60 -12.61
N GLY D 625 -31.98 14.85 -12.75
CA GLY D 625 -30.55 15.12 -12.71
C GLY D 625 -29.95 14.88 -11.34
N VAL D 626 -30.67 15.26 -10.28
CA VAL D 626 -30.20 15.02 -8.92
C VAL D 626 -30.16 13.52 -8.61
N TYR D 627 -31.12 12.76 -9.16
CA TYR D 627 -31.11 11.30 -9.00
C TYR D 627 -29.88 10.67 -9.66
N ASN D 628 -29.55 11.12 -10.88
CA ASN D 628 -28.40 10.55 -11.57
C ASN D 628 -27.09 10.90 -10.87
N VAL D 629 -26.96 12.15 -10.40
CA VAL D 629 -25.74 12.55 -9.69
C VAL D 629 -25.60 11.79 -8.37
N THR D 630 -26.72 11.60 -7.65
CA THR D 630 -26.68 10.89 -6.37
C THR D 630 -26.32 9.41 -6.55
N MET D 631 -26.83 8.77 -7.60
CA MET D 631 -26.48 7.39 -7.85
C MET D 631 -25.03 7.23 -8.28
N VAL D 632 -24.50 8.20 -9.04
CA VAL D 632 -23.08 8.17 -9.41
C VAL D 632 -22.20 8.30 -8.17
N ILE D 633 -22.59 9.18 -7.23
CA ILE D 633 -21.84 9.36 -5.99
C ILE D 633 -21.86 8.09 -5.14
N VAL D 634 -23.04 7.45 -5.03
CA VAL D 634 -23.18 6.25 -4.21
C VAL D 634 -22.39 5.08 -4.80
N LEU D 635 -22.43 4.91 -6.13
CA LEU D 635 -21.69 3.81 -6.75
C LEU D 635 -20.18 4.05 -6.71
N LEU D 636 -19.74 5.30 -6.84
CA LEU D 636 -18.31 5.60 -6.74
C LEU D 636 -17.80 5.40 -5.32
N ASN D 637 -18.61 5.75 -4.32
CA ASN D 637 -18.25 5.49 -2.93
C ASN D 637 -18.18 4.00 -2.64
N MET D 638 -19.10 3.22 -3.22
CA MET D 638 -19.06 1.77 -3.06
C MET D 638 -17.81 1.16 -3.68
N LEU D 639 -17.46 1.62 -4.89
CA LEU D 639 -16.27 1.11 -5.57
C LEU D 639 -15.00 1.45 -4.80
N ILE D 640 -14.91 2.67 -4.26
CA ILE D 640 -13.72 3.06 -3.50
C ILE D 640 -13.63 2.30 -2.18
N ALA D 641 -14.77 2.07 -1.53
CA ALA D 641 -14.77 1.30 -0.28
C ALA D 641 -14.39 -0.15 -0.50
N MET D 642 -14.82 -0.73 -1.63
CA MET D 642 -14.48 -2.12 -1.90
C MET D 642 -13.05 -2.28 -2.40
N ILE D 643 -12.49 -1.24 -3.04
CA ILE D 643 -11.07 -1.24 -3.37
C ILE D 643 -10.25 -1.16 -2.08
N ASN D 644 -10.70 -0.33 -1.13
CA ASN D 644 -9.96 -0.16 0.12
C ASN D 644 -10.06 -1.40 1.01
N SER D 645 -11.19 -2.08 1.01
CA SER D 645 -11.32 -3.31 1.80
C SER D 645 -10.92 -4.55 1.01
N SER D 646 -9.76 -4.47 0.37
CA SER D 646 -9.08 -5.62 -0.21
C SER D 646 -7.59 -5.60 0.07
N PHE D 647 -7.03 -4.47 0.49
CA PHE D 647 -5.66 -4.39 0.95
C PHE D 647 -5.54 -4.61 2.46
N GLN D 648 -6.67 -4.73 3.15
CA GLN D 648 -6.69 -5.12 4.55
C GLN D 648 -6.58 -6.63 4.73
N GLU D 649 -6.62 -7.39 3.64
CA GLU D 649 -6.52 -8.84 3.68
C GLU D 649 -5.10 -9.26 3.30
N ILE D 650 -4.55 -10.21 4.04
CA ILE D 650 -3.22 -10.72 3.76
C ILE D 650 -3.27 -11.59 2.51
N GLU D 651 -2.18 -11.59 1.74
CA GLU D 651 -2.12 -12.33 0.49
C GLU D 651 -1.89 -13.83 0.70
N ASP D 652 -1.62 -14.26 1.93
CA ASP D 652 -1.43 -15.67 2.23
C ASP D 652 -2.69 -16.37 2.70
N ASP D 653 -3.68 -15.62 3.18
CA ASP D 653 -4.96 -16.22 3.57
C ASP D 653 -5.86 -16.51 2.39
N ALA D 654 -5.58 -15.92 1.22
CA ALA D 654 -6.38 -16.20 0.03
C ALA D 654 -6.15 -17.62 -0.48
N ASP D 655 -4.97 -18.18 -0.22
CA ASP D 655 -4.73 -19.59 -0.53
C ASP D 655 -5.32 -20.49 0.53
N VAL D 656 -5.27 -20.06 1.79
CA VAL D 656 -5.71 -20.88 2.91
C VAL D 656 -7.23 -21.04 2.87
N GLU D 657 -7.96 -19.99 2.51
CA GLU D 657 -9.42 -20.08 2.42
C GLU D 657 -9.86 -20.99 1.29
N TRP D 658 -9.17 -20.92 0.14
CA TRP D 658 -9.49 -21.80 -0.98
C TRP D 658 -9.15 -23.26 -0.65
N LYS D 659 -8.02 -23.51 -0.01
CA LYS D 659 -7.66 -24.89 0.31
C LYS D 659 -8.56 -25.47 1.40
N PHE D 660 -9.05 -24.62 2.30
CA PHE D 660 -10.04 -25.08 3.27
C PHE D 660 -11.37 -25.40 2.60
N ALA D 661 -11.78 -24.60 1.61
CA ALA D 661 -13.00 -24.90 0.87
C ALA D 661 -12.86 -26.16 0.03
N ARG D 662 -11.68 -26.38 -0.55
CA ARG D 662 -11.43 -27.60 -1.33
C ARG D 662 -11.41 -28.84 -0.45
N ALA D 663 -10.84 -28.74 0.75
CA ALA D 663 -10.85 -29.86 1.67
C ALA D 663 -12.25 -30.14 2.22
N LYS D 664 -13.05 -29.08 2.42
CA LYS D 664 -14.46 -29.30 2.77
C LYS D 664 -15.24 -29.92 1.63
N LEU D 665 -14.85 -29.66 0.39
CA LEU D 665 -15.46 -30.37 -0.75
C LEU D 665 -15.02 -31.83 -0.78
N TRP D 666 -13.76 -32.10 -0.46
CA TRP D 666 -13.23 -33.47 -0.44
C TRP D 666 -13.92 -34.30 0.62
N PHE D 667 -14.11 -33.73 1.81
CA PHE D 667 -14.62 -34.47 2.96
C PHE D 667 -16.08 -34.88 2.81
N SER D 668 -16.81 -34.28 1.86
CA SER D 668 -18.18 -34.69 1.58
C SER D 668 -18.26 -35.92 0.69
N TYR D 669 -17.17 -36.27 0.00
CA TYR D 669 -17.12 -37.48 -0.81
C TYR D 669 -16.43 -38.63 -0.11
N PHE D 670 -15.84 -38.40 1.07
CA PHE D 670 -15.18 -39.48 1.80
C PHE D 670 -16.19 -40.40 2.46
N GLU D 671 -17.39 -39.91 2.71
CA GLU D 671 -18.40 -40.68 3.43
C GLU D 671 -18.93 -41.81 2.56
N GLU D 672 -19.04 -43.00 3.15
CA GLU D 672 -19.65 -44.13 2.48
C GLU D 672 -21.15 -43.89 2.34
N GLY D 673 -21.63 -43.88 1.10
CA GLY D 673 -23.00 -43.48 0.84
C GLY D 673 -23.34 -43.49 -0.63
N ARG D 674 -23.87 -42.36 -1.12
CA ARG D 674 -24.33 -42.16 -2.51
C ARG D 674 -23.35 -42.27 -3.63
N THR D 675 -23.30 -43.44 -4.26
CA THR D 675 -22.29 -43.73 -5.28
C THR D 675 -22.81 -43.49 -6.68
N LEU D 676 -24.07 -43.84 -6.95
CA LEU D 676 -24.67 -43.62 -8.24
C LEU D 676 -25.30 -42.23 -8.30
N PRO D 677 -25.13 -41.54 -9.43
CA PRO D 677 -25.55 -40.14 -9.52
C PRO D 677 -27.05 -39.91 -9.56
N VAL D 678 -27.44 -38.66 -9.80
CA VAL D 678 -28.77 -38.14 -9.52
C VAL D 678 -29.93 -38.74 -10.33
N PRO D 679 -29.80 -39.33 -11.54
CA PRO D 679 -30.97 -40.07 -12.05
C PRO D 679 -31.04 -41.52 -11.58
N PHE D 680 -29.97 -42.05 -10.97
CA PHE D 680 -29.88 -43.46 -10.63
C PHE D 680 -30.09 -43.76 -9.16
N ASN D 681 -30.45 -42.77 -8.35
CA ASN D 681 -30.70 -43.01 -6.94
C ASN D 681 -32.14 -43.40 -6.66
N LEU D 682 -32.96 -43.57 -7.70
CA LEU D 682 -34.36 -43.93 -7.55
C LEU D 682 -34.60 -45.43 -7.67
N VAL D 683 -33.60 -46.21 -8.05
CA VAL D 683 -33.76 -47.63 -8.22
C VAL D 683 -33.14 -48.39 -7.05
N ARG D 769 4.01 -46.16 25.31
CA ARG D 769 3.85 -46.69 23.95
C ARG D 769 4.48 -45.76 22.93
N GLN D 770 4.06 -45.88 21.67
CA GLN D 770 4.70 -45.11 20.61
C GLN D 770 4.15 -43.69 20.54
N TYR D 771 2.87 -43.51 20.87
CA TYR D 771 2.26 -42.19 20.76
C TYR D 771 2.81 -41.23 21.81
N GLN D 772 3.08 -41.74 23.02
CA GLN D 772 3.66 -40.89 24.05
C GLN D 772 5.10 -40.52 23.73
N LYS D 773 5.84 -41.45 23.11
CA LYS D 773 7.21 -41.15 22.70
C LYS D 773 7.26 -40.10 21.61
N ILE D 774 6.37 -40.23 20.61
CA ILE D 774 6.34 -39.28 19.51
C ILE D 774 5.88 -37.90 19.98
N MET D 775 4.87 -37.86 20.86
CA MET D 775 4.40 -36.59 21.38
C MET D 775 5.43 -35.94 22.30
N LYS D 776 6.22 -36.74 23.03
CA LYS D 776 7.26 -36.18 23.87
C LYS D 776 8.39 -35.57 23.05
N ARG D 777 8.80 -36.24 21.96
CA ARG D 777 9.85 -35.67 21.13
C ARG D 777 9.35 -34.46 20.35
N LEU D 778 8.05 -34.41 20.02
CA LEU D 778 7.54 -33.24 19.30
C LEU D 778 7.37 -32.05 20.24
N ILE D 779 7.01 -32.29 21.49
CA ILE D 779 6.93 -31.21 22.47
C ILE D 779 8.32 -30.68 22.79
N LYS D 780 9.33 -31.56 22.84
CA LYS D 780 10.70 -31.08 23.05
C LYS D 780 11.21 -30.25 21.87
N ARG D 781 10.90 -30.68 20.64
CA ARG D 781 11.23 -29.87 19.46
C ARG D 781 10.53 -28.52 19.49
N TYR D 782 9.27 -28.49 19.93
CA TYR D 782 8.53 -27.23 19.97
C TYR D 782 9.11 -26.27 21.00
N VAL D 783 9.52 -26.79 22.16
CA VAL D 783 10.09 -25.92 23.19
C VAL D 783 11.44 -25.37 22.75
N LEU D 784 12.29 -26.22 22.15
CA LEU D 784 13.61 -25.75 21.71
C LEU D 784 13.50 -24.77 20.55
N GLN D 785 12.61 -25.04 19.58
CA GLN D 785 12.42 -24.13 18.46
C GLN D 785 11.75 -22.83 18.89
N ALA D 786 10.88 -22.87 19.90
CA ALA D 786 10.27 -21.66 20.41
C ALA D 786 11.28 -20.79 21.14
N GLN D 787 12.22 -21.39 21.86
CA GLN D 787 13.28 -20.60 22.48
C GLN D 787 14.25 -20.04 21.43
N ILE D 788 14.49 -20.79 20.34
CA ILE D 788 15.30 -20.27 19.25
C ILE D 788 14.62 -19.09 18.56
N ASP D 789 13.31 -19.17 18.35
CA ASP D 789 12.57 -18.06 17.75
C ASP D 789 12.44 -16.88 18.70
N LYS D 790 12.46 -17.12 20.01
CA LYS D 790 12.47 -16.02 20.96
C LYS D 790 13.83 -15.35 21.01
N GLU D 791 14.89 -16.08 20.71
CA GLU D 791 16.22 -15.49 20.65
C GLU D 791 16.55 -14.95 19.26
N SER D 792 15.54 -14.61 18.48
CA SER D 792 15.71 -13.95 17.19
C SER D 792 15.00 -12.62 17.12
N ASP D 793 14.33 -12.19 18.18
CA ASP D 793 13.75 -10.86 18.23
C ASP D 793 14.85 -9.83 18.37
N GLU D 794 14.57 -8.62 17.88
CA GLU D 794 15.55 -7.54 17.94
C GLU D 794 15.74 -7.09 19.38
N VAL D 795 16.99 -6.76 19.72
CA VAL D 795 17.31 -6.35 21.09
C VAL D 795 16.82 -4.92 21.31
N ASN D 796 16.20 -4.68 22.46
CA ASN D 796 15.66 -3.38 22.79
C ASN D 796 16.54 -2.70 23.84
N GLU D 797 16.07 -1.56 24.32
CA GLU D 797 16.85 -0.69 25.19
C GLU D 797 16.93 -1.20 26.62
N GLY D 798 16.09 -2.16 27.01
CA GLY D 798 16.07 -2.63 28.38
C GLY D 798 16.87 -3.89 28.60
N GLU D 799 17.46 -4.43 27.53
CA GLU D 799 18.36 -5.56 27.65
C GLU D 799 19.82 -5.18 27.60
N LEU D 800 20.14 -3.97 27.15
CA LEU D 800 21.50 -3.46 27.22
C LEU D 800 21.80 -2.81 28.56
N LYS D 801 20.75 -2.33 29.25
CA LYS D 801 20.91 -1.81 30.60
C LYS D 801 21.33 -2.91 31.57
N GLU D 802 20.90 -4.15 31.33
CA GLU D 802 21.32 -5.27 32.15
C GLU D 802 22.82 -5.55 31.98
N ILE D 803 23.33 -5.42 30.76
CA ILE D 803 24.77 -5.56 30.51
C ILE D 803 25.54 -4.42 31.16
N LYS D 804 24.98 -3.22 31.12
CA LYS D 804 25.62 -2.07 31.76
C LYS D 804 25.71 -2.23 33.27
N GLN D 805 24.65 -2.75 33.90
CA GLN D 805 24.70 -2.99 35.33
C GLN D 805 25.61 -4.16 35.67
N ASP D 806 25.76 -5.13 34.76
CA ASP D 806 26.73 -6.20 34.94
C ASP D 806 28.16 -5.65 34.99
N ILE D 807 28.49 -4.75 34.07
CA ILE D 807 29.83 -4.15 34.05
C ILE D 807 30.03 -3.26 35.28
N SER D 808 28.98 -2.56 35.73
CA SER D 808 29.09 -1.72 36.92
C SER D 808 29.37 -2.52 38.18
N SER D 809 28.62 -3.62 38.36
CA SER D 809 28.82 -4.48 39.52
C SER D 809 30.20 -5.15 39.48
N LEU D 810 30.64 -5.55 38.28
CA LEU D 810 31.97 -6.13 38.13
C LEU D 810 33.06 -5.12 38.49
N ARG D 811 32.88 -3.86 38.10
CA ARG D 811 33.85 -2.82 38.42
C ARG D 811 33.97 -2.61 39.93
N TYR D 812 32.83 -2.50 40.61
CA TYR D 812 32.83 -2.29 42.06
C TYR D 812 33.48 -3.46 42.80
N GLU D 813 33.14 -4.69 42.39
CA GLU D 813 33.67 -5.88 43.05
C GLU D 813 35.17 -6.02 42.83
N LEU D 814 35.64 -5.77 41.61
CA LEU D 814 37.06 -5.93 41.31
C LEU D 814 37.91 -4.84 41.98
N LEU D 815 37.42 -3.60 42.01
CA LEU D 815 38.19 -2.54 42.65
C LEU D 815 38.27 -2.73 44.16
N GLU D 816 37.19 -3.22 44.78
CA GLU D 816 37.26 -3.50 46.21
C GLU D 816 38.17 -4.69 46.50
N GLU D 817 38.16 -5.71 45.65
CA GLU D 817 39.06 -6.85 45.86
C GLU D 817 40.52 -6.45 45.72
N LYS D 818 40.82 -5.56 44.76
CA LYS D 818 42.19 -5.08 44.60
C LYS D 818 42.64 -4.25 45.80
N SER D 819 41.77 -3.36 46.30
CA SER D 819 42.13 -2.55 47.46
C SER D 819 42.29 -3.41 48.72
N GLN D 820 41.43 -4.43 48.88
CA GLN D 820 41.53 -5.31 50.03
C GLN D 820 42.79 -6.16 50.00
N ASN D 821 43.17 -6.65 48.82
CA ASN D 821 44.41 -7.43 48.69
C ASN D 821 45.63 -6.57 48.96
N THR D 822 45.65 -5.33 48.45
CA THR D 822 46.76 -4.42 48.71
C THR D 822 46.86 -4.06 50.18
N GLU D 823 45.72 -3.85 50.85
CA GLU D 823 45.72 -3.51 52.27
C GLU D 823 46.18 -4.68 53.13
N ASP D 824 45.76 -5.90 52.80
CA ASP D 824 46.19 -7.07 53.57
C ASP D 824 47.67 -7.36 53.38
N LEU D 825 48.18 -7.19 52.15
CA LEU D 825 49.60 -7.38 51.90
C LEU D 825 50.44 -6.32 52.60
N ALA D 826 49.98 -5.06 52.61
CA ALA D 826 50.72 -4.00 53.27
C ALA D 826 50.72 -4.19 54.79
N GLU D 827 49.61 -4.66 55.36
CA GLU D 827 49.56 -4.90 56.80
C GLU D 827 50.44 -6.08 57.21
N LEU D 828 50.41 -7.17 56.45
CA LEU D 828 51.26 -8.32 56.78
C LEU D 828 52.73 -8.09 56.47
N ILE D 829 53.06 -7.11 55.62
CA ILE D 829 54.47 -6.77 55.45
C ILE D 829 54.93 -5.79 56.53
N ARG D 830 54.05 -4.88 56.97
CA ARG D 830 54.41 -3.96 58.06
C ARG D 830 54.58 -4.71 59.39
N GLU D 831 53.74 -5.72 59.64
CA GLU D 831 53.83 -6.48 60.88
C GLU D 831 55.03 -7.41 60.94
N LEU D 832 55.78 -7.57 59.84
CA LEU D 832 57.04 -8.28 59.85
C LEU D 832 58.22 -7.35 59.65
N GLY D 833 57.99 -6.14 59.11
CA GLY D 833 59.00 -5.10 59.08
C GLY D 833 59.14 -4.33 60.37
N GLU D 834 58.21 -4.55 61.31
CA GLU D 834 58.38 -4.09 62.68
C GLU D 834 59.16 -5.08 63.55
N LYS D 835 59.81 -6.07 62.94
CA LYS D 835 60.63 -7.04 63.66
C LYS D 835 62.06 -7.07 63.14
N LEU D 836 62.47 -6.08 62.35
CA LEU D 836 63.83 -6.01 61.85
C LEU D 836 64.47 -4.67 62.22
#